data_4UXA
#
_entry.id   4UXA
#
_cell.length_a   122.806
_cell.length_b   93.174
_cell.length_c   146.671
_cell.angle_alpha   90.00
_cell.angle_beta   111.93
_cell.angle_gamma   90.00
#
_symmetry.space_group_name_H-M   'P 1 21 1'
#
loop_
_entity.id
_entity.type
_entity.pdbx_description
1 polymer 'CUPIN 2 CONSERVED BARREL DOMAIN PROTEIN'
2 non-polymer 'MANGANESE (II) ION'
3 water water
#
_entity_poly.entity_id   1
_entity_poly.type   'polypeptide(L)'
_entity_poly.pdbx_seq_one_letter_code
;MEIKRVGSQASGKGPADWFTGTVRIDPLFQAPDPALVAGHSTTFEPGARTAWHTHPLGQTLIVTAGCGWAQREGGAVEEI
HPGDVVWFSPGEKHWHGAAPTTAMTHLAIHERLDGKAVDWMEHVTDEQYRR
;
_entity_poly.pdbx_strand_id   A,B,C,D,E,F,G,H,I,J,K,L,M,N,O,P,Q,R,S,T
#
loop_
_chem_comp.id
_chem_comp.type
_chem_comp.name
_chem_comp.formula
MN non-polymer 'MANGANESE (II) ION' 'Mn 2'
#
# COMPACT_ATOMS: atom_id res chain seq x y z
N MET A 1 -19.31 40.17 -0.04
CA MET A 1 -18.54 39.18 0.72
C MET A 1 -18.07 39.83 2.01
N GLU A 2 -18.38 39.20 3.14
CA GLU A 2 -18.03 39.77 4.40
C GLU A 2 -17.22 38.77 5.24
N ILE A 3 -16.05 39.20 5.70
CA ILE A 3 -15.19 38.43 6.58
C ILE A 3 -15.16 39.08 7.96
N LYS A 4 -15.52 38.31 8.97
CA LYS A 4 -15.27 38.66 10.35
C LYS A 4 -14.10 37.81 10.82
N ARG A 5 -12.95 38.43 10.96
CA ARG A 5 -11.72 37.75 11.29
C ARG A 5 -11.73 37.20 12.72
N VAL A 6 -11.01 36.12 12.93
CA VAL A 6 -10.94 35.54 14.25
C VAL A 6 -10.46 36.59 15.25
N GLY A 7 -11.09 36.61 16.40
CA GLY A 7 -10.80 37.59 17.47
C GLY A 7 -11.53 38.94 17.38
N SER A 8 -12.31 39.17 16.32
CA SER A 8 -13.06 40.43 16.16
C SER A 8 -14.45 40.46 16.82
N GLN A 9 -14.97 39.31 17.22
CA GLN A 9 -16.24 39.26 17.91
C GLN A 9 -15.98 39.01 19.37
N ALA A 10 -16.46 39.90 20.24
CA ALA A 10 -16.21 39.77 21.65
C ALA A 10 -16.92 38.57 22.28
N SER A 11 -16.23 37.91 23.20
CA SER A 11 -16.81 36.84 23.98
C SER A 11 -17.84 37.41 24.92
N GLY A 12 -18.94 36.70 25.14
CA GLY A 12 -19.94 37.07 26.15
C GLY A 12 -20.00 36.00 27.22
N LYS A 13 -20.74 36.25 28.30
CA LYS A 13 -21.01 35.25 29.35
C LYS A 13 -22.44 34.78 29.21
N GLY A 14 -22.71 33.52 29.53
CA GLY A 14 -24.07 32.99 29.45
C GLY A 14 -24.91 33.43 30.64
N PRO A 15 -26.06 34.10 30.41
CA PRO A 15 -26.86 34.63 31.53
C PRO A 15 -27.30 33.55 32.49
N ALA A 16 -27.28 33.87 33.77
CA ALA A 16 -27.65 32.94 34.85
C ALA A 16 -29.09 32.42 34.75
N ASP A 17 -29.96 33.14 34.05
CA ASP A 17 -31.31 32.68 33.82
C ASP A 17 -31.29 31.46 32.98
N TRP A 18 -30.43 31.46 31.97
CA TRP A 18 -30.46 30.41 30.95
C TRP A 18 -29.43 29.32 31.09
N PHE A 19 -28.48 29.48 32.02
CA PHE A 19 -27.42 28.48 32.22
C PHE A 19 -27.22 28.22 33.69
N THR A 20 -26.90 26.97 34.00
CA THR A 20 -26.30 26.64 35.27
C THR A 20 -24.78 26.65 35.08
N GLY A 21 -24.10 27.46 35.86
CA GLY A 21 -22.64 27.46 35.92
C GLY A 21 -22.05 28.43 34.94
N THR A 22 -20.74 28.34 34.84
CA THR A 22 -19.93 29.27 34.08
C THR A 22 -19.83 28.83 32.62
N VAL A 23 -20.46 29.63 31.76
CA VAL A 23 -20.55 29.41 30.33
C VAL A 23 -20.08 30.65 29.53
N ARG A 24 -19.41 30.43 28.40
CA ARG A 24 -18.99 31.53 27.53
C ARG A 24 -19.62 31.35 26.16
N ILE A 25 -20.08 32.46 25.59
CA ILE A 25 -20.65 32.48 24.25
C ILE A 25 -19.79 33.31 23.35
N ASP A 26 -19.31 32.71 22.27
CA ASP A 26 -18.54 33.42 21.29
C ASP A 26 -19.44 33.55 20.03
N PRO A 27 -19.85 34.80 19.70
CA PRO A 27 -20.72 35.02 18.55
C PRO A 27 -20.02 34.65 17.25
N LEU A 28 -20.75 34.07 16.32
CA LEU A 28 -20.17 33.77 15.02
C LEU A 28 -20.88 34.49 13.91
N PHE A 29 -22.18 34.24 13.77
CA PHE A 29 -22.94 34.87 12.69
C PHE A 29 -24.44 34.91 12.92
N GLN A 30 -25.07 35.88 12.27
CA GLN A 30 -26.50 35.95 12.18
C GLN A 30 -26.84 36.46 10.79
N ALA A 31 -27.45 35.64 9.96
CA ALA A 31 -27.61 36.04 8.57
C ALA A 31 -28.80 37.02 8.39
N PRO A 32 -28.66 38.01 7.51
CA PRO A 32 -29.75 38.95 7.30
C PRO A 32 -30.88 38.32 6.50
N ASP A 33 -32.12 38.78 6.69
CA ASP A 33 -33.24 38.39 5.81
C ASP A 33 -32.80 38.57 4.37
N PRO A 34 -33.23 37.71 3.46
CA PRO A 34 -34.20 36.63 3.69
C PRO A 34 -33.65 35.38 4.41
N ALA A 35 -32.34 35.32 4.64
CA ALA A 35 -31.75 34.23 5.40
C ALA A 35 -32.25 34.25 6.87
N LEU A 36 -32.55 33.07 7.40
CA LEU A 36 -32.99 32.89 8.78
C LEU A 36 -31.94 32.30 9.73
N VAL A 37 -30.81 31.85 9.20
CA VAL A 37 -29.88 31.05 10.00
C VAL A 37 -28.99 31.92 10.91
N ALA A 38 -28.63 31.38 12.07
CA ALA A 38 -27.65 32.01 12.92
C ALA A 38 -26.80 30.95 13.62
N GLY A 39 -25.66 31.38 14.13
CA GLY A 39 -24.84 30.45 14.85
C GLY A 39 -23.88 31.13 15.76
N HIS A 40 -23.45 30.39 16.78
CA HIS A 40 -22.46 30.86 17.71
C HIS A 40 -21.80 29.64 18.32
N SER A 41 -20.65 29.88 18.97
CA SER A 41 -19.92 28.84 19.67
C SER A 41 -20.17 29.00 21.15
N THR A 42 -20.30 27.89 21.85
CA THR A 42 -20.50 27.92 23.30
C THR A 42 -19.50 27.04 24.01
N THR A 43 -18.86 27.57 25.04
CA THR A 43 -17.93 26.82 25.87
C THR A 43 -18.44 26.71 27.31
N PHE A 44 -18.72 25.49 27.72
CA PHE A 44 -19.21 25.20 29.05
C PHE A 44 -18.07 24.75 29.92
N GLU A 45 -17.89 25.40 31.05
CA GLU A 45 -16.98 24.86 32.04
C GLU A 45 -17.52 23.57 32.62
N PRO A 46 -16.64 22.77 33.26
CA PRO A 46 -17.06 21.50 33.83
C PRO A 46 -18.27 21.70 34.70
N GLY A 47 -19.26 20.86 34.53
CA GLY A 47 -20.47 20.97 35.32
C GLY A 47 -21.52 21.91 34.79
N ALA A 48 -21.17 22.75 33.82
CA ALA A 48 -22.13 23.77 33.35
C ALA A 48 -22.97 23.24 32.23
N ARG A 49 -24.20 23.72 32.16
CA ARG A 49 -25.09 23.33 31.11
C ARG A 49 -26.23 24.35 30.95
N THR A 50 -26.90 24.23 29.80
CA THR A 50 -28.03 25.07 29.50
C THR A 50 -29.14 24.70 30.46
N ALA A 51 -30.08 25.61 30.60
CA ALA A 51 -31.41 25.27 31.10
C ALA A 51 -32.13 24.45 30.04
N TRP A 52 -33.21 23.79 30.42
CA TRP A 52 -34.06 23.12 29.46
C TRP A 52 -34.59 24.19 28.49
N HIS A 53 -34.94 23.81 27.27
CA HIS A 53 -35.40 24.78 26.29
C HIS A 53 -35.75 24.12 24.99
N THR A 54 -36.32 24.90 24.08
CA THR A 54 -36.71 24.41 22.79
C THR A 54 -36.31 25.40 21.70
N HIS A 55 -36.31 24.94 20.46
CA HIS A 55 -36.04 25.80 19.30
C HIS A 55 -37.16 25.61 18.32
N PRO A 56 -37.62 26.73 17.72
CA PRO A 56 -38.77 26.67 16.85
C PRO A 56 -38.52 25.83 15.60
N LEU A 57 -37.31 25.88 15.04
CA LEU A 57 -37.00 25.16 13.80
C LEU A 57 -35.85 24.18 14.00
N GLY A 58 -35.66 23.74 15.23
CA GLY A 58 -34.70 22.71 15.55
C GLY A 58 -33.33 23.33 15.71
N GLN A 59 -32.36 22.49 16.03
CA GLN A 59 -31.01 22.97 16.27
C GLN A 59 -29.99 21.88 15.99
N THR A 60 -28.87 22.29 15.42
CA THR A 60 -27.77 21.39 15.07
C THR A 60 -26.54 21.79 15.87
N LEU A 61 -25.98 20.84 16.60
CA LEU A 61 -24.72 21.02 17.34
C LEU A 61 -23.57 20.33 16.60
N ILE A 62 -22.43 21.00 16.54
CA ILE A 62 -21.20 20.36 16.07
C ILE A 62 -20.18 20.56 17.16
N VAL A 63 -19.86 19.47 17.84
CA VAL A 63 -18.93 19.52 18.98
C VAL A 63 -17.56 19.70 18.42
N THR A 64 -16.85 20.70 18.94
CA THR A 64 -15.53 21.04 18.46
C THR A 64 -14.45 20.78 19.49
N ALA A 65 -14.77 20.71 20.77
CA ALA A 65 -13.71 20.41 21.72
C ALA A 65 -14.29 19.89 22.99
N GLY A 66 -13.49 19.10 23.67
CA GLY A 66 -13.84 18.54 24.95
C GLY A 66 -14.85 17.41 24.93
N CYS A 67 -15.60 17.29 25.99
CA CYS A 67 -16.53 16.19 26.16
C CYS A 67 -17.73 16.66 26.98
N GLY A 68 -18.90 16.50 26.40
CA GLY A 68 -20.08 17.06 27.01
C GLY A 68 -21.20 16.07 27.08
N TRP A 69 -22.30 16.54 27.64
CA TRP A 69 -23.52 15.77 27.85
C TRP A 69 -24.71 16.49 27.23
N ALA A 70 -25.68 15.72 26.79
CA ALA A 70 -26.91 16.25 26.20
C ALA A 70 -28.02 15.26 26.37
N GLN A 71 -29.24 15.77 26.42
CA GLN A 71 -30.43 14.94 26.61
C GLN A 71 -31.67 15.67 26.15
N ARG A 72 -32.63 14.89 25.65
CA ARG A 72 -33.96 15.41 25.43
C ARG A 72 -34.94 14.81 26.45
N GLU A 73 -36.10 15.45 26.59
CA GLU A 73 -37.08 15.07 27.62
C GLU A 73 -37.55 13.65 27.39
N GLY A 74 -37.31 12.77 28.35
CA GLY A 74 -37.67 11.36 28.20
C GLY A 74 -36.60 10.48 27.57
N GLY A 75 -35.48 11.06 27.13
CA GLY A 75 -34.40 10.27 26.54
C GLY A 75 -33.33 10.01 27.60
N ALA A 76 -32.27 9.32 27.21
CA ALA A 76 -31.13 9.09 28.08
C ALA A 76 -30.18 10.30 28.04
N VAL A 77 -29.39 10.47 29.08
CA VAL A 77 -28.33 11.45 29.07
C VAL A 77 -27.15 10.90 28.23
N GLU A 78 -26.88 11.51 27.07
CA GLU A 78 -25.85 11.01 26.14
C GLU A 78 -24.57 11.84 26.25
N GLU A 79 -23.45 11.18 25.94
CA GLU A 79 -22.11 11.78 25.96
C GLU A 79 -21.76 12.18 24.52
N ILE A 80 -21.27 13.38 24.30
CA ILE A 80 -20.97 13.85 22.95
C ILE A 80 -19.54 14.36 22.85
N HIS A 81 -18.91 14.09 21.70
CA HIS A 81 -17.46 14.26 21.55
C HIS A 81 -17.16 15.04 20.31
N PRO A 82 -15.91 15.55 20.19
CA PRO A 82 -15.66 16.43 19.08
C PRO A 82 -15.83 15.65 17.78
N GLY A 83 -16.40 16.31 16.78
CA GLY A 83 -16.78 15.65 15.56
C GLY A 83 -18.20 15.07 15.52
N ASP A 84 -18.86 14.91 16.68
CA ASP A 84 -20.25 14.45 16.63
C ASP A 84 -21.17 15.60 16.20
N VAL A 85 -22.19 15.23 15.45
CA VAL A 85 -23.22 16.15 15.03
C VAL A 85 -24.54 15.77 15.72
N VAL A 86 -25.14 16.74 16.39
CA VAL A 86 -26.37 16.50 17.12
C VAL A 86 -27.48 17.34 16.50
N TRP A 87 -28.65 16.71 16.33
CA TRP A 87 -29.85 17.37 15.86
C TRP A 87 -31.00 17.27 16.89
N PHE A 88 -31.54 18.41 17.31
CA PHE A 88 -32.75 18.48 18.13
C PHE A 88 -33.86 19.03 17.26
N SER A 89 -35.00 18.34 17.25
CA SER A 89 -36.16 18.70 16.42
C SER A 89 -36.82 20.00 16.84
N PRO A 90 -37.66 20.55 15.96
CA PRO A 90 -38.48 21.72 16.27
C PRO A 90 -39.33 21.42 17.47
N GLY A 91 -39.37 22.37 18.41
CA GLY A 91 -40.13 22.21 19.63
C GLY A 91 -39.60 21.17 20.62
N GLU A 92 -38.60 20.37 20.25
CA GLU A 92 -38.09 19.35 21.20
C GLU A 92 -37.43 19.99 22.41
N LYS A 93 -37.83 19.52 23.59
CA LYS A 93 -37.32 20.05 24.85
C LYS A 93 -36.08 19.28 25.21
N HIS A 94 -35.02 20.01 25.51
CA HIS A 94 -33.68 19.45 25.65
C HIS A 94 -32.73 20.37 26.40
N TRP A 95 -31.61 19.78 26.81
CA TRP A 95 -30.53 20.53 27.38
C TRP A 95 -29.16 19.98 26.89
N HIS A 96 -28.11 20.78 27.06
CA HIS A 96 -26.76 20.29 26.81
C HIS A 96 -25.72 21.09 27.53
N GLY A 97 -24.54 20.51 27.64
CA GLY A 97 -23.48 21.14 28.36
C GLY A 97 -22.23 20.29 28.53
N ALA A 98 -21.32 20.78 29.37
CA ALA A 98 -20.10 20.10 29.71
C ALA A 98 -20.47 18.85 30.49
N ALA A 99 -19.53 17.90 30.56
CA ALA A 99 -19.64 16.82 31.52
C ALA A 99 -19.22 17.41 32.85
N PRO A 100 -19.42 16.64 33.94
CA PRO A 100 -18.99 17.09 35.28
C PRO A 100 -17.52 17.45 35.41
N THR A 101 -16.64 16.76 34.69
CA THR A 101 -15.19 16.99 34.90
C THR A 101 -14.41 17.64 33.76
N THR A 102 -15.08 17.82 32.62
CA THR A 102 -14.47 18.30 31.39
C THR A 102 -15.29 19.41 30.77
N ALA A 103 -14.60 20.45 30.32
CA ALA A 103 -15.26 21.45 29.50
C ALA A 103 -15.67 20.83 28.17
N MET A 104 -16.56 21.52 27.48
CA MET A 104 -16.97 21.16 26.16
C MET A 104 -17.28 22.43 25.39
N THR A 105 -17.00 22.41 24.10
CA THR A 105 -17.30 23.56 23.23
C THR A 105 -18.03 23.03 22.05
N HIS A 106 -19.08 23.73 21.63
CA HIS A 106 -19.73 23.38 20.40
C HIS A 106 -20.15 24.55 19.58
N LEU A 107 -20.33 24.22 18.32
CA LEU A 107 -20.89 25.14 17.38
C LEU A 107 -22.40 24.86 17.38
N ALA A 108 -23.22 25.90 17.56
CA ALA A 108 -24.65 25.76 17.52
C ALA A 108 -25.27 26.50 16.31
N ILE A 109 -26.14 25.80 15.59
CA ILE A 109 -26.77 26.35 14.40
C ILE A 109 -28.29 26.15 14.42
N HIS A 110 -29.01 27.25 14.24
CA HIS A 110 -30.47 27.25 14.38
C HIS A 110 -31.11 28.33 13.50
N GLU A 111 -32.26 28.00 12.93
CA GLU A 111 -33.00 28.95 12.11
C GLU A 111 -34.03 29.67 12.96
N ARG A 112 -34.15 30.98 12.76
CA ARG A 112 -35.05 31.81 13.55
C ARG A 112 -36.44 31.90 12.88
N LEU A 113 -37.47 31.77 13.70
CA LEU A 113 -38.86 31.79 13.25
C LEU A 113 -39.53 33.02 13.86
N ASP A 114 -40.04 33.89 12.99
CA ASP A 114 -40.47 35.25 13.32
C ASP A 114 -39.63 35.80 14.45
N GLY A 115 -38.36 36.02 14.13
CA GLY A 115 -37.45 36.73 15.03
C GLY A 115 -36.84 35.98 16.21
N LYS A 116 -37.34 34.80 16.57
CA LYS A 116 -36.71 34.07 17.70
C LYS A 116 -36.21 32.63 17.41
N ALA A 117 -35.12 32.29 18.09
CA ALA A 117 -34.45 31.00 17.96
C ALA A 117 -34.56 30.10 19.20
N VAL A 118 -35.00 30.61 20.35
CA VAL A 118 -35.08 29.76 21.57
C VAL A 118 -36.25 30.10 22.52
N ASP A 119 -36.72 29.10 23.26
CA ASP A 119 -37.66 29.30 24.37
C ASP A 119 -37.13 28.68 25.67
N TRP A 120 -36.63 29.55 26.54
CA TRP A 120 -35.94 29.17 27.76
C TRP A 120 -36.91 28.69 28.84
N MET A 121 -36.68 27.51 29.40
CA MET A 121 -37.56 26.94 30.40
C MET A 121 -36.70 26.72 31.65
N GLU A 122 -37.02 25.74 32.48
CA GLU A 122 -36.38 25.67 33.81
C GLU A 122 -34.95 25.11 33.75
N HIS A 123 -34.13 25.52 34.71
CA HIS A 123 -32.82 24.93 34.90
C HIS A 123 -32.85 23.41 35.03
N VAL A 124 -31.76 22.77 34.60
CA VAL A 124 -31.60 21.34 34.71
C VAL A 124 -31.11 21.11 36.11
N THR A 125 -31.77 20.26 36.88
CA THR A 125 -31.44 20.09 38.32
C THR A 125 -30.24 19.19 38.50
N ASP A 126 -29.56 19.29 39.64
CA ASP A 126 -28.46 18.34 39.95
C ASP A 126 -28.92 16.88 39.86
N GLU A 127 -30.19 16.66 40.15
CA GLU A 127 -30.77 15.34 40.03
C GLU A 127 -30.87 14.88 38.60
N GLN A 128 -31.25 15.79 37.71
CA GLN A 128 -31.28 15.45 36.29
C GLN A 128 -29.88 15.39 35.64
N TYR A 129 -28.90 16.10 36.21
CA TYR A 129 -27.59 16.17 35.61
C TYR A 129 -26.75 15.03 36.15
N ARG A 130 -27.04 13.84 35.64
CA ARG A 130 -26.48 12.58 36.13
C ARG A 130 -26.54 11.69 34.93
N ARG A 131 -25.60 10.77 34.85
CA ARG A 131 -25.51 9.91 33.72
C ARG A 131 -26.20 8.61 34.09
N MET B 1 -34.00 13.94 19.24
CA MET B 1 -32.54 14.06 19.30
C MET B 1 -31.92 12.93 18.50
N GLU B 2 -31.01 13.30 17.60
CA GLU B 2 -30.28 12.35 16.81
C GLU B 2 -28.78 12.67 16.97
N ILE B 3 -27.93 11.66 17.04
CA ILE B 3 -26.48 11.85 17.11
C ILE B 3 -25.83 11.11 15.95
N LYS B 4 -25.10 11.85 15.08
CA LYS B 4 -24.22 11.21 14.08
C LYS B 4 -22.78 11.27 14.57
N ARG B 5 -22.28 10.10 14.96
CA ARG B 5 -21.03 9.99 15.65
C ARG B 5 -19.91 10.26 14.66
N VAL B 6 -18.84 10.86 15.16
CA VAL B 6 -17.68 11.13 14.32
C VAL B 6 -17.27 9.80 13.66
N GLY B 7 -16.97 9.83 12.37
CA GLY B 7 -16.60 8.61 11.63
C GLY B 7 -17.76 7.87 10.96
N SER B 8 -19.02 8.26 11.25
CA SER B 8 -20.19 7.58 10.67
C SER B 8 -20.64 8.17 9.32
N GLN B 9 -20.05 9.27 8.91
CA GLN B 9 -20.44 9.91 7.65
C GLN B 9 -19.25 9.83 6.68
N ALA B 10 -19.31 8.94 5.69
CA ALA B 10 -18.20 8.72 4.79
C ALA B 10 -17.78 10.00 4.05
N SER B 11 -16.48 10.19 3.87
CA SER B 11 -15.95 11.29 3.08
C SER B 11 -16.29 11.05 1.60
N GLY B 12 -16.46 12.14 0.84
CA GLY B 12 -16.58 12.06 -0.61
C GLY B 12 -15.60 12.98 -1.32
N LYS B 13 -15.77 13.13 -2.63
CA LYS B 13 -14.88 13.91 -3.50
C LYS B 13 -15.67 14.92 -4.23
N GLY B 14 -15.07 16.08 -4.43
CA GLY B 14 -15.75 17.18 -5.08
C GLY B 14 -15.82 16.87 -6.57
N PRO B 15 -17.00 16.93 -7.16
CA PRO B 15 -17.08 16.66 -8.61
C PRO B 15 -16.26 17.62 -9.45
N ALA B 16 -15.73 17.10 -10.55
CA ALA B 16 -14.89 17.87 -11.46
C ALA B 16 -15.62 19.05 -12.11
N ASP B 17 -16.94 19.00 -12.21
CA ASP B 17 -17.64 20.11 -12.85
C ASP B 17 -17.73 21.25 -11.84
N TRP B 18 -17.67 20.94 -10.55
CA TRP B 18 -17.85 21.96 -9.56
C TRP B 18 -16.58 22.41 -8.84
N PHE B 19 -15.44 21.78 -9.12
CA PHE B 19 -14.19 22.10 -8.45
C PHE B 19 -13.02 21.98 -9.38
N THR B 20 -12.07 22.88 -9.22
CA THR B 20 -10.74 22.70 -9.79
C THR B 20 -9.82 22.06 -8.75
N GLY B 21 -9.09 21.04 -9.15
CA GLY B 21 -8.14 20.38 -8.26
C GLY B 21 -8.82 19.41 -7.34
N THR B 22 -8.08 18.92 -6.33
CA THR B 22 -8.50 17.81 -5.52
C THR B 22 -9.19 18.31 -4.28
N VAL B 23 -10.41 17.84 -4.06
CA VAL B 23 -11.24 18.40 -2.99
C VAL B 23 -12.00 17.25 -2.38
N ARG B 24 -12.05 17.24 -1.04
CA ARG B 24 -12.79 16.26 -0.29
C ARG B 24 -13.95 16.93 0.41
N ILE B 25 -15.09 16.27 0.38
CA ILE B 25 -16.29 16.72 1.08
C ILE B 25 -16.67 15.77 2.22
N ASP B 26 -16.83 16.32 3.42
CA ASP B 26 -17.26 15.53 4.57
C ASP B 26 -18.67 15.98 4.98
N PRO B 27 -19.65 15.12 4.77
CA PRO B 27 -21.01 15.57 5.09
C PRO B 27 -21.17 15.78 6.59
N LEU B 28 -22.05 16.67 6.98
CA LEU B 28 -22.27 16.96 8.38
C LEU B 28 -23.76 16.89 8.71
N PHE B 29 -24.58 17.70 8.05
CA PHE B 29 -26.02 17.68 8.32
C PHE B 29 -26.84 18.28 7.21
N GLN B 30 -28.08 17.82 7.15
CA GLN B 30 -29.12 18.48 6.38
C GLN B 30 -30.39 18.40 7.19
N ALA B 31 -30.87 19.52 7.68
CA ALA B 31 -31.99 19.54 8.61
C ALA B 31 -33.29 19.27 7.83
N PRO B 32 -34.14 18.38 8.36
CA PRO B 32 -35.41 18.06 7.66
C PRO B 32 -36.44 19.21 7.71
N ASP B 33 -37.40 19.17 6.78
CA ASP B 33 -38.55 20.08 6.80
C ASP B 33 -39.15 20.14 8.20
N PRO B 34 -39.58 21.30 8.69
CA PRO B 34 -39.59 22.59 7.98
C PRO B 34 -38.31 23.42 8.10
N ALA B 35 -37.22 22.88 8.65
CA ALA B 35 -35.93 23.57 8.64
C ALA B 35 -35.36 23.51 7.23
N LEU B 36 -34.66 24.58 6.83
CA LEU B 36 -34.05 24.68 5.51
C LEU B 36 -32.51 24.61 5.51
N VAL B 37 -31.91 24.54 6.68
CA VAL B 37 -30.47 24.68 6.77
C VAL B 37 -29.73 23.36 6.48
N ALA B 38 -28.60 23.45 5.80
CA ALA B 38 -27.64 22.34 5.67
C ALA B 38 -26.21 22.80 5.93
N GLY B 39 -25.32 21.82 6.06
CA GLY B 39 -23.90 22.09 6.26
C GLY B 39 -22.99 20.90 6.01
N HIS B 40 -21.75 21.24 5.69
CA HIS B 40 -20.74 20.22 5.48
C HIS B 40 -19.36 20.84 5.50
N SER B 41 -18.36 19.97 5.47
CA SER B 41 -17.00 20.40 5.65
C SER B 41 -16.32 20.09 4.35
N THR B 42 -15.46 20.98 3.89
CA THR B 42 -14.75 20.80 2.64
C THR B 42 -13.26 21.03 2.85
N THR B 43 -12.43 20.12 2.33
CA THR B 43 -11.01 20.23 2.45
C THR B 43 -10.45 20.34 1.04
N PHE B 44 -9.78 21.45 0.80
CA PHE B 44 -9.24 21.78 -0.46
C PHE B 44 -7.74 21.58 -0.38
N GLU B 45 -7.18 20.79 -1.28
CA GLU B 45 -5.72 20.62 -1.36
C GLU B 45 -5.12 21.87 -1.99
N PRO B 46 -3.78 22.06 -1.87
CA PRO B 46 -3.19 23.31 -2.37
C PRO B 46 -3.62 23.56 -3.81
N GLY B 47 -4.02 24.77 -4.11
CA GLY B 47 -4.40 25.12 -5.47
C GLY B 47 -5.84 24.77 -5.87
N ALA B 48 -6.51 23.93 -5.07
CA ALA B 48 -7.90 23.57 -5.35
C ALA B 48 -8.91 24.66 -4.92
N ARG B 49 -9.96 24.84 -5.73
CA ARG B 49 -11.00 25.81 -5.45
C ARG B 49 -12.32 25.45 -6.13
N THR B 50 -13.39 26.04 -5.60
CA THR B 50 -14.70 25.81 -6.17
C THR B 50 -14.69 26.45 -7.55
N ALA B 51 -15.62 26.04 -8.39
CA ALA B 51 -16.01 26.86 -9.52
C ALA B 51 -16.66 28.12 -8.96
N TRP B 52 -16.82 29.12 -9.82
CA TRP B 52 -17.67 30.25 -9.48
C TRP B 52 -19.09 29.76 -9.27
N HIS B 53 -19.83 30.40 -8.37
CA HIS B 53 -21.21 29.96 -8.04
C HIS B 53 -21.93 30.98 -7.15
N THR B 54 -23.23 30.74 -6.92
CA THR B 54 -24.07 31.59 -6.05
C THR B 54 -24.88 30.68 -5.16
N HIS B 55 -25.38 31.21 -4.06
CA HIS B 55 -26.35 30.48 -3.23
C HIS B 55 -27.61 31.35 -3.09
N PRO B 56 -28.79 30.72 -3.14
CA PRO B 56 -30.05 31.48 -3.18
C PRO B 56 -30.39 32.23 -1.88
N LEU B 57 -29.93 31.70 -0.75
CA LEU B 57 -30.11 32.36 0.52
C LEU B 57 -28.75 32.64 1.17
N GLY B 58 -27.69 32.69 0.37
CA GLY B 58 -26.39 33.08 0.86
C GLY B 58 -25.70 31.91 1.54
N GLN B 59 -24.50 32.14 2.03
CA GLN B 59 -23.73 31.07 2.58
C GLN B 59 -22.83 31.64 3.60
N THR B 60 -22.66 30.88 4.68
CA THR B 60 -21.71 31.22 5.71
C THR B 60 -20.54 30.20 5.81
N LEU B 61 -19.32 30.70 5.83
CA LEU B 61 -18.12 29.87 6.04
C LEU B 61 -17.51 30.08 7.37
N ILE B 62 -17.08 28.99 7.97
CA ILE B 62 -16.24 29.06 9.17
C ILE B 62 -15.02 28.21 8.88
N VAL B 63 -13.85 28.84 8.78
CA VAL B 63 -12.59 28.15 8.42
C VAL B 63 -12.14 27.45 9.66
N THR B 64 -11.77 26.19 9.52
CA THR B 64 -11.42 25.37 10.65
C THR B 64 -10.01 24.89 10.57
N ALA B 65 -9.36 24.94 9.42
CA ALA B 65 -7.95 24.58 9.37
C ALA B 65 -7.26 25.06 8.09
N GLY B 66 -5.94 25.21 8.15
CA GLY B 66 -5.13 25.63 6.99
C GLY B 66 -5.22 27.13 6.69
N CYS B 67 -5.10 27.46 5.41
CA CYS B 67 -5.14 28.84 4.98
C CYS B 67 -5.62 28.85 3.55
N GLY B 68 -6.59 29.70 3.26
CA GLY B 68 -7.25 29.62 1.97
C GLY B 68 -7.59 30.95 1.42
N TRP B 69 -8.23 30.99 0.25
CA TRP B 69 -8.48 32.21 -0.48
C TRP B 69 -9.94 32.27 -0.85
N ALA B 70 -10.47 33.49 -0.98
CA ALA B 70 -11.85 33.62 -1.45
C ALA B 70 -12.03 34.91 -2.19
N GLN B 71 -13.04 34.96 -3.03
CA GLN B 71 -13.30 36.16 -3.81
C GLN B 71 -14.74 36.22 -4.27
N ARG B 72 -15.29 37.43 -4.39
CA ARG B 72 -16.57 37.62 -5.07
C ARG B 72 -16.33 38.35 -6.37
N GLU B 73 -17.20 38.12 -7.34
CA GLU B 73 -17.10 38.78 -8.64
C GLU B 73 -16.87 40.27 -8.49
N GLY B 74 -15.79 40.74 -9.12
CA GLY B 74 -15.34 42.13 -9.04
C GLY B 74 -14.55 42.53 -7.82
N GLY B 75 -14.31 41.62 -6.87
CA GLY B 75 -13.67 41.97 -5.59
C GLY B 75 -12.21 41.56 -5.56
N ALA B 76 -11.50 41.86 -4.48
CA ALA B 76 -10.13 41.38 -4.33
C ALA B 76 -10.10 39.94 -3.79
N VAL B 77 -9.12 39.14 -4.21
CA VAL B 77 -8.87 37.85 -3.56
C VAL B 77 -8.46 38.09 -2.12
N GLU B 78 -9.09 37.41 -1.18
CA GLU B 78 -8.67 37.53 0.21
C GLU B 78 -8.33 36.22 0.90
N GLU B 79 -7.40 36.25 1.86
CA GLU B 79 -7.06 35.05 2.63
C GLU B 79 -8.08 34.84 3.68
N ILE B 80 -8.44 33.58 3.90
CA ILE B 80 -9.31 33.24 5.02
C ILE B 80 -8.56 32.22 5.89
N HIS B 81 -8.64 32.43 7.20
CA HIS B 81 -7.80 31.78 8.20
C HIS B 81 -8.67 31.13 9.24
N PRO B 82 -8.14 30.11 9.94
CA PRO B 82 -8.96 29.39 10.92
C PRO B 82 -9.59 30.32 11.95
N GLY B 83 -10.91 30.16 12.16
CA GLY B 83 -11.67 31.07 13.02
C GLY B 83 -12.32 32.23 12.25
N ASP B 84 -11.91 32.49 11.03
CA ASP B 84 -12.57 33.55 10.29
C ASP B 84 -13.98 33.10 9.91
N VAL B 85 -14.92 34.03 9.93
CA VAL B 85 -16.27 33.77 9.48
C VAL B 85 -16.56 34.57 8.24
N VAL B 86 -17.07 33.90 7.22
CA VAL B 86 -17.24 34.55 5.92
C VAL B 86 -18.72 34.45 5.53
N TRP B 87 -19.28 35.56 5.05
CA TRP B 87 -20.67 35.55 4.59
C TRP B 87 -20.74 35.92 3.12
N PHE B 88 -21.41 35.10 2.31
CA PHE B 88 -21.71 35.48 0.93
C PHE B 88 -23.20 35.73 0.79
N SER B 89 -23.55 36.83 0.13
CA SER B 89 -24.98 37.26 0.04
C SER B 89 -25.76 36.37 -0.87
N PRO B 90 -27.08 36.42 -0.75
CA PRO B 90 -27.89 35.63 -1.68
C PRO B 90 -27.58 36.07 -3.10
N GLY B 91 -27.37 35.14 -4.00
CA GLY B 91 -27.10 35.54 -5.36
C GLY B 91 -25.72 36.06 -5.66
N GLU B 92 -24.88 36.33 -4.65
CA GLU B 92 -23.53 36.85 -4.91
C GLU B 92 -22.61 35.77 -5.49
N LYS B 93 -22.00 36.10 -6.61
CA LYS B 93 -21.17 35.17 -7.35
C LYS B 93 -19.78 35.12 -6.73
N HIS B 94 -19.29 33.92 -6.42
CA HIS B 94 -18.03 33.86 -5.71
C HIS B 94 -17.34 32.51 -5.83
N TRP B 95 -16.11 32.45 -5.32
CA TRP B 95 -15.39 31.19 -5.21
C TRP B 95 -14.58 31.13 -3.94
N HIS B 96 -14.25 29.91 -3.51
CA HIS B 96 -13.36 29.76 -2.35
C HIS B 96 -12.61 28.47 -2.42
N GLY B 97 -11.45 28.45 -1.80
CA GLY B 97 -10.58 27.28 -1.86
C GLY B 97 -9.29 27.47 -1.15
N ALA B 98 -8.32 26.64 -1.48
CA ALA B 98 -7.01 26.69 -0.83
C ALA B 98 -6.22 27.80 -1.37
N ALA B 99 -5.19 28.21 -0.62
CA ALA B 99 -4.14 29.02 -1.19
C ALA B 99 -3.29 28.12 -2.06
N PRO B 100 -2.40 28.66 -2.84
CA PRO B 100 -1.71 27.84 -3.81
C PRO B 100 -0.81 26.75 -3.23
N THR B 101 -0.21 26.98 -2.06
CA THR B 101 0.71 25.99 -1.48
C THR B 101 0.28 25.48 -0.12
N THR B 102 -0.87 25.94 0.36
CA THR B 102 -1.43 25.37 1.58
C THR B 102 -2.87 24.87 1.43
N ALA B 103 -3.18 23.76 2.09
CA ALA B 103 -4.55 23.28 2.11
C ALA B 103 -5.36 24.16 3.05
N MET B 104 -6.68 24.05 2.91
CA MET B 104 -7.64 24.72 3.76
C MET B 104 -8.89 23.85 3.93
N THR B 105 -9.46 23.89 5.13
CA THR B 105 -10.73 23.24 5.41
C THR B 105 -11.67 24.27 6.01
N HIS B 106 -12.95 24.20 5.62
CA HIS B 106 -13.98 24.95 6.29
C HIS B 106 -15.29 24.25 6.42
N LEU B 107 -16.06 24.75 7.35
CA LEU B 107 -17.45 24.43 7.46
C LEU B 107 -18.24 25.37 6.55
N ALA B 108 -19.20 24.85 5.79
CA ALA B 108 -20.08 25.72 5.03
C ALA B 108 -21.52 25.53 5.51
N ILE B 109 -22.21 26.64 5.75
CA ILE B 109 -23.60 26.59 6.16
C ILE B 109 -24.41 27.47 5.21
N HIS B 110 -25.54 26.93 4.78
CA HIS B 110 -26.39 27.53 3.75
C HIS B 110 -27.81 26.96 3.84
N GLU B 111 -28.80 27.76 3.47
CA GLU B 111 -30.18 27.33 3.50
C GLU B 111 -30.65 27.00 2.11
N ARG B 112 -31.51 25.99 2.03
CA ARG B 112 -32.09 25.47 0.80
C ARG B 112 -33.32 26.34 0.44
N LEU B 113 -33.38 26.82 -0.80
CA LEU B 113 -34.58 27.48 -1.31
C LEU B 113 -35.24 26.46 -2.20
N ASP B 114 -36.33 25.88 -1.66
CA ASP B 114 -37.02 24.68 -2.17
C ASP B 114 -36.11 23.64 -2.84
N GLY B 115 -35.38 22.91 -2.00
CA GLY B 115 -34.53 21.79 -2.43
C GLY B 115 -33.28 22.10 -3.25
N LYS B 116 -32.85 23.38 -3.30
CA LYS B 116 -31.57 23.74 -3.95
C LYS B 116 -30.82 24.76 -3.08
N ALA B 117 -29.54 24.48 -2.79
CA ALA B 117 -28.68 25.39 -2.04
C ALA B 117 -27.51 25.99 -2.83
N VAL B 118 -27.35 25.62 -4.11
CA VAL B 118 -26.32 26.24 -4.92
C VAL B 118 -26.64 26.27 -6.43
N ASP B 119 -26.16 27.31 -7.11
CA ASP B 119 -26.13 27.36 -8.56
C ASP B 119 -24.69 27.45 -9.10
N TRP B 120 -24.24 26.37 -9.71
CA TRP B 120 -22.85 26.20 -10.14
C TRP B 120 -22.62 26.89 -11.45
N MET B 121 -21.50 27.61 -11.60
CA MET B 121 -21.19 28.33 -12.83
C MET B 121 -19.82 27.90 -13.35
N GLU B 122 -19.10 28.76 -14.07
CA GLU B 122 -17.89 28.32 -14.74
C GLU B 122 -16.72 28.20 -13.75
N HIS B 123 -15.73 27.44 -14.14
CA HIS B 123 -14.49 27.29 -13.37
C HIS B 123 -13.73 28.59 -13.19
N VAL B 124 -12.98 28.66 -12.10
CA VAL B 124 -12.13 29.77 -11.80
C VAL B 124 -10.81 29.55 -12.53
N THR B 125 -10.47 30.41 -13.46
CA THR B 125 -9.29 30.20 -14.28
C THR B 125 -8.05 30.48 -13.45
N ASP B 126 -6.90 30.05 -13.93
CA ASP B 126 -5.63 30.34 -13.27
C ASP B 126 -5.35 31.80 -13.10
N GLU B 127 -5.74 32.61 -14.08
CA GLU B 127 -5.56 34.04 -14.01
C GLU B 127 -6.50 34.64 -12.96
N GLN B 128 -7.71 34.13 -12.85
CA GLN B 128 -8.58 34.61 -11.79
C GLN B 128 -8.07 34.21 -10.38
N TYR B 129 -7.49 33.00 -10.29
N TYR B 129 -7.50 33.01 -10.24
CA TYR B 129 -6.84 32.50 -9.09
CA TYR B 129 -7.11 32.47 -8.94
C TYR B 129 -5.48 33.23 -8.91
C TYR B 129 -6.12 33.38 -8.13
N ARG B 130 -5.57 34.50 -8.56
N ARG B 130 -5.17 34.01 -8.81
CA ARG B 130 -4.37 35.35 -8.49
CA ARG B 130 -4.05 34.80 -8.19
C ARG B 130 -4.71 36.46 -7.55
C ARG B 130 -4.22 36.34 -7.85
N ARG B 131 -3.84 36.73 -6.59
CA ARG B 131 -4.07 38.05 -5.89
C ARG B 131 -3.76 39.34 -6.70
N MET C 1 0.97 0.68 22.30
CA MET C 1 0.00 1.74 21.94
C MET C 1 -0.88 1.99 23.13
N GLU C 2 -0.94 3.22 23.60
CA GLU C 2 -1.88 3.55 24.65
C GLU C 2 -2.68 4.73 24.21
N ILE C 3 -3.98 4.67 24.40
CA ILE C 3 -4.89 5.71 23.98
C ILE C 3 -5.56 6.38 25.17
N LYS C 4 -5.47 7.71 25.26
CA LYS C 4 -6.25 8.41 26.26
C LYS C 4 -7.44 9.04 25.51
N ARG C 5 -8.64 8.49 25.71
CA ARG C 5 -9.84 8.91 25.03
C ARG C 5 -10.25 10.28 25.49
N VAL C 6 -10.72 11.06 24.54
CA VAL C 6 -11.18 12.42 24.80
C VAL C 6 -12.21 12.37 25.92
N GLY C 7 -12.11 13.26 26.89
CA GLY C 7 -13.04 13.29 27.97
C GLY C 7 -12.61 12.47 29.16
N SER C 8 -11.59 11.64 29.00
CA SER C 8 -11.18 10.73 30.06
C SER C 8 -10.38 11.41 31.17
N GLN C 9 -9.88 12.64 30.94
CA GLN C 9 -9.00 13.35 31.86
C GLN C 9 -9.62 14.65 32.30
N ALA C 10 -9.61 14.90 33.60
CA ALA C 10 -10.40 16.01 34.19
C ALA C 10 -9.69 17.33 34.00
N SER C 11 -10.44 18.38 33.63
CA SER C 11 -9.89 19.74 33.58
C SER C 11 -9.53 20.23 34.98
N GLY C 12 -8.55 21.13 35.07
CA GLY C 12 -8.19 21.78 36.34
C GLY C 12 -8.08 23.29 36.16
N LYS C 13 -7.55 24.00 37.16
CA LYS C 13 -7.50 25.45 37.10
C LYS C 13 -6.12 25.96 37.20
N GLY C 14 -5.85 27.10 36.59
CA GLY C 14 -4.53 27.68 36.71
C GLY C 14 -4.36 28.29 38.10
N PRO C 15 -3.32 27.89 38.84
CA PRO C 15 -3.19 28.50 40.16
C PRO C 15 -2.91 29.99 40.13
N ALA C 16 -3.47 30.67 41.13
CA ALA C 16 -3.38 32.11 41.28
C ALA C 16 -1.98 32.66 41.19
N ASP C 17 -1.02 31.88 41.69
CA ASP C 17 0.37 32.30 41.70
C ASP C 17 0.97 32.38 40.31
N TRP C 18 0.53 31.47 39.45
CA TRP C 18 1.11 31.38 38.12
C TRP C 18 0.23 32.03 37.04
N PHE C 19 -0.97 32.50 37.41
CA PHE C 19 -1.87 33.14 36.42
C PHE C 19 -2.74 34.25 36.97
N THR C 20 -2.97 35.26 36.14
CA THR C 20 -3.95 36.29 36.41
C THR C 20 -5.23 35.99 35.65
N GLY C 21 -6.37 36.12 36.34
CA GLY C 21 -7.66 35.80 35.74
C GLY C 21 -7.90 34.30 35.70
N THR C 22 -9.00 33.92 35.08
CA THR C 22 -9.46 32.55 35.03
C THR C 22 -8.92 31.74 33.84
N VAL C 23 -8.27 30.65 34.18
CA VAL C 23 -7.57 29.80 33.26
C VAL C 23 -7.92 28.35 33.57
N ARG C 24 -8.24 27.59 32.53
CA ARG C 24 -8.46 26.16 32.64
C ARG C 24 -7.27 25.43 31.98
N ILE C 25 -6.84 24.35 32.62
CA ILE C 25 -5.77 23.51 32.13
C ILE C 25 -6.36 22.15 31.87
N ASP C 26 -6.22 21.71 30.63
CA ASP C 26 -6.69 20.42 30.24
C ASP C 26 -5.43 19.61 30.01
N PRO C 27 -5.13 18.70 30.95
CA PRO C 27 -3.89 17.93 30.80
C PRO C 27 -3.94 16.98 29.61
N LEU C 28 -2.78 16.74 29.01
CA LEU C 28 -2.71 15.78 27.91
C LEU C 28 -1.70 14.67 28.22
N PHE C 29 -0.41 14.99 28.30
CA PHE C 29 0.58 13.94 28.46
C PHE C 29 1.87 14.41 29.04
N GLN C 30 2.54 13.46 29.68
CA GLN C 30 3.91 13.60 30.07
C GLN C 30 4.59 12.26 29.81
N ALA C 31 5.43 12.23 28.78
CA ALA C 31 5.97 11.01 28.27
C ALA C 31 6.95 10.45 29.29
N PRO C 32 7.01 9.13 29.39
CA PRO C 32 7.84 8.46 30.36
C PRO C 32 9.28 8.44 29.92
N ASP C 33 10.21 8.48 30.87
CA ASP C 33 11.64 8.24 30.54
C ASP C 33 11.78 7.07 29.55
N PRO C 34 12.68 7.16 28.59
CA PRO C 34 13.65 8.22 28.47
C PRO C 34 13.18 9.44 27.65
N ALA C 35 11.92 9.53 27.25
CA ALA C 35 11.42 10.76 26.59
C ALA C 35 11.30 11.87 27.64
N LEU C 36 11.43 13.12 27.22
CA LEU C 36 11.33 14.29 28.11
C LEU C 36 10.16 15.26 27.80
N VAL C 37 9.39 14.94 26.79
CA VAL C 37 8.42 15.90 26.29
C VAL C 37 7.12 15.78 27.09
N ALA C 38 6.46 16.93 27.32
CA ALA C 38 5.16 16.93 27.89
C ALA C 38 4.30 17.93 27.17
N GLY C 39 2.99 17.75 27.30
CA GLY C 39 2.06 18.70 26.70
C GLY C 39 0.76 18.83 27.44
N HIS C 40 0.17 20.00 27.33
CA HIS C 40 -1.19 20.19 27.79
C HIS C 40 -1.82 21.31 26.99
N SER C 41 -3.13 21.44 27.16
CA SER C 41 -3.92 22.46 26.52
C SER C 41 -4.35 23.42 27.59
N THR C 42 -4.25 24.71 27.30
CA THR C 42 -4.65 25.73 28.25
C THR C 42 -5.71 26.61 27.61
N THR C 43 -6.80 26.87 28.31
CA THR C 43 -7.74 27.89 27.87
C THR C 43 -7.83 29.10 28.78
N PHE C 44 -7.54 30.27 28.21
CA PHE C 44 -7.55 31.55 28.96
C PHE C 44 -8.81 32.30 28.69
N GLU C 45 -9.54 32.69 29.74
CA GLU C 45 -10.69 33.56 29.55
C GLU C 45 -10.23 34.96 29.20
N PRO C 46 -11.14 35.75 28.62
CA PRO C 46 -10.79 37.14 28.25
C PRO C 46 -10.10 37.84 29.41
N GLY C 47 -8.97 38.48 29.14
CA GLY C 47 -8.22 39.18 30.19
C GLY C 47 -7.19 38.35 30.89
N ALA C 48 -7.27 37.03 30.82
CA ALA C 48 -6.41 36.18 31.62
C ALA C 48 -5.13 35.89 30.93
N ARG C 49 -4.09 35.66 31.72
CA ARG C 49 -2.78 35.40 31.17
C ARG C 49 -1.88 34.73 32.17
N THR C 50 -0.81 34.12 31.68
CA THR C 50 0.22 33.60 32.55
C THR C 50 0.96 34.76 33.24
N ALA C 51 1.63 34.44 34.36
CA ALA C 51 2.69 35.27 34.89
C ALA C 51 3.87 35.21 33.95
N TRP C 52 4.84 36.09 34.14
CA TRP C 52 6.11 35.96 33.45
C TRP C 52 6.74 34.66 33.91
N HIS C 53 7.48 34.02 33.02
CA HIS C 53 8.17 32.76 33.33
C HIS C 53 9.13 32.38 32.23
N THR C 54 9.88 31.32 32.47
CA THR C 54 10.83 30.78 31.49
C THR C 54 10.65 29.30 31.46
N HIS C 55 11.22 28.69 30.41
CA HIS C 55 11.26 27.24 30.24
C HIS C 55 12.71 26.81 29.95
N PRO C 56 13.14 25.73 30.58
CA PRO C 56 14.55 25.38 30.54
C PRO C 56 15.00 24.85 29.18
N LEU C 57 14.11 24.15 28.47
CA LEU C 57 14.38 23.72 27.11
C LEU C 57 13.46 24.37 26.05
N GLY C 58 12.94 25.55 26.40
CA GLY C 58 12.00 26.27 25.55
C GLY C 58 10.58 25.70 25.57
N GLN C 59 9.73 26.33 24.78
CA GLN C 59 8.36 25.94 24.68
C GLN C 59 7.79 26.28 23.33
N THR C 60 6.95 25.38 22.85
CA THR C 60 6.27 25.59 21.61
C THR C 60 4.77 25.69 21.87
N LEU C 61 4.13 26.73 21.34
CA LEU C 61 2.69 26.84 21.42
C LEU C 61 2.10 26.66 20.04
N ILE C 62 1.00 25.93 20.00
CA ILE C 62 0.19 25.81 18.80
C ILE C 62 -1.20 26.27 19.17
N VAL C 63 -1.61 27.42 18.67
CA VAL C 63 -2.91 28.01 19.08
C VAL C 63 -3.97 27.21 18.38
N THR C 64 -4.99 26.76 19.11
CA THR C 64 -6.06 25.94 18.53
C THR C 64 -7.45 26.62 18.53
N ALA C 65 -7.66 27.69 19.28
CA ALA C 65 -8.94 28.41 19.23
C ALA C 65 -8.80 29.83 19.77
N GLY C 66 -9.56 30.77 19.22
CA GLY C 66 -9.66 32.11 19.77
C GLY C 66 -8.49 32.98 19.37
N CYS C 67 -8.20 33.98 20.18
CA CYS C 67 -7.24 35.00 19.80
C CYS C 67 -6.59 35.48 21.07
N GLY C 68 -5.27 35.36 21.12
CA GLY C 68 -4.55 35.68 22.33
C GLY C 68 -3.41 36.65 22.08
N TRP C 69 -2.63 36.86 23.15
CA TRP C 69 -1.56 37.80 23.16
C TRP C 69 -0.38 37.10 23.74
N ALA C 70 0.81 37.52 23.32
CA ALA C 70 2.01 36.98 23.95
C ALA C 70 3.17 37.91 23.76
N GLN C 71 4.18 37.76 24.62
CA GLN C 71 5.29 38.69 24.64
C GLN C 71 6.51 38.09 25.29
N ARG C 72 7.67 38.43 24.76
CA ARG C 72 8.92 38.13 25.44
C ARG C 72 9.53 39.43 25.99
N GLU C 73 10.35 39.30 27.04
CA GLU C 73 10.91 40.47 27.71
C GLU C 73 11.65 41.35 26.72
N GLY C 74 11.23 42.60 26.62
CA GLY C 74 11.87 43.52 25.69
C GLY C 74 11.28 43.50 24.30
N GLY C 75 10.32 42.62 24.04
CA GLY C 75 9.66 42.62 22.74
C GLY C 75 8.31 43.29 22.79
N ALA C 76 7.62 43.29 21.66
CA ALA C 76 6.29 43.87 21.58
C ALA C 76 5.28 42.79 21.95
N VAL C 77 4.09 43.20 22.38
CA VAL C 77 3.03 42.26 22.60
C VAL C 77 2.48 41.90 21.23
N GLU C 78 2.51 40.60 20.91
CA GLU C 78 2.00 40.09 19.63
C GLU C 78 0.66 39.42 19.84
N GLU C 79 -0.17 39.52 18.80
CA GLU C 79 -1.44 38.87 18.73
C GLU C 79 -1.26 37.50 18.05
N ILE C 80 -1.87 36.46 18.60
CA ILE C 80 -1.69 35.11 18.08
C ILE C 80 -3.04 34.46 17.79
N HIS C 81 -3.08 33.68 16.72
CA HIS C 81 -4.35 33.13 16.18
C HIS C 81 -4.27 31.63 15.92
N PRO C 82 -5.40 30.96 15.77
CA PRO C 82 -5.43 29.54 15.53
C PRO C 82 -4.63 29.14 14.30
N GLY C 83 -3.75 28.18 14.45
CA GLY C 83 -2.78 27.82 13.40
C GLY C 83 -1.39 28.45 13.58
N ASP C 84 -1.27 29.52 14.33
CA ASP C 84 0.04 30.10 14.54
C ASP C 84 0.81 29.15 15.46
N VAL C 85 2.11 29.04 15.21
CA VAL C 85 2.98 28.23 16.03
C VAL C 85 4.00 29.19 16.62
N VAL C 86 4.18 29.16 17.94
CA VAL C 86 5.07 30.10 18.64
C VAL C 86 6.18 29.36 19.37
N TRP C 87 7.41 29.82 19.23
CA TRP C 87 8.52 29.22 19.93
C TRP C 87 9.16 30.22 20.91
N PHE C 88 9.33 29.80 22.16
CA PHE C 88 10.10 30.54 23.11
C PHE C 88 11.35 29.77 23.47
N SER C 89 12.48 30.48 23.47
CA SER C 89 13.78 29.86 23.62
C SER C 89 14.06 29.40 25.06
N PRO C 90 14.96 28.45 25.23
CA PRO C 90 15.30 28.09 26.60
C PRO C 90 15.69 29.34 27.39
N GLY C 91 15.10 29.54 28.56
CA GLY C 91 15.46 30.65 29.43
C GLY C 91 14.89 31.99 29.05
N GLU C 92 14.15 32.06 27.93
CA GLU C 92 13.54 33.30 27.51
C GLU C 92 12.35 33.59 28.41
N LYS C 93 12.38 34.78 29.00
CA LYS C 93 11.34 35.23 29.89
C LYS C 93 10.16 35.78 29.09
N HIS C 94 8.96 35.33 29.41
CA HIS C 94 7.83 35.53 28.51
C HIS C 94 6.48 35.26 29.18
N TRP C 95 5.40 35.67 28.52
CA TRP C 95 4.05 35.39 28.98
C TRP C 95 3.10 35.24 27.82
N HIS C 96 1.96 34.63 28.08
CA HIS C 96 0.96 34.48 27.07
C HIS C 96 -0.38 34.25 27.70
N GLY C 97 -1.40 34.59 26.94
CA GLY C 97 -2.75 34.44 27.42
C GLY C 97 -3.72 34.95 26.42
N ALA C 98 -4.92 35.22 26.91
CA ALA C 98 -6.00 35.73 26.09
C ALA C 98 -5.81 37.17 25.73
N ALA C 99 -6.59 37.60 24.77
CA ALA C 99 -6.70 39.00 24.52
C ALA C 99 -7.81 39.52 25.50
N PRO C 100 -7.92 40.83 25.63
CA PRO C 100 -8.89 41.35 26.61
C PRO C 100 -10.34 40.99 26.36
N THR C 101 -10.76 40.85 25.11
CA THR C 101 -12.19 40.59 24.80
C THR C 101 -12.52 39.20 24.26
N THR C 102 -11.50 38.37 24.05
CA THR C 102 -11.68 37.02 23.53
C THR C 102 -10.85 36.04 24.32
N ALA C 103 -11.39 34.85 24.52
CA ALA C 103 -10.62 33.71 25.03
C ALA C 103 -9.68 33.14 23.96
N MET C 104 -8.76 32.30 24.42
CA MET C 104 -7.75 31.67 23.55
C MET C 104 -7.33 30.35 24.15
N THR C 105 -7.15 29.35 23.30
CA THR C 105 -6.78 28.04 23.72
C THR C 105 -5.53 27.68 22.93
N HIS C 106 -4.58 27.04 23.59
CA HIS C 106 -3.45 26.51 22.86
C HIS C 106 -2.91 25.24 23.42
N LEU C 107 -2.26 24.53 22.56
CA LEU C 107 -1.40 23.45 22.96
C LEU C 107 -0.03 24.00 23.33
N ALA C 108 0.48 23.56 24.49
CA ALA C 108 1.80 23.90 24.97
C ALA C 108 2.62 22.62 25.03
N ILE C 109 3.80 22.64 24.42
CA ILE C 109 4.66 21.49 24.36
C ILE C 109 6.05 21.96 24.78
N HIS C 110 6.64 21.20 25.72
CA HIS C 110 7.91 21.58 26.36
C HIS C 110 8.58 20.35 26.81
N GLU C 111 9.90 20.34 26.76
CA GLU C 111 10.64 19.22 27.33
C GLU C 111 11.08 19.58 28.72
N ARG C 112 11.17 18.57 29.57
CA ARG C 112 11.62 18.75 30.94
C ARG C 112 13.16 18.51 31.07
N LEU C 113 13.79 19.30 31.93
CA LEU C 113 15.20 19.18 32.27
C LEU C 113 15.26 18.86 33.77
N ASP C 114 15.86 17.73 34.15
CA ASP C 114 15.93 17.30 35.56
C ASP C 114 14.56 17.37 36.22
N GLY C 115 13.54 16.87 35.51
CA GLY C 115 12.17 16.86 36.02
C GLY C 115 11.45 18.20 36.13
N LYS C 116 12.08 19.31 35.71
CA LYS C 116 11.48 20.67 35.76
C LYS C 116 11.13 21.15 34.34
N ALA C 117 9.89 21.61 34.15
CA ALA C 117 9.44 22.15 32.86
C ALA C 117 9.25 23.68 32.85
N VAL C 118 9.29 24.34 34.00
CA VAL C 118 8.99 25.77 34.06
C VAL C 118 9.59 26.49 35.26
N ASP C 119 9.83 27.79 35.11
CA ASP C 119 10.31 28.59 36.21
C ASP C 119 9.46 29.82 36.36
N TRP C 120 8.58 29.81 37.36
CA TRP C 120 7.58 30.90 37.54
C TRP C 120 8.12 32.19 38.18
N MET C 121 7.75 33.34 37.62
CA MET C 121 8.22 34.65 38.05
C MET C 121 7.03 35.59 38.28
N GLU C 122 7.24 36.90 38.23
CA GLU C 122 6.19 37.84 38.64
C GLU C 122 4.99 37.95 37.67
N HIS C 123 3.83 38.33 38.19
CA HIS C 123 2.65 38.50 37.40
C HIS C 123 2.79 39.55 36.34
N VAL C 124 1.97 39.45 35.30
CA VAL C 124 1.98 40.44 34.25
C VAL C 124 1.00 41.52 34.69
N THR C 125 1.49 42.75 34.80
CA THR C 125 0.68 43.84 35.35
C THR C 125 -0.22 44.39 34.26
N ASP C 126 -1.21 45.15 34.69
CA ASP C 126 -2.15 45.77 33.77
C ASP C 126 -1.48 46.81 32.85
N GLU C 127 -0.46 47.52 33.32
CA GLU C 127 0.35 48.37 32.42
C GLU C 127 0.99 47.51 31.33
N GLN C 128 1.41 46.30 31.69
CA GLN C 128 2.08 45.38 30.74
C GLN C 128 1.12 44.77 29.76
N TYR C 129 -0.07 44.42 30.25
CA TYR C 129 -1.12 43.83 29.45
C TYR C 129 -1.75 44.89 28.59
N ARG C 130 -1.00 45.35 27.60
CA ARG C 130 -1.46 46.41 26.66
C ARG C 130 -0.83 46.13 25.33
N ARG C 131 -1.61 46.43 24.31
CA ARG C 131 -1.24 46.14 22.97
C ARG C 131 -1.45 47.45 22.23
N MET D 1 11.64 34.74 20.85
CA MET D 1 10.24 34.38 20.50
C MET D 1 10.16 34.38 18.99
N GLU D 2 9.58 33.32 18.46
CA GLU D 2 9.41 33.22 17.03
C GLU D 2 7.97 32.82 16.78
N ILE D 3 7.32 33.52 15.85
CA ILE D 3 6.00 33.13 15.43
C ILE D 3 5.96 32.70 13.99
N LYS D 4 5.49 31.49 13.77
CA LYS D 4 5.23 31.05 12.43
C LYS D 4 3.76 31.09 12.11
N ARG D 5 3.40 32.03 11.28
CA ARG D 5 2.00 32.32 11.07
C ARG D 5 1.31 31.25 10.27
N VAL D 6 0.02 31.10 10.52
CA VAL D 6 -0.79 30.19 9.75
C VAL D 6 -0.62 30.54 8.26
N GLY D 7 -0.53 29.52 7.41
CA GLY D 7 -0.26 29.70 5.98
C GLY D 7 1.19 29.99 5.56
N SER D 8 2.10 30.08 6.51
CA SER D 8 3.49 30.35 6.19
C SER D 8 4.31 29.07 5.99
N GLN D 9 3.71 27.91 6.27
CA GLN D 9 4.41 26.63 6.16
C GLN D 9 3.73 25.82 5.09
N ALA D 10 4.37 25.66 3.94
CA ALA D 10 3.75 24.99 2.79
C ALA D 10 3.42 23.55 3.11
N SER D 11 2.26 23.09 2.63
CA SER D 11 1.97 21.67 2.68
C SER D 11 2.93 20.89 1.78
N GLY D 12 3.26 19.66 2.17
CA GLY D 12 3.97 18.68 1.32
C GLY D 12 3.17 17.36 1.26
N LYS D 13 3.69 16.38 0.52
CA LYS D 13 3.04 15.08 0.32
C LYS D 13 3.81 13.99 1.02
N GLY D 14 3.13 12.98 1.53
CA GLY D 14 3.81 11.86 2.17
C GLY D 14 4.57 11.09 1.11
N PRO D 15 5.84 10.76 1.33
CA PRO D 15 6.50 10.01 0.23
C PRO D 15 6.01 8.58 0.10
N ALA D 16 6.10 8.04 -1.10
CA ALA D 16 5.50 6.77 -1.43
C ALA D 16 6.16 5.63 -0.67
N ASP D 17 7.46 5.75 -0.35
CA ASP D 17 8.13 4.73 0.45
C ASP D 17 7.61 4.68 1.88
N TRP D 18 7.04 5.77 2.37
CA TRP D 18 6.66 5.87 3.77
C TRP D 18 5.16 5.83 4.03
N PHE D 19 4.36 5.84 2.97
CA PHE D 19 2.91 5.93 3.12
C PHE D 19 2.28 5.15 2.01
N THR D 20 1.16 4.53 2.35
CA THR D 20 0.32 3.93 1.36
C THR D 20 -0.81 4.88 1.17
N GLY D 21 -1.13 5.21 -0.07
CA GLY D 21 -2.26 6.13 -0.34
C GLY D 21 -1.83 7.59 -0.29
N THR D 22 -2.82 8.48 -0.32
CA THR D 22 -2.59 9.90 -0.46
C THR D 22 -2.56 10.54 0.91
N VAL D 23 -1.43 11.17 1.21
CA VAL D 23 -1.18 11.76 2.51
C VAL D 23 -0.59 13.14 2.35
N ARG D 24 -1.03 14.09 3.16
CA ARG D 24 -0.46 15.41 3.14
C ARG D 24 0.22 15.64 4.48
N ILE D 25 1.38 16.30 4.47
CA ILE D 25 2.14 16.68 5.68
C ILE D 25 2.22 18.20 5.79
N ASP D 26 1.75 18.73 6.90
CA ASP D 26 1.82 20.14 7.21
C ASP D 26 2.83 20.39 8.34
N PRO D 27 4.00 20.93 7.99
CA PRO D 27 5.05 21.10 9.01
C PRO D 27 4.58 22.04 10.11
N LEU D 28 5.05 21.83 11.34
CA LEU D 28 4.68 22.74 12.43
C LEU D 28 5.89 23.28 13.13
N PHE D 29 6.71 22.42 13.71
CA PHE D 29 7.94 22.91 14.32
C PHE D 29 9.03 21.90 14.42
N GLN D 30 10.23 22.42 14.53
CA GLN D 30 11.39 21.63 14.93
C GLN D 30 12.24 22.49 15.89
N ALA D 31 12.24 22.16 17.17
CA ALA D 31 12.92 22.97 18.16
C ALA D 31 14.40 22.93 17.89
N PRO D 32 15.09 24.07 18.01
CA PRO D 32 16.56 24.05 17.85
C PRO D 32 17.29 23.43 19.05
N ASP D 33 18.52 22.93 18.84
CA ASP D 33 19.36 22.46 19.96
C ASP D 33 19.45 23.51 21.06
N PRO D 34 19.50 23.13 22.34
CA PRO D 34 19.57 21.73 22.79
C PRO D 34 18.22 21.00 22.95
N ALA D 35 17.09 21.60 22.58
CA ALA D 35 15.80 20.87 22.56
C ALA D 35 15.79 19.85 21.41
N LEU D 36 15.06 18.77 21.62
CA LEU D 36 15.05 17.60 20.71
C LEU D 36 13.69 17.37 20.06
N VAL D 37 12.71 18.18 20.42
CA VAL D 37 11.35 17.88 20.07
C VAL D 37 11.02 18.50 18.72
N ALA D 38 10.17 17.79 17.97
CA ALA D 38 9.66 18.24 16.69
C ALA D 38 8.20 17.83 16.58
N GLY D 39 7.46 18.51 15.68
CA GLY D 39 6.10 18.10 15.39
C GLY D 39 5.60 18.60 14.06
N HIS D 40 4.58 17.91 13.57
CA HIS D 40 3.89 18.27 12.36
C HIS D 40 2.49 17.65 12.33
N SER D 41 1.70 18.11 11.40
CA SER D 41 0.34 17.64 11.21
C SER D 41 0.31 16.78 9.97
N THR D 42 -0.45 15.69 10.00
CA THR D 42 -0.58 14.79 8.84
C THR D 42 -2.06 14.55 8.55
N THR D 43 -2.45 14.67 7.29
CA THR D 43 -3.81 14.36 6.89
C THR D 43 -3.78 13.14 5.96
N PHE D 44 -4.53 12.12 6.34
CA PHE D 44 -4.63 10.90 5.57
C PHE D 44 -5.99 10.87 4.89
N GLU D 45 -5.98 10.71 3.57
CA GLU D 45 -7.21 10.45 2.87
C GLU D 45 -7.72 9.06 3.20
N PRO D 46 -9.03 8.81 3.00
CA PRO D 46 -9.59 7.50 3.36
C PRO D 46 -8.72 6.38 2.80
N GLY D 47 -8.43 5.36 3.60
CA GLY D 47 -7.56 4.27 3.16
C GLY D 47 -6.06 4.47 3.23
N ALA D 48 -5.61 5.68 3.49
CA ALA D 48 -4.19 5.96 3.51
C ALA D 48 -3.61 5.76 4.89
N ARG D 49 -2.39 5.25 4.93
CA ARG D 49 -1.69 5.02 6.18
C ARG D 49 -0.19 5.03 6.02
N THR D 50 0.49 5.25 7.15
CA THR D 50 1.92 5.09 7.22
C THR D 50 2.32 3.64 6.92
N ALA D 51 3.52 3.46 6.40
CA ALA D 51 4.23 2.21 6.50
C ALA D 51 4.38 1.89 8.00
N TRP D 52 4.71 0.65 8.33
CA TRP D 52 5.14 0.33 9.69
C TRP D 52 6.43 1.09 10.01
N HIS D 53 6.60 1.49 11.25
CA HIS D 53 7.78 2.23 11.62
C HIS D 53 7.95 2.26 13.12
N THR D 54 9.10 2.76 13.57
CA THR D 54 9.33 2.99 15.00
C THR D 54 9.86 4.39 15.20
N HIS D 55 9.84 4.82 16.45
CA HIS D 55 10.36 6.14 16.84
C HIS D 55 11.32 5.92 18.01
N PRO D 56 12.50 6.51 17.95
CA PRO D 56 13.51 6.12 18.89
C PRO D 56 13.22 6.60 20.29
N LEU D 57 12.55 7.75 20.47
CA LEU D 57 12.10 8.22 21.79
C LEU D 57 10.58 8.25 21.91
N GLY D 58 9.93 7.39 21.14
CA GLY D 58 8.49 7.36 21.16
C GLY D 58 7.85 8.50 20.37
N GLN D 59 6.52 8.43 20.29
CA GLN D 59 5.73 9.45 19.63
C GLN D 59 4.39 9.61 20.31
N THR D 60 3.94 10.86 20.41
CA THR D 60 2.60 11.18 20.89
C THR D 60 1.79 11.76 19.76
N LEU D 61 0.58 11.25 19.57
CA LEU D 61 -0.38 11.81 18.61
C LEU D 61 -1.53 12.49 19.31
N ILE D 62 -2.01 13.59 18.73
CA ILE D 62 -3.27 14.22 19.19
C ILE D 62 -4.14 14.39 17.97
N VAL D 63 -5.23 13.66 17.93
CA VAL D 63 -6.07 13.59 16.76
C VAL D 63 -6.86 14.91 16.72
N THR D 64 -6.88 15.57 15.55
CA THR D 64 -7.53 16.87 15.42
C THR D 64 -8.73 16.88 14.49
N ALA D 65 -8.87 15.90 13.62
CA ALA D 65 -10.05 15.84 12.74
C ALA D 65 -10.30 14.46 12.20
N GLY D 66 -11.56 14.18 11.87
CA GLY D 66 -11.96 12.95 11.22
C GLY D 66 -11.87 11.73 12.13
N CYS D 67 -11.41 10.62 11.59
CA CYS D 67 -11.52 9.35 12.26
C CYS D 67 -10.58 8.38 11.62
N GLY D 68 -9.70 7.81 12.41
CA GLY D 68 -8.63 6.97 11.90
C GLY D 68 -8.39 5.72 12.69
N TRP D 69 -7.42 4.96 12.22
CA TRP D 69 -7.04 3.70 12.76
C TRP D 69 -5.53 3.71 13.11
N ALA D 70 -5.17 2.85 14.05
CA ALA D 70 -3.78 2.70 14.43
C ALA D 70 -3.62 1.32 15.04
N GLN D 71 -2.39 0.83 15.00
CA GLN D 71 -2.09 -0.52 15.42
C GLN D 71 -0.61 -0.64 15.78
N ARG D 72 -0.31 -1.34 16.87
CA ARG D 72 1.07 -1.80 17.07
C ARG D 72 1.19 -3.26 16.68
N GLU D 73 2.38 -3.67 16.23
CA GLU D 73 2.57 -5.04 15.83
C GLU D 73 2.11 -5.99 16.92
N GLY D 74 1.34 -7.01 16.54
CA GLY D 74 0.83 -8.00 17.48
C GLY D 74 -0.48 -7.61 18.14
N GLY D 75 -0.93 -6.39 17.94
CA GLY D 75 -2.10 -5.91 18.68
C GLY D 75 -3.27 -5.69 17.76
N ALA D 76 -4.30 -5.08 18.31
CA ALA D 76 -5.53 -4.88 17.59
C ALA D 76 -5.52 -3.53 16.90
N VAL D 77 -6.18 -3.45 15.74
CA VAL D 77 -6.40 -2.22 15.06
C VAL D 77 -7.39 -1.44 15.92
N GLU D 78 -7.08 -0.22 16.33
CA GLU D 78 -8.00 0.58 17.18
C GLU D 78 -8.39 1.88 16.52
N GLU D 79 -9.58 2.38 16.83
CA GLU D 79 -10.04 3.68 16.29
C GLU D 79 -9.52 4.80 17.17
N ILE D 80 -9.10 5.89 16.52
CA ILE D 80 -8.72 7.13 17.18
C ILE D 80 -9.54 8.29 16.60
N HIS D 81 -10.06 9.12 17.50
CA HIS D 81 -11.03 10.16 17.20
C HIS D 81 -10.44 11.48 17.62
N PRO D 82 -11.01 12.61 17.18
CA PRO D 82 -10.49 13.89 17.59
C PRO D 82 -10.54 14.12 19.09
N GLY D 83 -9.43 14.64 19.61
CA GLY D 83 -9.25 14.84 21.02
C GLY D 83 -8.54 13.69 21.72
N ASP D 84 -8.40 12.55 21.06
CA ASP D 84 -7.71 11.42 21.65
C ASP D 84 -6.20 11.68 21.65
N VAL D 85 -5.52 11.18 22.66
CA VAL D 85 -4.08 11.19 22.72
C VAL D 85 -3.58 9.73 22.55
N VAL D 86 -2.53 9.54 21.75
CA VAL D 86 -1.95 8.24 21.50
C VAL D 86 -0.44 8.25 21.77
N TRP D 87 0.01 7.27 22.54
CA TRP D 87 1.44 7.08 22.86
C TRP D 87 1.95 5.79 22.28
N PHE D 88 3.01 5.92 21.46
CA PHE D 88 3.79 4.80 20.99
C PHE D 88 5.14 4.93 21.68
N SER D 89 5.57 3.85 22.30
CA SER D 89 6.74 3.91 23.15
C SER D 89 8.00 3.71 22.30
N PRO D 90 9.17 4.04 22.85
CA PRO D 90 10.37 3.97 22.03
C PRO D 90 10.56 2.59 21.43
N GLY D 91 10.97 2.53 20.18
CA GLY D 91 11.11 1.23 19.53
C GLY D 91 9.83 0.47 19.20
N GLU D 92 8.65 0.95 19.56
CA GLU D 92 7.45 0.19 19.25
C GLU D 92 7.14 0.27 17.75
N LYS D 93 6.95 -0.88 17.12
CA LYS D 93 6.65 -0.96 15.70
C LYS D 93 5.13 -0.78 15.57
N HIS D 94 4.69 0.17 14.74
CA HIS D 94 3.28 0.50 14.67
C HIS D 94 2.99 1.16 13.35
N TRP D 95 1.72 1.38 13.06
CA TRP D 95 1.26 2.23 11.94
C TRP D 95 0.02 3.00 12.34
N HIS D 96 -0.27 4.09 11.62
CA HIS D 96 -1.50 4.86 11.83
C HIS D 96 -1.94 5.45 10.52
N GLY D 97 -3.21 5.81 10.43
CA GLY D 97 -3.78 6.44 9.24
C GLY D 97 -5.29 6.65 9.36
N ALA D 98 -5.90 6.93 8.23
CA ALA D 98 -7.32 7.02 8.13
C ALA D 98 -7.98 5.62 8.27
N ALA D 99 -9.25 5.66 8.56
CA ALA D 99 -10.16 4.54 8.38
C ALA D 99 -10.43 4.36 6.88
N PRO D 100 -11.09 3.26 6.48
CA PRO D 100 -11.24 3.05 5.05
C PRO D 100 -12.10 4.05 4.33
N THR D 101 -13.05 4.67 5.00
CA THR D 101 -13.92 5.61 4.30
C THR D 101 -13.94 6.99 4.87
N THR D 102 -13.17 7.25 5.92
CA THR D 102 -13.01 8.62 6.43
C THR D 102 -11.56 9.10 6.51
N ALA D 103 -11.38 10.39 6.27
CA ALA D 103 -10.06 11.03 6.40
C ALA D 103 -9.71 11.20 7.86
N MET D 104 -8.44 11.39 8.14
CA MET D 104 -8.04 11.73 9.55
C MET D 104 -6.85 12.63 9.54
N THR D 105 -6.86 13.59 10.47
CA THR D 105 -5.76 14.53 10.69
C THR D 105 -5.30 14.39 12.13
N HIS D 106 -3.98 14.30 12.30
CA HIS D 106 -3.39 14.39 13.60
C HIS D 106 -2.11 15.19 13.68
N LEU D 107 -1.92 15.69 14.87
CA LEU D 107 -0.70 16.28 15.30
C LEU D 107 0.18 15.18 15.87
N ALA D 108 1.42 15.10 15.41
CA ALA D 108 2.37 14.10 15.92
C ALA D 108 3.50 14.87 16.57
N ILE D 109 3.89 14.43 17.77
CA ILE D 109 4.99 14.99 18.54
C ILE D 109 6.01 13.91 18.87
N HIS D 110 7.29 14.18 18.60
CA HIS D 110 8.34 13.16 18.71
C HIS D 110 9.68 13.85 18.93
N GLU D 111 10.48 13.24 19.79
CA GLU D 111 11.83 13.72 20.09
C GLU D 111 12.88 13.00 19.25
N ARG D 112 13.85 13.75 18.78
CA ARG D 112 14.95 13.20 18.00
C ARG D 112 16.07 12.64 18.90
N LEU D 113 16.59 11.49 18.48
CA LEU D 113 17.80 10.88 19.05
C LEU D 113 18.86 10.80 17.95
N ASP D 114 19.95 11.56 18.14
CA ASP D 114 21.03 11.67 17.14
C ASP D 114 20.51 12.22 15.83
N GLY D 115 19.76 13.30 15.91
CA GLY D 115 19.12 13.89 14.73
C GLY D 115 17.96 13.13 14.10
N LYS D 116 17.69 11.89 14.56
CA LYS D 116 16.75 10.96 13.92
C LYS D 116 15.45 10.80 14.75
N ALA D 117 14.28 11.00 14.11
CA ALA D 117 12.99 10.84 14.78
C ALA D 117 12.11 9.63 14.32
N VAL D 118 12.55 8.89 13.31
CA VAL D 118 11.78 7.75 12.79
C VAL D 118 12.69 6.78 12.08
N ASP D 119 12.33 5.50 12.15
CA ASP D 119 12.91 4.41 11.36
C ASP D 119 11.82 3.72 10.53
N TRP D 120 11.81 3.94 9.21
CA TRP D 120 10.73 3.46 8.33
C TRP D 120 10.90 2.00 8.00
N MET D 121 9.82 1.23 8.04
CA MET D 121 9.92 -0.18 7.64
C MET D 121 8.93 -0.51 6.50
N GLU D 122 8.46 -1.74 6.40
CA GLU D 122 7.70 -2.18 5.26
C GLU D 122 6.28 -1.59 5.25
N HIS D 123 5.66 -1.52 4.07
CA HIS D 123 4.31 -0.96 3.96
C HIS D 123 3.29 -1.86 4.68
N VAL D 124 2.15 -1.29 5.08
CA VAL D 124 1.10 -2.02 5.73
C VAL D 124 0.20 -2.54 4.60
N THR D 125 0.11 -3.85 4.51
CA THR D 125 -0.62 -4.49 3.38
C THR D 125 -2.13 -4.33 3.54
N ASP D 126 -2.86 -4.44 2.45
CA ASP D 126 -4.33 -4.39 2.55
C ASP D 126 -4.81 -5.40 3.57
N GLU D 127 -4.16 -6.54 3.62
CA GLU D 127 -4.57 -7.61 4.51
C GLU D 127 -4.43 -7.20 5.97
N GLN D 128 -3.31 -6.59 6.32
CA GLN D 128 -3.05 -6.03 7.66
C GLN D 128 -3.88 -4.81 8.03
N TYR D 129 -4.24 -4.00 7.01
CA TYR D 129 -5.11 -2.85 7.21
C TYR D 129 -6.59 -3.37 7.33
N ARG D 130 -6.91 -3.88 8.49
CA ARG D 130 -8.17 -4.58 8.70
C ARG D 130 -8.31 -4.94 10.15
N ARG D 131 -9.44 -4.60 10.75
CA ARG D 131 -9.70 -4.97 12.15
C ARG D 131 -9.90 -6.51 12.29
N MET E 1 27.24 -9.44 51.30
CA MET E 1 25.81 -9.60 51.11
C MET E 1 25.42 -8.47 50.20
N GLU E 2 24.65 -8.76 49.17
CA GLU E 2 24.05 -7.69 48.41
C GLU E 2 22.56 -7.98 48.26
N ILE E 3 21.74 -6.98 48.55
CA ILE E 3 20.31 -7.14 48.46
C ILE E 3 19.81 -6.28 47.31
N LYS E 4 19.08 -6.84 46.37
CA LYS E 4 18.38 -5.99 45.45
C LYS E 4 16.92 -6.04 45.81
N ARG E 5 16.41 -4.91 46.30
CA ARG E 5 15.08 -4.85 46.83
C ARG E 5 14.02 -5.02 45.76
N VAL E 6 12.93 -5.63 46.15
CA VAL E 6 11.85 -5.77 45.21
C VAL E 6 11.55 -4.40 44.61
N GLY E 7 11.38 -4.38 43.29
CA GLY E 7 11.13 -3.15 42.55
C GLY E 7 12.36 -2.46 42.04
N SER E 8 13.53 -2.85 42.47
CA SER E 8 14.73 -2.09 42.12
C SER E 8 15.26 -2.41 40.70
N GLN E 9 14.75 -3.45 40.05
CA GLN E 9 15.22 -3.84 38.73
C GLN E 9 14.12 -3.66 37.71
N ALA E 10 14.37 -2.83 36.69
CA ALA E 10 13.30 -2.48 35.75
C ALA E 10 12.89 -3.66 34.84
N SER E 11 11.60 -3.79 34.59
CA SER E 11 11.08 -4.71 33.59
C SER E 11 11.57 -4.34 32.20
N GLY E 12 11.76 -5.34 31.34
CA GLY E 12 12.07 -5.18 29.90
C GLY E 12 11.04 -5.97 29.07
N LYS E 13 11.12 -5.86 27.76
CA LYS E 13 10.21 -6.61 26.88
C LYS E 13 10.98 -7.66 26.14
N GLY E 14 10.28 -8.72 25.74
CA GLY E 14 10.89 -9.81 25.01
C GLY E 14 11.11 -9.38 23.56
N PRO E 15 12.36 -9.41 23.08
CA PRO E 15 12.62 -8.99 21.69
C PRO E 15 11.83 -9.81 20.68
N ALA E 16 11.39 -9.13 19.62
CA ALA E 16 10.62 -9.72 18.56
C ALA E 16 11.29 -10.92 17.94
N ASP E 17 12.60 -10.89 17.80
CA ASP E 17 13.27 -12.02 17.17
C ASP E 17 13.20 -13.27 18.02
N TRP E 18 13.08 -13.11 19.35
CA TRP E 18 13.16 -14.24 20.28
C TRP E 18 11.85 -14.69 20.90
N PHE E 19 10.76 -13.95 20.70
CA PHE E 19 9.46 -14.33 21.21
C PHE E 19 8.35 -14.07 20.21
N THR E 20 7.32 -14.90 20.28
CA THR E 20 6.07 -14.58 19.63
C THR E 20 5.13 -14.03 20.69
N GLY E 21 4.49 -12.90 20.42
CA GLY E 21 3.51 -12.31 21.36
C GLY E 21 4.15 -11.39 22.38
N THR E 22 3.34 -10.91 23.32
CA THR E 22 3.82 -9.94 24.29
C THR E 22 4.39 -10.63 25.52
N VAL E 23 5.64 -10.33 25.80
CA VAL E 23 6.36 -10.97 26.88
C VAL E 23 7.08 -9.92 27.64
N ARG E 24 7.14 -10.09 28.96
CA ARG E 24 7.91 -9.22 29.82
C ARG E 24 8.94 -10.01 30.59
N ILE E 25 10.13 -9.41 30.73
CA ILE E 25 11.24 -10.02 31.42
C ILE E 25 11.64 -9.13 32.58
N ASP E 26 11.63 -9.75 33.76
CA ASP E 26 12.02 -9.14 35.00
C ASP E 26 13.35 -9.72 35.44
N PRO E 27 14.43 -8.92 35.34
CA PRO E 27 15.73 -9.49 35.64
C PRO E 27 15.78 -9.77 37.10
N LEU E 28 16.62 -10.72 37.47
CA LEU E 28 16.79 -11.08 38.88
C LEU E 28 18.26 -11.08 39.26
N PHE E 29 19.03 -12.00 38.69
CA PHE E 29 20.44 -12.10 39.05
C PHE E 29 21.28 -12.66 37.91
N GLN E 30 22.55 -12.26 37.90
CA GLN E 30 23.58 -12.93 37.12
C GLN E 30 24.76 -13.00 38.04
N ALA E 31 25.17 -14.19 38.42
CA ALA E 31 26.21 -14.30 39.41
C ALA E 31 27.61 -14.01 38.78
N PRO E 32 28.48 -13.26 39.50
CA PRO E 32 29.80 -12.90 38.96
C PRO E 32 30.74 -14.09 38.88
N ASP E 33 31.59 -14.12 37.86
CA ASP E 33 32.66 -15.10 37.77
C ASP E 33 33.33 -15.28 39.17
N PRO E 34 33.70 -16.49 39.63
CA PRO E 34 33.60 -17.77 38.95
C PRO E 34 32.24 -18.48 38.94
N ALA E 35 31.25 -17.96 39.67
CA ALA E 35 29.86 -18.47 39.55
C ALA E 35 29.37 -18.28 38.12
N LEU E 36 28.58 -19.23 37.60
CA LEU E 36 28.09 -19.20 36.21
C LEU E 36 26.59 -18.96 36.03
N VAL E 37 25.86 -19.03 37.12
CA VAL E 37 24.40 -19.08 37.07
C VAL E 37 23.80 -17.67 36.96
N ALA E 38 22.81 -17.54 36.10
CA ALA E 38 21.95 -16.37 36.03
C ALA E 38 20.49 -16.79 36.17
N GLY E 39 19.60 -15.82 36.42
CA GLY E 39 18.18 -16.10 36.36
C GLY E 39 17.34 -14.87 36.17
N HIS E 40 16.13 -15.08 35.65
CA HIS E 40 15.15 -14.02 35.59
C HIS E 40 13.73 -14.54 35.65
N SER E 41 12.76 -13.63 35.75
CA SER E 41 11.36 -14.03 35.68
C SER E 41 10.85 -13.59 34.36
N THR E 42 9.99 -14.39 33.77
CA THR E 42 9.40 -14.10 32.49
C THR E 42 7.88 -14.19 32.59
N THR E 43 7.15 -13.19 32.17
CA THR E 43 5.70 -13.29 32.16
C THR E 43 5.24 -13.28 30.71
N PHE E 44 4.56 -14.34 30.31
CA PHE E 44 4.04 -14.46 28.95
C PHE E 44 2.57 -14.12 28.99
N GLU E 45 2.17 -13.17 28.16
CA GLU E 45 0.76 -12.90 27.94
C GLU E 45 0.15 -14.08 27.19
N PRO E 46 -1.17 -14.27 27.30
CA PRO E 46 -1.88 -15.37 26.69
C PRO E 46 -1.54 -15.49 25.23
N GLY E 47 -1.12 -16.67 24.79
CA GLY E 47 -0.73 -16.85 23.38
C GLY E 47 0.74 -16.68 23.12
N ALA E 48 1.47 -16.04 24.03
CA ALA E 48 2.87 -15.69 23.75
C ALA E 48 3.82 -16.81 24.16
N ARG E 49 4.94 -16.92 23.45
CA ARG E 49 5.94 -17.92 23.78
C ARG E 49 7.29 -17.63 23.24
N THR E 50 8.29 -18.34 23.77
CA THR E 50 9.65 -18.22 23.24
C THR E 50 9.70 -18.77 21.82
N ALA E 51 10.69 -18.31 21.07
CA ALA E 51 11.15 -19.06 19.90
C ALA E 51 11.68 -20.41 20.36
N TRP E 52 11.87 -21.33 19.41
CA TRP E 52 12.58 -22.56 19.71
C TRP E 52 14.00 -22.15 20.07
N HIS E 53 14.67 -22.87 20.99
CA HIS E 53 16.02 -22.49 21.40
C HIS E 53 16.69 -23.58 22.22
N THR E 54 17.98 -23.39 22.53
CA THR E 54 18.69 -24.32 23.39
C THR E 54 19.56 -23.56 24.34
N HIS E 55 19.96 -24.23 25.41
CA HIS E 55 20.87 -23.67 26.36
C HIS E 55 22.01 -24.65 26.53
N PRO E 56 23.22 -24.11 26.63
CA PRO E 56 24.40 -24.96 26.58
C PRO E 56 24.62 -25.76 27.87
N LEU E 57 24.07 -25.34 29.00
CA LEU E 57 24.16 -26.15 30.23
C LEU E 57 22.78 -26.38 30.84
N GLY E 58 21.78 -26.45 29.96
CA GLY E 58 20.43 -26.79 30.34
C GLY E 58 19.76 -25.60 31.01
N GLN E 59 18.53 -25.80 31.42
CA GLN E 59 17.79 -24.75 32.08
C GLN E 59 16.72 -25.36 33.00
N THR E 60 16.48 -24.69 34.13
CA THR E 60 15.44 -25.11 35.03
C THR E 60 14.38 -24.06 35.06
N LEU E 61 13.13 -24.49 34.93
CA LEU E 61 11.99 -23.60 35.11
C LEU E 61 11.26 -23.91 36.44
N ILE E 62 10.88 -22.87 37.18
CA ILE E 62 9.97 -22.98 38.31
C ILE E 62 8.82 -22.02 38.03
N VAL E 63 7.65 -22.59 37.78
CA VAL E 63 6.48 -21.81 37.42
C VAL E 63 5.99 -21.14 38.70
N THR E 64 5.73 -19.87 38.61
CA THR E 64 5.31 -19.13 39.77
C THR E 64 3.89 -18.66 39.66
N ALA E 65 3.32 -18.53 38.46
CA ALA E 65 1.94 -18.09 38.36
C ALA E 65 1.34 -18.47 37.06
N GLY E 66 0.02 -18.61 37.06
CA GLY E 66 -0.72 -18.83 35.84
C GLY E 66 -0.59 -20.26 35.32
N CYS E 67 -0.67 -20.40 33.99
CA CYS E 67 -0.72 -21.71 33.37
C CYS E 67 -0.14 -21.62 31.98
N GLY E 68 0.89 -22.41 31.74
CA GLY E 68 1.63 -22.35 30.50
C GLY E 68 1.80 -23.68 29.78
N TRP E 69 2.55 -23.60 28.68
CA TRP E 69 2.78 -24.73 27.79
C TRP E 69 4.26 -24.85 27.53
N ALA E 70 4.71 -26.08 27.31
CA ALA E 70 6.12 -26.26 26.96
C ALA E 70 6.34 -27.54 26.22
N GLN E 71 7.42 -27.57 25.43
CA GLN E 71 7.70 -28.69 24.59
C GLN E 71 9.16 -28.74 24.24
N ARG E 72 9.67 -29.98 24.18
CA ARG E 72 10.95 -30.24 23.51
C ARG E 72 10.76 -30.86 22.11
N GLU E 73 11.76 -30.68 21.25
CA GLU E 73 11.67 -31.20 19.89
C GLU E 73 11.40 -32.69 19.98
N GLY E 74 10.36 -33.12 19.28
CA GLY E 74 9.91 -34.50 19.34
C GLY E 74 8.91 -34.86 20.43
N GLY E 75 8.68 -34.00 21.42
CA GLY E 75 7.87 -34.41 22.58
C GLY E 75 6.46 -33.94 22.39
N ALA E 76 5.58 -34.22 23.35
CA ALA E 76 4.25 -33.61 23.39
C ALA E 76 4.30 -32.18 24.03
N VAL E 77 3.34 -31.34 23.66
CA VAL E 77 3.19 -30.07 24.29
C VAL E 77 2.58 -30.29 25.68
N GLU E 78 3.34 -30.00 26.70
CA GLU E 78 2.89 -30.25 28.09
C GLU E 78 2.32 -28.96 28.71
N GLU E 79 1.37 -29.12 29.63
CA GLU E 79 0.80 -28.03 30.35
C GLU E 79 1.55 -27.92 31.68
N ILE E 80 1.90 -26.69 32.08
CA ILE E 80 2.70 -26.50 33.31
C ILE E 80 2.08 -25.50 34.27
N HIS E 81 2.19 -25.79 35.56
CA HIS E 81 1.44 -25.07 36.58
C HIS E 81 2.35 -24.57 37.69
N PRO E 82 1.89 -23.55 38.46
CA PRO E 82 2.67 -23.00 39.53
C PRO E 82 3.08 -24.09 40.51
N GLY E 83 4.37 -24.14 40.85
CA GLY E 83 4.96 -25.21 41.68
C GLY E 83 5.65 -26.31 40.87
N ASP E 84 5.36 -26.45 39.58
CA ASP E 84 6.01 -27.46 38.73
C ASP E 84 7.44 -27.02 38.50
N VAL E 85 8.38 -27.97 38.45
CA VAL E 85 9.76 -27.68 38.11
C VAL E 85 10.09 -28.41 36.79
N VAL E 86 10.63 -27.68 35.82
CA VAL E 86 10.91 -28.23 34.54
C VAL E 86 12.42 -28.14 34.29
N TRP E 87 12.96 -29.20 33.72
CA TRP E 87 14.36 -29.27 33.39
C TRP E 87 14.51 -29.54 31.92
N PHE E 88 15.28 -28.69 31.25
CA PHE E 88 15.66 -28.92 29.87
C PHE E 88 17.15 -29.22 29.79
N SER E 89 17.51 -30.29 29.11
CA SER E 89 18.90 -30.76 29.09
C SER E 89 19.80 -29.87 28.28
N PRO E 90 21.11 -29.92 28.54
CA PRO E 90 22.01 -29.14 27.72
C PRO E 90 21.81 -29.41 26.22
N GLY E 91 21.78 -28.36 25.42
CA GLY E 91 21.53 -28.47 23.98
C GLY E 91 20.18 -29.02 23.55
N GLU E 92 19.22 -29.20 24.46
CA GLU E 92 17.91 -29.74 24.08
C GLU E 92 17.04 -28.66 23.51
N LYS E 93 16.45 -28.92 22.35
CA LYS E 93 15.71 -27.89 21.63
C LYS E 93 14.30 -27.87 22.13
N HIS E 94 13.79 -26.68 22.43
CA HIS E 94 12.54 -26.56 23.17
C HIS E 94 11.97 -25.17 23.11
N TRP E 95 10.72 -25.07 23.55
CA TRP E 95 10.12 -23.77 23.76
C TRP E 95 9.20 -23.83 24.97
N HIS E 96 8.75 -22.66 25.40
CA HIS E 96 7.82 -22.58 26.51
C HIS E 96 7.18 -21.26 26.44
N GLY E 97 5.95 -21.20 26.93
CA GLY E 97 5.27 -19.96 27.01
C GLY E 97 3.92 -20.10 27.67
N ALA E 98 3.06 -19.13 27.43
CA ALA E 98 1.74 -19.10 27.97
C ALA E 98 0.83 -20.07 27.25
N ALA E 99 -0.30 -20.37 27.85
CA ALA E 99 -1.37 -21.08 27.16
C ALA E 99 -2.16 -20.08 26.33
N PRO E 100 -3.04 -20.61 25.47
CA PRO E 100 -3.73 -19.64 24.62
C PRO E 100 -4.57 -18.62 25.39
N THR E 101 -5.21 -19.02 26.49
CA THR E 101 -6.11 -18.12 27.20
C THR E 101 -5.66 -17.61 28.57
N THR E 102 -4.50 -18.06 29.05
CA THR E 102 -3.97 -17.67 30.35
C THR E 102 -2.53 -17.23 30.26
N ALA E 103 -2.16 -16.23 31.06
CA ALA E 103 -0.78 -15.81 31.16
C ALA E 103 -0.06 -16.83 31.96
N MET E 104 1.26 -16.74 31.94
CA MET E 104 2.09 -17.59 32.77
C MET E 104 3.34 -16.85 33.11
N THR E 105 3.85 -17.09 34.33
CA THR E 105 5.07 -16.50 34.80
C THR E 105 5.94 -17.63 35.30
N HIS E 106 7.24 -17.58 34.99
CA HIS E 106 8.16 -18.54 35.62
C HIS E 106 9.48 -17.93 35.94
N LEU E 107 10.16 -18.52 36.91
CA LEU E 107 11.54 -18.25 37.17
C LEU E 107 12.39 -19.13 36.23
N ALA E 108 13.32 -18.54 35.48
CA ALA E 108 14.26 -19.32 34.63
C ALA E 108 15.67 -19.24 35.20
N ILE E 109 16.28 -20.39 35.41
CA ILE E 109 17.60 -20.48 35.95
C ILE E 109 18.51 -21.28 34.99
N HIS E 110 19.68 -20.75 34.66
CA HIS E 110 20.56 -21.36 33.68
C HIS E 110 21.98 -20.86 33.89
N GLU E 111 22.95 -21.69 33.53
CA GLU E 111 24.37 -21.31 33.63
C GLU E 111 24.93 -20.90 32.28
N ARG E 112 25.93 -20.03 32.32
CA ARG E 112 26.54 -19.60 31.08
C ARG E 112 27.76 -20.48 30.76
N LEU E 113 28.02 -20.60 29.46
CA LEU E 113 29.15 -21.35 28.87
C LEU E 113 29.69 -20.53 27.70
N ASP E 114 30.95 -20.11 27.81
CA ASP E 114 31.61 -19.31 26.79
C ASP E 114 30.88 -18.00 26.52
N GLY E 115 30.62 -17.28 27.61
CA GLY E 115 29.95 -15.98 27.56
C GLY E 115 28.50 -15.97 27.10
N LYS E 116 27.81 -17.10 27.23
CA LYS E 116 26.39 -17.12 26.89
C LYS E 116 25.64 -18.30 27.48
N ALA E 117 24.32 -18.12 27.50
CA ALA E 117 23.40 -19.06 28.15
C ALA E 117 22.22 -19.42 27.29
N VAL E 118 22.22 -19.02 26.02
CA VAL E 118 21.13 -19.40 25.13
C VAL E 118 21.58 -19.42 23.68
N ASP E 119 21.00 -20.34 22.90
CA ASP E 119 21.12 -20.31 21.45
C ASP E 119 19.74 -20.29 20.79
N TRP E 120 19.40 -19.13 20.26
CA TRP E 120 18.07 -18.85 19.71
C TRP E 120 17.87 -19.44 18.31
N MET E 121 16.68 -20.00 18.03
CA MET E 121 16.42 -20.59 16.72
C MET E 121 15.12 -20.07 16.20
N GLU E 122 14.37 -20.86 15.44
CA GLU E 122 13.21 -20.31 14.76
C GLU E 122 12.02 -20.17 15.68
N HIS E 123 11.07 -19.32 15.27
CA HIS E 123 9.86 -19.14 16.01
C HIS E 123 9.03 -20.37 16.01
N VAL E 124 8.28 -20.56 17.10
CA VAL E 124 7.23 -21.57 17.19
C VAL E 124 6.07 -21.07 16.34
N THR E 125 5.62 -21.90 15.38
CA THR E 125 4.56 -21.51 14.46
C THR E 125 3.23 -21.80 15.12
N ASP E 126 2.18 -21.18 14.59
CA ASP E 126 0.80 -21.39 15.06
C ASP E 126 0.38 -22.84 15.00
N GLU E 127 0.90 -23.55 14.01
CA GLU E 127 0.63 -24.97 13.83
C GLU E 127 1.26 -25.75 14.95
N GLN E 128 2.46 -25.38 15.32
CA GLN E 128 3.15 -26.05 16.41
C GLN E 128 2.56 -25.71 17.77
N TYR E 129 2.02 -24.50 17.91
CA TYR E 129 1.50 -24.00 19.20
C TYR E 129 0.09 -24.51 19.37
N ARG E 130 -0.03 -25.79 19.69
CA ARG E 130 -1.33 -26.40 19.94
C ARG E 130 -1.14 -27.66 20.77
N ARG E 131 -2.24 -28.18 21.23
CA ARG E 131 -2.20 -29.24 22.19
C ARG E 131 -3.56 -29.87 22.31
N MET F 1 13.40 -33.24 28.49
CA MET F 1 12.43 -32.40 29.25
C MET F 1 11.84 -33.21 30.38
N GLU F 2 12.16 -32.83 31.60
CA GLU F 2 11.58 -33.49 32.75
C GLU F 2 10.75 -32.42 33.50
N ILE F 3 9.57 -32.82 33.98
CA ILE F 3 8.69 -31.98 34.80
C ILE F 3 8.48 -32.72 36.11
N LYS F 4 8.84 -32.07 37.23
CA LYS F 4 8.45 -32.56 38.55
C LYS F 4 7.26 -31.74 39.03
N ARG F 5 6.13 -32.44 39.13
CA ARG F 5 4.85 -31.83 39.36
C ARG F 5 4.72 -31.30 40.79
N VAL F 6 3.93 -30.25 40.96
CA VAL F 6 3.73 -29.74 42.30
C VAL F 6 3.20 -30.89 43.17
N GLY F 7 3.69 -31.01 44.41
CA GLY F 7 3.32 -32.13 45.29
C GLY F 7 4.15 -33.42 45.19
N SER F 8 5.03 -33.57 44.19
CA SER F 8 5.78 -34.85 44.01
C SER F 8 7.10 -34.86 44.79
N GLN F 9 7.49 -33.70 45.33
CA GLN F 9 8.72 -33.63 46.10
C GLN F 9 8.40 -33.45 47.56
N ALA F 10 8.71 -34.44 48.40
CA ALA F 10 8.26 -34.43 49.79
C ALA F 10 8.99 -33.37 50.58
N SER F 11 8.29 -32.73 51.51
CA SER F 11 8.95 -31.77 52.40
C SER F 11 9.86 -32.53 53.35
N GLY F 12 10.95 -31.93 53.80
CA GLY F 12 11.79 -32.51 54.87
C GLY F 12 12.05 -31.42 55.93
N LYS F 13 12.81 -31.76 56.96
CA LYS F 13 13.13 -30.84 58.04
C LYS F 13 14.59 -30.47 58.05
N GLY F 14 14.87 -29.27 58.54
CA GLY F 14 16.22 -28.78 58.65
C GLY F 14 16.89 -29.50 59.79
N PRO F 15 18.08 -30.08 59.56
CA PRO F 15 18.73 -30.76 60.68
C PRO F 15 19.20 -29.79 61.78
N ALA F 16 19.18 -30.27 63.01
CA ALA F 16 19.48 -29.46 64.15
C ALA F 16 20.90 -28.93 64.09
N ASP F 17 21.79 -29.65 63.44
CA ASP F 17 23.17 -29.17 63.36
C ASP F 17 23.27 -27.98 62.47
N TRP F 18 22.40 -27.87 61.48
CA TRP F 18 22.52 -26.77 60.54
C TRP F 18 21.53 -25.61 60.73
N PHE F 19 20.54 -25.77 61.61
CA PHE F 19 19.60 -24.70 61.84
C PHE F 19 19.25 -24.59 63.30
N THR F 20 18.79 -23.41 63.72
CA THR F 20 18.21 -23.22 65.05
C THR F 20 16.71 -23.04 64.83
N GLY F 21 15.90 -23.68 65.65
CA GLY F 21 14.45 -23.58 65.53
C GLY F 21 13.90 -24.51 64.47
N THR F 22 12.65 -24.33 64.10
CA THR F 22 11.93 -25.24 63.26
C THR F 22 11.96 -24.78 61.81
N VAL F 23 12.52 -25.63 60.95
CA VAL F 23 12.76 -25.33 59.55
C VAL F 23 12.26 -26.49 58.68
N ARG F 24 11.58 -26.14 57.58
CA ARG F 24 11.17 -27.09 56.57
C ARG F 24 11.92 -26.80 55.28
N ILE F 25 12.41 -27.87 54.67
CA ILE F 25 13.05 -27.87 53.36
C ILE F 25 12.20 -28.53 52.33
N ASP F 26 11.96 -27.82 51.24
CA ASP F 26 11.16 -28.33 50.16
C ASP F 26 12.05 -28.40 48.91
N PRO F 27 12.44 -29.62 48.49
CA PRO F 27 13.42 -29.70 47.41
C PRO F 27 12.83 -29.18 46.11
N LEU F 28 13.68 -28.64 45.23
CA LEU F 28 13.21 -28.25 43.91
C LEU F 28 14.02 -28.86 42.73
N PHE F 29 15.32 -28.65 42.70
CA PHE F 29 16.12 -29.19 41.63
C PHE F 29 17.57 -29.32 41.99
N GLN F 30 18.19 -30.28 41.32
CA GLN F 30 19.62 -30.47 41.34
C GLN F 30 19.99 -30.89 39.92
N ALA F 31 20.54 -29.98 39.14
CA ALA F 31 20.78 -30.28 37.74
C ALA F 31 21.93 -31.25 37.60
N PRO F 32 21.81 -32.18 36.65
CA PRO F 32 22.86 -33.17 36.42
C PRO F 32 24.13 -32.61 35.77
N ASP F 33 25.25 -33.30 36.00
CA ASP F 33 26.49 -33.09 35.22
C ASP F 33 26.14 -32.97 33.73
N PRO F 34 26.76 -32.04 32.99
CA PRO F 34 27.81 -31.11 33.46
C PRO F 34 27.34 -29.80 34.15
N ALA F 35 26.06 -29.65 34.47
CA ALA F 35 25.58 -28.45 35.15
C ALA F 35 25.82 -28.61 36.64
N LEU F 36 26.10 -27.48 37.29
CA LEU F 36 26.54 -27.48 38.66
C LEU F 36 25.50 -26.92 39.62
N VAL F 37 24.35 -26.52 39.09
CA VAL F 37 23.44 -25.68 39.86
C VAL F 37 22.35 -26.51 40.58
N ALA F 38 22.00 -26.07 41.78
CA ALA F 38 20.95 -26.68 42.59
C ALA F 38 20.08 -25.61 43.25
N GLY F 39 18.90 -26.03 43.67
CA GLY F 39 18.03 -25.18 44.42
C GLY F 39 16.94 -25.88 45.18
N HIS F 40 16.48 -25.20 46.23
CA HIS F 40 15.40 -25.63 47.07
C HIS F 40 14.73 -24.45 47.78
N SER F 41 13.57 -24.71 48.37
CA SER F 41 12.83 -23.70 49.09
C SER F 41 12.93 -23.98 50.58
N THR F 42 13.13 -22.94 51.37
CA THR F 42 13.23 -23.11 52.81
C THR F 42 12.21 -22.20 53.50
N THR F 43 11.49 -22.77 54.45
CA THR F 43 10.51 -22.05 55.22
C THR F 43 10.99 -22.07 56.67
N PHE F 44 11.28 -20.88 57.20
CA PHE F 44 11.71 -20.73 58.57
C PHE F 44 10.50 -20.27 59.41
N GLU F 45 10.22 -20.97 60.49
CA GLU F 45 9.25 -20.55 61.47
C GLU F 45 9.85 -19.38 62.26
N PRO F 46 9.00 -18.55 62.89
CA PRO F 46 9.48 -17.37 63.59
C PRO F 46 10.63 -17.74 64.48
N GLY F 47 11.68 -16.96 64.46
CA GLY F 47 12.83 -17.29 65.30
C GLY F 47 13.82 -18.26 64.70
N ALA F 48 13.43 -19.00 63.68
CA ALA F 48 14.37 -19.98 63.06
C ALA F 48 15.38 -19.35 62.13
N ARG F 49 16.59 -19.88 62.16
CA ARG F 49 17.63 -19.44 61.22
C ARG F 49 18.73 -20.50 60.97
N THR F 50 19.42 -20.36 59.83
CA THR F 50 20.58 -21.19 59.55
C THR F 50 21.69 -20.93 60.58
N ALA F 51 22.56 -21.91 60.74
CA ALA F 51 23.85 -21.68 61.35
C ALA F 51 24.58 -20.76 60.42
N TRP F 52 25.71 -20.27 60.91
CA TRP F 52 26.61 -19.50 60.05
C TRP F 52 27.16 -20.49 59.06
N HIS F 53 27.47 -20.07 57.84
CA HIS F 53 27.99 -20.99 56.84
C HIS F 53 28.53 -20.22 55.64
N THR F 54 29.21 -20.94 54.75
CA THR F 54 29.69 -20.39 53.49
C THR F 54 29.26 -21.28 52.33
N HIS F 55 29.32 -20.71 51.13
CA HIS F 55 29.07 -21.45 49.91
C HIS F 55 30.27 -21.22 49.04
N PRO F 56 30.83 -22.29 48.46
CA PRO F 56 32.06 -22.14 47.69
C PRO F 56 31.90 -21.36 46.38
N LEU F 57 30.72 -21.34 45.79
CA LEU F 57 30.48 -20.54 44.62
C LEU F 57 29.35 -19.53 44.87
N GLY F 58 29.12 -19.20 46.14
CA GLY F 58 28.08 -18.26 46.47
C GLY F 58 26.68 -18.83 46.40
N GLN F 59 25.72 -17.98 46.76
CA GLN F 59 24.32 -18.36 46.84
C GLN F 59 23.42 -17.17 46.53
N THR F 60 22.35 -17.45 45.81
CA THR F 60 21.39 -16.44 45.51
C THR F 60 20.09 -16.80 46.18
N LEU F 61 19.55 -15.86 46.93
CA LEU F 61 18.23 -16.06 47.59
C LEU F 61 17.21 -15.22 46.89
N ILE F 62 16.02 -15.80 46.73
CA ILE F 62 14.86 -15.04 46.26
C ILE F 62 13.77 -15.34 47.27
N VAL F 63 13.36 -14.30 47.99
CA VAL F 63 12.36 -14.44 49.04
C VAL F 63 11.02 -14.51 48.35
N THR F 64 10.21 -15.44 48.78
CA THR F 64 8.95 -15.66 48.16
C THR F 64 7.82 -15.49 49.13
N ALA F 65 8.07 -15.56 50.43
CA ALA F 65 6.99 -15.30 51.37
C ALA F 65 7.43 -14.83 52.74
N GLY F 66 6.59 -14.02 53.38
CA GLY F 66 6.77 -13.59 54.78
C GLY F 66 7.85 -12.55 54.92
N CYS F 67 8.65 -12.65 55.98
CA CYS F 67 9.58 -11.57 56.32
C CYS F 67 10.65 -12.11 57.21
N GLY F 68 11.88 -12.01 56.74
CA GLY F 68 12.99 -12.60 57.42
C GLY F 68 14.13 -11.67 57.59
N TRP F 69 15.21 -12.23 58.15
CA TRP F 69 16.45 -11.52 58.48
C TRP F 69 17.68 -12.21 57.84
N ALA F 70 18.73 -11.46 57.53
CA ALA F 70 19.97 -12.03 57.01
C ALA F 70 21.15 -11.18 57.48
N GLN F 71 22.35 -11.76 57.52
CA GLN F 71 23.54 -11.03 57.95
C GLN F 71 24.80 -11.72 57.45
N ARG F 72 25.81 -10.94 57.15
CA ARG F 72 27.11 -11.50 56.86
C ARG F 72 28.04 -11.12 58.02
N GLU F 73 29.08 -11.93 58.23
CA GLU F 73 30.07 -11.67 59.29
C GLU F 73 30.54 -10.22 59.24
N GLY F 74 30.42 -9.54 60.36
CA GLY F 74 30.82 -8.16 60.49
C GLY F 74 29.79 -7.15 60.01
N GLY F 75 28.68 -7.61 59.43
CA GLY F 75 27.69 -6.69 58.87
C GLY F 75 26.54 -6.50 59.85
N ALA F 76 25.55 -5.70 59.46
CA ALA F 76 24.36 -5.55 60.26
C ALA F 76 23.32 -6.58 59.81
N VAL F 77 22.39 -6.87 60.69
CA VAL F 77 21.21 -7.65 60.30
C VAL F 77 20.33 -6.79 59.39
N GLU F 78 19.88 -7.35 58.26
CA GLU F 78 18.89 -6.71 57.40
C GLU F 78 17.70 -7.60 57.14
N GLU F 79 16.58 -6.92 56.94
CA GLU F 79 15.32 -7.49 56.57
C GLU F 79 15.31 -7.83 55.13
N ILE F 80 14.75 -9.01 54.84
CA ILE F 80 14.50 -9.42 53.47
C ILE F 80 13.03 -9.76 53.31
N HIS F 81 12.44 -9.23 52.24
CA HIS F 81 10.99 -9.26 52.04
C HIS F 81 10.74 -9.97 50.74
N PRO F 82 9.50 -10.40 50.50
CA PRO F 82 9.16 -11.07 49.23
C PRO F 82 9.52 -10.25 48.01
N GLY F 83 10.33 -10.85 47.12
CA GLY F 83 10.70 -10.21 45.85
C GLY F 83 12.12 -9.68 45.91
N ASP F 84 12.67 -9.59 47.12
CA ASP F 84 14.07 -9.25 47.28
C ASP F 84 14.97 -10.39 46.75
N VAL F 85 16.05 -9.97 46.10
CA VAL F 85 17.10 -10.85 45.63
C VAL F 85 18.35 -10.58 46.45
N VAL F 86 18.91 -11.63 47.03
CA VAL F 86 20.08 -11.53 47.90
C VAL F 86 21.23 -12.34 47.34
N TRP F 87 22.45 -11.78 47.32
CA TRP F 87 23.63 -12.49 46.82
C TRP F 87 24.68 -12.58 47.90
N PHE F 88 25.09 -13.80 48.22
CA PHE F 88 26.24 -14.02 49.10
C PHE F 88 27.44 -14.48 48.26
N SER F 89 28.56 -13.79 48.40
CA SER F 89 29.79 -14.10 47.65
C SER F 89 30.38 -15.45 48.01
N PRO F 90 31.22 -16.03 47.11
CA PRO F 90 31.90 -17.29 47.47
C PRO F 90 32.70 -17.08 48.73
N GLY F 91 32.67 -18.00 49.68
CA GLY F 91 33.50 -17.82 50.86
C GLY F 91 32.90 -16.92 51.91
N GLU F 92 31.86 -16.17 51.58
CA GLU F 92 31.28 -15.21 52.54
C GLU F 92 30.52 -15.92 53.65
N LYS F 93 30.93 -15.67 54.90
CA LYS F 93 30.28 -16.26 56.06
C LYS F 93 29.03 -15.47 56.42
N HIS F 94 27.90 -16.17 56.54
CA HIS F 94 26.62 -15.53 56.69
C HIS F 94 25.56 -16.47 57.26
N TRP F 95 24.39 -15.91 57.54
CA TRP F 95 23.22 -16.66 57.96
C TRP F 95 21.98 -15.92 57.49
N HIS F 96 20.87 -16.64 57.44
CA HIS F 96 19.60 -16.06 57.15
C HIS F 96 18.53 -16.90 57.78
N GLY F 97 17.38 -16.29 58.02
CA GLY F 97 16.25 -17.02 58.55
C GLY F 97 15.01 -16.15 58.70
N ALA F 98 14.07 -16.61 59.53
CA ALA F 98 12.90 -15.85 59.85
C ALA F 98 13.28 -14.71 60.75
N ALA F 99 12.43 -13.68 60.78
CA ALA F 99 12.41 -12.68 61.83
C ALA F 99 11.86 -13.33 63.11
N PRO F 100 11.92 -12.63 64.24
CA PRO F 100 11.53 -13.30 65.49
C PRO F 100 10.06 -13.67 65.57
N THR F 101 9.17 -12.93 64.90
CA THR F 101 7.74 -13.18 65.03
C THR F 101 7.04 -13.42 63.74
N THR F 102 7.74 -13.44 62.63
CA THR F 102 7.11 -13.83 61.38
C THR F 102 7.93 -14.91 60.73
N ALA F 103 7.22 -15.83 60.06
CA ALA F 103 7.84 -16.86 59.24
C ALA F 103 8.39 -16.23 58.02
N MET F 104 9.33 -16.91 57.36
CA MET F 104 9.80 -16.49 56.03
C MET F 104 10.13 -17.71 55.17
N THR F 105 9.88 -17.58 53.87
CA THR F 105 10.23 -18.60 52.90
C THR F 105 11.03 -17.99 51.77
N HIS F 106 12.09 -18.66 51.37
CA HIS F 106 12.82 -18.25 50.22
C HIS F 106 13.29 -19.40 49.36
N LEU F 107 13.56 -19.05 48.14
CA LEU F 107 14.23 -19.87 47.16
C LEU F 107 15.74 -19.60 47.24
N ALA F 108 16.54 -20.67 47.26
CA ALA F 108 17.99 -20.60 47.32
C ALA F 108 18.60 -21.39 46.16
N ILE F 109 19.56 -20.74 45.49
CA ILE F 109 20.16 -21.25 44.28
C ILE F 109 21.64 -21.14 44.47
N HIS F 110 22.38 -22.21 44.18
CA HIS F 110 23.80 -22.27 44.49
C HIS F 110 24.43 -23.32 43.61
N GLU F 111 25.67 -23.05 43.22
CA GLU F 111 26.42 -24.00 42.41
C GLU F 111 27.29 -24.86 43.29
N ARG F 112 27.50 -26.09 42.85
CA ARG F 112 28.24 -27.11 43.57
C ARG F 112 29.67 -27.04 43.05
N LEU F 113 30.61 -27.20 43.96
CA LEU F 113 32.04 -27.22 43.62
C LEU F 113 32.57 -28.51 44.21
N ASP F 114 32.91 -29.47 43.35
CA ASP F 114 33.37 -30.79 43.77
C ASP F 114 32.30 -31.47 44.62
N GLY F 115 31.06 -31.39 44.17
CA GLY F 115 29.92 -31.97 44.89
C GLY F 115 29.35 -31.11 46.02
N LYS F 116 30.22 -30.36 46.71
CA LYS F 116 29.84 -29.53 47.86
C LYS F 116 29.21 -28.17 47.46
N ALA F 117 27.99 -27.93 47.96
CA ALA F 117 27.30 -26.62 47.84
C ALA F 117 27.35 -25.71 49.11
N VAL F 118 27.92 -26.20 50.21
CA VAL F 118 27.88 -25.48 51.48
C VAL F 118 28.89 -26.01 52.49
N ASP F 119 29.49 -25.11 53.28
CA ASP F 119 30.25 -25.50 54.46
C ASP F 119 29.61 -24.93 55.76
N TRP F 120 29.08 -25.84 56.56
CA TRP F 120 28.37 -25.48 57.78
C TRP F 120 29.31 -25.16 58.92
N MET F 121 28.98 -24.11 59.66
CA MET F 121 29.77 -23.63 60.79
C MET F 121 28.87 -23.56 62.03
N GLU F 122 29.22 -22.75 63.00
CA GLU F 122 28.59 -22.75 64.31
C GLU F 122 27.22 -22.05 64.29
N HIS F 123 26.41 -22.33 65.30
CA HIS F 123 25.10 -21.70 65.35
C HIS F 123 25.17 -20.20 65.52
N VAL F 124 24.07 -19.55 65.13
CA VAL F 124 23.83 -18.15 65.35
C VAL F 124 23.24 -18.01 66.76
N THR F 125 23.99 -17.35 67.66
CA THR F 125 23.53 -17.13 69.02
C THR F 125 22.38 -16.13 69.09
N ASP F 126 21.58 -16.22 70.14
CA ASP F 126 20.50 -15.26 70.39
C ASP F 126 21.02 -13.83 70.42
N GLU F 127 22.19 -13.62 71.00
CA GLU F 127 22.83 -12.32 70.93
C GLU F 127 23.07 -11.81 69.51
N GLN F 128 23.48 -12.68 68.60
CA GLN F 128 23.78 -12.32 67.20
C GLN F 128 22.49 -12.14 66.40
N TYR F 129 21.42 -12.82 66.83
CA TYR F 129 20.09 -12.73 66.21
C TYR F 129 19.35 -11.54 66.84
N ARG F 130 19.80 -10.38 66.44
CA ARG F 130 19.49 -9.14 67.15
C ARG F 130 19.80 -8.05 66.13
N ARG F 131 18.77 -7.29 65.80
CA ARG F 131 18.84 -6.36 64.69
C ARG F 131 19.61 -5.11 65.07
N MET G 1 -18.55 -28.16 47.49
CA MET G 1 -17.15 -27.81 47.21
C MET G 1 -16.97 -27.70 45.70
N GLU G 2 -16.59 -26.52 45.22
CA GLU G 2 -16.19 -26.33 43.83
C GLU G 2 -14.72 -25.94 43.75
N ILE G 3 -13.95 -26.64 42.95
CA ILE G 3 -12.59 -26.30 42.67
C ILE G 3 -12.49 -25.80 41.25
N LYS G 4 -12.09 -24.56 41.06
CA LYS G 4 -11.73 -24.07 39.76
C LYS G 4 -10.20 -24.11 39.71
N ARG G 5 -9.71 -25.05 38.92
CA ARG G 5 -8.29 -25.33 38.82
C ARG G 5 -7.54 -24.17 38.24
N VAL G 6 -6.30 -24.02 38.68
CA VAL G 6 -5.42 -23.00 38.11
C VAL G 6 -5.44 -23.15 36.58
N GLY G 7 -5.57 -22.06 35.86
CA GLY G 7 -5.63 -22.12 34.39
C GLY G 7 -6.99 -22.22 33.73
N SER G 8 -8.03 -22.48 34.50
CA SER G 8 -9.36 -22.76 33.95
C SER G 8 -10.20 -21.51 33.72
N GLN G 9 -9.68 -20.35 34.12
CA GLN G 9 -10.40 -19.10 33.99
C GLN G 9 -9.58 -18.26 33.06
N ALA G 10 -10.21 -17.83 31.99
CA ALA G 10 -9.51 -17.10 30.97
C ALA G 10 -9.14 -15.68 31.42
N SER G 11 -7.91 -15.27 31.11
CA SER G 11 -7.46 -13.88 31.33
C SER G 11 -8.27 -12.97 30.43
N GLY G 12 -8.49 -11.73 30.88
CA GLY G 12 -9.06 -10.66 30.05
C GLY G 12 -8.24 -9.39 30.16
N LYS G 13 -8.52 -8.42 29.31
CA LYS G 13 -7.80 -7.17 29.37
C LYS G 13 -8.63 -6.15 30.10
N GLY G 14 -7.98 -5.12 30.64
CA GLY G 14 -8.70 -4.13 31.46
C GLY G 14 -9.36 -3.13 30.53
N PRO G 15 -10.66 -2.90 30.69
CA PRO G 15 -11.29 -1.93 29.80
C PRO G 15 -10.64 -0.55 29.88
N ALA G 16 -10.56 0.13 28.75
CA ALA G 16 -9.96 1.44 28.67
C ALA G 16 -10.67 2.50 29.55
N ASP G 17 -11.97 2.36 29.77
CA ASP G 17 -12.65 3.25 30.72
C ASP G 17 -12.19 3.15 32.18
N TRP G 18 -11.55 2.04 32.57
CA TRP G 18 -11.17 1.84 33.97
C TRP G 18 -9.66 1.88 34.21
N PHE G 19 -8.87 1.88 33.14
CA PHE G 19 -7.42 1.86 33.28
C PHE G 19 -6.77 2.77 32.27
N THR G 20 -5.60 3.25 32.63
CA THR G 20 -4.65 3.83 31.71
C THR G 20 -3.63 2.74 31.52
N GLY G 21 -3.24 2.49 30.27
CA GLY G 21 -2.20 1.51 29.98
C GLY G 21 -2.69 0.10 29.87
N THR G 22 -1.75 -0.83 29.79
CA THR G 22 -2.08 -2.22 29.60
C THR G 22 -2.16 -2.95 30.91
N VAL G 23 -3.31 -3.55 31.13
CA VAL G 23 -3.58 -4.24 32.34
C VAL G 23 -4.24 -5.54 31.98
N ARG G 24 -3.94 -6.58 32.72
CA ARG G 24 -4.65 -7.85 32.58
C ARG G 24 -5.40 -8.19 33.84
N ILE G 25 -6.60 -8.69 33.68
CA ILE G 25 -7.41 -9.15 34.78
C ILE G 25 -7.60 -10.66 34.68
N ASP G 26 -7.31 -11.36 35.77
CA ASP G 26 -7.52 -12.79 35.86
C ASP G 26 -8.61 -13.02 36.86
N PRO G 27 -9.78 -13.53 36.44
CA PRO G 27 -10.89 -13.73 37.40
C PRO G 27 -10.53 -14.75 38.46
N LEU G 28 -11.09 -14.62 39.64
CA LEU G 28 -10.88 -15.65 40.65
C LEU G 28 -12.21 -16.10 41.24
N PHE G 29 -13.03 -15.21 41.78
CA PHE G 29 -14.28 -15.67 42.33
C PHE G 29 -15.29 -14.58 42.45
N GLN G 30 -16.55 -15.00 42.44
CA GLN G 30 -17.67 -14.15 42.80
C GLN G 30 -18.67 -15.04 43.49
N ALA G 31 -18.74 -14.92 44.80
CA ALA G 31 -19.52 -15.86 45.59
C ALA G 31 -21.03 -15.62 45.37
N PRO G 32 -21.81 -16.72 45.30
CA PRO G 32 -23.28 -16.63 45.16
C PRO G 32 -24.02 -15.95 46.33
N ASP G 33 -25.20 -15.39 46.05
CA ASP G 33 -26.14 -15.01 47.11
C ASP G 33 -26.21 -16.16 48.12
N PRO G 34 -26.22 -15.89 49.41
CA PRO G 34 -26.27 -14.56 50.01
C PRO G 34 -24.88 -13.91 50.28
N ALA G 35 -23.78 -14.57 49.93
CA ALA G 35 -22.48 -13.91 50.03
C ALA G 35 -22.41 -12.76 49.02
N LEU G 36 -21.70 -11.70 49.41
CA LEU G 36 -21.51 -10.50 48.62
C LEU G 36 -20.08 -10.32 48.10
N VAL G 37 -19.17 -11.19 48.50
CA VAL G 37 -17.75 -10.98 48.24
C VAL G 37 -17.33 -11.44 46.82
N ALA G 38 -16.36 -10.75 46.24
CA ALA G 38 -15.81 -11.07 44.94
C ALA G 38 -14.32 -10.68 44.98
N GLY G 39 -13.57 -11.26 44.06
CA GLY G 39 -12.13 -11.13 44.02
C GLY G 39 -11.60 -11.45 42.64
N HIS G 40 -10.52 -10.81 42.29
CA HIS G 40 -9.81 -11.12 41.08
C HIS G 40 -8.39 -10.68 41.23
N SER G 41 -7.54 -11.18 40.34
CA SER G 41 -6.17 -10.75 40.24
C SER G 41 -5.98 -9.77 39.10
N THR G 42 -5.25 -8.71 39.36
CA THR G 42 -5.00 -7.73 38.32
C THR G 42 -3.52 -7.63 38.17
N THR G 43 -3.05 -7.69 36.93
CA THR G 43 -1.63 -7.39 36.63
C THR G 43 -1.50 -6.12 35.78
N PHE G 44 -0.79 -5.14 36.32
CA PHE G 44 -0.50 -3.91 35.62
C PHE G 44 0.90 -3.96 35.01
N GLU G 45 1.02 -3.59 33.75
CA GLU G 45 2.28 -3.45 33.09
C GLU G 45 2.89 -2.15 33.56
N PRO G 46 4.22 -2.04 33.47
CA PRO G 46 4.81 -0.79 33.96
C PRO G 46 4.08 0.42 33.39
N GLY G 47 3.87 1.44 34.24
CA GLY G 47 3.19 2.64 33.84
C GLY G 47 1.68 2.53 33.79
N ALA G 48 1.10 1.35 33.98
CA ALA G 48 -0.34 1.20 33.92
C ALA G 48 -0.97 1.33 35.29
N ARG G 49 -2.16 1.88 35.35
CA ARG G 49 -2.87 2.13 36.61
C ARG G 49 -4.37 2.21 36.39
N THR G 50 -5.15 1.93 37.44
CA THR G 50 -6.59 2.24 37.42
C THR G 50 -6.89 3.73 37.21
N ALA G 51 -8.09 4.04 36.73
CA ALA G 51 -8.63 5.36 36.90
C ALA G 51 -8.91 5.59 38.40
N TRP G 52 -9.11 6.84 38.77
CA TRP G 52 -9.66 7.16 40.08
C TRP G 52 -11.02 6.50 40.18
N HIS G 53 -11.31 5.96 41.38
CA HIS G 53 -12.60 5.35 41.62
C HIS G 53 -12.85 5.14 43.12
N THR G 54 -14.08 4.71 43.45
CA THR G 54 -14.50 4.40 44.81
C THR G 54 -15.19 3.04 44.86
N HIS G 55 -15.18 2.41 46.03
CA HIS G 55 -15.89 1.16 46.23
C HIS G 55 -16.91 1.38 47.32
N PRO G 56 -18.12 0.85 47.10
CA PRO G 56 -19.21 1.11 48.03
C PRO G 56 -18.99 0.50 49.42
N LEU G 57 -18.30 -0.64 49.52
CA LEU G 57 -18.01 -1.22 50.83
C LEU G 57 -16.49 -1.36 51.06
N GLY G 58 -15.70 -0.53 50.39
CA GLY G 58 -14.27 -0.61 50.50
C GLY G 58 -13.67 -1.77 49.67
N GLN G 59 -12.35 -1.84 49.75
CA GLN G 59 -11.61 -2.78 48.99
C GLN G 59 -10.33 -3.10 49.70
N THR G 60 -9.99 -4.38 49.67
CA THR G 60 -8.72 -4.83 50.18
C THR G 60 -7.84 -5.33 49.05
N LEU G 61 -6.58 -4.89 49.07
CA LEU G 61 -5.64 -5.37 48.12
C LEU G 61 -4.58 -6.15 48.86
N ILE G 62 -4.18 -7.29 48.31
CA ILE G 62 -3.03 -8.04 48.79
C ILE G 62 -2.07 -8.17 47.61
N VAL G 63 -0.91 -7.53 47.72
CA VAL G 63 0.03 -7.50 46.64
C VAL G 63 0.72 -8.83 46.53
N THR G 64 0.76 -9.39 45.35
CA THR G 64 1.37 -10.73 45.17
C THR G 64 2.60 -10.73 44.32
N ALA G 65 2.85 -9.71 43.55
CA ALA G 65 4.09 -9.68 42.79
C ALA G 65 4.48 -8.29 42.35
N GLY G 66 5.75 -8.10 42.06
CA GLY G 66 6.24 -6.82 41.57
C GLY G 66 6.15 -5.67 42.54
N CYS G 67 5.96 -4.47 42.02
CA CYS G 67 6.09 -3.22 42.81
C CYS G 67 5.26 -2.12 42.18
N GLY G 68 4.31 -1.62 42.95
CA GLY G 68 3.30 -0.72 42.44
C GLY G 68 3.13 0.55 43.27
N TRP G 69 2.18 1.36 42.84
CA TRP G 69 1.89 2.65 43.45
C TRP G 69 0.43 2.68 43.76
N ALA G 70 0.07 3.50 44.74
CA ALA G 70 -1.29 3.64 45.16
C ALA G 70 -1.51 4.97 45.92
N GLN G 71 -2.68 5.55 45.76
CA GLN G 71 -2.97 6.85 46.32
C GLN G 71 -4.46 7.03 46.59
N ARG G 72 -4.82 7.72 47.67
CA ARG G 72 -6.19 8.15 47.85
C ARG G 72 -6.16 9.65 47.69
N GLU G 73 -7.31 10.23 47.42
CA GLU G 73 -7.39 11.65 47.16
C GLU G 73 -7.00 12.44 48.44
N GLY G 74 -6.02 13.32 48.30
CA GLY G 74 -5.51 14.13 49.39
C GLY G 74 -4.28 13.53 50.03
N GLY G 75 -3.94 12.29 49.69
CA GLY G 75 -2.83 11.60 50.33
C GLY G 75 -1.63 11.60 49.43
N ALA G 76 -0.53 11.02 49.88
CA ALA G 76 0.65 10.88 49.04
C ALA G 76 0.61 9.60 48.24
N VAL G 77 1.45 9.55 47.21
CA VAL G 77 1.57 8.34 46.42
C VAL G 77 2.49 7.40 47.16
N GLU G 78 1.96 6.24 47.52
CA GLU G 78 2.68 5.19 48.26
C GLU G 78 3.15 4.09 47.34
N GLU G 79 4.28 3.50 47.69
CA GLU G 79 4.84 2.36 46.97
C GLU G 79 4.42 1.12 47.73
N ILE G 80 3.92 0.11 47.02
CA ILE G 80 3.44 -1.11 47.64
C ILE G 80 4.12 -2.33 47.07
N HIS G 81 4.32 -3.30 47.95
CA HIS G 81 5.17 -4.44 47.74
C HIS G 81 4.46 -5.72 48.03
N PRO G 82 4.99 -6.82 47.49
CA PRO G 82 4.37 -8.13 47.71
C PRO G 82 4.28 -8.47 49.18
N GLY G 83 3.11 -8.91 49.63
CA GLY G 83 2.88 -9.16 51.05
C GLY G 83 2.27 -7.94 51.78
N ASP G 84 2.33 -6.74 51.18
CA ASP G 84 1.59 -5.61 51.74
C ASP G 84 0.12 -5.86 51.57
N VAL G 85 -0.66 -5.46 52.58
CA VAL G 85 -2.12 -5.45 52.53
C VAL G 85 -2.63 -4.01 52.59
N VAL G 86 -3.48 -3.64 51.64
CA VAL G 86 -3.98 -2.27 51.53
C VAL G 86 -5.47 -2.26 51.69
N TRP G 87 -5.97 -1.34 52.53
CA TRP G 87 -7.41 -1.15 52.70
C TRP G 87 -7.86 0.25 52.24
N PHE G 88 -8.86 0.27 51.36
CA PHE G 88 -9.53 1.49 50.96
C PHE G 88 -10.93 1.50 51.56
N SER G 89 -11.29 2.60 52.21
CA SER G 89 -12.61 2.75 52.85
C SER G 89 -13.76 2.87 51.89
N PRO G 90 -14.99 2.55 52.35
CA PRO G 90 -16.22 2.85 51.61
C PRO G 90 -16.22 4.28 51.14
N GLY G 91 -16.48 4.50 49.85
CA GLY G 91 -16.53 5.85 49.28
C GLY G 91 -15.20 6.59 49.15
N GLU G 92 -14.10 5.94 49.49
CA GLU G 92 -12.82 6.58 49.44
C GLU G 92 -12.32 6.62 48.01
N LYS G 93 -12.04 7.81 47.49
CA LYS G 93 -11.58 7.97 46.09
C LYS G 93 -10.10 7.64 45.99
N HIS G 94 -9.73 6.75 45.08
CA HIS G 94 -8.34 6.31 45.07
C HIS G 94 -7.97 5.70 43.74
N TRP G 95 -6.67 5.47 43.54
CA TRP G 95 -6.17 4.65 42.43
C TRP G 95 -5.02 3.77 42.86
N HIS G 96 -4.67 2.81 42.01
CA HIS G 96 -3.51 1.94 42.25
C HIS G 96 -3.08 1.33 40.92
N GLY G 97 -1.83 0.88 40.87
CA GLY G 97 -1.26 0.42 39.61
C GLY G 97 0.21 0.10 39.73
N ALA G 98 0.83 -0.18 38.58
CA ALA G 98 2.22 -0.46 38.54
C ALA G 98 2.98 0.82 38.82
N ALA G 99 4.25 0.68 39.15
CA ALA G 99 5.18 1.80 39.09
C ALA G 99 5.58 2.00 37.63
N PRO G 100 6.31 3.09 37.33
CA PRO G 100 6.66 3.39 35.96
C PRO G 100 7.57 2.34 35.30
N THR G 101 8.45 1.71 36.07
CA THR G 101 9.42 0.76 35.47
C THR G 101 9.24 -0.70 35.86
N THR G 102 8.22 -1.00 36.66
CA THR G 102 7.98 -2.37 37.11
C THR G 102 6.49 -2.67 37.09
N ALA G 103 6.18 -3.88 36.64
CA ALA G 103 4.84 -4.42 36.75
C ALA G 103 4.45 -4.69 38.21
N MET G 104 3.16 -4.76 38.48
CA MET G 104 2.68 -5.20 39.78
C MET G 104 1.41 -6.04 39.64
N THR G 105 1.28 -7.06 40.49
CA THR G 105 0.11 -7.90 40.51
C THR G 105 -0.46 -7.86 41.91
N HIS G 106 -1.76 -7.68 42.03
CA HIS G 106 -2.36 -7.89 43.33
C HIS G 106 -3.67 -8.62 43.23
N LEU G 107 -4.06 -9.16 44.34
CA LEU G 107 -5.36 -9.73 44.51
C LEU G 107 -6.27 -8.60 45.03
N ALA G 108 -7.44 -8.40 44.43
CA ALA G 108 -8.41 -7.42 44.94
C ALA G 108 -9.66 -8.10 45.40
N ILE G 109 -10.10 -7.72 46.61
CA ILE G 109 -11.27 -8.29 47.26
C ILE G 109 -12.20 -7.18 47.66
N HIS G 110 -13.49 -7.30 47.36
CA HIS G 110 -14.49 -6.25 47.65
C HIS G 110 -15.86 -6.86 47.74
N GLU G 111 -16.70 -6.25 48.58
CA GLU G 111 -18.07 -6.69 48.69
C GLU G 111 -18.95 -5.83 47.80
N ARG G 112 -19.98 -6.43 47.26
CA ARG G 112 -20.88 -5.72 46.40
C ARG G 112 -22.09 -5.28 47.22
N LEU G 113 -22.73 -4.25 46.71
CA LEU G 113 -23.88 -3.63 47.32
C LEU G 113 -24.78 -3.22 46.16
N ASP G 114 -26.00 -3.80 46.13
CA ASP G 114 -27.02 -3.49 45.09
C ASP G 114 -26.48 -3.73 43.70
N GLY G 115 -25.81 -4.86 43.52
CA GLY G 115 -25.21 -5.20 42.23
C GLY G 115 -23.74 -4.82 42.17
N LYS G 116 -23.44 -3.53 42.33
CA LYS G 116 -22.10 -2.99 42.01
C LYS G 116 -21.05 -3.06 43.15
N ALA G 117 -19.80 -3.30 42.73
CA ALA G 117 -18.63 -3.20 43.60
C ALA G 117 -17.69 -2.00 43.26
N VAL G 118 -18.08 -1.10 42.34
CA VAL G 118 -17.23 0.03 41.96
C VAL G 118 -17.91 1.20 41.22
N ASP G 119 -17.47 2.43 41.53
CA ASP G 119 -17.85 3.61 40.80
C ASP G 119 -16.63 4.22 40.12
N TRP G 120 -16.58 4.17 38.80
CA TRP G 120 -15.42 4.65 38.04
C TRP G 120 -15.47 6.13 37.72
N MET G 121 -14.36 6.84 37.92
CA MET G 121 -14.29 8.26 37.73
C MET G 121 -13.17 8.59 36.74
N GLU G 122 -12.69 9.83 36.77
CA GLU G 122 -11.67 10.28 35.83
C GLU G 122 -10.34 9.50 35.93
N HIS G 123 -9.59 9.50 34.83
CA HIS G 123 -8.35 8.75 34.80
C HIS G 123 -7.30 9.49 35.55
N VAL G 124 -6.24 8.77 35.88
CA VAL G 124 -5.09 9.36 36.55
C VAL G 124 -4.15 9.91 35.50
N THR G 125 -3.91 11.21 35.55
CA THR G 125 -3.14 11.89 34.50
C THR G 125 -1.71 11.55 34.69
N ASP G 126 -0.92 11.71 33.63
CA ASP G 126 0.52 11.46 33.73
C ASP G 126 1.10 12.40 34.78
N GLU G 127 0.53 13.60 34.87
CA GLU G 127 0.95 14.60 35.84
C GLU G 127 0.73 14.13 37.32
N GLN G 128 -0.41 13.50 37.59
CA GLN G 128 -0.66 12.86 38.90
C GLN G 128 0.18 11.60 39.16
N TYR G 129 0.60 10.90 38.11
CA TYR G 129 1.27 9.62 38.24
C TYR G 129 2.75 9.85 38.45
N ARG G 130 3.05 10.23 39.68
CA ARG G 130 4.38 10.69 40.05
C ARG G 130 4.51 10.59 41.54
N ARG G 131 5.71 10.34 41.97
CA ARG G 131 5.89 10.07 43.38
C ARG G 131 6.79 11.16 43.91
N MET H 1 -7.22 5.16 53.57
CA MET H 1 -6.24 4.17 53.06
C MET H 1 -5.33 3.71 54.20
N GLU H 2 -5.18 2.40 54.34
CA GLU H 2 -4.32 1.81 55.37
C GLU H 2 -3.42 0.77 54.66
N ILE H 3 -2.12 0.83 54.90
CA ILE H 3 -1.23 -0.21 54.45
C ILE H 3 -0.68 -0.95 55.65
N LYS H 4 -0.90 -2.27 55.68
CA LYS H 4 -0.20 -3.09 56.65
C LYS H 4 0.97 -3.73 55.98
N ARG H 5 2.18 -3.32 56.31
CA ARG H 5 3.33 -3.72 55.53
C ARG H 5 3.67 -5.16 55.79
N VAL H 6 4.39 -5.76 54.86
CA VAL H 6 4.80 -7.13 55.08
C VAL H 6 5.68 -7.16 56.31
N GLY H 7 5.51 -8.18 57.12
CA GLY H 7 6.23 -8.32 58.39
C GLY H 7 5.60 -7.69 59.61
N SER H 8 4.52 -6.94 59.42
CA SER H 8 3.95 -6.16 60.52
C SER H 8 2.85 -6.93 61.21
N GLN H 9 2.48 -8.10 60.68
CA GLN H 9 1.43 -8.91 61.27
C GLN H 9 2.04 -10.20 61.74
N ALA H 10 2.13 -10.36 63.06
CA ALA H 10 2.83 -11.49 63.64
C ALA H 10 2.13 -12.78 63.30
N SER H 11 2.93 -13.78 62.92
CA SER H 11 2.49 -15.17 62.80
C SER H 11 1.90 -15.70 64.12
N GLY H 12 0.84 -16.49 64.05
CA GLY H 12 0.31 -17.23 65.19
C GLY H 12 0.19 -18.70 64.86
N LYS H 13 -0.32 -19.46 65.82
CA LYS H 13 -0.41 -20.91 65.72
C LYS H 13 -1.85 -21.36 65.75
N GLY H 14 -2.17 -22.42 65.02
CA GLY H 14 -3.54 -22.94 65.02
C GLY H 14 -3.81 -23.59 66.37
N PRO H 15 -4.89 -23.16 67.06
CA PRO H 15 -5.18 -23.84 68.32
C PRO H 15 -5.55 -25.30 68.10
N ALA H 16 -5.11 -26.11 69.05
CA ALA H 16 -5.30 -27.57 69.05
C ALA H 16 -6.73 -28.00 68.82
N ASP H 17 -7.70 -27.27 69.35
CA ASP H 17 -9.09 -27.72 69.28
C ASP H 17 -9.63 -27.62 67.88
N TRP H 18 -9.02 -26.77 67.05
CA TRP H 18 -9.51 -26.53 65.71
C TRP H 18 -8.61 -27.10 64.61
N PHE H 19 -7.39 -27.50 64.96
CA PHE H 19 -6.47 -28.12 64.00
C PHE H 19 -5.88 -29.41 64.54
N THR H 20 -5.69 -30.37 63.63
CA THR H 20 -4.80 -31.52 63.86
C THR H 20 -3.44 -31.16 63.24
N GLY H 21 -2.38 -31.35 64.00
CA GLY H 21 -1.01 -31.11 63.53
C GLY H 21 -0.55 -29.66 63.70
N THR H 22 0.60 -29.36 63.11
CA THR H 22 1.24 -28.09 63.25
C THR H 22 0.77 -27.11 62.17
N VAL H 23 0.12 -26.03 62.59
CA VAL H 23 -0.49 -25.08 61.69
C VAL H 23 -0.06 -23.67 62.08
N ARG H 24 0.26 -22.85 61.11
CA ARG H 24 0.57 -21.44 61.39
C ARG H 24 -0.43 -20.59 60.67
N ILE H 25 -0.87 -19.53 61.34
CA ILE H 25 -1.79 -18.53 60.80
C ILE H 25 -1.10 -17.18 60.69
N ASP H 26 -1.20 -16.59 59.50
CA ASP H 26 -0.64 -15.31 59.22
C ASP H 26 -1.83 -14.37 58.95
N PRO H 27 -2.13 -13.44 59.89
CA PRO H 27 -3.29 -12.60 59.70
C PRO H 27 -3.12 -11.75 58.46
N LEU H 28 -4.21 -11.48 57.77
CA LEU H 28 -4.13 -10.56 56.64
C LEU H 28 -4.97 -9.32 56.82
N PHE H 29 -6.29 -9.53 56.98
CA PHE H 29 -7.21 -8.41 57.14
C PHE H 29 -8.55 -8.78 57.72
N GLN H 30 -9.16 -7.79 58.35
CA GLN H 30 -10.53 -7.90 58.77
C GLN H 30 -11.19 -6.53 58.55
N ALA H 31 -12.10 -6.45 57.59
CA ALA H 31 -12.64 -5.19 57.16
C ALA H 31 -13.52 -4.58 58.26
N PRO H 32 -13.40 -3.26 58.50
CA PRO H 32 -14.27 -2.62 59.50
C PRO H 32 -15.73 -2.50 59.03
N ASP H 33 -16.68 -2.37 59.95
CA ASP H 33 -18.10 -2.20 59.59
C ASP H 33 -18.22 -0.95 58.73
N PRO H 34 -19.14 -0.92 57.78
CA PRO H 34 -20.14 -1.96 57.50
C PRO H 34 -19.70 -3.15 56.58
N ALA H 35 -18.44 -3.19 56.17
CA ALA H 35 -17.91 -4.37 55.43
C ALA H 35 -17.77 -5.56 56.39
N LEU H 36 -18.09 -6.75 55.88
CA LEU H 36 -18.11 -8.03 56.64
C LEU H 36 -16.97 -9.03 56.30
N VAL H 37 -16.12 -8.68 55.34
CA VAL H 37 -15.14 -9.65 54.88
C VAL H 37 -13.90 -9.67 55.75
N ALA H 38 -13.30 -10.85 55.84
CA ALA H 38 -12.01 -11.00 56.47
C ALA H 38 -11.22 -12.07 55.72
N GLY H 39 -9.95 -12.16 56.02
CA GLY H 39 -9.04 -13.10 55.36
C GLY H 39 -7.74 -13.28 56.11
N HIS H 40 -7.13 -14.44 55.91
CA HIS H 40 -5.84 -14.69 56.46
C HIS H 40 -5.18 -15.81 55.65
N SER H 41 -3.89 -16.02 55.87
CA SER H 41 -3.13 -17.04 55.22
C SER H 41 -2.84 -18.09 56.24
N THR H 42 -2.96 -19.36 55.85
CA THR H 42 -2.69 -20.47 56.74
C THR H 42 -1.71 -21.44 56.06
N THR H 43 -0.74 -21.91 56.84
CA THR H 43 0.26 -22.81 56.37
C THR H 43 0.17 -24.08 57.22
N PHE H 44 -0.07 -25.19 56.52
CA PHE H 44 -0.27 -26.49 57.14
C PHE H 44 0.99 -27.30 56.95
N GLU H 45 1.58 -27.80 58.02
CA GLU H 45 2.74 -28.68 57.86
C GLU H 45 2.21 -30.01 57.36
N PRO H 46 3.09 -30.86 56.81
CA PRO H 46 2.64 -32.18 56.33
C PRO H 46 1.74 -32.94 57.31
N GLY H 47 0.61 -33.42 56.82
CA GLY H 47 -0.32 -34.12 57.70
C GLY H 47 -1.29 -33.24 58.48
N ALA H 48 -1.05 -31.93 58.52
CA ALA H 48 -1.90 -31.03 59.34
C ALA H 48 -3.14 -30.67 58.60
N ARG H 49 -4.22 -30.49 59.35
CA ARG H 49 -5.48 -30.07 58.77
C ARG H 49 -6.46 -29.49 59.79
N THR H 50 -7.40 -28.71 59.27
CA THR H 50 -8.47 -28.17 60.08
C THR H 50 -9.30 -29.30 60.61
N ALA H 51 -9.90 -29.12 61.78
CA ALA H 51 -11.11 -29.87 62.15
C ALA H 51 -12.17 -29.68 61.09
N TRP H 52 -13.22 -30.51 61.13
CA TRP H 52 -14.39 -30.26 60.31
C TRP H 52 -15.05 -29.01 60.84
N HIS H 53 -15.73 -28.29 59.95
CA HIS H 53 -16.30 -27.03 60.29
C HIS H 53 -17.15 -26.49 59.14
N THR H 54 -17.95 -25.48 59.47
CA THR H 54 -18.76 -24.76 58.48
C THR H 54 -18.53 -23.25 58.55
N HIS H 55 -18.96 -22.57 57.49
CA HIS H 55 -18.96 -21.11 57.44
C HIS H 55 -20.35 -20.60 57.06
N PRO H 56 -20.85 -19.64 57.84
CA PRO H 56 -22.23 -19.17 57.69
C PRO H 56 -22.47 -18.49 56.37
N LEU H 57 -21.45 -17.82 55.81
CA LEU H 57 -21.58 -17.28 54.44
C LEU H 57 -20.60 -17.91 53.43
N GLY H 58 -20.15 -19.13 53.72
CA GLY H 58 -19.19 -19.80 52.87
C GLY H 58 -17.75 -19.30 52.99
N GLN H 59 -16.85 -19.91 52.22
CA GLN H 59 -15.43 -19.57 52.27
C GLN H 59 -14.82 -19.82 50.93
N THR H 60 -13.86 -19.00 50.58
CA THR H 60 -13.12 -19.14 49.32
C THR H 60 -11.68 -19.32 49.69
N LEU H 61 -11.04 -20.36 49.14
CA LEU H 61 -9.61 -20.57 49.32
C LEU H 61 -8.91 -20.26 48.01
N ILE H 62 -7.71 -19.70 48.09
CA ILE H 62 -6.81 -19.57 46.95
C ILE H 62 -5.51 -20.15 47.43
N VAL H 63 -5.13 -21.29 46.90
CA VAL H 63 -3.89 -21.95 47.32
C VAL H 63 -2.76 -21.11 46.79
N THR H 64 -1.74 -20.90 47.61
CA THR H 64 -0.63 -20.07 47.21
C THR H 64 0.73 -20.80 47.22
N ALA H 65 0.86 -21.88 47.98
CA ALA H 65 2.06 -22.69 47.91
C ALA H 65 1.81 -24.13 48.34
N GLY H 66 2.69 -25.01 47.86
CA GLY H 66 2.69 -26.41 48.23
C GLY H 66 1.55 -27.20 47.60
N CYS H 67 1.06 -28.20 48.33
CA CYS H 67 0.07 -29.14 47.80
C CYS H 67 -0.70 -29.72 48.96
N GLY H 68 -2.02 -29.58 48.91
CA GLY H 68 -2.86 -29.93 50.06
C GLY H 68 -4.10 -30.69 49.66
N TRP H 69 -4.92 -31.02 50.66
CA TRP H 69 -6.11 -31.82 50.49
C TRP H 69 -7.30 -31.07 51.02
N ALA H 70 -8.47 -31.40 50.51
CA ALA H 70 -9.73 -30.84 50.98
C ALA H 70 -10.87 -31.80 50.71
N GLN H 71 -11.88 -31.75 51.58
CA GLN H 71 -13.03 -32.61 51.45
C GLN H 71 -14.27 -31.98 52.07
N ARG H 72 -15.42 -32.13 51.42
CA ARG H 72 -16.71 -31.83 52.07
C ARG H 72 -17.40 -33.11 52.55
N GLU H 73 -18.24 -32.98 53.57
CA GLU H 73 -18.90 -34.15 54.12
C GLU H 73 -19.61 -34.95 53.03
N GLY H 74 -19.34 -36.24 53.03
CA GLY H 74 -19.92 -37.18 52.05
C GLY H 74 -19.31 -37.11 50.67
N GLY H 75 -18.16 -36.45 50.51
CA GLY H 75 -17.53 -36.33 49.20
C GLY H 75 -16.15 -36.95 49.23
N ALA H 76 -15.50 -36.99 48.09
CA ALA H 76 -14.15 -37.54 48.01
C ALA H 76 -13.08 -36.47 48.34
N VAL H 77 -11.98 -36.92 48.92
CA VAL H 77 -10.80 -36.09 49.13
C VAL H 77 -10.26 -35.66 47.78
N GLU H 78 -10.04 -34.38 47.58
CA GLU H 78 -9.48 -33.88 46.33
C GLU H 78 -8.26 -33.03 46.62
N GLU H 79 -7.29 -33.05 45.71
CA GLU H 79 -6.07 -32.27 45.86
C GLU H 79 -6.30 -30.84 45.47
N ILE H 80 -5.58 -29.95 46.15
CA ILE H 80 -5.61 -28.56 45.78
C ILE H 80 -4.20 -28.03 45.67
N HIS H 81 -3.95 -27.36 44.54
CA HIS H 81 -2.64 -26.89 44.11
C HIS H 81 -2.57 -25.38 43.97
N PRO H 82 -1.35 -24.81 43.94
CA PRO H 82 -1.28 -23.37 43.93
C PRO H 82 -1.95 -22.79 42.71
N GLY H 83 -2.72 -21.73 42.91
CA GLY H 83 -3.53 -21.11 41.84
C GLY H 83 -4.97 -21.62 41.79
N ASP H 84 -5.25 -22.76 42.41
CA ASP H 84 -6.62 -23.27 42.49
C ASP H 84 -7.43 -22.38 43.41
N VAL H 85 -8.72 -22.24 43.08
CA VAL H 85 -9.70 -21.50 43.86
C VAL H 85 -10.79 -22.46 44.28
N VAL H 86 -11.02 -22.57 45.59
CA VAL H 86 -11.93 -23.50 46.18
C VAL H 86 -13.08 -22.72 46.82
N TRP H 87 -14.31 -23.09 46.53
CA TRP H 87 -15.50 -22.44 47.14
C TRP H 87 -16.25 -23.46 48.00
N PHE H 88 -16.46 -23.14 49.27
CA PHE H 88 -17.30 -23.94 50.15
C PHE H 88 -18.56 -23.15 50.42
N SER H 89 -19.73 -23.79 50.28
CA SER H 89 -21.04 -23.13 50.46
C SER H 89 -21.33 -22.80 51.88
N PRO H 90 -22.25 -21.82 52.10
CA PRO H 90 -22.68 -21.54 53.47
C PRO H 90 -23.30 -22.79 54.05
N GLY H 91 -22.94 -23.12 55.27
CA GLY H 91 -23.44 -24.33 55.90
C GLY H 91 -22.69 -25.62 55.53
N GLU H 92 -21.85 -25.62 54.50
CA GLU H 92 -21.21 -26.87 54.03
C GLU H 92 -20.11 -27.29 55.01
N LYS H 93 -20.26 -28.48 55.59
CA LYS H 93 -19.29 -29.00 56.53
C LYS H 93 -18.11 -29.58 55.74
N HIS H 94 -16.89 -29.24 56.13
CA HIS H 94 -15.73 -29.52 55.29
C HIS H 94 -14.48 -29.43 56.12
N TRP H 95 -13.38 -29.94 55.58
CA TRP H 95 -12.05 -29.69 56.13
C TRP H 95 -11.05 -29.42 55.01
N HIS H 96 -9.89 -28.90 55.37
CA HIS H 96 -8.82 -28.75 54.41
C HIS H 96 -7.49 -28.66 55.13
N GLY H 97 -6.42 -28.89 54.40
CA GLY H 97 -5.14 -29.06 55.08
C GLY H 97 -4.05 -29.47 54.14
N ALA H 98 -2.91 -29.82 54.71
CA ALA H 98 -1.81 -30.28 53.89
C ALA H 98 -2.10 -31.70 53.37
N ALA H 99 -1.33 -32.12 52.38
CA ALA H 99 -1.26 -33.52 52.04
C ALA H 99 -0.33 -34.17 53.07
N PRO H 100 -0.27 -35.51 53.09
CA PRO H 100 0.47 -36.20 54.14
C PRO H 100 1.97 -35.93 54.19
N THR H 101 2.59 -35.64 53.04
CA THR H 101 4.03 -35.42 53.00
C THR H 101 4.47 -34.06 52.44
N THR H 102 3.53 -33.20 52.04
CA THR H 102 3.87 -31.88 51.60
C THR H 102 3.06 -30.84 52.35
N ALA H 103 3.68 -29.72 52.62
CA ALA H 103 2.99 -28.58 53.25
C ALA H 103 2.12 -27.88 52.23
N MET H 104 1.17 -27.08 52.70
CA MET H 104 0.35 -26.27 51.82
C MET H 104 0.06 -24.95 52.51
N THR H 105 0.05 -23.88 51.73
CA THR H 105 -0.37 -22.58 52.20
C THR H 105 -1.53 -22.08 51.37
N HIS H 106 -2.54 -21.55 52.04
CA HIS H 106 -3.61 -20.92 51.31
C HIS H 106 -4.09 -19.66 52.00
N LEU H 107 -4.70 -18.85 51.17
CA LEU H 107 -5.35 -17.64 51.53
C LEU H 107 -6.78 -18.04 51.70
N ALA H 108 -7.42 -17.59 52.77
CA ALA H 108 -8.83 -17.89 52.98
C ALA H 108 -9.62 -16.61 53.16
N ILE H 109 -10.74 -16.52 52.47
CA ILE H 109 -11.54 -15.31 52.44
C ILE H 109 -12.99 -15.67 52.81
N HIS H 110 -13.57 -15.00 53.81
CA HIS H 110 -14.90 -15.40 54.32
C HIS H 110 -15.65 -14.23 54.89
N GLU H 111 -16.96 -14.20 54.70
CA GLU H 111 -17.76 -13.14 55.29
C GLU H 111 -18.31 -13.54 56.65
N ARG H 112 -18.27 -12.57 57.57
CA ARG H 112 -18.81 -12.72 58.91
C ARG H 112 -20.33 -12.47 58.92
N LEU H 113 -21.06 -13.25 59.69
CA LEU H 113 -22.49 -13.04 59.93
C LEU H 113 -22.64 -12.92 61.46
N ASP H 114 -23.11 -11.77 61.93
CA ASP H 114 -23.06 -11.44 63.37
C ASP H 114 -21.69 -11.61 64.00
N GLY H 115 -20.65 -11.15 63.30
CA GLY H 115 -19.30 -11.17 63.85
C GLY H 115 -18.54 -12.48 63.67
N LYS H 116 -19.24 -13.62 63.68
CA LYS H 116 -18.56 -14.91 63.52
C LYS H 116 -18.48 -15.37 62.05
N ALA H 117 -17.31 -15.92 61.68
CA ALA H 117 -17.07 -16.49 60.37
C ALA H 117 -16.91 -18.02 60.37
N VAL H 118 -17.06 -18.69 61.51
CA VAL H 118 -16.87 -20.15 61.54
C VAL H 118 -17.53 -20.85 62.72
N ASP H 119 -18.07 -22.04 62.46
CA ASP H 119 -18.45 -23.01 63.50
C ASP H 119 -17.56 -24.23 63.46
N TRP H 120 -16.79 -24.43 64.51
CA TRP H 120 -15.83 -25.52 64.60
C TRP H 120 -16.48 -26.80 65.11
N MET H 121 -16.21 -27.93 64.46
CA MET H 121 -16.81 -29.21 64.86
C MET H 121 -15.70 -30.21 65.21
N GLU H 122 -15.96 -31.50 65.06
CA GLU H 122 -15.01 -32.52 65.53
C GLU H 122 -13.77 -32.61 64.59
N HIS H 123 -12.66 -33.07 65.13
CA HIS H 123 -11.46 -33.27 64.36
C HIS H 123 -11.66 -34.29 63.22
N VAL H 124 -10.79 -34.19 62.21
CA VAL H 124 -10.78 -35.13 61.10
C VAL H 124 -9.86 -36.28 61.51
N THR H 125 -10.41 -37.49 61.56
CA THR H 125 -9.64 -38.68 61.95
C THR H 125 -8.65 -39.07 60.87
N ASP H 126 -7.64 -39.79 61.27
CA ASP H 126 -6.68 -40.38 60.33
C ASP H 126 -7.41 -41.17 59.25
N GLU H 127 -8.45 -41.91 59.62
CA GLU H 127 -9.22 -42.66 58.64
C GLU H 127 -9.88 -41.75 57.59
N GLN H 128 -10.49 -40.67 58.05
CA GLN H 128 -11.10 -39.71 57.13
C GLN H 128 -10.09 -38.99 56.28
N TYR H 129 -8.88 -38.82 56.82
CA TYR H 129 -7.83 -38.04 56.16
C TYR H 129 -7.32 -38.81 54.91
N ARG H 130 -6.90 -40.06 55.05
CA ARG H 130 -6.73 -41.00 53.87
C ARG H 130 -7.72 -40.89 52.67
N ARG H 131 -7.22 -40.54 51.46
CA ARG H 131 -8.03 -40.45 50.16
C ARG H 131 -9.06 -41.60 49.92
N MET I 1 -14.98 -16.70 19.98
CA MET I 1 -15.18 -16.18 18.59
C MET I 1 -14.04 -16.64 17.72
N GLU I 2 -14.38 -17.16 16.55
CA GLU I 2 -13.39 -17.75 15.68
C GLU I 2 -13.76 -17.34 14.28
N ILE I 3 -12.80 -16.88 13.49
CA ILE I 3 -13.07 -16.45 12.13
C ILE I 3 -12.15 -17.23 11.22
N LYS I 4 -12.70 -17.91 10.23
CA LYS I 4 -11.88 -18.45 9.17
C LYS I 4 -12.16 -17.62 7.93
N ARG I 5 -11.10 -16.99 7.45
CA ARG I 5 -11.22 -16.00 6.40
C ARG I 5 -11.34 -16.70 5.07
N VAL I 6 -12.04 -16.04 4.16
CA VAL I 6 -12.25 -16.57 2.85
C VAL I 6 -10.91 -16.84 2.22
N GLY I 7 -10.80 -17.95 1.50
CA GLY I 7 -9.52 -18.42 0.96
C GLY I 7 -8.71 -19.30 1.91
N SER I 8 -9.06 -19.37 3.21
CA SER I 8 -8.22 -20.09 4.17
C SER I 8 -8.49 -21.58 4.19
N GLN I 9 -9.53 -22.05 3.55
CA GLN I 9 -9.82 -23.48 3.55
C GLN I 9 -9.70 -24.00 2.13
N ALA I 10 -8.88 -25.02 1.96
CA ALA I 10 -8.55 -25.50 0.64
C ALA I 10 -9.71 -26.21 -0.02
N SER I 11 -9.89 -26.00 -1.32
CA SER I 11 -10.89 -26.76 -2.07
C SER I 11 -10.44 -28.22 -2.19
N GLY I 12 -11.37 -29.18 -2.17
CA GLY I 12 -11.07 -30.59 -2.53
C GLY I 12 -12.02 -31.08 -3.63
N LYS I 13 -11.85 -32.32 -4.07
CA LYS I 13 -12.72 -32.91 -5.09
C LYS I 13 -13.71 -33.92 -4.50
N GLY I 14 -14.82 -34.09 -5.19
CA GLY I 14 -15.83 -35.06 -4.81
C GLY I 14 -15.31 -36.44 -5.18
N PRO I 15 -15.16 -37.34 -4.19
CA PRO I 15 -14.72 -38.72 -4.47
C PRO I 15 -15.57 -39.44 -5.49
N ALA I 16 -14.91 -40.21 -6.35
CA ALA I 16 -15.56 -40.94 -7.43
C ALA I 16 -16.68 -41.91 -6.96
N ASP I 17 -16.55 -42.46 -5.75
CA ASP I 17 -17.61 -43.32 -5.24
C ASP I 17 -18.91 -42.53 -5.06
N TRP I 18 -18.80 -41.30 -4.59
CA TRP I 18 -19.96 -40.53 -4.15
C TRP I 18 -20.55 -39.56 -5.18
N PHE I 19 -19.84 -39.31 -6.28
CA PHE I 19 -20.33 -38.39 -7.30
C PHE I 19 -20.08 -38.94 -8.71
N THR I 20 -20.96 -38.58 -9.63
CA THR I 20 -20.73 -38.76 -11.04
C THR I 20 -20.26 -37.40 -11.60
N GLY I 21 -19.13 -37.41 -12.31
CA GLY I 21 -18.59 -36.20 -12.92
C GLY I 21 -17.73 -35.39 -11.98
N THR I 22 -17.43 -34.17 -12.40
CA THR I 22 -16.45 -33.34 -11.72
C THR I 22 -17.15 -32.43 -10.72
N VAL I 23 -16.79 -32.58 -9.45
CA VAL I 23 -17.42 -31.89 -8.37
C VAL I 23 -16.32 -31.31 -7.51
N ARG I 24 -16.48 -30.05 -7.09
CA ARG I 24 -15.58 -29.42 -6.13
C ARG I 24 -16.29 -29.25 -4.80
N ILE I 25 -15.57 -29.58 -3.74
CA ILE I 25 -16.07 -29.40 -2.41
C ILE I 25 -15.23 -28.37 -1.70
N ASP I 26 -15.90 -27.37 -1.14
CA ASP I 26 -15.28 -26.27 -0.45
C ASP I 26 -15.76 -26.31 1.00
N PRO I 27 -14.87 -26.71 1.93
CA PRO I 27 -15.25 -26.80 3.33
C PRO I 27 -15.61 -25.47 3.93
N LEU I 28 -16.61 -25.45 4.80
CA LEU I 28 -16.95 -24.24 5.49
C LEU I 28 -16.83 -24.41 6.99
N PHE I 29 -17.69 -25.22 7.59
CA PHE I 29 -17.60 -25.39 9.04
C PHE I 29 -18.05 -26.76 9.51
N GLN I 30 -17.60 -27.09 10.71
CA GLN I 30 -18.08 -28.23 11.46
C GLN I 30 -18.04 -27.87 12.95
N ALA I 31 -19.21 -27.72 13.55
CA ALA I 31 -19.26 -27.23 14.90
C ALA I 31 -18.77 -28.29 15.87
N PRO I 32 -18.05 -27.87 16.91
CA PRO I 32 -17.58 -28.79 17.95
C PRO I 32 -18.69 -29.20 18.93
N ASP I 33 -18.51 -30.31 19.65
CA ASP I 33 -19.50 -30.73 20.65
C ASP I 33 -19.64 -29.63 21.67
N PRO I 34 -20.82 -29.46 22.30
CA PRO I 34 -22.02 -30.29 22.08
C PRO I 34 -22.81 -30.05 20.77
N ALA I 35 -22.48 -29.00 20.02
CA ALA I 35 -23.16 -28.80 18.72
C ALA I 35 -22.86 -29.94 17.71
N LEU I 36 -23.78 -30.14 16.77
CA LEU I 36 -23.72 -31.23 15.79
C LEU I 36 -23.91 -30.78 14.33
N VAL I 37 -24.02 -29.48 14.11
CA VAL I 37 -24.24 -28.98 12.77
C VAL I 37 -22.94 -28.96 11.95
N ALA I 38 -23.04 -29.22 10.66
CA ALA I 38 -21.93 -28.99 9.75
C ALA I 38 -22.39 -28.43 8.44
N GLY I 39 -21.43 -27.93 7.67
CA GLY I 39 -21.69 -27.38 6.37
C GLY I 39 -20.47 -27.18 5.48
N HIS I 40 -20.75 -27.24 4.20
CA HIS I 40 -19.78 -26.99 3.19
C HIS I 40 -20.53 -26.53 1.94
N SER I 41 -19.77 -26.02 0.99
CA SER I 41 -20.28 -25.59 -0.32
C SER I 41 -19.85 -26.62 -1.31
N THR I 42 -20.72 -26.96 -2.25
CA THR I 42 -20.38 -27.91 -3.29
C THR I 42 -20.65 -27.24 -4.61
N THR I 43 -19.70 -27.38 -5.56
CA THR I 43 -19.91 -26.88 -6.90
C THR I 43 -19.86 -28.03 -7.87
N PHE I 44 -20.94 -28.17 -8.64
CA PHE I 44 -21.11 -29.23 -9.60
C PHE I 44 -20.89 -28.70 -10.99
N GLU I 45 -20.03 -29.35 -11.76
CA GLU I 45 -19.89 -28.98 -13.14
C GLU I 45 -21.08 -29.51 -13.93
N PRO I 46 -21.33 -28.94 -15.13
CA PRO I 46 -22.46 -29.40 -15.91
C PRO I 46 -22.47 -30.92 -16.03
N GLY I 47 -23.64 -31.53 -15.78
CA GLY I 47 -23.78 -32.97 -15.85
C GLY I 47 -23.29 -33.75 -14.64
N ALA I 48 -22.62 -33.09 -13.69
CA ALA I 48 -22.22 -33.74 -12.45
C ALA I 48 -23.36 -33.81 -11.43
N ARG I 49 -23.34 -34.84 -10.59
CA ARG I 49 -24.33 -35.01 -9.50
C ARG I 49 -23.91 -36.01 -8.44
N THR I 50 -24.43 -35.84 -7.24
CA THR I 50 -24.19 -36.81 -6.18
C THR I 50 -24.74 -38.17 -6.60
N ALA I 51 -24.25 -39.20 -5.94
CA ALA I 51 -24.91 -40.49 -5.96
C ALA I 51 -26.15 -40.37 -5.08
N TRP I 52 -27.00 -41.39 -5.15
CA TRP I 52 -28.14 -41.50 -4.22
C TRP I 52 -27.63 -41.65 -2.80
N HIS I 53 -28.35 -41.09 -1.85
CA HIS I 53 -27.90 -41.15 -0.48
C HIS I 53 -28.98 -40.64 0.45
N THR I 54 -28.70 -40.72 1.75
CA THR I 54 -29.62 -40.31 2.77
C THR I 54 -28.83 -39.61 3.85
N HIS I 55 -29.51 -38.75 4.61
CA HIS I 55 -28.93 -38.15 5.79
C HIS I 55 -29.76 -38.54 7.01
N PRO I 56 -29.11 -38.79 8.13
CA PRO I 56 -29.81 -39.37 9.25
C PRO I 56 -30.65 -38.33 9.97
N LEU I 57 -30.25 -37.06 9.90
CA LEU I 57 -31.06 -35.99 10.47
C LEU I 57 -31.48 -35.00 9.41
N GLY I 58 -31.58 -35.45 8.16
CA GLY I 58 -31.95 -34.57 7.05
C GLY I 58 -30.86 -33.55 6.62
N GLN I 59 -31.17 -32.86 5.52
CA GLN I 59 -30.26 -31.88 4.98
C GLN I 59 -31.00 -30.71 4.33
N THR I 60 -30.45 -29.50 4.53
CA THR I 60 -30.92 -28.29 3.90
C THR I 60 -29.89 -27.76 2.90
N LEU I 61 -30.34 -27.54 1.67
CA LEU I 61 -29.52 -26.93 0.64
C LEU I 61 -29.97 -25.49 0.47
N ILE I 62 -29.00 -24.60 0.31
CA ILE I 62 -29.27 -23.24 -0.10
C ILE I 62 -28.51 -23.02 -1.36
N VAL I 63 -29.21 -22.95 -2.50
CA VAL I 63 -28.53 -22.71 -3.77
C VAL I 63 -27.95 -21.30 -3.78
N THR I 64 -26.68 -21.18 -4.16
CA THR I 64 -25.96 -19.92 -4.20
C THR I 64 -25.56 -19.52 -5.62
N ALA I 65 -25.44 -20.44 -6.55
CA ALA I 65 -25.15 -20.05 -7.90
C ALA I 65 -25.57 -21.12 -8.87
N GLY I 66 -25.89 -20.69 -10.08
CA GLY I 66 -26.12 -21.57 -11.19
C GLY I 66 -27.54 -22.10 -11.22
N CYS I 67 -27.66 -23.32 -11.74
CA CYS I 67 -28.94 -23.95 -11.97
C CYS I 67 -28.68 -25.42 -11.90
N GLY I 68 -29.36 -26.09 -10.98
CA GLY I 68 -29.17 -27.54 -10.82
C GLY I 68 -30.47 -28.34 -10.80
N TRP I 69 -30.31 -29.65 -10.59
CA TRP I 69 -31.37 -30.64 -10.60
C TRP I 69 -31.33 -31.37 -9.28
N ALA I 70 -32.49 -31.75 -8.79
CA ALA I 70 -32.59 -32.54 -7.58
C ALA I 70 -33.86 -33.40 -7.58
N GLN I 71 -33.82 -34.47 -6.80
CA GLN I 71 -34.86 -35.50 -6.85
C GLN I 71 -34.76 -36.42 -5.66
N ARG I 72 -35.93 -36.70 -5.09
CA ARG I 72 -36.05 -37.70 -4.06
C ARG I 72 -36.65 -38.95 -4.71
N GLU I 73 -36.42 -40.10 -4.07
CA GLU I 73 -36.87 -41.40 -4.61
C GLU I 73 -38.38 -41.41 -4.81
N GLY I 74 -38.84 -41.60 -6.06
CA GLY I 74 -40.28 -41.55 -6.31
C GLY I 74 -40.80 -40.22 -6.82
N GLY I 75 -40.04 -39.15 -6.60
CA GLY I 75 -40.47 -37.82 -7.03
C GLY I 75 -40.02 -37.55 -8.46
N ALA I 76 -40.36 -36.37 -8.96
CA ALA I 76 -39.84 -35.88 -10.22
C ALA I 76 -38.52 -35.15 -9.96
N VAL I 77 -37.77 -35.01 -11.05
CA VAL I 77 -36.51 -34.26 -11.09
C VAL I 77 -36.83 -32.77 -11.10
N GLU I 78 -36.51 -32.10 -10.01
CA GLU I 78 -36.81 -30.68 -9.90
C GLU I 78 -35.60 -29.82 -10.27
N GLU I 79 -35.88 -28.69 -10.89
CA GLU I 79 -34.89 -27.72 -11.27
C GLU I 79 -34.81 -26.71 -10.11
N ILE I 80 -33.60 -26.45 -9.63
CA ILE I 80 -33.37 -25.58 -8.48
C ILE I 80 -32.44 -24.43 -8.83
N HIS I 81 -32.66 -23.29 -8.19
CA HIS I 81 -32.08 -22.02 -8.56
C HIS I 81 -31.55 -21.28 -7.36
N PRO I 82 -30.66 -20.29 -7.57
CA PRO I 82 -30.10 -19.45 -6.51
C PRO I 82 -31.17 -18.73 -5.73
N GLY I 83 -31.12 -18.92 -4.41
CA GLY I 83 -32.11 -18.42 -3.46
C GLY I 83 -33.14 -19.47 -2.97
N ASP I 84 -33.34 -20.54 -3.75
CA ASP I 84 -34.20 -21.66 -3.35
C ASP I 84 -33.55 -22.41 -2.19
N VAL I 85 -34.36 -22.77 -1.20
CA VAL I 85 -33.95 -23.60 -0.07
C VAL I 85 -34.64 -24.95 -0.17
N VAL I 86 -33.84 -26.00 -0.09
CA VAL I 86 -34.36 -27.33 -0.31
C VAL I 86 -34.18 -28.04 0.98
N TRP I 87 -35.18 -28.82 1.37
CA TRP I 87 -35.10 -29.69 2.58
C TRP I 87 -35.27 -31.17 2.21
N PHE I 88 -34.30 -31.98 2.62
CA PHE I 88 -34.44 -33.44 2.57
C PHE I 88 -34.63 -33.97 3.98
N SER I 89 -35.62 -34.85 4.15
CA SER I 89 -36.01 -35.43 5.44
C SER I 89 -35.01 -36.39 5.97
N PRO I 90 -35.09 -36.71 7.26
CA PRO I 90 -34.25 -37.81 7.75
C PRO I 90 -34.49 -39.14 6.98
N GLY I 91 -33.43 -39.79 6.52
CA GLY I 91 -33.54 -41.04 5.79
C GLY I 91 -34.14 -40.96 4.40
N GLU I 92 -34.39 -39.76 3.88
CA GLU I 92 -34.89 -39.64 2.53
C GLU I 92 -33.78 -39.85 1.51
N LYS I 93 -34.00 -40.76 0.57
CA LYS I 93 -33.06 -41.13 -0.46
C LYS I 93 -33.25 -40.14 -1.58
N HIS I 94 -32.15 -39.55 -2.02
CA HIS I 94 -32.19 -38.45 -2.98
C HIS I 94 -30.83 -38.18 -3.58
N TRP I 95 -30.84 -37.40 -4.65
CA TRP I 95 -29.63 -36.87 -5.20
C TRP I 95 -29.83 -35.40 -5.58
N HIS I 96 -28.70 -34.72 -5.82
CA HIS I 96 -28.70 -33.37 -6.33
C HIS I 96 -27.43 -33.11 -7.09
N GLY I 97 -27.49 -32.14 -7.98
CA GLY I 97 -26.34 -31.83 -8.82
C GLY I 97 -26.62 -30.74 -9.83
N ALA I 98 -25.72 -30.60 -10.78
CA ALA I 98 -25.88 -29.63 -11.81
C ALA I 98 -26.92 -30.10 -12.78
N ALA I 99 -27.38 -29.18 -13.61
CA ALA I 99 -28.15 -29.49 -14.79
C ALA I 99 -27.17 -29.90 -15.88
N PRO I 100 -27.68 -30.40 -17.00
CA PRO I 100 -26.83 -30.83 -18.09
C PRO I 100 -25.91 -29.75 -18.60
N THR I 101 -26.40 -28.52 -18.75
CA THR I 101 -25.61 -27.49 -19.42
C THR I 101 -25.11 -26.36 -18.54
N THR I 102 -25.44 -26.37 -17.24
CA THR I 102 -24.99 -25.32 -16.38
C THR I 102 -24.47 -25.92 -15.10
N ALA I 103 -23.45 -25.27 -14.55
CA ALA I 103 -22.94 -25.58 -13.21
C ALA I 103 -23.94 -25.13 -12.14
N MET I 104 -23.80 -25.68 -10.95
CA MET I 104 -24.59 -25.22 -9.81
C MET I 104 -23.76 -25.33 -8.54
N THR I 105 -23.93 -24.36 -7.63
CA THR I 105 -23.28 -24.37 -6.33
C THR I 105 -24.31 -24.23 -5.23
N HIS I 106 -24.14 -24.95 -4.13
CA HIS I 106 -25.01 -24.78 -3.01
C HIS I 106 -24.28 -24.97 -1.74
N LEU I 107 -24.86 -24.38 -0.72
CA LEU I 107 -24.48 -24.56 0.65
C LEU I 107 -25.37 -25.69 1.15
N ALA I 108 -24.76 -26.68 1.79
CA ALA I 108 -25.47 -27.81 2.38
C ALA I 108 -25.17 -27.86 3.86
N ILE I 109 -26.21 -28.02 4.64
CA ILE I 109 -26.16 -28.00 6.09
C ILE I 109 -26.90 -29.25 6.60
N HIS I 110 -26.34 -29.88 7.63
CA HIS I 110 -26.84 -31.17 8.13
C HIS I 110 -26.28 -31.46 9.53
N GLU I 111 -27.11 -32.05 10.38
CA GLU I 111 -26.67 -32.42 11.71
C GLU I 111 -26.07 -33.82 11.64
N ARG I 112 -25.02 -34.03 12.42
CA ARG I 112 -24.41 -35.34 12.53
C ARG I 112 -25.12 -36.11 13.63
N LEU I 113 -25.41 -37.38 13.36
CA LEU I 113 -26.01 -38.28 14.36
C LEU I 113 -24.94 -39.27 14.77
N ASP I 114 -24.61 -39.25 16.07
CA ASP I 114 -23.39 -39.87 16.62
C ASP I 114 -22.28 -39.85 15.56
N GLY I 115 -21.87 -38.63 15.23
CA GLY I 115 -20.74 -38.38 14.33
C GLY I 115 -20.78 -38.91 12.91
N LYS I 116 -21.95 -38.99 12.29
CA LYS I 116 -22.01 -39.19 10.84
C LYS I 116 -23.19 -38.43 10.24
N ALA I 117 -22.98 -37.90 9.02
CA ALA I 117 -23.93 -37.03 8.35
C ALA I 117 -24.49 -37.57 7.02
N VAL I 118 -24.05 -38.76 6.57
CA VAL I 118 -24.53 -39.30 5.30
C VAL I 118 -24.32 -40.81 5.18
N ASP I 119 -25.12 -41.44 4.31
CA ASP I 119 -25.02 -42.84 3.92
C ASP I 119 -25.16 -43.00 2.41
N TRP I 120 -24.05 -43.30 1.76
CA TRP I 120 -23.94 -43.28 0.29
C TRP I 120 -24.43 -44.56 -0.37
N MET I 121 -25.11 -44.42 -1.50
CA MET I 121 -25.74 -45.53 -2.20
C MET I 121 -25.40 -45.49 -3.69
N GLU I 122 -26.21 -46.09 -4.54
CA GLU I 122 -25.80 -46.26 -5.92
C GLU I 122 -25.70 -44.91 -6.66
N HIS I 123 -24.89 -44.87 -7.72
CA HIS I 123 -24.82 -43.71 -8.61
C HIS I 123 -26.14 -43.48 -9.31
N VAL I 124 -26.35 -42.24 -9.70
CA VAL I 124 -27.54 -41.86 -10.42
C VAL I 124 -27.20 -42.08 -11.86
N THR I 125 -27.95 -42.96 -12.52
CA THR I 125 -27.67 -43.35 -13.90
C THR I 125 -28.11 -42.26 -14.87
N ASP I 126 -27.68 -42.36 -16.13
CA ASP I 126 -28.12 -41.43 -17.18
C ASP I 126 -29.52 -41.64 -17.63
N GLU I 127 -30.13 -42.78 -17.28
CA GLU I 127 -31.57 -42.98 -17.46
C GLU I 127 -32.25 -42.09 -16.42
N GLN I 128 -31.75 -42.18 -15.19
CA GLN I 128 -32.27 -41.37 -14.11
C GLN I 128 -31.99 -39.86 -14.24
N TYR I 129 -30.89 -39.49 -14.89
CA TYR I 129 -30.47 -38.09 -14.95
C TYR I 129 -31.11 -37.46 -16.16
N ARG I 130 -32.40 -37.22 -16.03
CA ARG I 130 -33.20 -36.62 -17.08
C ARG I 130 -34.45 -35.95 -16.48
N ARG I 131 -35.04 -35.06 -17.25
CA ARG I 131 -36.13 -34.28 -16.76
C ARG I 131 -37.04 -33.95 -17.95
N MET J 1 -38.85 -34.17 0.34
CA MET J 1 -38.18 -33.06 -0.37
C MET J 1 -39.14 -31.89 -0.51
N GLU J 2 -38.79 -30.80 0.16
CA GLU J 2 -39.55 -29.57 0.07
C GLU J 2 -38.63 -28.49 -0.47
N ILE J 3 -39.10 -27.77 -1.48
CA ILE J 3 -38.43 -26.60 -2.03
C ILE J 3 -39.17 -25.31 -1.71
N LYS J 4 -38.57 -24.45 -0.90
CA LYS J 4 -39.07 -23.06 -0.81
C LYS J 4 -38.39 -22.16 -1.82
N ARG J 5 -39.16 -21.69 -2.82
CA ARG J 5 -38.58 -20.91 -3.93
C ARG J 5 -38.17 -19.52 -3.46
N VAL J 6 -37.13 -19.00 -4.10
CA VAL J 6 -36.68 -17.63 -3.89
C VAL J 6 -37.87 -16.65 -4.02
N GLY J 7 -37.94 -15.70 -3.11
CA GLY J 7 -39.08 -14.77 -3.08
C GLY J 7 -40.36 -15.28 -2.43
N SER J 8 -40.34 -16.55 -2.01
CA SER J 8 -41.49 -17.16 -1.36
C SER J 8 -41.43 -16.88 0.14
N GLN J 9 -40.25 -16.54 0.68
CA GLN J 9 -40.14 -16.24 2.12
C GLN J 9 -40.02 -14.73 2.35
N ALA J 10 -41.05 -14.13 2.92
CA ALA J 10 -41.12 -12.68 3.05
C ALA J 10 -40.06 -12.09 3.99
N SER J 11 -39.52 -10.93 3.65
CA SER J 11 -38.56 -10.26 4.55
C SER J 11 -39.33 -9.78 5.74
N GLY J 12 -38.66 -9.71 6.88
CA GLY J 12 -39.17 -9.05 8.09
C GLY J 12 -38.13 -8.06 8.62
N LYS J 13 -38.45 -7.41 9.74
CA LYS J 13 -37.61 -6.38 10.30
C LYS J 13 -37.07 -6.80 11.66
N GLY J 14 -35.86 -6.39 12.00
CA GLY J 14 -35.34 -6.70 13.33
C GLY J 14 -36.02 -5.90 14.42
N PRO J 15 -36.49 -6.54 15.48
CA PRO J 15 -37.14 -5.74 16.51
C PRO J 15 -36.19 -4.83 17.25
N ALA J 16 -36.74 -3.73 17.75
CA ALA J 16 -35.95 -2.66 18.37
C ALA J 16 -35.29 -3.15 19.66
N ASP J 17 -35.94 -4.06 20.36
CA ASP J 17 -35.34 -4.63 21.55
C ASP J 17 -34.10 -5.43 21.26
N TRP J 18 -33.99 -6.02 20.06
CA TRP J 18 -32.87 -6.90 19.76
C TRP J 18 -31.81 -6.31 18.78
N PHE J 19 -32.08 -5.16 18.20
CA PHE J 19 -31.15 -4.55 17.25
C PHE J 19 -31.09 -3.06 17.42
N THR J 20 -29.90 -2.52 17.17
CA THR J 20 -29.72 -1.08 17.10
C THR J 20 -29.67 -0.76 15.62
N GLY J 21 -30.47 0.22 15.20
CA GLY J 21 -30.59 0.56 13.77
C GLY J 21 -31.50 -0.35 12.96
N THR J 22 -31.45 -0.17 11.64
CA THR J 22 -32.34 -0.80 10.73
C THR J 22 -31.74 -2.10 10.21
N VAL J 23 -32.47 -3.18 10.43
CA VAL J 23 -31.99 -4.48 10.12
C VAL J 23 -33.13 -5.24 9.47
N ARG J 24 -32.82 -6.03 8.47
CA ARG J 24 -33.84 -6.81 7.82
C ARG J 24 -33.48 -8.26 7.99
N ILE J 25 -34.50 -9.09 8.20
CA ILE J 25 -34.33 -10.51 8.36
C ILE J 25 -35.02 -11.23 7.23
N ASP J 26 -34.29 -12.14 6.61
CA ASP J 26 -34.78 -12.96 5.55
C ASP J 26 -34.80 -14.42 5.99
N PRO J 27 -36.01 -14.98 6.28
CA PRO J 27 -36.06 -16.37 6.76
C PRO J 27 -35.51 -17.31 5.72
N LEU J 28 -34.87 -18.38 6.16
CA LEU J 28 -34.35 -19.34 5.21
C LEU J 28 -34.83 -20.76 5.49
N PHE J 29 -34.59 -21.26 6.69
CA PHE J 29 -35.09 -22.57 7.05
C PHE J 29 -35.20 -22.75 8.53
N GLN J 30 -36.01 -23.73 8.88
CA GLN J 30 -36.21 -24.11 10.24
C GLN J 30 -36.60 -25.59 10.21
N ALA J 31 -35.63 -26.46 10.43
CA ALA J 31 -35.87 -27.90 10.23
C ALA J 31 -36.77 -28.54 11.33
N PRO J 32 -37.71 -29.41 10.91
CA PRO J 32 -38.57 -30.09 11.86
C PRO J 32 -37.82 -31.08 12.77
N ASP J 33 -38.42 -31.37 13.93
CA ASP J 33 -37.94 -32.43 14.82
C ASP J 33 -37.90 -33.72 14.04
N PRO J 34 -36.89 -34.56 14.23
CA PRO J 34 -35.91 -34.42 15.30
C PRO J 34 -34.77 -33.40 15.06
N ALA J 35 -34.67 -32.87 13.84
CA ALA J 35 -33.64 -31.88 13.55
C ALA J 35 -33.79 -30.61 14.40
N LEU J 36 -32.67 -30.13 14.92
CA LEU J 36 -32.66 -28.95 15.78
C LEU J 36 -32.04 -27.67 15.13
N VAL J 37 -31.71 -27.71 13.84
CA VAL J 37 -31.01 -26.62 13.18
C VAL J 37 -31.92 -25.63 12.47
N ALA J 38 -31.59 -24.34 12.59
CA ALA J 38 -32.34 -23.26 11.94
C ALA J 38 -31.36 -22.30 11.26
N GLY J 39 -31.84 -21.53 10.29
CA GLY J 39 -31.01 -20.52 9.73
C GLY J 39 -31.75 -19.43 9.01
N HIS J 40 -31.13 -18.26 8.93
CA HIS J 40 -31.67 -17.11 8.21
C HIS J 40 -30.59 -16.11 7.83
N SER J 41 -30.97 -15.23 6.92
CA SER J 41 -30.13 -14.17 6.48
C SER J 41 -30.56 -12.87 7.14
N THR J 42 -29.57 -12.06 7.53
CA THR J 42 -29.76 -10.73 8.10
C THR J 42 -28.89 -9.70 7.35
N THR J 43 -29.49 -8.54 7.08
CA THR J 43 -28.86 -7.49 6.36
C THR J 43 -28.93 -6.30 7.26
N PHE J 44 -27.75 -5.83 7.66
CA PHE J 44 -27.63 -4.66 8.53
C PHE J 44 -27.33 -3.44 7.68
N GLU J 45 -28.13 -2.38 7.82
CA GLU J 45 -27.78 -1.13 7.23
C GLU J 45 -26.57 -0.54 7.98
N PRO J 46 -25.88 0.47 7.37
CA PRO J 46 -24.65 0.95 7.97
C PRO J 46 -24.86 1.35 9.40
N GLY J 47 -23.96 0.94 10.29
CA GLY J 47 -24.08 1.32 11.70
C GLY J 47 -25.06 0.46 12.51
N ALA J 48 -25.79 -0.43 11.85
CA ALA J 48 -26.79 -1.25 12.56
C ALA J 48 -26.14 -2.50 13.10
N ARG J 49 -26.52 -2.90 14.30
CA ARG J 49 -26.00 -4.15 14.88
C ARG J 49 -26.95 -4.79 15.88
N THR J 50 -26.75 -6.09 16.09
CA THR J 50 -27.47 -6.84 17.10
C THR J 50 -27.22 -6.23 18.47
N ALA J 51 -28.15 -6.49 19.39
CA ALA J 51 -27.85 -6.32 20.79
C ALA J 51 -26.85 -7.41 21.18
N TRP J 52 -26.21 -7.24 22.33
CA TRP J 52 -25.45 -8.32 22.90
C TRP J 52 -26.38 -9.51 23.11
N HIS J 53 -25.84 -10.71 22.91
CA HIS J 53 -26.62 -11.91 23.13
C HIS J 53 -25.76 -13.15 23.12
N THR J 54 -26.39 -14.30 23.41
CA THR J 54 -25.75 -15.61 23.36
C THR J 54 -26.64 -16.63 22.65
N HIS J 55 -26.00 -17.69 22.19
CA HIS J 55 -26.71 -18.84 21.65
C HIS J 55 -26.36 -20.06 22.48
N PRO J 56 -27.37 -20.90 22.81
CA PRO J 56 -27.13 -22.07 23.69
C PRO J 56 -26.27 -23.12 23.03
N LEU J 57 -26.30 -23.26 21.71
CA LEU J 57 -25.45 -24.26 21.08
C LEU J 57 -24.48 -23.62 20.09
N GLY J 58 -24.17 -22.36 20.35
CA GLY J 58 -23.30 -21.58 19.50
C GLY J 58 -23.97 -21.16 18.19
N GLN J 59 -23.20 -20.56 17.29
CA GLN J 59 -23.76 -20.00 16.05
C GLN J 59 -22.68 -19.86 15.03
N THR J 60 -23.03 -20.22 13.81
CA THR J 60 -22.16 -20.06 12.68
C THR J 60 -22.68 -18.94 11.76
N LEU J 61 -21.78 -18.07 11.36
CA LEU J 61 -22.05 -17.02 10.39
C LEU J 61 -21.25 -17.26 9.12
N ILE J 62 -21.90 -17.08 7.98
CA ILE J 62 -21.23 -17.02 6.67
C ILE J 62 -21.60 -15.68 6.06
N VAL J 63 -20.62 -14.82 5.90
CA VAL J 63 -20.88 -13.52 5.35
C VAL J 63 -21.07 -13.70 3.86
N THR J 64 -22.10 -13.02 3.34
CA THR J 64 -22.46 -13.12 1.93
C THR J 64 -22.38 -11.78 1.22
N ALA J 65 -22.36 -10.64 1.93
CA ALA J 65 -22.26 -9.33 1.26
C ALA J 65 -21.84 -8.21 2.16
N GLY J 66 -21.13 -7.26 1.56
CA GLY J 66 -20.72 -6.03 2.23
C GLY J 66 -19.63 -6.30 3.25
N CYS J 67 -19.65 -5.54 4.34
CA CYS J 67 -18.52 -5.53 5.25
C CYS J 67 -19.01 -5.12 6.58
N GLY J 68 -18.78 -5.94 7.58
CA GLY J 68 -19.31 -5.69 8.88
C GLY J 68 -18.34 -6.02 10.00
N TRP J 69 -18.82 -5.80 11.20
CA TRP J 69 -18.09 -5.96 12.44
C TRP J 69 -18.70 -7.02 13.33
N ALA J 70 -17.86 -7.54 14.21
CA ALA J 70 -18.26 -8.52 15.20
C ALA J 70 -17.27 -8.45 16.39
N GLN J 71 -17.79 -8.72 17.58
CA GLN J 71 -17.00 -8.72 18.81
C GLN J 71 -17.63 -9.66 19.81
N ARG J 72 -16.79 -10.36 20.57
CA ARG J 72 -17.24 -11.12 21.77
C ARG J 72 -16.85 -10.36 23.00
N GLU J 73 -17.56 -10.56 24.11
CA GLU J 73 -17.32 -9.77 25.31
C GLU J 73 -15.85 -9.85 25.71
N GLY J 74 -15.25 -8.68 25.96
CA GLY J 74 -13.87 -8.56 26.37
C GLY J 74 -12.87 -8.63 25.23
N GLY J 75 -13.32 -8.86 23.99
CA GLY J 75 -12.38 -9.02 22.86
C GLY J 75 -12.35 -7.78 21.98
N ALA J 76 -11.61 -7.83 20.88
CA ALA J 76 -11.49 -6.66 20.01
C ALA J 76 -12.55 -6.76 18.94
N VAL J 77 -12.96 -5.62 18.39
CA VAL J 77 -13.89 -5.60 17.25
C VAL J 77 -13.13 -6.10 16.03
N GLU J 78 -13.67 -7.09 15.31
CA GLU J 78 -13.02 -7.56 14.11
C GLU J 78 -13.93 -7.42 12.90
N GLU J 79 -13.31 -7.31 11.74
CA GLU J 79 -14.01 -7.08 10.48
C GLU J 79 -14.32 -8.43 9.94
N ILE J 80 -15.48 -8.57 9.33
CA ILE J 80 -15.85 -9.79 8.65
C ILE J 80 -16.34 -9.48 7.25
N HIS J 81 -15.95 -10.33 6.30
CA HIS J 81 -16.04 -10.02 4.90
C HIS J 81 -16.71 -11.15 4.17
N PRO J 82 -17.24 -10.89 2.97
CA PRO J 82 -17.87 -11.98 2.23
C PRO J 82 -17.01 -13.18 2.02
N GLY J 83 -17.61 -14.32 2.33
CA GLY J 83 -16.97 -15.62 2.32
C GLY J 83 -16.28 -15.97 3.64
N ASP J 84 -16.18 -15.06 4.58
CA ASP J 84 -15.59 -15.40 5.88
C ASP J 84 -16.62 -16.21 6.61
N VAL J 85 -16.14 -17.05 7.52
CA VAL J 85 -16.97 -17.95 8.35
C VAL J 85 -16.61 -17.70 9.81
N VAL J 86 -17.62 -17.39 10.62
CA VAL J 86 -17.43 -17.02 12.01
C VAL J 86 -18.15 -18.03 12.91
N TRP J 87 -17.51 -18.43 14.00
CA TRP J 87 -18.10 -19.34 14.98
C TRP J 87 -18.17 -18.65 16.33
N PHE J 88 -19.33 -18.71 16.95
CA PHE J 88 -19.44 -18.23 18.32
C PHE J 88 -19.81 -19.42 19.17
N SER J 89 -19.15 -19.52 20.32
CA SER J 89 -19.29 -20.66 21.24
C SER J 89 -20.59 -20.67 21.98
N PRO J 90 -21.02 -21.85 22.45
CA PRO J 90 -22.20 -21.92 23.31
C PRO J 90 -22.01 -21.00 24.48
N GLY J 91 -23.02 -20.20 24.77
CA GLY J 91 -22.94 -19.21 25.85
C GLY J 91 -22.02 -18.02 25.62
N GLU J 92 -21.38 -17.89 24.46
CA GLU J 92 -20.47 -16.77 24.24
C GLU J 92 -21.24 -15.47 24.07
N LYS J 93 -21.01 -14.50 24.96
CA LYS J 93 -21.67 -13.19 24.82
C LYS J 93 -21.02 -12.37 23.67
N HIS J 94 -21.85 -11.90 22.72
CA HIS J 94 -21.31 -11.29 21.48
C HIS J 94 -22.32 -10.44 20.74
N TRP J 95 -21.82 -9.67 19.76
CA TRP J 95 -22.70 -8.97 18.84
C TRP J 95 -22.10 -8.96 17.47
N HIS J 96 -22.92 -8.61 16.50
CA HIS J 96 -22.42 -8.47 15.16
C HIS J 96 -23.34 -7.55 14.38
N GLY J 97 -22.83 -7.01 13.28
CA GLY J 97 -23.54 -6.03 12.49
C GLY J 97 -22.70 -5.42 11.39
N ALA J 98 -23.24 -4.34 10.82
CA ALA J 98 -22.55 -3.62 9.75
C ALA J 98 -21.42 -2.76 10.33
N ALA J 99 -20.52 -2.35 9.43
CA ALA J 99 -19.49 -1.39 9.78
C ALA J 99 -20.23 -0.08 9.75
N PRO J 100 -19.59 1.02 10.17
CA PRO J 100 -20.36 2.26 10.31
C PRO J 100 -20.77 2.88 9.00
N THR J 101 -20.07 2.56 7.91
CA THR J 101 -20.43 3.21 6.62
C THR J 101 -20.77 2.23 5.53
N THR J 102 -20.70 0.94 5.83
CA THR J 102 -21.09 -0.06 4.87
C THR J 102 -22.09 -1.05 5.47
N ALA J 103 -23.00 -1.50 4.64
CA ALA J 103 -23.96 -2.54 5.03
C ALA J 103 -23.30 -3.90 5.00
N MET J 104 -23.91 -4.85 5.70
CA MET J 104 -23.45 -6.23 5.66
C MET J 104 -24.59 -7.22 5.70
N THR J 105 -24.43 -8.30 4.95
CA THR J 105 -25.40 -9.39 4.97
C THR J 105 -24.68 -10.68 5.31
N HIS J 106 -25.27 -11.45 6.22
CA HIS J 106 -24.83 -12.81 6.49
C HIS J 106 -25.94 -13.81 6.67
N LEU J 107 -25.53 -15.03 6.50
CA LEU J 107 -26.30 -16.22 6.77
C LEU J 107 -25.91 -16.65 8.17
N ALA J 108 -26.88 -16.87 9.05
CA ALA J 108 -26.62 -17.38 10.42
C ALA J 108 -27.27 -18.75 10.62
N ILE J 109 -26.49 -19.71 11.11
CA ILE J 109 -26.91 -21.10 11.32
C ILE J 109 -26.68 -21.50 12.78
N HIS J 110 -27.74 -21.93 13.46
CA HIS J 110 -27.66 -22.27 14.86
C HIS J 110 -28.68 -23.35 15.23
N GLU J 111 -28.29 -24.10 16.25
CA GLU J 111 -29.10 -25.20 16.76
C GLU J 111 -29.89 -24.75 17.98
N ARG J 112 -31.15 -25.14 17.99
CA ARG J 112 -32.08 -24.80 19.08
C ARG J 112 -31.88 -25.78 20.22
N LEU J 113 -31.89 -25.26 21.44
CA LEU J 113 -31.90 -26.09 22.64
C LEU J 113 -33.21 -25.86 23.39
N ASP J 114 -34.05 -26.89 23.44
CA ASP J 114 -35.38 -26.79 24.06
C ASP J 114 -36.21 -25.66 23.45
N GLY J 115 -36.39 -25.73 22.13
CA GLY J 115 -37.09 -24.70 21.38
C GLY J 115 -36.31 -23.42 21.08
N LYS J 116 -35.31 -23.08 21.91
CA LYS J 116 -34.69 -21.76 21.94
C LYS J 116 -33.27 -21.70 21.30
N ALA J 117 -33.09 -20.76 20.38
CA ALA J 117 -31.80 -20.50 19.71
C ALA J 117 -31.08 -19.22 20.19
N VAL J 118 -31.67 -18.37 21.04
CA VAL J 118 -30.95 -17.17 21.51
C VAL J 118 -31.44 -16.63 22.83
N ASP J 119 -30.53 -16.04 23.61
CA ASP J 119 -30.90 -15.20 24.75
C ASP J 119 -30.39 -13.77 24.55
N TRP J 120 -31.34 -12.83 24.55
CA TRP J 120 -31.06 -11.45 24.22
C TRP J 120 -30.68 -10.62 25.44
N MET J 121 -29.66 -9.78 25.33
CA MET J 121 -29.20 -9.00 26.47
C MET J 121 -29.22 -7.55 26.10
N GLU J 122 -28.42 -6.73 26.76
CA GLU J 122 -28.47 -5.30 26.54
C GLU J 122 -27.89 -4.89 25.18
N HIS J 123 -28.33 -3.72 24.74
CA HIS J 123 -27.89 -3.14 23.50
C HIS J 123 -26.41 -2.85 23.53
N VAL J 124 -25.77 -2.88 22.36
CA VAL J 124 -24.37 -2.46 22.20
C VAL J 124 -24.32 -0.93 22.05
N THR J 125 -23.71 -0.25 23.02
CA THR J 125 -23.67 1.21 23.02
C THR J 125 -22.75 1.75 21.90
N ASP J 126 -22.88 3.03 21.60
CA ASP J 126 -22.05 3.64 20.56
C ASP J 126 -20.55 3.51 20.93
N GLU J 127 -20.26 3.79 22.19
CA GLU J 127 -18.95 3.56 22.76
C GLU J 127 -18.42 2.16 22.48
N GLN J 128 -19.22 1.13 22.72
CA GLN J 128 -18.76 -0.24 22.51
C GLN J 128 -18.71 -0.59 21.02
N TYR J 129 -19.60 0.00 20.22
CA TYR J 129 -19.65 -0.34 18.80
C TYR J 129 -18.32 -0.01 18.12
N ARG J 130 -17.80 1.17 18.40
CA ARG J 130 -16.74 1.72 17.64
C ARG J 130 -15.37 1.30 18.10
N ARG J 131 -15.03 1.74 19.29
CA ARG J 131 -13.63 1.76 19.67
C ARG J 131 -12.87 0.44 19.39
N MET K 1 -37.55 -4.64 -22.86
CA MET K 1 -37.02 -5.39 -21.70
C MET K 1 -36.88 -6.88 -22.04
N GLU K 2 -35.66 -7.40 -21.88
CA GLU K 2 -35.33 -8.74 -22.24
C GLU K 2 -34.70 -9.34 -21.01
N ILE K 3 -35.18 -10.49 -20.57
CA ILE K 3 -34.67 -11.19 -19.41
C ILE K 3 -34.11 -12.52 -19.88
N LYS K 4 -32.87 -12.84 -19.54
CA LYS K 4 -32.37 -14.19 -19.72
C LYS K 4 -32.34 -14.77 -18.34
N ARG K 5 -33.18 -15.78 -18.13
CA ARG K 5 -33.34 -16.32 -16.81
C ARG K 5 -32.11 -17.10 -16.40
N VAL K 6 -31.85 -17.10 -15.11
CA VAL K 6 -30.78 -17.93 -14.59
C VAL K 6 -30.91 -19.38 -15.09
N GLY K 7 -29.82 -19.89 -15.65
CA GLY K 7 -29.78 -21.28 -16.15
C GLY K 7 -29.99 -21.39 -17.65
N SER K 8 -30.36 -20.31 -18.30
CA SER K 8 -30.70 -20.33 -19.70
C SER K 8 -29.48 -20.20 -20.60
N GLN K 9 -28.34 -19.83 -20.06
CA GLN K 9 -27.14 -19.62 -20.88
C GLN K 9 -26.17 -20.73 -20.55
N ALA K 10 -25.80 -21.51 -21.55
CA ALA K 10 -25.04 -22.74 -21.27
C ALA K 10 -23.62 -22.39 -20.87
N SER K 11 -23.05 -23.10 -19.89
CA SER K 11 -21.65 -22.96 -19.52
C SER K 11 -20.73 -23.39 -20.64
N GLY K 12 -19.56 -22.77 -20.74
CA GLY K 12 -18.52 -23.25 -21.66
C GLY K 12 -17.19 -23.48 -20.95
N LYS K 13 -16.19 -23.96 -21.68
CA LYS K 13 -14.85 -24.19 -21.11
C LYS K 13 -13.89 -23.17 -21.65
N GLY K 14 -12.91 -22.82 -20.87
CA GLY K 14 -11.92 -21.86 -21.34
C GLY K 14 -10.91 -22.58 -22.21
N PRO K 15 -10.72 -22.14 -23.48
CA PRO K 15 -9.81 -22.90 -24.35
C PRO K 15 -8.36 -22.99 -23.83
N ALA K 16 -7.67 -24.11 -24.13
CA ALA K 16 -6.27 -24.30 -23.69
C ALA K 16 -5.34 -23.21 -24.20
N ASP K 17 -5.72 -22.59 -25.31
CA ASP K 17 -4.90 -21.58 -25.95
C ASP K 17 -4.78 -20.38 -25.06
N TRP K 18 -5.82 -20.11 -24.27
CA TRP K 18 -5.95 -18.85 -23.52
C TRP K 18 -6.02 -19.04 -22.03
N PHE K 19 -6.06 -20.28 -21.55
CA PHE K 19 -6.05 -20.52 -20.11
C PHE K 19 -5.13 -21.66 -19.71
N THR K 20 -4.52 -21.51 -18.55
CA THR K 20 -3.85 -22.61 -17.94
C THR K 20 -4.78 -23.23 -16.93
N GLY K 21 -5.05 -24.52 -17.09
CA GLY K 21 -5.84 -25.25 -16.11
C GLY K 21 -7.29 -25.28 -16.55
N THR K 22 -8.12 -25.71 -15.62
CA THR K 22 -9.55 -25.87 -15.93
C THR K 22 -10.32 -24.64 -15.51
N VAL K 23 -11.06 -24.08 -16.47
CA VAL K 23 -11.73 -22.84 -16.27
C VAL K 23 -13.07 -22.97 -16.94
N ARG K 24 -14.12 -22.48 -16.27
CA ARG K 24 -15.46 -22.43 -16.87
C ARG K 24 -15.91 -20.99 -17.11
N ILE K 25 -16.54 -20.75 -18.25
CA ILE K 25 -17.04 -19.46 -18.64
C ILE K 25 -18.57 -19.54 -18.70
N ASP K 26 -19.24 -18.63 -17.98
CA ASP K 26 -20.67 -18.56 -17.94
C ASP K 26 -21.08 -17.24 -18.59
N PRO K 27 -21.54 -17.28 -19.84
CA PRO K 27 -21.98 -16.07 -20.52
C PRO K 27 -23.00 -15.31 -19.71
N LEU K 28 -22.95 -13.97 -19.76
CA LEU K 28 -24.03 -13.15 -19.20
C LEU K 28 -24.66 -12.20 -20.21
N PHE K 29 -23.90 -11.32 -20.85
CA PHE K 29 -24.47 -10.38 -21.81
C PHE K 29 -23.45 -9.84 -22.76
N GLN K 30 -23.97 -9.38 -23.89
CA GLN K 30 -23.23 -8.55 -24.80
C GLN K 30 -24.26 -7.56 -25.36
N ALA K 31 -24.12 -6.29 -25.01
CA ALA K 31 -25.11 -5.32 -25.44
C ALA K 31 -25.08 -5.13 -26.96
N PRO K 32 -26.24 -4.89 -27.57
CA PRO K 32 -26.29 -4.62 -29.01
C PRO K 32 -25.88 -3.20 -29.32
N ASP K 33 -25.39 -2.99 -30.53
CA ASP K 33 -25.09 -1.64 -31.02
C ASP K 33 -26.35 -0.81 -30.76
N PRO K 34 -26.22 0.48 -30.47
CA PRO K 34 -24.96 1.18 -30.40
C PRO K 34 -24.20 0.96 -29.06
N ALA K 35 -24.71 0.16 -28.13
CA ALA K 35 -23.93 -0.15 -26.91
C ALA K 35 -22.71 -1.02 -27.27
N LEU K 36 -21.63 -0.89 -26.48
CA LEU K 36 -20.41 -1.64 -26.63
C LEU K 36 -20.04 -2.57 -25.45
N VAL K 37 -20.79 -2.53 -24.36
CA VAL K 37 -20.37 -3.26 -23.15
C VAL K 37 -20.69 -4.77 -23.23
N ALA K 38 -19.85 -5.59 -22.61
CA ALA K 38 -20.07 -7.02 -22.55
C ALA K 38 -19.60 -7.52 -21.22
N GLY K 39 -20.10 -8.68 -20.84
CA GLY K 39 -19.78 -9.29 -19.58
C GLY K 39 -20.05 -10.77 -19.50
N HIS K 40 -19.28 -11.41 -18.64
CA HIS K 40 -19.46 -12.81 -18.35
C HIS K 40 -18.82 -13.11 -17.01
N SER K 41 -19.15 -14.28 -16.48
CA SER K 41 -18.64 -14.75 -15.19
C SER K 41 -17.69 -15.89 -15.51
N THR K 42 -16.58 -15.96 -14.80
CA THR K 42 -15.60 -17.00 -15.08
C THR K 42 -15.27 -17.66 -13.77
N THR K 43 -15.22 -18.99 -13.72
CA THR K 43 -14.83 -19.69 -12.51
C THR K 43 -13.56 -20.46 -12.80
N PHE K 44 -12.52 -20.20 -12.00
CA PHE K 44 -11.20 -20.80 -12.18
C PHE K 44 -11.03 -21.87 -11.14
N GLU K 45 -10.72 -23.09 -11.57
CA GLU K 45 -10.41 -24.11 -10.58
C GLU K 45 -9.09 -23.76 -9.92
N PRO K 46 -8.85 -24.30 -8.72
CA PRO K 46 -7.59 -24.01 -8.07
C PRO K 46 -6.42 -24.18 -9.02
N GLY K 47 -5.50 -23.20 -9.06
CA GLY K 47 -4.33 -23.27 -9.94
C GLY K 47 -4.58 -22.79 -11.35
N ALA K 48 -5.83 -22.65 -11.73
CA ALA K 48 -6.08 -22.24 -13.09
C ALA K 48 -5.99 -20.69 -13.23
N ARG K 49 -5.63 -20.21 -14.44
CA ARG K 49 -5.49 -18.77 -14.68
C ARG K 49 -5.50 -18.40 -16.15
N THR K 50 -5.77 -17.12 -16.43
CA THR K 50 -5.68 -16.69 -17.81
C THR K 50 -4.23 -16.68 -18.24
N ALA K 51 -4.06 -16.69 -19.55
CA ALA K 51 -2.86 -16.22 -20.17
C ALA K 51 -2.75 -14.71 -19.91
N TRP K 52 -1.50 -14.18 -20.03
CA TRP K 52 -1.32 -12.74 -20.11
C TRP K 52 -2.17 -12.24 -21.29
N HIS K 53 -2.76 -11.07 -21.13
CA HIS K 53 -3.54 -10.45 -22.20
C HIS K 53 -3.81 -8.98 -21.84
N THR K 54 -4.45 -8.28 -22.78
CA THR K 54 -4.78 -6.86 -22.64
C THR K 54 -6.19 -6.71 -23.14
N HIS K 55 -6.86 -5.67 -22.69
CA HIS K 55 -8.18 -5.31 -23.19
C HIS K 55 -8.08 -3.89 -23.71
N PRO K 56 -8.67 -3.63 -24.88
CA PRO K 56 -8.49 -2.33 -25.55
C PRO K 56 -9.14 -1.13 -24.87
N LEU K 57 -10.24 -1.33 -24.14
CA LEU K 57 -10.83 -0.28 -23.34
C LEU K 57 -10.81 -0.65 -21.85
N GLY K 58 -9.85 -1.49 -21.45
CA GLY K 58 -9.73 -1.87 -20.05
C GLY K 58 -10.77 -2.90 -19.66
N GLN K 59 -10.70 -3.31 -18.40
CA GLN K 59 -11.66 -4.29 -17.86
C GLN K 59 -11.91 -4.09 -16.39
N THR K 60 -13.15 -4.33 -15.99
CA THR K 60 -13.47 -4.38 -14.57
C THR K 60 -13.82 -5.78 -14.12
N LEU K 61 -13.28 -6.19 -12.98
CA LEU K 61 -13.64 -7.46 -12.34
C LEU K 61 -14.35 -7.23 -11.03
N ILE K 62 -15.42 -7.98 -10.82
CA ILE K 62 -16.06 -8.02 -9.52
C ILE K 62 -16.02 -9.48 -9.05
N VAL K 63 -15.26 -9.69 -7.99
CA VAL K 63 -15.07 -11.00 -7.48
C VAL K 63 -16.33 -11.39 -6.76
N THR K 64 -16.84 -12.56 -7.13
CA THR K 64 -18.10 -13.03 -6.58
C THR K 64 -17.94 -14.26 -5.70
N ALA K 65 -16.86 -15.02 -5.82
CA ALA K 65 -16.71 -16.18 -4.91
C ALA K 65 -15.29 -16.66 -4.84
N GLY K 66 -14.90 -17.18 -3.68
CA GLY K 66 -13.61 -17.79 -3.49
C GLY K 66 -12.50 -16.77 -3.35
N CYS K 67 -11.33 -17.06 -3.93
CA CYS K 67 -10.12 -16.30 -3.63
C CYS K 67 -9.14 -16.50 -4.77
N GLY K 68 -8.79 -15.42 -5.46
CA GLY K 68 -7.95 -15.49 -6.64
C GLY K 68 -6.72 -14.59 -6.55
N TRP K 69 -5.94 -14.62 -7.62
CA TRP K 69 -4.73 -13.87 -7.75
C TRP K 69 -4.86 -13.07 -9.00
N ALA K 70 -4.21 -11.92 -9.02
CA ALA K 70 -4.10 -11.17 -10.24
C ALA K 70 -2.81 -10.34 -10.26
N GLN K 71 -2.41 -9.92 -11.46
CA GLN K 71 -1.15 -9.18 -11.62
C GLN K 71 -1.12 -8.46 -12.94
N ARG K 72 -0.53 -7.28 -12.92
CA ARG K 72 -0.23 -6.61 -14.17
C ARG K 72 1.27 -6.67 -14.33
N GLU K 73 1.71 -6.54 -15.57
CA GLU K 73 3.13 -6.60 -15.87
C GLU K 73 3.91 -5.54 -15.11
N GLY K 74 4.90 -5.99 -14.35
CA GLY K 74 5.70 -5.09 -13.53
C GLY K 74 5.20 -4.98 -12.11
N GLY K 75 4.03 -5.57 -11.84
CA GLY K 75 3.42 -5.44 -10.54
C GLY K 75 3.65 -6.68 -9.72
N ALA K 76 3.20 -6.63 -8.50
CA ALA K 76 3.15 -7.76 -7.61
C ALA K 76 1.88 -8.61 -7.89
N VAL K 77 1.94 -9.90 -7.50
CA VAL K 77 0.79 -10.78 -7.54
C VAL K 77 -0.10 -10.47 -6.33
N GLU K 78 -1.33 -10.06 -6.61
CA GLU K 78 -2.24 -9.62 -5.55
C GLU K 78 -3.31 -10.69 -5.34
N GLU K 79 -3.77 -10.81 -4.10
CA GLU K 79 -4.80 -11.71 -3.73
C GLU K 79 -6.12 -10.94 -3.85
N ILE K 80 -7.13 -11.51 -4.50
CA ILE K 80 -8.42 -10.85 -4.60
C ILE K 80 -9.53 -11.72 -4.04
N HIS K 81 -10.55 -11.04 -3.51
CA HIS K 81 -11.55 -11.63 -2.60
C HIS K 81 -12.97 -11.18 -2.96
N PRO K 82 -13.99 -11.95 -2.51
CA PRO K 82 -15.32 -11.57 -2.93
C PRO K 82 -15.64 -10.19 -2.45
N GLY K 83 -16.16 -9.39 -3.39
CA GLY K 83 -16.53 -8.02 -3.15
C GLY K 83 -15.47 -7.02 -3.59
N ASP K 84 -14.26 -7.48 -3.87
CA ASP K 84 -13.24 -6.55 -4.33
C ASP K 84 -13.62 -6.23 -5.78
N VAL K 85 -13.32 -5.00 -6.17
CA VAL K 85 -13.42 -4.58 -7.54
C VAL K 85 -12.04 -4.21 -8.07
N VAL K 86 -11.74 -4.79 -9.22
CA VAL K 86 -10.47 -4.59 -9.88
C VAL K 86 -10.62 -3.94 -11.26
N TRP K 87 -9.76 -2.97 -11.54
CA TRP K 87 -9.73 -2.28 -12.80
C TRP K 87 -8.38 -2.49 -13.47
N PHE K 88 -8.42 -2.99 -14.69
CA PHE K 88 -7.27 -2.97 -15.56
C PHE K 88 -7.46 -1.93 -16.67
N SER K 89 -6.41 -1.12 -16.91
CA SER K 89 -6.50 -0.01 -17.85
C SER K 89 -6.41 -0.46 -19.32
N PRO K 90 -6.84 0.39 -20.26
CA PRO K 90 -6.67 0.00 -21.66
C PRO K 90 -5.22 -0.36 -22.01
N GLY K 91 -5.03 -1.40 -22.81
CA GLY K 91 -3.70 -1.86 -23.14
C GLY K 91 -2.87 -2.48 -22.03
N GLU K 92 -3.32 -2.44 -20.78
CA GLU K 92 -2.52 -3.01 -19.66
C GLU K 92 -2.44 -4.52 -19.73
N LYS K 93 -1.22 -5.02 -19.72
CA LYS K 93 -0.97 -6.44 -19.83
C LYS K 93 -1.10 -7.01 -18.45
N HIS K 94 -1.84 -8.11 -18.35
CA HIS K 94 -2.19 -8.68 -17.04
C HIS K 94 -2.73 -10.11 -17.12
N TRP K 95 -2.86 -10.74 -15.95
CA TRP K 95 -3.54 -12.02 -15.82
C TRP K 95 -4.31 -12.12 -14.51
N HIS K 96 -5.28 -13.03 -14.49
CA HIS K 96 -5.99 -13.28 -13.26
C HIS K 96 -6.43 -14.72 -13.26
N GLY K 97 -6.64 -15.24 -12.06
CA GLY K 97 -7.13 -16.58 -11.90
C GLY K 97 -7.30 -16.95 -10.45
N ALA K 98 -7.39 -18.23 -10.22
CA ALA K 98 -7.58 -18.74 -8.91
C ALA K 98 -6.25 -18.76 -8.21
N ALA K 99 -6.32 -18.93 -6.92
CA ALA K 99 -5.16 -19.18 -6.10
C ALA K 99 -4.86 -20.68 -6.16
N PRO K 100 -3.63 -21.06 -5.78
CA PRO K 100 -3.24 -22.47 -5.93
C PRO K 100 -4.25 -23.48 -5.33
N THR K 101 -4.74 -23.21 -4.10
CA THR K 101 -5.64 -24.16 -3.40
C THR K 101 -7.14 -23.80 -3.31
N THR K 102 -7.58 -22.70 -3.90
CA THR K 102 -9.03 -22.36 -3.86
C THR K 102 -9.48 -21.86 -5.20
N ALA K 103 -10.73 -22.11 -5.54
CA ALA K 103 -11.30 -21.60 -6.77
C ALA K 103 -11.64 -20.12 -6.64
N MET K 104 -11.91 -19.45 -7.76
CA MET K 104 -12.39 -18.08 -7.68
C MET K 104 -13.30 -17.83 -8.85
N THR K 105 -14.38 -17.12 -8.58
CA THR K 105 -15.26 -16.69 -9.63
C THR K 105 -15.31 -15.20 -9.66
N HIS K 106 -15.38 -14.64 -10.85
CA HIS K 106 -15.69 -13.22 -10.97
C HIS K 106 -16.57 -12.89 -12.16
N LEU K 107 -17.30 -11.81 -11.99
CA LEU K 107 -17.83 -11.09 -13.11
C LEU K 107 -16.76 -10.21 -13.78
N ALA K 108 -16.70 -10.22 -15.10
CA ALA K 108 -15.80 -9.38 -15.87
C ALA K 108 -16.60 -8.51 -16.78
N ILE K 109 -16.39 -7.21 -16.72
CA ILE K 109 -17.08 -6.25 -17.57
C ILE K 109 -16.05 -5.52 -18.42
N HIS K 110 -16.32 -5.34 -19.70
CA HIS K 110 -15.37 -4.73 -20.63
C HIS K 110 -16.09 -4.23 -21.85
N GLU K 111 -15.61 -3.11 -22.39
CA GLU K 111 -16.20 -2.59 -23.62
C GLU K 111 -15.42 -3.04 -24.83
N ARG K 112 -16.15 -3.31 -25.91
CA ARG K 112 -15.54 -3.75 -27.17
C ARG K 112 -15.10 -2.52 -27.99
N LEU K 113 -13.96 -2.68 -28.66
CA LEU K 113 -13.44 -1.69 -29.57
C LEU K 113 -13.40 -2.28 -30.98
N ASP K 114 -14.22 -1.75 -31.86
CA ASP K 114 -14.36 -2.26 -33.23
C ASP K 114 -14.57 -3.77 -33.21
N GLY K 115 -15.48 -4.25 -32.38
CA GLY K 115 -15.76 -5.69 -32.33
C GLY K 115 -14.98 -6.51 -31.29
N LYS K 116 -13.72 -6.19 -31.00
CA LYS K 116 -12.95 -7.04 -30.07
C LYS K 116 -12.82 -6.48 -28.67
N ALA K 117 -12.76 -7.41 -27.72
CA ALA K 117 -12.69 -7.12 -26.29
C ALA K 117 -11.41 -7.63 -25.62
N VAL K 118 -10.54 -8.31 -26.36
CA VAL K 118 -9.35 -8.89 -25.74
C VAL K 118 -8.27 -9.17 -26.78
N ASP K 119 -7.03 -8.98 -26.38
CA ASP K 119 -5.84 -9.43 -27.11
C ASP K 119 -5.07 -10.42 -26.28
N TRP K 120 -5.08 -11.68 -26.72
CA TRP K 120 -4.50 -12.78 -25.97
C TRP K 120 -3.03 -12.86 -26.27
N MET K 121 -2.25 -13.14 -25.23
CA MET K 121 -0.81 -13.32 -25.33
C MET K 121 -0.38 -14.65 -24.64
N GLU K 122 0.87 -14.69 -24.18
CA GLU K 122 1.47 -15.91 -23.73
C GLU K 122 0.98 -16.32 -22.38
N HIS K 123 1.03 -17.63 -22.16
CA HIS K 123 0.60 -18.23 -20.92
C HIS K 123 1.40 -17.68 -19.79
N VAL K 124 0.83 -17.85 -18.60
CA VAL K 124 1.43 -17.42 -17.38
C VAL K 124 2.10 -18.68 -16.87
N THR K 125 3.42 -18.61 -16.78
CA THR K 125 4.25 -19.79 -16.46
C THR K 125 4.17 -20.13 -14.99
N ASP K 126 4.51 -21.37 -14.68
CA ASP K 126 4.58 -21.83 -13.30
C ASP K 126 5.54 -20.95 -12.51
N GLU K 127 6.50 -20.38 -13.20
CA GLU K 127 7.48 -19.52 -12.55
C GLU K 127 6.83 -18.24 -12.02
N GLN K 128 6.02 -17.65 -12.88
CA GLN K 128 5.25 -16.45 -12.53
C GLN K 128 4.11 -16.73 -11.53
N TYR K 129 3.42 -17.85 -11.71
CA TYR K 129 2.30 -18.19 -10.83
C TYR K 129 2.81 -18.52 -9.42
N ARG K 130 3.27 -17.48 -8.72
CA ARG K 130 3.72 -17.62 -7.35
C ARG K 130 3.51 -16.27 -6.71
N ARG K 131 3.43 -16.26 -5.39
CA ARG K 131 3.22 -15.03 -4.67
C ARG K 131 4.43 -14.70 -3.82
N MET L 1 -3.44 -1.50 -12.78
CA MET L 1 -4.29 -2.31 -11.88
C MET L 1 -4.61 -1.48 -10.67
N GLU L 2 -5.88 -1.44 -10.33
CA GLU L 2 -6.35 -0.76 -9.14
C GLU L 2 -7.36 -1.73 -8.49
N ILE L 3 -7.20 -1.96 -7.20
CA ILE L 3 -8.15 -2.75 -6.45
C ILE L 3 -8.86 -1.85 -5.43
N LYS L 4 -10.19 -1.85 -5.48
CA LYS L 4 -10.97 -1.23 -4.42
C LYS L 4 -11.51 -2.34 -3.54
N ARG L 5 -10.93 -2.47 -2.35
CA ARG L 5 -11.22 -3.57 -1.47
C ARG L 5 -12.61 -3.51 -0.89
N VAL L 6 -13.10 -4.70 -0.59
CA VAL L 6 -14.40 -4.87 0.01
C VAL L 6 -14.39 -4.00 1.29
N GLY L 7 -15.40 -3.16 1.42
CA GLY L 7 -15.53 -2.27 2.57
C GLY L 7 -15.06 -0.84 2.36
N SER L 8 -14.39 -0.57 1.25
CA SER L 8 -13.75 0.71 1.04
C SER L 8 -14.66 1.69 0.32
N GLN L 9 -15.82 1.21 -0.18
CA GLN L 9 -16.77 2.05 -0.86
C GLN L 9 -18.01 2.23 0.01
N ALA L 10 -18.18 3.40 0.58
CA ALA L 10 -19.25 3.57 1.55
C ALA L 10 -20.61 3.39 0.90
N SER L 11 -21.58 2.87 1.63
CA SER L 11 -22.96 2.82 1.10
C SER L 11 -23.54 4.27 1.06
N GLY L 12 -24.44 4.55 0.14
CA GLY L 12 -25.27 5.76 0.18
C GLY L 12 -26.74 5.36 0.03
N LYS L 13 -27.64 6.34 0.04
CA LYS L 13 -29.08 6.16 -0.04
C LYS L 13 -29.62 6.67 -1.34
N GLY L 14 -30.76 6.13 -1.78
CA GLY L 14 -31.31 6.52 -3.05
C GLY L 14 -32.04 7.85 -2.89
N PRO L 15 -31.73 8.83 -3.74
CA PRO L 15 -32.47 10.09 -3.60
C PRO L 15 -34.00 9.95 -3.76
N ALA L 16 -34.73 10.65 -2.89
CA ALA L 16 -36.19 10.62 -2.86
C ALA L 16 -36.82 10.94 -4.22
N ASP L 17 -36.18 11.80 -5.00
CA ASP L 17 -36.71 12.16 -6.30
C ASP L 17 -36.56 10.99 -7.27
N TRP L 18 -35.65 10.04 -7.01
CA TRP L 18 -35.41 8.97 -7.99
C TRP L 18 -35.90 7.59 -7.56
N PHE L 19 -36.43 7.47 -6.34
CA PHE L 19 -36.87 6.19 -5.80
C PHE L 19 -38.09 6.36 -4.92
N THR L 20 -39.02 5.39 -4.99
CA THR L 20 -40.04 5.24 -3.94
C THR L 20 -39.54 4.26 -2.91
N GLY L 21 -39.67 4.61 -1.63
CA GLY L 21 -39.27 3.74 -0.53
C GLY L 21 -37.78 3.81 -0.23
N THR L 22 -37.35 2.91 0.64
CA THR L 22 -36.02 2.85 1.12
C THR L 22 -35.15 2.03 0.20
N VAL L 23 -34.05 2.65 -0.22
CA VAL L 23 -33.12 2.09 -1.17
C VAL L 23 -31.65 2.43 -0.77
N ARG L 24 -30.75 1.46 -0.88
CA ARG L 24 -29.36 1.69 -0.65
C ARG L 24 -28.59 1.45 -1.96
N ILE L 25 -27.61 2.31 -2.20
CA ILE L 25 -26.75 2.24 -3.39
C ILE L 25 -25.34 1.98 -2.93
N ASP L 26 -24.71 0.96 -3.47
CA ASP L 26 -23.35 0.62 -3.13
C ASP L 26 -22.49 0.80 -4.38
N PRO L 27 -21.66 1.87 -4.41
CA PRO L 27 -20.83 2.11 -5.58
C PRO L 27 -19.97 0.93 -5.91
N LEU L 28 -19.70 0.74 -7.19
CA LEU L 28 -18.80 -0.31 -7.62
C LEU L 28 -17.71 0.20 -8.53
N PHE L 29 -18.06 0.84 -9.63
CA PHE L 29 -17.04 1.36 -10.53
C PHE L 29 -17.56 2.40 -11.49
N GLN L 30 -16.60 3.22 -11.90
CA GLN L 30 -16.79 4.20 -12.96
C GLN L 30 -15.52 4.28 -13.78
N ALA L 31 -15.53 3.69 -14.96
CA ALA L 31 -14.33 3.55 -15.69
C ALA L 31 -13.87 4.94 -16.17
N PRO L 32 -12.56 5.20 -16.10
CA PRO L 32 -12.08 6.50 -16.63
C PRO L 32 -12.06 6.52 -18.16
N ASP L 33 -12.13 7.72 -18.73
CA ASP L 33 -12.00 7.92 -20.20
C ASP L 33 -10.76 7.19 -20.68
N PRO L 34 -10.75 6.59 -21.85
CA PRO L 34 -11.84 6.59 -22.83
C PRO L 34 -12.93 5.52 -22.66
N ALA L 35 -12.95 4.79 -21.54
CA ALA L 35 -14.05 3.85 -21.28
C ALA L 35 -15.24 4.62 -20.72
N LEU L 36 -16.43 4.17 -21.08
CA LEU L 36 -17.71 4.85 -20.78
C LEU L 36 -18.58 4.15 -19.71
N VAL L 37 -18.11 3.02 -19.23
CA VAL L 37 -18.96 2.10 -18.50
C VAL L 37 -18.89 2.40 -17.01
N ALA L 38 -20.01 2.16 -16.34
CA ALA L 38 -20.11 2.31 -14.89
C ALA L 38 -21.10 1.29 -14.36
N GLY L 39 -21.05 1.07 -13.06
CA GLY L 39 -21.89 0.10 -12.43
C GLY L 39 -21.99 0.35 -10.95
N HIS L 40 -23.11 -0.03 -10.38
CA HIS L 40 -23.28 -0.02 -8.93
C HIS L 40 -24.28 -1.08 -8.50
N SER L 41 -24.31 -1.38 -7.22
CA SER L 41 -25.24 -2.34 -6.66
C SER L 41 -26.33 -1.54 -6.01
N THR L 42 -27.57 -2.01 -6.13
CA THR L 42 -28.69 -1.33 -5.50
C THR L 42 -29.50 -2.37 -4.77
N THR L 43 -29.70 -2.16 -3.48
CA THR L 43 -30.61 -2.93 -2.70
C THR L 43 -31.91 -2.19 -2.42
N PHE L 44 -33.01 -2.77 -2.88
CA PHE L 44 -34.34 -2.20 -2.66
C PHE L 44 -35.06 -2.92 -1.52
N GLU L 45 -35.51 -2.19 -0.51
CA GLU L 45 -36.32 -2.80 0.55
C GLU L 45 -37.70 -3.17 -0.02
N PRO L 46 -38.45 -4.07 0.67
CA PRO L 46 -39.73 -4.51 0.09
C PRO L 46 -40.59 -3.31 -0.27
N GLY L 47 -41.19 -3.27 -1.44
CA GLY L 47 -42.01 -2.11 -1.81
C GLY L 47 -41.24 -1.03 -2.57
N ALA L 48 -39.92 -0.95 -2.41
CA ALA L 48 -39.14 0.14 -2.97
C ALA L 48 -38.83 -0.10 -4.42
N ARG L 49 -38.80 0.97 -5.17
CA ARG L 49 -38.52 0.87 -6.57
C ARG L 49 -38.01 2.16 -7.14
N THR L 50 -37.35 2.08 -8.29
CA THR L 50 -36.97 3.29 -9.00
C THR L 50 -38.22 4.05 -9.43
N ALA L 51 -38.00 5.31 -9.76
CA ALA L 51 -38.90 6.06 -10.56
C ALA L 51 -38.81 5.48 -11.93
N TRP L 52 -39.79 5.78 -12.77
CA TRP L 52 -39.66 5.59 -14.20
C TRP L 52 -38.44 6.38 -14.75
N HIS L 53 -37.72 5.81 -15.70
CA HIS L 53 -36.55 6.43 -16.27
C HIS L 53 -36.11 5.75 -17.55
N THR L 54 -35.09 6.35 -18.20
CA THR L 54 -34.48 5.81 -19.38
C THR L 54 -32.95 5.90 -19.27
N HIS L 55 -32.24 5.08 -20.05
CA HIS L 55 -30.80 5.12 -20.13
C HIS L 55 -30.39 5.37 -21.58
N PRO L 56 -29.47 6.33 -21.77
CA PRO L 56 -29.20 6.75 -23.14
C PRO L 56 -28.55 5.66 -23.93
N LEU L 57 -27.82 4.75 -23.27
CA LEU L 57 -27.22 3.63 -24.00
C LEU L 57 -27.63 2.26 -23.40
N GLY L 58 -28.81 2.24 -22.81
CA GLY L 58 -29.36 1.00 -22.31
C GLY L 58 -28.77 0.65 -20.98
N GLN L 59 -29.29 -0.40 -20.35
CA GLN L 59 -28.80 -0.85 -19.05
C GLN L 59 -28.99 -2.33 -18.95
N THR L 60 -28.04 -2.93 -18.25
CA THR L 60 -28.02 -4.31 -17.97
C THR L 60 -28.05 -4.53 -16.46
N LEU L 61 -28.96 -5.38 -16.01
CA LEU L 61 -29.08 -5.74 -14.63
C LEU L 61 -28.68 -7.17 -14.46
N ILE L 62 -28.03 -7.46 -13.35
CA ILE L 62 -27.74 -8.81 -12.95
C ILE L 62 -28.18 -8.93 -11.52
N VAL L 63 -29.19 -9.75 -11.29
CA VAL L 63 -29.75 -9.87 -9.98
C VAL L 63 -28.83 -10.72 -9.15
N THR L 64 -28.58 -10.27 -7.93
CA THR L 64 -27.66 -10.98 -7.05
C THR L 64 -28.27 -11.44 -5.76
N ALA L 65 -29.43 -10.89 -5.38
CA ALA L 65 -30.12 -11.42 -4.20
C ALA L 65 -31.56 -11.01 -4.12
N GLY L 66 -32.35 -11.83 -3.41
CA GLY L 66 -33.75 -11.57 -3.15
C GLY L 66 -34.60 -11.80 -4.37
N CYS L 67 -35.64 -11.00 -4.50
CA CYS L 67 -36.62 -11.19 -5.51
C CYS L 67 -37.32 -9.89 -5.78
N GLY L 68 -37.29 -9.43 -7.03
CA GLY L 68 -37.92 -8.17 -7.37
C GLY L 68 -38.71 -8.11 -8.67
N TRP L 69 -39.12 -6.90 -9.00
CA TRP L 69 -39.98 -6.62 -10.13
C TRP L 69 -39.39 -5.58 -11.07
N ALA L 70 -39.85 -5.68 -12.31
CA ALA L 70 -39.39 -4.82 -13.38
C ALA L 70 -40.47 -4.72 -14.44
N GLN L 71 -40.53 -3.57 -15.13
CA GLN L 71 -41.50 -3.35 -16.21
C GLN L 71 -41.04 -2.23 -17.13
N ARG L 72 -41.25 -2.40 -18.45
N ARG L 72 -41.26 -2.37 -18.45
CA ARG L 72 -41.21 -1.33 -19.46
CA ARG L 72 -41.18 -1.27 -19.40
C ARG L 72 -42.64 -0.79 -19.66
C ARG L 72 -42.61 -0.83 -19.76
N GLU L 73 -42.78 0.44 -20.11
CA GLU L 73 -44.12 1.03 -20.31
C GLU L 73 -44.93 0.25 -21.32
N GLY L 74 -46.15 -0.13 -20.91
CA GLY L 74 -47.05 -0.90 -21.77
C GLY L 74 -46.83 -2.39 -21.71
N GLY L 75 -45.84 -2.80 -20.92
CA GLY L 75 -45.54 -4.20 -20.74
C GLY L 75 -46.03 -4.71 -19.42
N ALA L 76 -46.00 -6.02 -19.28
CA ALA L 76 -46.32 -6.67 -18.01
C ALA L 76 -45.19 -6.54 -16.99
N VAL L 77 -45.55 -6.40 -15.73
CA VAL L 77 -44.57 -6.49 -14.67
C VAL L 77 -44.02 -7.89 -14.61
N GLU L 78 -42.70 -8.02 -14.62
CA GLU L 78 -42.11 -9.34 -14.55
C GLU L 78 -41.25 -9.51 -13.26
N GLU L 79 -41.08 -10.77 -12.84
CA GLU L 79 -40.33 -11.07 -11.63
C GLU L 79 -38.91 -11.27 -12.03
N ILE L 80 -37.97 -10.77 -11.24
CA ILE L 80 -36.56 -11.04 -11.50
C ILE L 80 -35.89 -11.64 -10.24
N HIS L 81 -35.05 -12.64 -10.49
CA HIS L 81 -34.49 -13.53 -9.47
C HIS L 81 -32.97 -13.59 -9.57
N PRO L 82 -32.31 -14.07 -8.52
CA PRO L 82 -30.88 -14.04 -8.61
C PRO L 82 -30.36 -14.88 -9.75
N GLY L 83 -29.39 -14.33 -10.45
CA GLY L 83 -28.81 -14.98 -11.62
C GLY L 83 -29.50 -14.54 -12.90
N ASP L 84 -30.70 -13.94 -12.82
CA ASP L 84 -31.30 -13.37 -14.02
C ASP L 84 -30.48 -12.17 -14.53
N VAL L 85 -30.45 -12.04 -15.85
CA VAL L 85 -29.84 -10.94 -16.51
C VAL L 85 -30.88 -10.16 -17.30
N VAL L 86 -31.01 -8.86 -17.03
CA VAL L 86 -32.08 -8.05 -17.64
C VAL L 86 -31.47 -6.98 -18.52
N TRP L 87 -32.01 -6.80 -19.72
CA TRP L 87 -31.58 -5.72 -20.61
C TRP L 87 -32.70 -4.75 -20.94
N PHE L 88 -32.45 -3.48 -20.64
CA PHE L 88 -33.28 -2.36 -21.09
C PHE L 88 -32.60 -1.65 -22.25
N SER L 89 -33.34 -1.43 -23.34
CA SER L 89 -32.85 -0.70 -24.51
C SER L 89 -32.56 0.76 -24.25
N PRO L 90 -31.79 1.38 -25.16
CA PRO L 90 -31.55 2.80 -25.05
C PRO L 90 -32.88 3.53 -25.22
N GLY L 91 -33.19 4.49 -24.37
CA GLY L 91 -34.44 5.22 -24.48
C GLY L 91 -35.70 4.49 -23.97
N GLU L 92 -35.60 3.21 -23.60
CA GLU L 92 -36.74 2.46 -23.11
C GLU L 92 -37.17 2.94 -21.74
N LYS L 93 -38.41 3.39 -21.64
CA LYS L 93 -38.90 3.89 -20.37
C LYS L 93 -39.23 2.72 -19.45
N HIS L 94 -38.65 2.68 -18.25
CA HIS L 94 -38.82 1.52 -17.40
C HIS L 94 -38.63 1.79 -15.93
N TRP L 95 -38.99 0.81 -15.12
CA TRP L 95 -38.64 0.87 -13.71
C TRP L 95 -38.27 -0.49 -13.19
N HIS L 96 -37.67 -0.52 -12.00
CA HIS L 96 -37.33 -1.76 -11.32
C HIS L 96 -37.19 -1.62 -9.80
N GLY L 97 -37.38 -2.71 -9.09
CA GLY L 97 -37.48 -2.62 -7.65
C GLY L 97 -37.68 -3.93 -6.99
N ALA L 98 -37.81 -3.91 -5.69
CA ALA L 98 -38.21 -5.07 -4.92
C ALA L 98 -39.65 -5.44 -5.23
N ALA L 99 -40.01 -6.65 -4.85
CA ALA L 99 -41.40 -7.10 -4.85
C ALA L 99 -41.99 -6.61 -3.56
N PRO L 100 -43.32 -6.73 -3.37
CA PRO L 100 -43.87 -6.04 -2.24
C PRO L 100 -43.44 -6.53 -0.90
N THR L 101 -43.07 -7.79 -0.77
CA THR L 101 -42.77 -8.36 0.55
C THR L 101 -41.35 -8.94 0.63
N THR L 102 -40.64 -8.98 -0.49
CA THR L 102 -39.21 -9.29 -0.49
C THR L 102 -38.32 -8.18 -1.05
N ALA L 103 -37.17 -8.03 -0.38
CA ALA L 103 -36.10 -7.18 -0.85
C ALA L 103 -35.41 -7.76 -2.08
N MET L 104 -34.70 -6.91 -2.82
CA MET L 104 -33.92 -7.38 -3.97
C MET L 104 -32.64 -6.56 -4.13
N THR L 105 -31.55 -7.21 -4.55
CA THR L 105 -30.31 -6.53 -4.89
C THR L 105 -29.93 -6.91 -6.29
N HIS L 106 -29.55 -5.92 -7.10
CA HIS L 106 -28.95 -6.19 -8.37
C HIS L 106 -27.74 -5.30 -8.65
N LEU L 107 -26.91 -5.81 -9.52
CA LEU L 107 -25.88 -5.07 -10.17
C LEU L 107 -26.48 -4.38 -11.40
N ALA L 108 -26.26 -3.10 -11.52
CA ALA L 108 -26.67 -2.36 -12.70
C ALA L 108 -25.41 -1.85 -13.44
N ILE L 109 -25.35 -2.09 -14.75
CA ILE L 109 -24.22 -1.75 -15.59
C ILE L 109 -24.76 -0.96 -16.78
N HIS L 110 -24.20 0.22 -17.01
CA HIS L 110 -24.66 1.15 -18.04
C HIS L 110 -23.50 1.96 -18.59
N GLU L 111 -23.60 2.32 -19.86
CA GLU L 111 -22.61 3.19 -20.46
C GLU L 111 -23.11 4.63 -20.53
N ARG L 112 -22.19 5.56 -20.30
CA ARG L 112 -22.51 6.96 -20.22
C ARG L 112 -22.45 7.57 -21.62
N LEU L 113 -23.39 8.45 -21.93
CA LEU L 113 -23.33 9.26 -23.16
C LEU L 113 -23.20 10.72 -22.74
N ASP L 114 -22.06 11.35 -23.08
CA ASP L 114 -21.74 12.76 -22.71
C ASP L 114 -21.82 12.97 -21.21
N GLY L 115 -21.15 12.10 -20.45
CA GLY L 115 -21.18 12.14 -18.99
C GLY L 115 -22.39 11.48 -18.31
N LYS L 116 -23.52 11.37 -19.00
CA LYS L 116 -24.79 10.98 -18.38
C LYS L 116 -25.19 9.53 -18.67
N ALA L 117 -25.62 8.82 -17.60
CA ALA L 117 -26.08 7.43 -17.68
C ALA L 117 -27.61 7.20 -17.44
N VAL L 118 -28.37 8.25 -17.12
CA VAL L 118 -29.80 8.11 -16.87
C VAL L 118 -30.57 9.41 -17.01
N ASP L 119 -31.84 9.30 -17.43
CA ASP L 119 -32.77 10.42 -17.43
C ASP L 119 -33.99 10.06 -16.56
N TRP L 120 -34.15 10.76 -15.44
CA TRP L 120 -35.15 10.43 -14.41
C TRP L 120 -36.51 11.04 -14.71
N MET L 121 -37.57 10.22 -14.71
CA MET L 121 -38.95 10.70 -14.89
C MET L 121 -39.81 10.55 -13.64
N GLU L 122 -41.11 10.33 -13.78
CA GLU L 122 -41.98 10.41 -12.60
C GLU L 122 -41.96 9.13 -11.75
N HIS L 123 -42.36 9.24 -10.50
CA HIS L 123 -42.38 8.08 -9.64
C HIS L 123 -43.41 7.04 -10.17
N VAL L 124 -43.16 5.77 -9.84
CA VAL L 124 -44.05 4.66 -10.13
C VAL L 124 -45.11 4.68 -9.03
N THR L 125 -46.37 4.89 -9.39
CA THR L 125 -47.45 4.99 -8.41
C THR L 125 -47.79 3.62 -7.86
N ASP L 126 -48.38 3.58 -6.66
CA ASP L 126 -48.84 2.31 -6.07
C ASP L 126 -49.73 1.57 -7.05
N GLU L 127 -50.49 2.30 -7.82
CA GLU L 127 -51.42 1.68 -8.71
C GLU L 127 -50.70 1.01 -9.88
N GLN L 128 -49.58 1.58 -10.33
CA GLN L 128 -48.75 0.98 -11.39
C GLN L 128 -47.90 -0.17 -10.87
N TYR L 129 -47.51 -0.09 -9.59
CA TYR L 129 -46.77 -1.14 -8.90
C TYR L 129 -47.72 -2.30 -8.51
N ARG L 130 -48.01 -3.14 -9.47
CA ARG L 130 -49.11 -4.09 -9.37
C ARG L 130 -48.92 -5.03 -10.52
N ARG L 131 -48.73 -6.32 -10.23
CA ARG L 131 -48.58 -7.34 -11.29
C ARG L 131 -49.81 -7.34 -12.20
N MET M 1 -0.01 52.63 -7.25
CA MET M 1 0.69 51.39 -7.75
C MET M 1 0.08 50.97 -9.06
N GLU M 2 0.90 50.84 -10.09
CA GLU M 2 0.41 50.36 -11.36
C GLU M 2 1.22 49.12 -11.75
N ILE M 3 0.53 48.05 -12.15
CA ILE M 3 1.18 46.83 -12.62
C ILE M 3 0.87 46.60 -14.07
N LYS M 4 1.89 46.45 -14.91
CA LYS M 4 1.69 46.01 -16.28
C LYS M 4 2.17 44.55 -16.38
N ARG M 5 1.21 43.65 -16.51
CA ARG M 5 1.49 42.23 -16.44
C ARG M 5 2.28 41.77 -17.65
N VAL M 6 3.06 40.73 -17.44
CA VAL M 6 3.81 40.12 -18.51
C VAL M 6 2.85 39.73 -19.63
N GLY M 7 3.21 40.12 -20.84
CA GLY M 7 2.41 39.85 -22.00
C GLY M 7 1.47 40.98 -22.40
N SER M 8 1.35 42.03 -21.58
CA SER M 8 0.35 43.05 -21.81
C SER M 8 0.85 44.17 -22.75
N GLN M 9 2.13 44.21 -23.04
CA GLN M 9 2.69 45.23 -23.87
C GLN M 9 3.09 44.55 -25.18
N ALA M 10 2.47 44.97 -26.26
CA ALA M 10 2.73 44.43 -27.58
C ALA M 10 4.17 44.65 -27.96
N SER M 11 4.78 43.62 -28.53
CA SER M 11 6.10 43.75 -29.13
C SER M 11 6.02 44.61 -30.39
N GLY M 12 7.12 45.30 -30.72
CA GLY M 12 7.23 46.14 -31.92
C GLY M 12 8.49 45.78 -32.65
N LYS M 13 8.84 46.55 -33.65
CA LYS M 13 9.95 46.22 -34.52
C LYS M 13 10.92 47.41 -34.62
N GLY M 14 12.22 47.14 -34.61
CA GLY M 14 13.23 48.18 -34.69
C GLY M 14 13.25 48.87 -36.04
N PRO M 15 13.03 50.19 -36.06
CA PRO M 15 12.98 50.89 -37.36
C PRO M 15 14.27 50.80 -38.17
N ALA M 16 14.12 50.49 -39.46
CA ALA M 16 15.25 50.38 -40.40
C ALA M 16 16.27 51.52 -40.33
N ASP M 17 15.82 52.72 -40.01
CA ASP M 17 16.71 53.89 -39.85
C ASP M 17 17.64 53.77 -38.66
N TRP M 18 17.15 53.16 -37.59
CA TRP M 18 17.91 53.06 -36.34
C TRP M 18 18.66 51.75 -36.17
N PHE M 19 18.35 50.75 -37.00
CA PHE M 19 18.90 49.40 -36.83
C PHE M 19 19.27 48.73 -38.14
N THR M 20 20.40 48.04 -38.13
CA THR M 20 20.75 47.12 -39.17
C THR M 20 20.22 45.75 -38.77
N GLY M 21 19.44 45.14 -39.65
CA GLY M 21 18.97 43.77 -39.49
C GLY M 21 17.68 43.73 -38.68
N THR M 22 17.28 42.52 -38.26
CA THR M 22 16.03 42.30 -37.54
C THR M 22 16.18 42.39 -36.00
N VAL M 23 15.34 43.26 -35.44
CA VAL M 23 15.40 43.65 -34.04
C VAL M 23 13.96 43.75 -33.53
N ARG M 24 13.74 43.27 -32.30
CA ARG M 24 12.43 43.40 -31.65
C ARG M 24 12.57 44.26 -30.40
N ILE M 25 11.58 45.12 -30.18
CA ILE M 25 11.55 46.04 -29.08
C ILE M 25 10.29 45.69 -28.30
N ASP M 26 10.52 45.26 -27.06
CA ASP M 26 9.47 44.92 -26.12
C ASP M 26 9.47 46.02 -25.10
N PRO M 27 8.48 46.92 -25.18
CA PRO M 27 8.47 48.07 -24.28
C PRO M 27 8.22 47.65 -22.86
N LEU M 28 8.75 48.40 -21.90
CA LEU M 28 8.65 48.09 -20.49
C LEU M 28 8.07 49.24 -19.69
N PHE M 29 8.77 50.38 -19.69
CA PHE M 29 8.24 51.54 -18.99
C PHE M 29 8.72 52.88 -19.50
N GLN M 30 7.93 53.89 -19.19
CA GLN M 30 8.34 55.27 -19.30
C GLN M 30 7.71 56.01 -18.13
N ALA M 31 8.52 56.38 -17.16
CA ALA M 31 8.02 57.03 -15.96
C ALA M 31 7.36 58.38 -16.30
N PRO M 32 6.27 58.74 -15.61
CA PRO M 32 5.70 60.09 -15.86
C PRO M 32 6.45 61.20 -15.11
N ASP M 33 6.33 62.45 -15.59
CA ASP M 33 6.95 63.61 -14.91
C ASP M 33 6.46 63.66 -13.48
N PRO M 34 7.26 64.10 -12.51
CA PRO M 34 8.60 64.64 -12.70
C PRO M 34 9.75 63.62 -12.95
N ALA M 35 9.45 62.32 -12.98
CA ALA M 35 10.49 61.33 -13.26
C ALA M 35 10.83 61.33 -14.77
N LEU M 36 12.12 61.13 -15.06
CA LEU M 36 12.66 61.20 -16.42
C LEU M 36 13.08 59.86 -17.02
N VAL M 37 12.99 58.77 -16.25
CA VAL M 37 13.58 57.48 -16.67
C VAL M 37 12.68 56.65 -17.56
N ALA M 38 13.29 55.95 -18.49
CA ALA M 38 12.54 55.01 -19.32
C ALA M 38 13.39 53.80 -19.57
N GLY M 39 12.71 52.69 -19.88
CA GLY M 39 13.41 51.49 -20.33
C GLY M 39 12.56 50.56 -21.14
N HIS M 40 13.24 49.77 -21.95
CA HIS M 40 12.60 48.68 -22.69
C HIS M 40 13.62 47.58 -22.89
N SER M 41 13.15 46.48 -23.47
CA SER M 41 13.97 45.33 -23.75
C SER M 41 14.12 45.21 -25.27
N THR M 42 15.32 44.93 -25.71
CA THR M 42 15.56 44.76 -27.13
C THR M 42 16.19 43.43 -27.38
N THR M 43 15.67 42.71 -28.35
CA THR M 43 16.28 41.49 -28.76
C THR M 43 16.76 41.63 -30.20
N PHE M 44 18.06 41.45 -30.39
CA PHE M 44 18.69 41.47 -31.70
C PHE M 44 18.85 40.06 -32.21
N GLU M 45 18.46 39.82 -33.44
CA GLU M 45 18.77 38.56 -34.10
C GLU M 45 20.22 38.57 -34.49
N PRO M 46 20.78 37.40 -34.81
CA PRO M 46 22.21 37.37 -35.04
C PRO M 46 22.57 38.33 -36.15
N GLY M 47 23.61 39.12 -35.94
CA GLY M 47 24.05 40.03 -36.98
C GLY M 47 23.46 41.40 -36.87
N ALA M 48 22.28 41.50 -36.26
CA ALA M 48 21.61 42.77 -36.11
C ALA M 48 22.26 43.64 -35.05
N ARG M 49 22.12 44.96 -35.22
CA ARG M 49 22.64 45.94 -34.27
C ARG M 49 22.03 47.31 -34.47
N THR M 50 22.29 48.18 -33.51
CA THR M 50 21.89 49.57 -33.64
C THR M 50 22.81 50.27 -34.63
N ALA M 51 22.27 51.33 -35.20
CA ALA M 51 23.06 52.39 -35.79
C ALA M 51 23.90 53.04 -34.69
N TRP M 52 24.98 53.75 -35.05
CA TRP M 52 25.70 54.53 -34.08
C TRP M 52 24.73 55.55 -33.50
N HIS M 53 24.99 56.00 -32.28
CA HIS M 53 24.12 56.98 -31.61
C HIS M 53 24.65 57.42 -30.27
N THR M 54 23.95 58.39 -29.69
CA THR M 54 24.29 58.89 -28.38
C THR M 54 23.05 59.08 -27.56
N HIS M 55 23.26 59.17 -26.25
CA HIS M 55 22.19 59.47 -25.33
C HIS M 55 22.58 60.73 -24.57
N PRO M 56 21.61 61.61 -24.38
CA PRO M 56 21.88 62.85 -23.68
C PRO M 56 22.21 62.66 -22.19
N LEU M 57 21.66 61.65 -21.53
CA LEU M 57 22.01 61.40 -20.12
C LEU M 57 22.64 60.00 -19.92
N GLY M 58 23.23 59.47 -20.98
CA GLY M 58 23.87 58.17 -20.94
C GLY M 58 22.85 57.06 -20.97
N GLN M 59 23.35 55.82 -21.01
CA GLN M 59 22.50 54.67 -21.09
C GLN M 59 23.13 53.53 -20.32
N THR M 60 22.29 52.80 -19.57
CA THR M 60 22.69 51.59 -18.88
C THR M 60 22.06 50.38 -19.53
N LEU M 61 22.87 49.40 -19.92
CA LEU M 61 22.38 48.15 -20.46
C LEU M 61 22.53 47.04 -19.41
N ILE M 62 21.49 46.21 -19.24
CA ILE M 62 21.68 44.94 -18.50
C ILE M 62 21.35 43.78 -19.40
N VAL M 63 22.34 42.95 -19.67
CA VAL M 63 22.15 41.88 -20.61
C VAL M 63 21.42 40.75 -19.92
N THR M 64 20.34 40.30 -20.54
CA THR M 64 19.48 39.28 -19.97
C THR M 64 19.47 37.97 -20.72
N ALA M 65 19.85 37.97 -22.00
CA ALA M 65 19.99 36.71 -22.73
C ALA M 65 20.96 36.77 -23.89
N GLY M 66 21.50 35.62 -24.24
CA GLY M 66 22.33 35.47 -25.41
C GLY M 66 23.67 36.14 -25.26
N CYS M 67 24.25 36.55 -26.38
CA CYS M 67 25.62 37.04 -26.38
C CYS M 67 25.76 38.08 -27.47
N GLY M 68 26.24 39.26 -27.09
CA GLY M 68 26.21 40.43 -27.98
C GLY M 68 27.52 41.16 -28.13
N TRP M 69 27.51 42.14 -29.03
CA TRP M 69 28.66 43.02 -29.15
C TRP M 69 28.31 44.46 -28.86
N ALA M 70 29.34 45.22 -28.52
CA ALA M 70 29.18 46.61 -28.19
C ALA M 70 30.48 47.36 -28.31
N GLN M 71 30.37 48.63 -28.68
CA GLN M 71 31.54 49.45 -28.94
C GLN M 71 31.23 50.94 -28.80
N ARG M 72 32.16 51.69 -28.24
CA ARG M 72 32.08 53.15 -28.33
C ARG M 72 33.06 53.65 -29.39
N GLU M 73 32.84 54.89 -29.85
CA GLU M 73 33.70 55.51 -30.85
C GLU M 73 35.16 55.47 -30.45
N GLY M 74 35.99 54.82 -31.25
CA GLY M 74 37.42 54.73 -30.99
C GLY M 74 37.84 53.69 -29.96
N GLY M 75 36.92 52.85 -29.50
CA GLY M 75 37.25 51.74 -28.62
C GLY M 75 37.18 50.42 -29.35
N ALA M 76 37.34 49.33 -28.60
CA ALA M 76 37.29 48.00 -29.17
C ALA M 76 35.86 47.51 -29.15
N VAL M 77 35.58 46.56 -30.03
CA VAL M 77 34.31 45.87 -30.04
C VAL M 77 34.38 44.82 -28.93
N GLU M 78 33.57 45.01 -27.89
CA GLU M 78 33.54 44.14 -26.71
C GLU M 78 32.41 43.12 -26.79
N GLU M 79 32.63 41.93 -26.23
CA GLU M 79 31.61 40.87 -26.22
C GLU M 79 30.87 41.01 -24.87
N ILE M 80 29.54 41.05 -24.89
CA ILE M 80 28.75 41.14 -23.65
C ILE M 80 27.82 39.93 -23.44
N HIS M 81 27.62 39.59 -22.17
CA HIS M 81 26.99 38.36 -21.72
C HIS M 81 25.95 38.62 -20.63
N PRO M 82 25.02 37.68 -20.42
CA PRO M 82 23.99 37.88 -19.41
C PRO M 82 24.54 38.09 -18.00
N GLY M 83 24.06 39.12 -17.34
CA GLY M 83 24.56 39.54 -16.05
C GLY M 83 25.47 40.76 -16.16
N ASP M 84 26.07 40.98 -17.33
CA ASP M 84 26.95 42.12 -17.52
C ASP M 84 26.13 43.39 -17.51
N VAL M 85 26.68 44.42 -16.89
CA VAL M 85 26.06 45.73 -16.90
C VAL M 85 26.96 46.74 -17.61
N VAL M 86 26.40 47.46 -18.59
CA VAL M 86 27.17 48.33 -19.48
C VAL M 86 26.71 49.77 -19.28
N TRP M 87 27.66 50.68 -19.13
CA TRP M 87 27.38 52.12 -19.07
C TRP M 87 28.00 52.86 -20.29
N PHE M 88 27.17 53.66 -20.96
CA PHE M 88 27.63 54.62 -21.96
C PHE M 88 27.38 56.03 -21.40
N SER M 89 28.39 56.89 -21.52
CA SER M 89 28.31 58.25 -20.97
C SER M 89 27.37 59.13 -21.79
N PRO M 90 26.94 60.25 -21.21
CA PRO M 90 26.18 61.22 -22.00
C PRO M 90 26.98 61.67 -23.21
N GLY M 91 26.33 61.63 -24.38
CA GLY M 91 26.93 62.02 -25.64
C GLY M 91 28.05 61.10 -26.08
N GLU M 92 28.08 59.88 -25.56
CA GLU M 92 29.11 58.98 -25.98
C GLU M 92 28.54 58.29 -27.17
N LYS M 93 29.29 58.28 -28.28
CA LYS M 93 28.81 57.74 -29.54
C LYS M 93 29.15 56.29 -29.48
N HIS M 94 28.17 55.43 -29.79
CA HIS M 94 28.32 53.98 -29.59
C HIS M 94 27.24 53.22 -30.30
N TRP M 95 27.48 51.91 -30.46
CA TRP M 95 26.46 50.99 -30.92
C TRP M 95 26.48 49.71 -30.10
N HIS M 96 25.43 48.91 -30.24
CA HIS M 96 25.39 47.60 -29.65
C HIS M 96 24.38 46.66 -30.32
N GLY M 97 24.56 45.36 -30.13
CA GLY M 97 23.64 44.40 -30.72
C GLY M 97 24.09 42.97 -30.58
N ALA M 98 23.50 42.11 -31.40
CA ALA M 98 23.86 40.72 -31.43
C ALA M 98 25.30 40.52 -31.87
N ALA M 99 25.82 39.35 -31.60
CA ALA M 99 27.02 38.86 -32.23
C ALA M 99 26.56 38.23 -33.55
N PRO M 100 27.53 37.85 -34.41
CA PRO M 100 27.12 37.30 -35.71
C PRO M 100 26.35 36.02 -35.64
N THR M 101 26.64 35.12 -34.71
CA THR M 101 25.98 33.82 -34.71
C THR M 101 25.02 33.59 -33.57
N THR M 102 24.81 34.59 -32.72
CA THR M 102 23.86 34.45 -31.62
C THR M 102 23.04 35.70 -31.40
N ALA M 103 21.77 35.50 -31.06
CA ALA M 103 20.93 36.61 -30.63
C ALA M 103 21.40 37.17 -29.29
N MET M 104 20.96 38.37 -28.96
CA MET M 104 21.16 38.93 -27.63
C MET M 104 19.96 39.78 -27.27
N THR M 105 19.57 39.72 -25.99
CA THR M 105 18.52 40.55 -25.45
C THR M 105 19.07 41.34 -24.30
N HIS M 106 18.77 42.63 -24.25
CA HIS M 106 19.08 43.42 -23.09
C HIS M 106 17.98 44.35 -22.72
N LEU M 107 18.05 44.74 -21.48
CA LEU M 107 17.24 45.79 -20.94
C LEU M 107 18.06 47.08 -21.06
N ALA M 108 17.46 48.12 -21.64
CA ALA M 108 18.11 49.42 -21.74
C ALA M 108 17.36 50.44 -20.92
N ILE M 109 18.14 51.22 -20.18
CA ILE M 109 17.62 52.21 -19.30
C ILE M 109 18.35 53.53 -19.53
N HIS M 110 17.59 54.63 -19.61
CA HIS M 110 18.12 55.94 -20.01
C HIS M 110 17.17 57.03 -19.52
N GLU M 111 17.72 58.16 -19.09
CA GLU M 111 16.88 59.32 -18.76
C GLU M 111 16.72 60.24 -19.95
N ARG M 112 15.50 60.73 -20.12
CA ARG M 112 15.20 61.71 -21.14
C ARG M 112 15.62 63.14 -20.67
N LEU M 113 16.24 63.90 -21.57
CA LEU M 113 16.64 65.29 -21.32
C LEU M 113 15.80 66.18 -22.19
N ASP M 114 15.12 67.11 -21.54
CA ASP M 114 14.14 68.03 -22.17
C ASP M 114 13.12 67.31 -23.07
N GLY M 115 12.81 66.05 -22.76
CA GLY M 115 11.83 65.28 -23.52
C GLY M 115 12.35 64.30 -24.56
N LYS M 116 13.66 64.15 -24.73
CA LYS M 116 14.15 63.12 -25.65
C LYS M 116 15.28 62.28 -25.05
N ALA M 117 15.41 61.05 -25.58
CA ALA M 117 16.26 60.00 -25.02
C ALA M 117 17.40 59.50 -25.93
N VAL M 118 17.41 59.90 -27.19
CA VAL M 118 18.44 59.41 -28.10
C VAL M 118 18.62 60.35 -29.30
N ASP M 119 19.80 60.27 -29.91
CA ASP M 119 20.10 60.94 -31.16
C ASP M 119 20.80 60.01 -32.13
N TRP M 120 20.04 59.58 -33.13
CA TRP M 120 20.44 58.54 -34.05
C TRP M 120 21.40 59.05 -35.13
N MET M 121 22.49 58.33 -35.35
CA MET M 121 23.47 58.67 -36.37
C MET M 121 23.58 57.56 -37.42
N GLU M 122 24.75 57.33 -38.00
CA GLU M 122 24.85 56.44 -39.17
C GLU M 122 24.89 54.97 -38.80
N HIS M 123 24.42 54.12 -39.70
CA HIS M 123 24.48 52.68 -39.51
C HIS M 123 25.89 52.21 -39.30
N VAL M 124 26.03 51.07 -38.64
CA VAL M 124 27.31 50.50 -38.33
C VAL M 124 27.60 49.60 -39.52
N THR M 125 28.75 49.77 -40.17
CA THR M 125 28.95 49.14 -41.47
C THR M 125 29.43 47.74 -41.24
N ASP M 126 29.43 46.93 -42.29
CA ASP M 126 29.96 45.59 -42.16
C ASP M 126 31.44 45.55 -41.79
N GLU M 127 32.21 46.52 -42.30
CA GLU M 127 33.62 46.71 -41.92
C GLU M 127 33.79 46.96 -40.43
N GLN M 128 32.92 47.79 -39.90
CA GLN M 128 32.94 48.11 -38.49
C GLN M 128 32.47 46.92 -37.63
N TYR M 129 31.47 46.18 -38.12
CA TYR M 129 30.89 45.05 -37.40
C TYR M 129 31.78 43.82 -37.48
N ARG M 130 32.90 43.88 -36.77
CA ARG M 130 33.84 42.78 -36.71
C ARG M 130 34.57 42.88 -35.39
N ARG M 131 35.01 41.75 -34.91
CA ARG M 131 35.67 41.66 -33.66
C ARG M 131 37.04 41.10 -33.93
N MET N 1 32.68 54.20 -21.85
CA MET N 1 31.94 52.92 -21.78
C MET N 1 32.55 52.14 -20.65
N GLU N 2 31.75 51.67 -19.71
CA GLU N 2 32.26 50.71 -18.73
C GLU N 2 31.40 49.42 -18.68
N ILE N 3 32.06 48.29 -18.53
CA ILE N 3 31.40 47.02 -18.38
C ILE N 3 31.76 46.48 -17.00
N LYS N 4 30.73 46.32 -16.17
CA LYS N 4 30.84 45.54 -14.96
C LYS N 4 30.39 44.11 -15.26
N ARG N 5 31.35 43.21 -15.27
CA ARG N 5 31.12 41.84 -15.65
C ARG N 5 30.34 41.11 -14.58
N VAL N 6 29.63 40.08 -15.00
CA VAL N 6 28.89 39.24 -14.07
C VAL N 6 29.89 38.65 -13.03
N GLY N 7 29.50 38.66 -11.77
CA GLY N 7 30.39 38.19 -10.69
C GLY N 7 31.30 39.26 -10.07
N SER N 8 31.33 40.45 -10.68
CA SER N 8 32.22 41.51 -10.25
C SER N 8 31.57 42.32 -9.15
N GLN N 9 30.27 42.17 -8.93
CA GLN N 9 29.58 43.00 -7.89
C GLN N 9 29.08 42.11 -6.77
N ALA N 10 29.75 42.16 -5.64
CA ALA N 10 29.49 41.22 -4.58
C ALA N 10 28.10 41.39 -4.04
N SER N 11 27.52 40.29 -3.61
CA SER N 11 26.17 40.32 -3.02
C SER N 11 26.28 40.95 -1.64
N GLY N 12 25.20 41.55 -1.15
CA GLY N 12 25.11 42.08 0.19
C GLY N 12 23.81 41.63 0.83
N LYS N 13 23.58 42.00 2.09
CA LYS N 13 22.39 41.66 2.86
C LYS N 13 21.52 42.85 3.13
N GLY N 14 20.21 42.65 3.10
CA GLY N 14 19.24 43.68 3.46
C GLY N 14 19.32 43.98 4.93
N PRO N 15 19.62 45.23 5.30
CA PRO N 15 19.69 45.60 6.74
C PRO N 15 18.36 45.38 7.48
N ALA N 16 18.43 44.93 8.72
CA ALA N 16 17.23 44.70 9.56
C ALA N 16 16.27 45.89 9.69
N ASP N 17 16.78 47.11 9.69
CA ASP N 17 15.88 48.23 9.90
C ASP N 17 15.04 48.45 8.65
N TRP N 18 15.48 47.95 7.50
CA TRP N 18 14.70 48.19 6.26
C TRP N 18 13.99 46.98 5.67
N PHE N 19 14.24 45.78 6.21
CA PHE N 19 13.61 44.57 5.73
C PHE N 19 13.18 43.68 6.86
N THR N 20 12.07 43.00 6.63
CA THR N 20 11.66 41.88 7.46
C THR N 20 12.10 40.59 6.75
N GLY N 21 12.73 39.68 7.50
CA GLY N 21 13.18 38.42 6.97
C GLY N 21 14.52 38.55 6.24
N THR N 22 14.85 37.55 5.48
CA THR N 22 16.16 37.42 4.90
C THR N 22 16.11 37.90 3.46
N VAL N 23 16.95 38.88 3.16
CA VAL N 23 16.93 39.56 1.85
C VAL N 23 18.38 39.69 1.39
N ARG N 24 18.61 39.44 0.09
CA ARG N 24 19.93 39.69 -0.51
C ARG N 24 19.85 40.80 -1.54
N ILE N 25 20.86 41.65 -1.54
CA ILE N 25 20.95 42.76 -2.49
C ILE N 25 22.11 42.50 -3.42
N ASP N 26 21.85 42.55 -4.71
CA ASP N 26 22.88 42.45 -5.71
C ASP N 26 23.01 43.79 -6.47
N PRO N 27 24.09 44.57 -6.20
CA PRO N 27 24.20 45.85 -6.84
C PRO N 27 24.29 45.73 -8.35
N LEU N 28 23.73 46.71 -9.05
CA LEU N 28 23.79 46.69 -10.52
C LEU N 28 24.37 47.96 -11.11
N PHE N 29 23.84 49.12 -10.74
CA PHE N 29 24.42 50.36 -11.22
C PHE N 29 23.97 51.58 -10.46
N GLN N 30 24.84 52.57 -10.48
CA GLN N 30 24.54 53.90 -10.03
C GLN N 30 25.17 54.84 -11.04
N ALA N 31 24.34 55.55 -11.79
CA ALA N 31 24.81 56.37 -12.88
C ALA N 31 25.43 57.67 -12.33
N PRO N 32 26.62 58.05 -12.82
CA PRO N 32 27.26 59.29 -12.32
C PRO N 32 26.58 60.58 -12.83
N ASP N 33 26.74 61.69 -12.11
CA ASP N 33 26.19 63.00 -12.55
C ASP N 33 26.57 63.26 -13.99
N PRO N 34 25.71 63.91 -14.77
CA PRO N 34 24.47 64.54 -14.32
C PRO N 34 23.25 63.60 -14.29
N ALA N 35 23.43 62.34 -14.70
CA ALA N 35 22.39 61.29 -14.55
C ALA N 35 22.02 61.01 -13.08
N LEU N 36 20.73 60.82 -12.84
CA LEU N 36 20.19 60.57 -11.50
C LEU N 36 19.77 59.09 -11.21
N VAL N 37 19.83 58.22 -12.21
CA VAL N 37 19.24 56.90 -12.10
C VAL N 37 20.17 55.83 -11.45
N ALA N 38 19.54 54.94 -10.69
CA ALA N 38 20.22 53.84 -9.99
C ALA N 38 19.36 52.59 -10.07
N GLY N 39 19.99 51.44 -9.98
CA GLY N 39 19.25 50.19 -9.92
C GLY N 39 20.03 49.05 -9.27
N HIS N 40 19.28 48.09 -8.77
CA HIS N 40 19.87 46.86 -8.20
C HIS N 40 18.85 45.73 -8.15
N SER N 41 19.34 44.51 -7.92
CA SER N 41 18.48 43.32 -7.86
C SER N 41 18.33 42.94 -6.39
N THR N 42 17.12 42.57 -5.99
CA THR N 42 16.82 42.14 -4.63
C THR N 42 16.12 40.78 -4.70
N THR N 43 16.60 39.86 -3.87
CA THR N 43 16.04 38.53 -3.78
C THR N 43 15.55 38.41 -2.34
N PHE N 44 14.24 38.17 -2.21
CA PHE N 44 13.56 37.95 -0.96
C PHE N 44 13.32 36.45 -0.75
N GLU N 45 13.80 35.93 0.37
CA GLU N 45 13.42 34.60 0.79
C GLU N 45 11.93 34.62 1.15
N PRO N 46 11.27 33.43 1.14
CA PRO N 46 9.86 33.33 1.49
C PRO N 46 9.50 34.13 2.73
N GLY N 47 8.44 34.92 2.69
CA GLY N 47 8.05 35.76 3.83
C GLY N 47 8.80 37.07 4.08
N ALA N 48 9.94 37.29 3.41
CA ALA N 48 10.70 38.49 3.55
C ALA N 48 10.05 39.62 2.75
N ARG N 49 10.13 40.83 3.28
CA ARG N 49 9.66 42.00 2.53
C ARG N 49 10.34 43.27 2.98
N THR N 50 10.28 44.30 2.14
CA THR N 50 10.65 45.63 2.59
C THR N 50 9.78 46.11 3.76
N ALA N 51 10.35 46.99 4.57
CA ALA N 51 9.52 47.88 5.38
C ALA N 51 8.73 48.79 4.47
N TRP N 52 7.74 49.49 5.01
CA TRP N 52 7.04 50.51 4.22
C TRP N 52 8.08 51.58 3.91
N HIS N 53 7.97 52.19 2.75
CA HIS N 53 8.87 53.24 2.38
C HIS N 53 8.29 54.01 1.20
N THR N 54 8.98 55.09 0.84
CA THR N 54 8.59 55.90 -0.30
C THR N 54 9.86 56.23 -1.06
N HIS N 55 9.67 56.58 -2.32
CA HIS N 55 10.72 57.09 -3.19
C HIS N 55 10.36 58.48 -3.72
N PRO N 56 11.34 59.38 -3.78
CA PRO N 56 11.03 60.77 -4.10
C PRO N 56 10.72 60.95 -5.58
N LEU N 57 11.29 60.12 -6.45
CA LEU N 57 10.92 60.18 -7.86
C LEU N 57 10.27 58.88 -8.37
N GLY N 58 9.71 58.11 -7.44
CA GLY N 58 9.02 56.89 -7.78
C GLY N 58 10.01 55.76 -8.04
N GLN N 59 9.48 54.58 -8.29
CA GLN N 59 10.31 53.38 -8.53
C GLN N 59 9.62 52.49 -9.51
N THR N 60 10.42 51.84 -10.33
CA THR N 60 9.94 50.78 -11.19
C THR N 60 10.56 49.47 -10.82
N LEU N 61 9.72 48.45 -10.73
CA LEU N 61 10.18 47.09 -10.49
C LEU N 61 10.00 46.25 -11.73
N ILE N 62 10.97 45.41 -12.02
CA ILE N 62 10.77 44.36 -13.02
C ILE N 62 11.08 43.02 -12.38
N VAL N 63 10.06 42.18 -12.27
CA VAL N 63 10.22 40.93 -11.57
C VAL N 63 11.01 40.01 -12.49
N THR N 64 12.02 39.34 -11.94
CA THR N 64 12.86 38.44 -12.77
C THR N 64 12.82 36.98 -12.33
N ALA N 65 12.34 36.66 -11.14
CA ALA N 65 12.22 35.28 -10.75
C ALA N 65 11.26 35.14 -9.58
N GLY N 66 10.63 33.98 -9.51
CA GLY N 66 9.89 33.58 -8.31
C GLY N 66 8.53 34.22 -8.37
N CYS N 67 7.96 34.48 -7.21
CA CYS N 67 6.60 34.97 -7.16
C CYS N 67 6.46 35.77 -5.91
N GLY N 68 6.05 37.03 -6.05
CA GLY N 68 6.11 37.96 -4.93
C GLY N 68 4.83 38.74 -4.74
N TRP N 69 4.82 39.55 -3.67
CA TRP N 69 3.70 40.39 -3.24
C TRP N 69 4.14 41.84 -3.16
N ALA N 70 3.18 42.76 -3.42
CA ALA N 70 3.40 44.18 -3.23
C ALA N 70 2.10 44.88 -2.84
N GLN N 71 2.24 46.04 -2.25
CA GLN N 71 1.07 46.77 -1.79
C GLN N 71 1.44 48.20 -1.58
N ARG N 72 0.50 49.08 -1.91
CA ARG N 72 0.65 50.49 -1.58
C ARG N 72 -0.35 50.79 -0.47
N GLU N 73 -0.08 51.82 0.31
CA GLU N 73 -0.93 52.14 1.44
C GLU N 73 -2.40 52.35 1.03
N GLY N 74 -3.30 51.65 1.72
CA GLY N 74 -4.71 51.74 1.43
C GLY N 74 -5.19 50.85 0.30
N GLY N 75 -4.27 50.08 -0.30
CA GLY N 75 -4.60 49.21 -1.40
C GLY N 75 -4.60 47.76 -1.01
N ALA N 76 -4.92 46.91 -1.99
CA ALA N 76 -4.89 45.46 -1.81
C ALA N 76 -3.50 44.89 -2.09
N VAL N 77 -3.17 43.79 -1.41
CA VAL N 77 -1.96 43.05 -1.74
C VAL N 77 -2.16 42.39 -3.11
N GLU N 78 -1.19 42.59 -4.00
CA GLU N 78 -1.20 42.05 -5.36
C GLU N 78 0.02 41.17 -5.56
N GLU N 79 -0.14 40.12 -6.35
CA GLU N 79 0.94 39.22 -6.67
C GLU N 79 1.65 39.77 -7.84
N ILE N 80 2.98 39.71 -7.83
CA ILE N 80 3.76 40.14 -8.98
C ILE N 80 4.62 38.96 -9.45
N HIS N 81 4.67 38.76 -10.77
CA HIS N 81 5.31 37.60 -11.39
C HIS N 81 6.39 37.97 -12.36
N PRO N 82 7.27 37.01 -12.73
CA PRO N 82 8.35 37.39 -13.58
C PRO N 82 7.83 37.95 -14.90
N GLY N 83 8.44 39.04 -15.32
CA GLY N 83 8.02 39.77 -16.49
C GLY N 83 7.09 40.93 -16.21
N ASP N 84 6.43 40.96 -15.05
CA ASP N 84 5.56 42.07 -14.65
C ASP N 84 6.37 43.29 -14.36
N VAL N 85 5.82 44.45 -14.73
CA VAL N 85 6.46 45.73 -14.45
C VAL N 85 5.59 46.52 -13.49
N VAL N 86 6.22 47.07 -12.46
CA VAL N 86 5.51 47.72 -11.39
C VAL N 86 6.00 49.14 -11.26
N TRP N 87 5.08 50.08 -11.08
CA TRP N 87 5.44 51.50 -10.95
C TRP N 87 4.84 52.01 -9.66
N PHE N 88 5.68 52.54 -8.79
CA PHE N 88 5.24 53.27 -7.61
C PHE N 88 5.49 54.74 -7.84
N SER N 89 4.51 55.56 -7.54
CA SER N 89 4.61 57.02 -7.75
C SER N 89 5.50 57.68 -6.75
N PRO N 90 6.01 58.88 -7.07
CA PRO N 90 6.78 59.67 -6.12
C PRO N 90 5.99 59.89 -4.84
N GLY N 91 6.60 59.66 -3.70
CA GLY N 91 5.90 59.81 -2.45
C GLY N 91 4.86 58.74 -2.15
N GLU N 92 4.62 57.79 -3.03
CA GLU N 92 3.68 56.71 -2.71
C GLU N 92 4.25 55.71 -1.70
N LYS N 93 3.56 55.54 -0.59
CA LYS N 93 4.01 54.63 0.48
C LYS N 93 3.61 53.20 0.15
N HIS N 94 4.57 52.28 0.26
CA HIS N 94 4.39 50.94 -0.28
C HIS N 94 5.40 49.96 0.28
N TRP N 95 5.15 48.67 0.04
CA TRP N 95 6.15 47.63 0.30
C TRP N 95 6.07 46.60 -0.78
N HIS N 96 7.12 45.79 -0.84
CA HIS N 96 7.15 44.65 -1.73
C HIS N 96 8.07 43.61 -1.16
N GLY N 97 7.90 42.37 -1.63
CA GLY N 97 8.63 41.26 -1.12
C GLY N 97 8.18 39.93 -1.70
N ALA N 98 8.68 38.85 -1.11
CA ALA N 98 8.27 37.50 -1.44
C ALA N 98 6.88 37.22 -0.93
N ALA N 99 6.26 36.23 -1.56
CA ALA N 99 5.04 35.61 -1.06
C ALA N 99 5.44 34.77 0.14
N PRO N 100 4.44 34.25 0.88
CA PRO N 100 4.81 33.55 2.11
C PRO N 100 5.64 32.31 1.92
N THR N 101 5.48 31.60 0.81
CA THR N 101 6.16 30.32 0.64
C THR N 101 7.03 30.25 -0.61
N THR N 102 7.14 31.31 -1.36
CA THR N 102 8.05 31.31 -2.48
C THR N 102 8.89 32.56 -2.43
N ALA N 103 10.12 32.42 -2.86
CA ALA N 103 11.03 33.51 -3.03
C ALA N 103 10.68 34.36 -4.25
N MET N 104 11.25 35.56 -4.29
CA MET N 104 11.06 36.44 -5.47
C MET N 104 12.27 37.31 -5.67
N THR N 105 12.62 37.53 -6.93
CA THR N 105 13.69 38.43 -7.26
C THR N 105 13.17 39.48 -8.20
N HIS N 106 13.50 40.74 -7.91
CA HIS N 106 13.22 41.79 -8.87
C HIS N 106 14.35 42.76 -9.02
N LEU N 107 14.41 43.29 -10.22
CA LEU N 107 15.13 44.50 -10.57
C LEU N 107 14.37 45.74 -10.13
N ALA N 108 15.05 46.64 -9.42
CA ALA N 108 14.46 47.92 -9.02
C ALA N 108 15.22 49.12 -9.60
N ILE N 109 14.47 50.02 -10.21
CA ILE N 109 15.00 51.21 -10.87
C ILE N 109 14.41 52.48 -10.30
N HIS N 110 15.26 53.39 -9.84
CA HIS N 110 14.80 54.61 -9.17
C HIS N 110 15.73 55.78 -9.45
N GLU N 111 15.16 56.97 -9.48
CA GLU N 111 15.95 58.19 -9.61
C GLU N 111 16.18 58.85 -8.25
N ARG N 112 17.42 59.29 -8.06
CA ARG N 112 17.83 59.99 -6.86
C ARG N 112 17.41 61.49 -6.95
N LEU N 113 16.97 62.05 -5.84
CA LEU N 113 16.65 63.48 -5.77
C LEU N 113 17.53 63.98 -4.63
N ASP N 114 18.46 64.89 -4.94
CA ASP N 114 19.45 65.34 -3.95
C ASP N 114 20.22 64.19 -3.34
N GLY N 115 20.70 63.27 -4.18
CA GLY N 115 21.42 62.07 -3.73
C GLY N 115 20.69 61.20 -2.71
N LYS N 116 19.36 61.18 -2.77
CA LYS N 116 18.55 60.27 -1.96
C LYS N 116 17.53 59.57 -2.85
N ALA N 117 17.53 58.23 -2.81
CA ALA N 117 16.58 57.43 -3.59
C ALA N 117 15.44 56.81 -2.76
N VAL N 118 15.45 56.96 -1.44
CA VAL N 118 14.44 56.32 -0.60
C VAL N 118 14.31 56.92 0.81
N ASP N 119 13.09 56.90 1.34
CA ASP N 119 12.84 57.26 2.75
C ASP N 119 12.16 56.12 3.49
N TRP N 120 12.87 55.55 4.45
CA TRP N 120 12.41 54.30 5.07
C TRP N 120 11.45 54.57 6.20
N MET N 121 10.47 53.71 6.38
CA MET N 121 9.47 53.92 7.39
C MET N 121 9.34 52.67 8.23
N GLU N 122 8.18 52.47 8.86
CA GLU N 122 7.99 51.31 9.73
C GLU N 122 7.90 49.94 8.98
N HIS N 123 8.24 48.87 9.68
CA HIS N 123 8.13 47.50 9.16
C HIS N 123 6.72 47.15 8.83
N VAL N 124 6.58 46.27 7.84
CA VAL N 124 5.26 45.72 7.49
C VAL N 124 4.88 44.62 8.46
N THR N 125 3.79 44.78 9.21
CA THR N 125 3.42 43.82 10.24
C THR N 125 2.88 42.51 9.62
N ASP N 126 2.82 41.44 10.39
CA ASP N 126 2.25 40.20 9.86
C ASP N 126 0.84 40.42 9.38
N GLU N 127 0.04 41.17 10.12
CA GLU N 127 -1.33 41.42 9.70
C GLU N 127 -1.43 42.19 8.38
N GLN N 128 -0.52 43.12 8.14
CA GLN N 128 -0.51 43.85 6.86
C GLN N 128 0.00 42.96 5.72
N TYR N 129 0.94 42.08 6.05
CA TYR N 129 1.59 41.26 5.05
C TYR N 129 0.60 40.37 4.31
N ARG N 130 -0.32 39.77 5.04
CA ARG N 130 -1.23 38.80 4.50
C ARG N 130 -2.55 39.39 4.09
N ARG N 131 -3.20 39.99 5.06
CA ARG N 131 -4.62 40.33 4.91
C ARG N 131 -4.87 41.52 3.97
N MET O 1 33.53 16.88 -16.73
CA MET O 1 32.81 18.16 -16.69
C MET O 1 33.01 18.86 -18.01
N GLU O 2 31.95 19.11 -18.76
CA GLU O 2 32.07 20.01 -19.91
C GLU O 2 31.26 21.27 -19.66
N ILE O 3 31.85 22.41 -19.97
CA ILE O 3 31.16 23.66 -20.03
C ILE O 3 31.05 24.21 -21.46
N LYS O 4 29.84 24.52 -21.90
CA LYS O 4 29.62 25.26 -23.14
C LYS O 4 29.22 26.63 -22.73
N ARG O 5 30.14 27.55 -22.89
CA ARG O 5 29.91 28.90 -22.46
C ARG O 5 28.80 29.53 -23.23
N VAL O 6 28.15 30.46 -22.56
CA VAL O 6 27.13 31.25 -23.19
C VAL O 6 27.69 31.91 -24.45
N GLY O 7 26.93 31.86 -25.53
CA GLY O 7 27.38 32.41 -26.80
C GLY O 7 28.15 31.43 -27.68
N SER O 8 28.46 30.24 -27.18
CA SER O 8 29.33 29.33 -27.93
C SER O 8 28.52 28.44 -28.84
N GLN O 9 27.21 28.43 -28.69
CA GLN O 9 26.35 27.63 -29.58
C GLN O 9 25.50 28.55 -30.48
N ALA O 10 25.64 28.38 -31.79
CA ALA O 10 25.03 29.29 -32.77
C ALA O 10 23.55 29.07 -32.85
N SER O 11 22.82 30.16 -32.95
CA SER O 11 21.42 30.10 -33.24
C SER O 11 21.17 29.52 -34.65
N GLY O 12 20.03 28.85 -34.81
CA GLY O 12 19.47 28.44 -36.10
C GLY O 12 18.01 28.86 -36.13
N LYS O 13 17.36 28.63 -37.26
CA LYS O 13 16.01 29.08 -37.51
C LYS O 13 15.16 27.87 -37.54
N GLY O 14 13.91 28.01 -37.12
CA GLY O 14 13.01 26.87 -37.14
C GLY O 14 12.65 26.53 -38.57
N PRO O 15 12.82 25.25 -38.97
CA PRO O 15 12.43 24.78 -40.31
C PRO O 15 10.96 25.00 -40.63
N ALA O 16 10.71 25.39 -41.87
CA ALA O 16 9.37 25.75 -42.32
C ALA O 16 8.38 24.60 -42.22
N ASP O 17 8.84 23.36 -42.34
CA ASP O 17 7.97 22.21 -42.10
C ASP O 17 7.47 22.03 -40.64
N TRP O 18 8.19 22.57 -39.66
CA TRP O 18 7.88 22.30 -38.26
C TRP O 18 7.31 23.50 -37.53
N PHE O 19 7.41 24.68 -38.15
CA PHE O 19 6.92 25.91 -37.58
C PHE O 19 6.20 26.78 -38.59
N THR O 20 5.16 27.45 -38.11
CA THR O 20 4.53 28.57 -38.79
C THR O 20 5.14 29.82 -38.22
N GLY O 21 5.63 30.68 -39.08
CA GLY O 21 6.14 31.99 -38.66
C GLY O 21 7.62 31.90 -38.37
N THR O 22 8.18 32.99 -37.86
CA THR O 22 9.61 33.10 -37.62
C THR O 22 9.97 32.66 -36.19
N VAL O 23 10.79 31.62 -36.12
CA VAL O 23 11.21 31.01 -34.85
C VAL O 23 12.74 30.85 -34.82
N ARG O 24 13.36 31.20 -33.69
CA ARG O 24 14.80 30.88 -33.49
C ARG O 24 15.00 29.74 -32.48
N ILE O 25 15.89 28.81 -32.83
CA ILE O 25 16.28 27.71 -31.98
C ILE O 25 17.71 27.92 -31.49
N ASP O 26 17.90 27.93 -30.17
CA ASP O 26 19.21 28.04 -29.56
C ASP O 26 19.55 26.73 -28.84
N PRO O 27 20.52 25.98 -29.37
CA PRO O 27 20.81 24.69 -28.82
C PRO O 27 21.39 24.82 -27.42
N LEU O 28 21.08 23.90 -26.55
CA LEU O 28 21.72 23.93 -25.25
C LEU O 28 22.47 22.63 -24.99
N PHE O 29 21.78 21.51 -25.05
CA PHE O 29 22.45 20.25 -24.75
C PHE O 29 21.78 19.02 -25.35
N GLN O 30 22.60 18.01 -25.60
CA GLN O 30 22.08 16.67 -25.82
C GLN O 30 22.98 15.70 -25.09
N ALA O 31 22.48 15.05 -24.06
CA ALA O 31 23.35 14.20 -23.24
C ALA O 31 23.72 12.89 -23.98
N PRO O 32 24.95 12.39 -23.80
CA PRO O 32 25.35 11.16 -24.49
C PRO O 32 24.82 9.90 -23.81
N ASP O 33 24.74 8.81 -24.57
CA ASP O 33 24.33 7.51 -24.00
C ASP O 33 25.21 7.21 -22.78
N PRO O 34 24.67 6.59 -21.74
CA PRO O 34 23.30 6.05 -21.67
C PRO O 34 22.16 7.04 -21.24
N ALA O 35 22.48 8.33 -21.15
CA ALA O 35 21.46 9.35 -20.87
C ALA O 35 20.67 9.62 -22.15
N LEU O 36 19.40 10.00 -21.99
CA LEU O 36 18.48 10.22 -23.12
C LEU O 36 17.98 11.66 -23.26
N VAL O 37 18.29 12.51 -22.30
CA VAL O 37 17.68 13.81 -22.23
C VAL O 37 18.38 14.81 -23.18
N ALA O 38 17.59 15.70 -23.75
CA ALA O 38 18.11 16.77 -24.53
C ALA O 38 17.26 17.99 -24.25
N GLY O 39 17.81 19.15 -24.60
CA GLY O 39 17.04 20.39 -24.48
C GLY O 39 17.58 21.51 -25.29
N HIS O 40 16.71 22.43 -25.66
CA HIS O 40 17.15 23.64 -26.35
C HIS O 40 16.23 24.79 -25.95
N SER O 41 16.59 26.00 -26.33
CA SER O 41 15.76 27.16 -26.06
C SER O 41 15.13 27.58 -27.39
N THR O 42 13.86 27.93 -27.36
CA THR O 42 13.18 28.38 -28.58
C THR O 42 12.52 29.72 -28.36
N THR O 43 12.76 30.66 -29.29
CA THR O 43 12.14 31.96 -29.27
C THR O 43 11.20 32.07 -30.48
N PHE O 44 9.93 32.29 -30.18
CA PHE O 44 8.90 32.47 -31.15
C PHE O 44 8.62 33.96 -31.28
N GLU O 45 8.62 34.48 -32.50
CA GLU O 45 8.19 35.85 -32.73
C GLU O 45 6.68 35.87 -32.62
N PRO O 46 6.07 37.03 -32.33
CA PRO O 46 4.61 37.17 -32.31
C PRO O 46 3.95 36.43 -33.45
N GLY O 47 2.93 35.63 -33.13
CA GLY O 47 2.22 34.89 -34.15
C GLY O 47 2.88 33.58 -34.56
N ALA O 48 4.14 33.35 -34.18
CA ALA O 48 4.84 32.09 -34.53
C ALA O 48 4.50 30.95 -33.59
N ARG O 49 4.57 29.72 -34.11
CA ARG O 49 4.29 28.53 -33.33
C ARG O 49 4.72 27.26 -34.03
N THR O 50 4.84 26.20 -33.25
CA THR O 50 5.18 24.91 -33.78
C THR O 50 3.99 24.41 -34.59
N ALA O 51 4.26 23.51 -35.50
CA ALA O 51 3.27 22.59 -36.02
C ALA O 51 2.78 21.67 -34.89
N TRP O 52 1.59 21.08 -35.07
CA TRP O 52 1.17 19.98 -34.23
C TRP O 52 2.25 18.89 -34.26
N HIS O 53 2.46 18.24 -33.11
CA HIS O 53 3.44 17.17 -32.97
C HIS O 53 3.29 16.42 -31.68
N THR O 54 4.11 15.39 -31.54
CA THR O 54 4.11 14.54 -30.33
C THR O 54 5.55 14.23 -29.94
N HIS O 55 5.75 13.83 -28.70
CA HIS O 55 7.04 13.47 -28.19
C HIS O 55 6.89 12.08 -27.65
N PRO O 56 7.84 11.19 -27.96
CA PRO O 56 7.65 9.79 -27.55
C PRO O 56 7.76 9.56 -26.03
N LEU O 57 8.47 10.42 -25.32
CA LEU O 57 8.55 10.28 -23.85
C LEU O 57 8.08 11.57 -23.18
N GLY O 58 7.27 12.34 -23.89
CA GLY O 58 6.75 13.58 -23.36
C GLY O 58 7.75 14.72 -23.46
N GLN O 59 7.31 15.90 -23.02
CA GLN O 59 8.13 17.09 -23.02
C GLN O 59 7.79 17.98 -21.85
N THR O 60 8.79 18.67 -21.34
CA THR O 60 8.60 19.63 -20.32
C THR O 60 9.05 20.98 -20.85
N LEU O 61 8.22 22.01 -20.66
CA LEU O 61 8.60 23.34 -21.07
C LEU O 61 8.78 24.20 -19.83
N ILE O 62 9.83 25.00 -19.82
CA ILE O 62 9.96 26.02 -18.82
C ILE O 62 10.07 27.34 -19.54
N VAL O 63 9.09 28.20 -19.28
CA VAL O 63 9.00 29.45 -20.04
C VAL O 63 9.94 30.39 -19.38
N THR O 64 10.74 31.05 -20.20
CA THR O 64 11.74 31.94 -19.68
C THR O 64 11.50 33.38 -20.04
N ALA O 65 10.75 33.67 -21.09
CA ALA O 65 10.52 35.07 -21.44
C ALA O 65 9.28 35.23 -22.26
N GLY O 66 8.66 36.40 -22.11
CA GLY O 66 7.54 36.78 -22.96
C GLY O 66 6.26 36.15 -22.50
N CYS O 67 5.35 35.93 -23.45
CA CYS O 67 4.04 35.37 -23.17
C CYS O 67 3.56 34.59 -24.39
N GLY O 68 3.25 33.31 -24.20
CA GLY O 68 2.89 32.46 -25.31
C GLY O 68 1.61 31.72 -25.10
N TRP O 69 1.30 30.86 -26.07
CA TRP O 69 0.09 30.01 -26.07
C TRP O 69 0.46 28.58 -26.30
N ALA O 70 -0.38 27.67 -25.82
CA ALA O 70 -0.13 26.24 -25.96
C ALA O 70 -1.43 25.48 -25.88
N GLN O 71 -1.48 24.37 -26.58
CA GLN O 71 -2.67 23.56 -26.60
C GLN O 71 -2.33 22.12 -26.91
N ARG O 72 -3.08 21.25 -26.27
CA ARG O 72 -3.11 19.87 -26.64
C ARG O 72 -4.43 19.57 -27.35
N GLU O 73 -4.44 18.50 -28.12
CA GLU O 73 -5.58 18.16 -28.97
C GLU O 73 -6.80 17.88 -28.12
N GLY O 74 -7.89 18.53 -28.45
CA GLY O 74 -9.10 18.37 -27.65
C GLY O 74 -9.15 19.34 -26.50
N GLY O 75 -8.12 20.17 -26.30
CA GLY O 75 -8.12 21.06 -25.14
C GLY O 75 -8.33 22.52 -25.47
N ALA O 76 -8.22 23.36 -24.46
CA ALA O 76 -8.30 24.80 -24.66
C ALA O 76 -6.92 25.36 -24.93
N VAL O 77 -6.87 26.51 -25.58
CA VAL O 77 -5.63 27.16 -25.85
C VAL O 77 -5.31 27.92 -24.56
N GLU O 78 -4.17 27.61 -23.96
CA GLU O 78 -3.78 28.21 -22.67
C GLU O 78 -2.69 29.25 -22.90
N GLU O 79 -2.63 30.26 -22.05
CA GLU O 79 -1.62 31.28 -22.11
C GLU O 79 -0.61 30.94 -21.00
N ILE O 80 0.68 31.03 -21.36
CA ILE O 80 1.80 30.59 -20.52
C ILE O 80 2.83 31.71 -20.39
N HIS O 81 3.45 31.78 -19.21
CA HIS O 81 4.20 32.95 -18.78
C HIS O 81 5.51 32.48 -18.13
N PRO O 82 6.47 33.40 -17.94
CA PRO O 82 7.77 33.01 -17.40
C PRO O 82 7.66 32.48 -16.00
N GLY O 83 8.25 31.31 -15.78
CA GLY O 83 8.16 30.62 -14.53
C GLY O 83 7.16 29.49 -14.56
N ASP O 84 6.27 29.45 -15.55
CA ASP O 84 5.31 28.34 -15.68
C ASP O 84 6.04 27.13 -16.23
N VAL O 85 5.65 25.96 -15.73
CA VAL O 85 6.22 24.71 -16.18
C VAL O 85 5.11 23.90 -16.84
N VAL O 86 5.39 23.44 -18.05
CA VAL O 86 4.35 22.77 -18.83
C VAL O 86 4.79 21.36 -19.12
N TRP O 87 3.87 20.42 -18.92
CA TRP O 87 4.19 19.03 -19.18
C TRP O 87 3.21 18.50 -20.22
N PHE O 88 3.78 17.91 -21.28
CA PHE O 88 3.05 17.14 -22.30
C PHE O 88 3.40 15.65 -22.22
N SER O 89 2.35 14.83 -22.09
CA SER O 89 2.47 13.40 -21.99
C SER O 89 3.08 12.75 -23.22
N PRO O 90 3.61 11.54 -23.04
CA PRO O 90 4.13 10.81 -24.18
C PRO O 90 3.01 10.55 -25.21
N GLY O 91 3.33 10.74 -26.48
CA GLY O 91 2.36 10.59 -27.55
C GLY O 91 1.24 11.62 -27.53
N GLU O 92 1.35 12.68 -26.71
CA GLU O 92 0.26 13.63 -26.65
C GLU O 92 0.45 14.66 -27.76
N LYS O 93 -0.58 14.83 -28.56
CA LYS O 93 -0.53 15.77 -29.68
C LYS O 93 -0.74 17.19 -29.23
N HIS O 94 0.12 18.11 -29.65
CA HIS O 94 0.11 19.46 -29.13
C HIS O 94 0.90 20.46 -29.93
N TRP O 95 0.71 21.72 -29.63
CA TRP O 95 1.55 22.76 -30.17
C TRP O 95 1.75 23.83 -29.14
N HIS O 96 2.71 24.70 -29.38
CA HIS O 96 2.92 25.85 -28.55
C HIS O 96 3.67 26.90 -29.35
N GLY O 97 3.56 28.14 -28.92
CA GLY O 97 4.22 29.25 -29.58
C GLY O 97 4.00 30.60 -28.91
N ALA O 98 4.35 31.67 -29.62
CA ALA O 98 4.08 33.03 -29.14
C ALA O 98 2.59 33.27 -29.11
N ALA O 99 2.18 34.32 -28.41
CA ALA O 99 0.84 34.84 -28.57
C ALA O 99 0.85 35.73 -29.83
N PRO O 100 -0.31 36.29 -30.20
CA PRO O 100 -0.25 37.08 -31.45
C PRO O 100 0.58 38.36 -31.38
N THR O 101 0.70 38.99 -30.23
CA THR O 101 1.38 40.28 -30.15
C THR O 101 2.67 40.33 -29.33
N THR O 102 3.09 39.18 -28.77
CA THR O 102 4.28 39.14 -27.93
C THR O 102 5.06 37.91 -28.28
N ALA O 103 6.38 38.04 -28.30
CA ALA O 103 7.27 36.88 -28.42
C ALA O 103 7.20 36.04 -27.16
N MET O 104 7.80 34.88 -27.24
CA MET O 104 7.89 33.99 -26.09
C MET O 104 9.11 33.12 -26.27
N THR O 105 9.85 32.90 -25.19
CA THR O 105 10.96 31.99 -25.18
C THR O 105 10.75 30.94 -24.13
N HIS O 106 11.07 29.71 -24.50
CA HIS O 106 11.08 28.69 -23.51
C HIS O 106 12.21 27.70 -23.69
N LEU O 107 12.52 27.06 -22.57
CA LEU O 107 13.38 25.91 -22.51
C LEU O 107 12.51 24.68 -22.71
N ALA O 108 12.93 23.80 -23.61
CA ALA O 108 12.24 22.55 -23.83
C ALA O 108 13.16 21.38 -23.54
N ILE O 109 12.63 20.41 -22.79
CA ILE O 109 13.36 19.25 -22.28
C ILE O 109 12.57 17.99 -22.55
N HIS O 110 13.21 17.02 -23.17
CA HIS O 110 12.55 15.82 -23.67
C HIS O 110 13.59 14.74 -23.79
N GLU O 111 13.16 13.50 -23.64
CA GLU O 111 14.05 12.34 -23.76
C GLU O 111 13.81 11.62 -25.06
N ARG O 112 14.87 11.11 -25.66
CA ARG O 112 14.73 10.44 -26.90
C ARG O 112 14.43 8.95 -26.66
N LEU O 113 13.65 8.39 -27.57
CA LEU O 113 13.28 6.98 -27.58
C LEU O 113 13.51 6.44 -28.97
N ASP O 114 14.26 5.35 -29.09
CA ASP O 114 14.52 4.73 -30.40
C ASP O 114 15.06 5.75 -31.39
N GLY O 115 16.09 6.47 -30.97
CA GLY O 115 16.75 7.43 -31.82
C GLY O 115 15.96 8.65 -32.29
N LYS O 116 14.99 9.13 -31.50
CA LYS O 116 14.32 10.42 -31.78
C LYS O 116 13.50 10.97 -30.60
N ALA O 117 13.33 12.30 -30.56
CA ALA O 117 12.52 12.98 -29.52
C ALA O 117 11.25 13.73 -30.02
N VAL O 118 10.89 13.56 -31.30
CA VAL O 118 9.71 14.23 -31.83
C VAL O 118 9.17 13.53 -33.07
N ASP O 119 7.84 13.64 -33.28
CA ASP O 119 7.15 13.26 -34.51
C ASP O 119 6.22 14.38 -34.97
N TRP O 120 6.61 15.00 -36.07
CA TRP O 120 6.02 16.22 -36.54
C TRP O 120 4.77 15.96 -37.36
N MET O 121 3.76 16.82 -37.22
CA MET O 121 2.48 16.62 -37.88
C MET O 121 2.08 17.89 -38.61
N GLU O 122 0.80 18.13 -38.85
CA GLU O 122 0.39 19.28 -39.68
C GLU O 122 0.51 20.61 -38.94
N HIS O 123 0.65 21.69 -39.71
CA HIS O 123 0.67 23.02 -39.18
C HIS O 123 -0.61 23.43 -38.48
N VAL O 124 -0.46 24.37 -37.54
CA VAL O 124 -1.56 24.87 -36.75
C VAL O 124 -2.21 25.99 -37.57
N THR O 125 -3.46 25.77 -37.97
CA THR O 125 -4.15 26.69 -38.89
C THR O 125 -4.45 27.98 -38.17
N ASP O 126 -4.76 29.03 -38.90
CA ASP O 126 -5.17 30.28 -38.23
C ASP O 126 -6.52 30.14 -37.52
N GLU O 127 -7.33 29.19 -37.98
CA GLU O 127 -8.59 28.88 -37.29
C GLU O 127 -8.32 28.34 -35.91
N GLN O 128 -7.26 27.53 -35.81
CA GLN O 128 -6.86 26.91 -34.54
C GLN O 128 -6.15 27.89 -33.59
N TYR O 129 -5.38 28.79 -34.18
CA TYR O 129 -4.56 29.73 -33.45
C TYR O 129 -5.39 30.91 -33.02
N ARG O 130 -6.35 30.64 -32.13
CA ARG O 130 -7.23 31.67 -31.59
C ARG O 130 -7.53 31.26 -30.15
N ARG O 131 -7.97 32.21 -29.35
CA ARG O 131 -8.12 31.93 -27.96
C ARG O 131 -9.54 32.13 -27.49
N MET P 1 -1.92 17.44 -20.93
CA MET P 1 -1.17 18.69 -20.61
C MET P 1 -1.40 19.14 -19.16
N GLU P 2 -0.32 19.42 -18.44
CA GLU P 2 -0.41 20.01 -17.10
C GLU P 2 0.43 21.27 -17.08
N ILE P 3 -0.07 22.32 -16.47
CA ILE P 3 0.70 23.53 -16.27
C ILE P 3 0.86 23.73 -14.78
N LYS P 4 2.11 23.85 -14.33
CA LYS P 4 2.38 24.35 -12.96
C LYS P 4 2.74 25.83 -13.02
N ARG P 5 1.82 26.65 -12.54
CA ARG P 5 1.92 28.05 -12.64
C ARG P 5 2.97 28.56 -11.75
N VAL P 6 3.53 29.70 -12.13
CA VAL P 6 4.56 30.26 -11.32
C VAL P 6 4.01 30.56 -9.91
N GLY P 7 4.85 30.32 -8.90
CA GLY P 7 4.40 30.49 -7.52
C GLY P 7 3.59 29.36 -6.92
N SER P 8 3.33 28.30 -7.68
CA SER P 8 2.52 27.20 -7.16
C SER P 8 3.38 26.11 -6.53
N GLN P 9 4.70 26.17 -6.70
CA GLN P 9 5.59 25.20 -6.05
C GLN P 9 6.42 25.89 -4.94
N ALA P 10 6.19 25.49 -3.72
CA ALA P 10 6.84 26.14 -2.61
C ALA P 10 8.35 25.92 -2.62
N SER P 11 9.09 26.94 -2.22
CA SER P 11 10.51 26.80 -2.05
C SER P 11 10.79 25.90 -0.86
N GLY P 12 11.96 25.28 -0.87
CA GLY P 12 12.46 24.54 0.28
C GLY P 12 13.91 24.94 0.54
N LYS P 13 14.50 24.29 1.53
CA LYS P 13 15.88 24.49 1.92
C LYS P 13 16.71 23.28 1.64
N GLY P 14 17.97 23.51 1.28
CA GLY P 14 18.94 22.44 1.03
C GLY P 14 19.31 21.77 2.34
N PRO P 15 19.09 20.46 2.45
CA PRO P 15 19.48 19.81 3.70
C PRO P 15 20.98 19.90 4.03
N ALA P 16 21.28 20.00 5.32
CA ALA P 16 22.61 20.16 5.84
C ALA P 16 23.56 19.06 5.47
N ASP P 17 23.09 17.84 5.30
CA ASP P 17 23.99 16.76 4.89
C ASP P 17 24.39 16.85 3.44
N TRP P 18 23.64 17.58 2.60
CA TRP P 18 23.96 17.61 1.19
C TRP P 18 24.59 18.91 0.72
N PHE P 19 24.59 19.92 1.60
CA PHE P 19 24.98 21.27 1.25
C PHE P 19 25.78 21.90 2.38
N THR P 20 26.84 22.58 1.98
CA THR P 20 27.51 23.54 2.87
C THR P 20 26.90 24.92 2.63
N GLY P 21 26.49 25.56 3.72
CA GLY P 21 25.94 26.92 3.69
C GLY P 21 24.45 26.91 3.37
N THR P 22 23.96 28.10 3.02
CA THR P 22 22.56 28.36 2.89
C THR P 22 22.14 28.21 1.42
N VAL P 23 21.23 27.27 1.18
CA VAL P 23 20.80 26.92 -0.17
C VAL P 23 19.29 26.81 -0.20
N ARG P 24 18.68 27.35 -1.25
CA ARG P 24 17.24 27.23 -1.45
C ARG P 24 17.02 26.34 -2.70
N ILE P 25 16.03 25.48 -2.59
CA ILE P 25 15.62 24.64 -3.69
C ILE P 25 14.20 25.00 -4.14
N ASP P 26 14.06 25.27 -5.43
CA ASP P 26 12.78 25.55 -6.01
C ASP P 26 12.41 24.40 -6.98
N PRO P 27 11.40 23.60 -6.64
CA PRO P 27 11.09 22.46 -7.48
C PRO P 27 10.52 22.92 -8.81
N LEU P 28 10.72 22.11 -9.83
CA LEU P 28 10.18 22.43 -11.14
C LEU P 28 9.40 21.26 -11.71
N PHE P 29 10.03 20.11 -11.91
CA PHE P 29 9.30 18.96 -12.47
C PHE P 29 9.96 17.65 -12.19
N GLN P 30 9.16 16.63 -12.21
CA GLN P 30 9.62 15.28 -12.19
C GLN P 30 8.68 14.51 -13.08
N ALA P 31 9.15 14.02 -14.23
CA ALA P 31 8.25 13.44 -15.22
C ALA P 31 7.80 12.06 -14.79
N PRO P 32 6.51 11.74 -14.88
CA PRO P 32 6.03 10.37 -14.54
C PRO P 32 6.51 9.29 -15.51
N ASP P 33 6.49 8.03 -15.08
CA ASP P 33 6.96 6.92 -15.96
C ASP P 33 6.18 6.86 -17.26
N PRO P 34 6.76 6.40 -18.35
CA PRO P 34 8.12 5.87 -18.44
C PRO P 34 9.21 6.93 -18.60
N ALA P 35 8.88 8.22 -18.50
CA ALA P 35 9.91 9.27 -18.53
C ALA P 35 10.72 9.20 -17.24
N LEU P 36 11.99 9.57 -17.33
CA LEU P 36 12.95 9.45 -16.23
C LEU P 36 13.47 10.79 -15.74
N VAL P 37 13.10 11.87 -16.41
CA VAL P 37 13.81 13.09 -16.26
C VAL P 37 13.16 13.94 -15.17
N ALA P 38 13.99 14.66 -14.46
CA ALA P 38 13.55 15.55 -13.40
C ALA P 38 14.36 16.83 -13.44
N GLY P 39 13.84 17.88 -12.79
CA GLY P 39 14.60 19.10 -12.69
C GLY P 39 14.09 20.06 -11.64
N HIS P 40 14.99 20.90 -11.16
CA HIS P 40 14.66 21.91 -10.21
C HIS P 40 15.67 23.00 -10.28
N SER P 41 15.35 24.11 -9.62
CA SER P 41 16.21 25.24 -9.57
C SER P 41 16.82 25.34 -8.18
N THR P 42 18.10 25.64 -8.14
CA THR P 42 18.80 25.80 -6.87
C THR P 42 19.49 27.13 -6.82
N THR P 43 19.24 27.86 -5.74
CA THR P 43 19.91 29.12 -5.47
C THR P 43 20.88 28.94 -4.30
N PHE P 44 22.16 29.23 -4.53
CA PHE P 44 23.20 29.15 -3.50
C PHE P 44 23.57 30.55 -2.99
N GLU P 45 23.57 30.77 -1.68
CA GLU P 45 24.06 32.02 -1.13
C GLU P 45 25.59 32.04 -1.27
N PRO P 46 26.21 33.22 -1.21
CA PRO P 46 27.65 33.29 -1.30
C PRO P 46 28.32 32.29 -0.42
N GLY P 47 29.18 31.47 -1.01
CA GLY P 47 29.97 30.53 -0.24
C GLY P 47 29.32 29.17 -0.08
N ALA P 48 28.03 29.04 -0.47
CA ALA P 48 27.37 27.76 -0.39
C ALA P 48 27.67 26.86 -1.57
N ARG P 49 27.77 25.58 -1.29
CA ARG P 49 27.94 24.65 -2.37
C ARG P 49 27.40 23.31 -1.98
N THR P 50 27.17 22.46 -2.98
CA THR P 50 26.84 21.09 -2.73
C THR P 50 28.01 20.35 -2.06
N ALA P 51 27.68 19.25 -1.42
CA ALA P 51 28.69 18.28 -1.05
C ALA P 51 29.13 17.62 -2.32
N TRP P 52 30.19 16.84 -2.24
CA TRP P 52 30.57 16.05 -3.37
C TRP P 52 29.47 15.01 -3.64
N HIS P 53 29.24 14.70 -4.92
CA HIS P 53 28.28 13.71 -5.28
C HIS P 53 28.44 13.23 -6.70
N THR P 54 27.68 12.20 -7.04
CA THR P 54 27.59 11.71 -8.42
C THR P 54 26.11 11.60 -8.78
N HIS P 55 25.85 11.53 -10.08
CA HIS P 55 24.54 11.28 -10.65
C HIS P 55 24.66 10.04 -11.52
N PRO P 56 23.76 9.08 -11.34
CA PRO P 56 23.82 7.82 -12.05
C PRO P 56 23.65 7.96 -13.57
N LEU P 57 22.86 8.92 -14.05
CA LEU P 57 22.84 9.17 -15.50
C LEU P 57 23.33 10.55 -15.89
N GLY P 58 24.17 11.14 -15.06
CA GLY P 58 24.71 12.44 -15.35
C GLY P 58 23.76 13.57 -15.00
N GLN P 59 24.20 14.80 -15.27
CA GLN P 59 23.45 16.01 -14.90
C GLN P 59 23.84 17.14 -15.78
N THR P 60 22.82 17.88 -16.20
CA THR P 60 23.00 19.09 -16.95
C THR P 60 22.60 20.27 -16.07
N LEU P 61 23.47 21.27 -16.00
CA LEU P 61 23.15 22.53 -15.34
C LEU P 61 22.99 23.64 -16.40
N ILE P 62 22.06 24.54 -16.15
CA ILE P 62 21.97 25.75 -16.90
C ILE P 62 21.92 26.91 -15.95
N VAL P 63 22.98 27.70 -15.93
CA VAL P 63 23.06 28.76 -14.97
C VAL P 63 22.07 29.83 -15.37
N THR P 64 21.28 30.33 -14.41
CA THR P 64 20.29 31.34 -14.72
C THR P 64 20.49 32.68 -14.03
N ALA P 65 21.29 32.74 -12.97
CA ALA P 65 21.58 34.03 -12.35
C ALA P 65 22.85 33.91 -11.52
N GLY P 66 23.50 35.05 -11.39
CA GLY P 66 24.62 35.22 -10.50
C GLY P 66 25.89 34.65 -11.09
N CYS P 67 26.77 34.16 -10.22
CA CYS P 67 28.08 33.67 -10.64
C CYS P 67 28.52 32.60 -9.66
N GLY P 68 28.89 31.45 -10.18
CA GLY P 68 29.10 30.26 -9.38
C GLY P 68 30.36 29.56 -9.78
N TRP P 69 30.64 28.49 -9.05
CA TRP P 69 31.83 27.67 -9.19
C TRP P 69 31.44 26.21 -9.30
N ALA P 70 32.23 25.44 -10.01
CA ALA P 70 32.08 24.00 -10.02
C ALA P 70 33.42 23.32 -10.27
N GLN P 71 33.43 22.02 -9.99
CA GLN P 71 34.64 21.25 -10.07
C GLN P 71 34.29 19.79 -10.07
N ARG P 72 35.02 19.04 -10.89
CA ARG P 72 34.97 17.58 -10.83
C ARG P 72 36.25 17.07 -10.17
N GLU P 73 36.21 15.83 -9.64
CA GLU P 73 37.34 15.33 -8.84
C GLU P 73 38.59 15.19 -9.70
N GLY P 74 39.68 15.81 -9.22
CA GLY P 74 40.93 15.89 -9.97
C GLY P 74 41.03 17.11 -10.88
N GLY P 75 39.96 17.90 -11.03
CA GLY P 75 40.00 19.04 -11.93
C GLY P 75 40.20 20.38 -11.25
N ALA P 76 40.21 21.43 -12.04
CA ALA P 76 40.26 22.78 -11.48
C ALA P 76 38.86 23.33 -11.21
N VAL P 77 38.76 24.21 -10.24
CA VAL P 77 37.54 24.97 -10.01
C VAL P 77 37.33 25.86 -11.25
N GLU P 78 36.19 25.77 -11.90
CA GLU P 78 35.86 26.69 -12.97
C GLU P 78 34.64 27.54 -12.61
N GLU P 79 34.63 28.79 -13.08
CA GLU P 79 33.50 29.71 -12.92
C GLU P 79 32.39 29.37 -13.86
N ILE P 80 31.15 29.48 -13.39
CA ILE P 80 30.00 29.31 -14.25
C ILE P 80 29.07 30.52 -14.16
N HIS P 81 28.59 30.96 -15.32
CA HIS P 81 27.96 32.25 -15.53
C HIS P 81 26.63 31.99 -16.22
N PRO P 82 25.68 32.94 -16.10
CA PRO P 82 24.35 32.76 -16.67
C PRO P 82 24.40 32.49 -18.15
N GLY P 83 23.70 31.43 -18.55
CA GLY P 83 23.70 30.94 -19.91
C GLY P 83 24.75 29.86 -20.16
N ASP P 84 25.69 29.65 -19.24
CA ASP P 84 26.56 28.52 -19.39
C ASP P 84 25.74 27.25 -19.17
N VAL P 85 26.09 26.21 -19.92
CA VAL P 85 25.52 24.90 -19.83
C VAL P 85 26.62 23.96 -19.40
N VAL P 86 26.38 23.17 -18.35
CA VAL P 86 27.41 22.31 -17.76
C VAL P 86 26.88 20.88 -17.80
N TRP P 87 27.73 19.94 -18.18
CA TRP P 87 27.39 18.51 -18.20
C TRP P 87 28.34 17.75 -17.30
N PHE P 88 27.79 16.98 -16.38
CA PHE P 88 28.59 16.02 -15.60
C PHE P 88 28.19 14.62 -15.99
N SER P 89 29.21 13.80 -16.25
CA SER P 89 29.00 12.42 -16.64
C SER P 89 28.42 11.54 -15.57
N PRO P 90 27.83 10.41 -15.99
CA PRO P 90 27.34 9.38 -15.11
C PRO P 90 28.46 8.96 -14.23
N GLY P 91 28.22 8.86 -12.93
CA GLY P 91 29.26 8.49 -11.99
C GLY P 91 30.40 9.49 -11.74
N GLU P 92 30.41 10.65 -12.40
CA GLU P 92 31.49 11.62 -12.18
C GLU P 92 31.26 12.38 -10.86
N LYS P 93 32.27 12.37 -10.01
CA LYS P 93 32.21 12.99 -8.71
C LYS P 93 32.52 14.48 -8.83
N HIS P 94 31.68 15.32 -8.26
CA HIS P 94 31.74 16.74 -8.53
C HIS P 94 30.94 17.51 -7.46
N TRP P 95 31.12 18.83 -7.49
CA TRP P 95 30.28 19.74 -6.73
C TRP P 95 30.07 21.02 -7.49
N HIS P 96 29.13 21.81 -7.03
CA HIS P 96 28.90 23.08 -7.62
C HIS P 96 28.19 23.96 -6.63
N GLY P 97 28.37 25.26 -6.77
CA GLY P 97 27.67 26.19 -5.95
C GLY P 97 28.02 27.63 -6.25
N ALA P 98 27.75 28.49 -5.29
CA ALA P 98 28.07 29.88 -5.38
C ALA P 98 29.57 30.10 -5.35
N ALA P 99 29.97 31.23 -5.93
CA ALA P 99 31.31 31.76 -5.69
C ALA P 99 31.37 32.34 -4.27
N PRO P 100 32.57 32.65 -3.77
CA PRO P 100 32.65 33.07 -2.38
C PRO P 100 31.87 34.31 -2.03
N THR P 101 31.69 35.24 -2.96
CA THR P 101 31.08 36.52 -2.62
C THR P 101 29.83 36.88 -3.44
N THR P 102 29.45 36.04 -4.40
CA THR P 102 28.22 36.19 -5.16
C THR P 102 27.34 34.93 -5.13
N ALA P 103 26.04 35.15 -5.10
CA ALA P 103 25.09 34.09 -5.18
C ALA P 103 25.06 33.55 -6.62
N MET P 104 24.55 32.34 -6.79
CA MET P 104 24.36 31.75 -8.09
C MET P 104 23.08 30.93 -8.08
N THR P 105 22.34 30.96 -9.19
CA THR P 105 21.18 30.10 -9.38
C THR P 105 21.33 29.30 -10.64
N HIS P 106 20.98 28.03 -10.57
CA HIS P 106 20.94 27.23 -11.79
C HIS P 106 19.77 26.28 -11.79
N LEU P 107 19.39 25.93 -13.01
CA LEU P 107 18.49 24.86 -13.32
C LEU P 107 19.35 23.62 -13.38
N ALA P 108 18.92 22.54 -12.71
CA ALA P 108 19.59 21.22 -12.80
C ALA P 108 18.64 20.22 -13.39
N ILE P 109 19.13 19.48 -14.36
CA ILE P 109 18.35 18.46 -15.06
C ILE P 109 19.10 17.13 -15.01
N HIS P 110 18.39 16.05 -14.74
CA HIS P 110 19.00 14.74 -14.58
C HIS P 110 17.98 13.64 -14.68
N GLU P 111 18.40 12.49 -15.18
CA GLU P 111 17.52 11.35 -15.26
C GLU P 111 17.76 10.44 -14.10
N ARG P 112 16.69 9.86 -13.58
CA ARG P 112 16.80 8.87 -12.54
C ARG P 112 16.96 7.42 -13.10
N LEU P 113 17.67 6.60 -12.34
CA LEU P 113 17.97 5.19 -12.60
C LEU P 113 17.59 4.44 -11.34
N ASP P 114 16.66 3.49 -11.45
CA ASP P 114 16.08 2.78 -10.30
C ASP P 114 15.57 3.78 -9.30
N GLY P 115 14.84 4.78 -9.77
CA GLY P 115 14.29 5.82 -8.89
C GLY P 115 15.29 6.68 -8.11
N LYS P 116 16.58 6.62 -8.43
CA LYS P 116 17.60 7.45 -7.75
C LYS P 116 18.17 8.47 -8.74
N ALA P 117 18.30 9.73 -8.35
CA ALA P 117 18.98 10.74 -9.18
C ALA P 117 20.36 11.24 -8.67
N VAL P 118 20.81 10.78 -7.51
CA VAL P 118 22.05 11.29 -6.95
C VAL P 118 22.58 10.37 -5.87
N ASP P 119 23.92 10.24 -5.81
CA ASP P 119 24.61 9.63 -4.66
C ASP P 119 25.48 10.63 -3.91
N TRP P 120 25.02 11.02 -2.71
CA TRP P 120 25.66 12.05 -1.91
C TRP P 120 26.90 11.55 -1.20
N MET P 121 27.98 12.31 -1.25
CA MET P 121 29.24 11.92 -0.60
C MET P 121 29.66 12.98 0.40
N GLU P 122 30.95 13.15 0.67
CA GLU P 122 31.37 14.08 1.75
C GLU P 122 31.30 15.56 1.35
N HIS P 123 31.23 16.43 2.34
CA HIS P 123 31.25 17.86 2.10
C HIS P 123 32.54 18.32 1.46
N VAL P 124 32.45 19.44 0.75
CA VAL P 124 33.61 20.05 0.12
C VAL P 124 34.27 20.96 1.14
N THR P 125 35.54 20.69 1.45
CA THR P 125 36.23 21.45 2.48
C THR P 125 36.59 22.86 1.99
N ASP P 126 36.88 23.75 2.92
CA ASP P 126 37.29 25.11 2.55
C ASP P 126 38.53 25.08 1.67
N GLU P 127 39.44 24.16 1.97
CA GLU P 127 40.66 24.00 1.16
C GLU P 127 40.32 23.55 -0.27
N GLN P 128 39.34 22.66 -0.43
CA GLN P 128 38.93 22.27 -1.78
C GLN P 128 38.12 23.30 -2.52
N TYR P 129 37.30 24.04 -1.78
CA TYR P 129 36.48 25.07 -2.33
C TYR P 129 37.34 26.14 -2.95
N ARG P 130 38.28 26.63 -2.20
CA ARG P 130 39.01 27.79 -2.63
C ARG P 130 40.19 27.45 -3.53
N ARG P 131 41.14 26.73 -2.99
CA ARG P 131 42.34 26.35 -3.75
C ARG P 131 42.02 25.28 -4.85
N MET Q 1 14.22 -30.13 -14.56
CA MET Q 1 13.92 -30.22 -15.99
C MET Q 1 12.59 -29.51 -16.21
N GLU Q 2 12.47 -28.84 -17.33
CA GLU Q 2 11.26 -28.17 -17.67
C GLU Q 2 11.13 -28.09 -19.18
N ILE Q 3 9.94 -28.35 -19.70
CA ILE Q 3 9.69 -28.43 -21.15
C ILE Q 3 8.50 -27.58 -21.52
N LYS Q 4 8.64 -26.77 -22.57
CA LYS Q 4 7.54 -26.08 -23.17
C LYS Q 4 7.39 -26.70 -24.50
N ARG Q 5 6.26 -27.34 -24.70
CA ARG Q 5 6.01 -28.11 -25.90
C ARG Q 5 5.78 -27.17 -27.03
N VAL Q 6 6.04 -27.64 -28.26
CA VAL Q 6 5.80 -26.84 -29.44
C VAL Q 6 4.34 -26.42 -29.42
N GLY Q 7 4.09 -25.21 -29.88
CA GLY Q 7 2.73 -24.62 -29.80
C GLY Q 7 2.31 -23.97 -28.50
N SER Q 8 3.01 -24.23 -27.39
CA SER Q 8 2.63 -23.72 -26.08
C SER Q 8 2.97 -22.24 -25.78
N GLN Q 9 3.70 -21.58 -26.66
CA GLN Q 9 4.16 -20.19 -26.45
C GLN Q 9 3.61 -19.35 -27.56
N ALA Q 10 2.71 -18.41 -27.22
CA ALA Q 10 1.99 -17.57 -28.21
C ALA Q 10 2.92 -16.72 -29.05
N SER Q 11 2.69 -16.73 -30.36
CA SER Q 11 3.28 -15.74 -31.24
C SER Q 11 2.93 -14.31 -30.82
N GLY Q 12 3.83 -13.36 -31.05
CA GLY Q 12 3.48 -11.92 -31.02
C GLY Q 12 3.90 -11.18 -32.29
N LYS Q 13 3.39 -9.96 -32.47
CA LYS Q 13 3.78 -9.09 -33.58
C LYS Q 13 4.97 -8.23 -33.15
N GLY Q 14 5.84 -7.88 -34.09
CA GLY Q 14 6.94 -6.96 -33.79
C GLY Q 14 6.48 -5.50 -33.64
N PRO Q 15 6.77 -4.88 -32.48
CA PRO Q 15 6.36 -3.47 -32.30
C PRO Q 15 6.88 -2.57 -33.42
N ALA Q 16 6.02 -1.74 -34.00
CA ALA Q 16 6.40 -0.81 -35.09
C ALA Q 16 7.55 0.20 -34.77
N ASP Q 17 7.81 0.47 -33.49
CA ASP Q 17 8.97 1.28 -33.10
C ASP Q 17 10.28 0.52 -33.29
N TRP Q 18 10.22 -0.81 -33.31
CA TRP Q 18 11.43 -1.60 -33.39
C TRP Q 18 11.61 -2.31 -34.72
N PHE Q 19 10.61 -2.25 -35.59
CA PHE Q 19 10.61 -3.01 -36.85
C PHE Q 19 9.92 -2.22 -37.93
N THR Q 20 10.44 -2.36 -39.14
CA THR Q 20 9.78 -1.86 -40.32
C THR Q 20 9.11 -3.04 -40.95
N GLY Q 21 7.83 -2.91 -41.28
CA GLY Q 21 7.06 -3.98 -41.94
C GLY Q 21 6.51 -5.05 -40.98
N THR Q 22 5.94 -6.11 -41.56
CA THR Q 22 5.25 -7.14 -40.76
C THR Q 22 6.22 -8.26 -40.28
N VAL Q 23 6.20 -8.49 -38.97
CA VAL Q 23 7.20 -9.31 -38.31
C VAL Q 23 6.59 -10.05 -37.11
N ARG Q 24 6.88 -11.36 -37.02
CA ARG Q 24 6.34 -12.22 -35.97
C ARG Q 24 7.45 -12.66 -35.05
N ILE Q 25 7.19 -12.64 -33.75
CA ILE Q 25 8.13 -13.07 -32.75
C ILE Q 25 7.60 -14.27 -31.98
N ASP Q 26 8.34 -15.37 -32.03
CA ASP Q 26 7.91 -16.61 -31.43
C ASP Q 26 8.83 -16.84 -30.26
N PRO Q 27 8.35 -16.61 -29.05
CA PRO Q 27 9.21 -16.78 -27.85
C PRO Q 27 9.85 -18.17 -27.77
N LEU Q 28 10.90 -18.31 -26.97
CA LEU Q 28 11.51 -19.61 -26.79
C LEU Q 28 11.96 -19.82 -25.36
N PHE Q 29 12.91 -18.98 -24.89
CA PHE Q 29 13.35 -19.09 -23.51
C PHE Q 29 13.94 -17.81 -22.96
N GLN Q 30 14.00 -17.78 -21.64
CA GLN Q 30 14.73 -16.77 -20.92
C GLN Q 30 15.24 -17.46 -19.67
N ALA Q 31 16.49 -17.84 -19.64
CA ALA Q 31 16.96 -18.62 -18.52
C ALA Q 31 16.82 -17.84 -17.21
N PRO Q 32 16.43 -18.52 -16.13
CA PRO Q 32 16.41 -17.84 -14.82
C PRO Q 32 17.81 -17.55 -14.29
N ASP Q 33 17.92 -16.57 -13.41
CA ASP Q 33 19.21 -16.24 -12.76
C ASP Q 33 19.75 -17.50 -12.07
N PRO Q 34 21.06 -17.67 -11.96
CA PRO Q 34 22.06 -16.73 -12.44
C PRO Q 34 22.30 -16.68 -13.96
N ALA Q 35 21.66 -17.57 -14.73
CA ALA Q 35 21.83 -17.53 -16.18
C ALA Q 35 21.27 -16.22 -16.73
N LEU Q 36 21.99 -15.66 -17.70
CA LEU Q 36 21.64 -14.39 -18.38
C LEU Q 36 21.15 -14.60 -19.82
N VAL Q 37 21.23 -15.83 -20.29
CA VAL Q 37 20.97 -16.10 -21.71
C VAL Q 37 19.47 -16.11 -22.05
N ALA Q 38 19.17 -15.69 -23.26
CA ALA Q 38 17.83 -15.66 -23.71
C ALA Q 38 17.82 -15.80 -25.19
N GLY Q 39 16.68 -16.24 -25.71
CA GLY Q 39 16.48 -16.42 -27.12
C GLY Q 39 15.01 -16.56 -27.52
N HIS Q 40 14.78 -16.28 -28.79
CA HIS Q 40 13.47 -16.33 -29.39
C HIS Q 40 13.67 -16.48 -30.91
N SER Q 41 12.59 -16.72 -31.63
CA SER Q 41 12.66 -16.95 -33.07
C SER Q 41 11.86 -15.86 -33.68
N THR Q 42 12.33 -15.36 -34.81
CA THR Q 42 11.72 -14.21 -35.45
C THR Q 42 11.55 -14.58 -36.92
N THR Q 43 10.36 -14.31 -37.46
CA THR Q 43 10.07 -14.46 -38.89
C THR Q 43 9.71 -13.11 -39.52
N PHE Q 44 10.47 -12.71 -40.53
CA PHE Q 44 10.31 -11.44 -41.21
C PHE Q 44 9.60 -11.74 -42.49
N GLU Q 45 8.45 -11.08 -42.72
CA GLU Q 45 7.81 -11.10 -44.03
C GLU Q 45 8.71 -10.34 -45.02
N PRO Q 46 8.55 -10.63 -46.32
CA PRO Q 46 9.32 -9.90 -47.33
C PRO Q 46 9.31 -8.37 -47.14
N GLY Q 47 10.48 -7.73 -47.17
CA GLY Q 47 10.60 -6.31 -46.99
C GLY Q 47 10.77 -5.91 -45.53
N ALA Q 48 10.42 -6.77 -44.60
CA ALA Q 48 10.50 -6.37 -43.22
C ALA Q 48 11.92 -6.47 -42.72
N ARG Q 49 12.27 -5.60 -41.77
CA ARG Q 49 13.55 -5.68 -41.10
C ARG Q 49 13.52 -4.98 -39.78
N THR Q 50 14.51 -5.28 -38.96
CA THR Q 50 14.63 -4.59 -37.72
C THR Q 50 14.95 -3.10 -37.98
N ALA Q 51 14.78 -2.32 -36.93
CA ALA Q 51 15.43 -1.06 -36.83
C ALA Q 51 16.92 -1.31 -36.54
N TRP Q 52 17.71 -0.27 -36.75
CA TRP Q 52 19.10 -0.29 -36.30
C TRP Q 52 19.12 -0.47 -34.78
N HIS Q 53 20.10 -1.21 -34.26
CA HIS Q 53 20.18 -1.42 -32.81
C HIS Q 53 21.47 -2.07 -32.39
N THR Q 54 21.66 -2.20 -31.09
CA THR Q 54 22.83 -2.87 -30.55
C THR Q 54 22.41 -3.85 -29.45
N HIS Q 55 23.36 -4.69 -29.05
CA HIS Q 55 23.15 -5.61 -27.95
C HIS Q 55 24.36 -5.46 -27.05
N PRO Q 56 24.14 -5.41 -25.74
CA PRO Q 56 25.22 -5.17 -24.77
C PRO Q 56 26.29 -6.27 -24.70
N LEU Q 57 25.90 -7.52 -24.97
CA LEU Q 57 26.86 -8.61 -24.97
C LEU Q 57 26.82 -9.35 -26.32
N GLY Q 58 26.28 -8.66 -27.32
CA GLY Q 58 26.22 -9.19 -28.65
C GLY Q 58 25.10 -10.19 -28.84
N GLN Q 59 25.02 -10.69 -30.06
CA GLN Q 59 23.95 -11.55 -30.49
C GLN Q 59 24.37 -12.53 -31.57
N THR Q 60 23.97 -13.78 -31.39
CA THR Q 60 24.19 -14.81 -32.41
C THR Q 60 22.85 -15.11 -33.08
N LEU Q 61 22.85 -15.12 -34.40
CA LEU Q 61 21.73 -15.57 -35.17
C LEU Q 61 22.02 -16.91 -35.85
N ILE Q 62 21.01 -17.76 -35.92
CA ILE Q 62 21.02 -18.99 -36.73
C ILE Q 62 19.83 -18.96 -37.66
N VAL Q 63 20.09 -18.84 -38.95
CA VAL Q 63 19.02 -18.77 -39.91
C VAL Q 63 18.38 -20.15 -40.06
N THR Q 64 17.05 -20.20 -39.97
CA THR Q 64 16.33 -21.48 -40.01
C THR Q 64 15.46 -21.66 -41.23
N ALA Q 65 15.08 -20.58 -41.89
CA ALA Q 65 14.34 -20.69 -43.14
C ALA Q 65 14.40 -19.39 -43.90
N GLY Q 66 14.17 -19.49 -45.20
CA GLY Q 66 14.09 -18.35 -46.07
C GLY Q 66 15.45 -17.76 -46.50
N CYS Q 67 15.44 -16.46 -46.78
CA CYS Q 67 16.60 -15.77 -47.32
C CYS Q 67 16.46 -14.32 -46.89
N GLY Q 68 17.33 -13.88 -45.99
CA GLY Q 68 17.32 -12.53 -45.49
C GLY Q 68 18.55 -11.68 -45.81
N TRP Q 69 18.61 -10.50 -45.18
CA TRP Q 69 19.65 -9.53 -45.36
C TRP Q 69 20.08 -9.02 -43.98
N ALA Q 70 21.33 -8.58 -43.92
CA ALA Q 70 21.91 -8.09 -42.67
C ALA Q 70 23.05 -7.12 -42.93
N GLN Q 71 23.31 -6.26 -41.95
CA GLN Q 71 24.32 -5.20 -42.09
C GLN Q 71 24.74 -4.65 -40.76
N ARG Q 72 26.05 -4.48 -40.59
CA ARG Q 72 26.56 -3.65 -39.51
C ARG Q 72 26.84 -2.27 -40.09
N GLU Q 73 26.88 -1.27 -39.21
CA GLU Q 73 27.22 0.10 -39.59
C GLU Q 73 28.56 0.11 -40.30
N GLY Q 74 28.56 0.61 -41.53
CA GLY Q 74 29.77 0.78 -42.32
C GLY Q 74 30.10 -0.42 -43.19
N GLY Q 75 29.44 -1.55 -42.92
CA GLY Q 75 29.67 -2.76 -43.69
C GLY Q 75 28.78 -2.76 -44.92
N ALA Q 76 28.83 -3.84 -45.70
CA ALA Q 76 27.88 -4.04 -46.79
C ALA Q 76 26.66 -4.82 -46.30
N VAL Q 77 25.61 -4.80 -47.11
CA VAL Q 77 24.41 -5.62 -46.89
C VAL Q 77 24.65 -7.03 -47.43
N GLU Q 78 24.68 -7.99 -46.50
CA GLU Q 78 24.96 -9.39 -46.79
C GLU Q 78 23.66 -10.17 -46.85
N GLU Q 79 23.63 -11.12 -47.76
CA GLU Q 79 22.56 -12.08 -47.91
C GLU Q 79 22.90 -13.29 -47.03
N ILE Q 80 21.93 -13.75 -46.21
CA ILE Q 80 22.09 -14.85 -45.26
C ILE Q 80 21.01 -15.91 -45.48
N HIS Q 81 21.40 -17.19 -45.30
CA HIS Q 81 20.59 -18.36 -45.71
C HIS Q 81 20.53 -19.37 -44.57
N PRO Q 82 19.61 -20.34 -44.66
CA PRO Q 82 19.47 -21.31 -43.55
C PRO Q 82 20.71 -22.12 -43.28
N GLY Q 83 21.07 -22.31 -42.03
CA GLY Q 83 22.37 -22.90 -41.72
C GLY Q 83 23.48 -21.89 -41.38
N ASP Q 84 23.41 -20.68 -41.93
CA ASP Q 84 24.39 -19.63 -41.60
C ASP Q 84 24.25 -19.16 -40.16
N VAL Q 85 25.40 -18.96 -39.53
CA VAL Q 85 25.48 -18.43 -38.18
C VAL Q 85 26.17 -17.06 -38.24
N VAL Q 86 25.54 -16.05 -37.63
CA VAL Q 86 25.97 -14.65 -37.66
C VAL Q 86 26.24 -14.11 -36.25
N TRP Q 87 27.35 -13.43 -36.07
CA TRP Q 87 27.72 -12.91 -34.74
C TRP Q 87 27.86 -11.41 -34.83
N PHE Q 88 27.11 -10.73 -33.97
CA PHE Q 88 27.21 -9.28 -33.84
C PHE Q 88 27.85 -8.97 -32.51
N SER Q 89 28.84 -8.09 -32.56
CA SER Q 89 29.61 -7.75 -31.36
C SER Q 89 28.84 -6.98 -30.31
N PRO Q 90 29.30 -7.10 -29.06
CA PRO Q 90 28.82 -6.18 -28.07
C PRO Q 90 28.91 -4.75 -28.61
N GLY Q 91 27.81 -4.02 -28.59
CA GLY Q 91 27.82 -2.64 -28.96
C GLY Q 91 27.76 -2.41 -30.45
N GLU Q 92 27.85 -3.44 -31.26
CA GLU Q 92 27.85 -3.24 -32.71
C GLU Q 92 26.50 -2.84 -33.26
N LYS Q 93 26.43 -1.67 -33.85
CA LYS Q 93 25.18 -1.18 -34.40
C LYS Q 93 24.92 -1.95 -35.69
N HIS Q 94 23.68 -2.38 -35.89
CA HIS Q 94 23.32 -3.26 -37.02
C HIS Q 94 21.84 -3.44 -37.15
N TRP Q 95 21.47 -4.03 -38.30
CA TRP Q 95 20.13 -4.48 -38.57
C TRP Q 95 20.10 -5.82 -39.32
N HIS Q 96 18.94 -6.46 -39.28
CA HIS Q 96 18.71 -7.70 -40.01
C HIS Q 96 17.26 -7.78 -40.37
N GLY Q 97 16.96 -8.60 -41.36
CA GLY Q 97 15.58 -8.73 -41.79
C GLY Q 97 15.43 -9.62 -43.01
N ALA Q 98 14.23 -9.63 -43.58
CA ALA Q 98 14.00 -10.38 -44.79
C ALA Q 98 14.64 -9.69 -45.95
N ALA Q 99 14.75 -10.43 -47.06
CA ALA Q 99 15.07 -9.86 -48.35
C ALA Q 99 13.83 -9.19 -48.88
N PRO Q 100 13.95 -8.43 -49.96
CA PRO Q 100 12.77 -7.79 -50.48
C PRO Q 100 11.65 -8.77 -50.80
N THR Q 101 11.99 -9.95 -51.36
CA THR Q 101 10.97 -10.84 -51.93
C THR Q 101 10.80 -12.23 -51.29
N THR Q 102 11.52 -12.49 -50.22
CA THR Q 102 11.35 -13.72 -49.50
C THR Q 102 11.26 -13.39 -48.02
N ALA Q 103 10.55 -14.24 -47.27
CA ALA Q 103 10.62 -14.17 -45.83
C ALA Q 103 11.93 -14.78 -45.35
N MET Q 104 12.17 -14.64 -44.06
CA MET Q 104 13.32 -15.24 -43.45
C MET Q 104 12.97 -15.50 -42.02
N THR Q 105 13.40 -16.65 -41.50
CA THR Q 105 13.26 -16.89 -40.07
C THR Q 105 14.62 -17.13 -39.48
N HIS Q 106 14.86 -16.64 -38.27
CA HIS Q 106 16.02 -17.07 -37.56
C HIS Q 106 15.81 -17.12 -36.11
N LEU Q 107 16.75 -17.79 -35.50
CA LEU Q 107 16.82 -17.89 -34.08
C LEU Q 107 17.86 -16.89 -33.63
N ALA Q 108 17.54 -16.05 -32.65
CA ALA Q 108 18.49 -15.12 -32.06
C ALA Q 108 18.74 -15.50 -30.64
N ILE Q 109 20.01 -15.55 -30.26
CA ILE Q 109 20.43 -15.78 -28.91
C ILE Q 109 21.28 -14.59 -28.44
N HIS Q 110 21.07 -14.16 -27.19
CA HIS Q 110 21.73 -12.96 -26.61
C HIS Q 110 21.74 -12.96 -25.10
N GLU Q 111 22.88 -12.62 -24.50
CA GLU Q 111 22.94 -12.48 -23.06
C GLU Q 111 22.47 -11.08 -22.71
N ARG Q 112 21.91 -10.93 -21.53
CA ARG Q 112 21.42 -9.64 -21.11
C ARG Q 112 22.29 -9.11 -19.97
N LEU Q 113 22.47 -7.79 -19.95
CA LEU Q 113 23.33 -7.14 -18.98
C LEU Q 113 22.43 -6.20 -18.18
N ASP Q 114 22.41 -6.41 -16.87
CA ASP Q 114 21.41 -5.77 -16.01
C ASP Q 114 20.03 -5.90 -16.63
N GLY Q 115 19.69 -7.14 -17.02
CA GLY Q 115 18.37 -7.48 -17.55
C GLY Q 115 17.98 -6.81 -18.86
N LYS Q 116 18.93 -6.25 -19.59
CA LYS Q 116 18.64 -5.66 -20.88
C LYS Q 116 19.38 -6.41 -21.97
N ALA Q 117 18.69 -6.67 -23.08
CA ALA Q 117 19.24 -7.45 -24.18
C ALA Q 117 19.42 -6.65 -25.48
N VAL Q 118 18.94 -5.42 -25.51
CA VAL Q 118 18.97 -4.64 -26.74
C VAL Q 118 18.86 -3.14 -26.40
N ASP Q 119 19.38 -2.30 -27.30
CA ASP Q 119 19.18 -0.86 -27.31
C ASP Q 119 18.78 -0.49 -28.74
N TRP Q 120 17.51 -0.14 -28.88
CA TRP Q 120 16.92 0.13 -30.16
C TRP Q 120 17.27 1.53 -30.63
N MET Q 121 17.42 1.67 -31.95
CA MET Q 121 17.79 2.95 -32.53
C MET Q 121 16.88 3.21 -33.73
N GLU Q 122 17.32 4.07 -34.64
CA GLU Q 122 16.45 4.57 -35.68
C GLU Q 122 16.10 3.45 -36.67
N HIS Q 123 15.02 3.64 -37.40
CA HIS Q 123 14.59 2.67 -38.39
C HIS Q 123 15.52 2.63 -39.56
N VAL Q 124 15.50 1.52 -40.28
CA VAL Q 124 16.29 1.34 -41.47
C VAL Q 124 15.48 1.90 -42.61
N THR Q 125 16.02 2.91 -43.25
CA THR Q 125 15.29 3.60 -44.32
C THR Q 125 15.30 2.76 -45.57
N ASP Q 126 14.38 3.04 -46.47
CA ASP Q 126 14.36 2.43 -47.80
C ASP Q 126 15.68 2.64 -48.51
N GLU Q 127 16.27 3.81 -48.28
CA GLU Q 127 17.56 4.16 -48.81
C GLU Q 127 18.60 3.11 -48.43
N GLN Q 128 18.73 2.89 -47.15
CA GLN Q 128 19.68 1.92 -46.61
C GLN Q 128 19.31 0.46 -46.98
N TYR Q 129 18.00 0.15 -47.00
CA TYR Q 129 17.50 -1.19 -47.30
C TYR Q 129 17.68 -1.55 -48.79
N ARG Q 130 18.94 -1.73 -49.21
CA ARG Q 130 19.27 -2.04 -50.60
C ARG Q 130 20.56 -2.79 -50.69
N ARG Q 131 20.75 -3.48 -51.79
CA ARG Q 131 21.92 -4.29 -51.97
C ARG Q 131 22.41 -4.18 -53.40
N MET R 1 30.68 -7.92 -37.28
CA MET R 1 29.78 -8.86 -37.99
C MET R 1 30.58 -9.95 -38.68
N GLU R 2 30.25 -11.17 -38.35
CA GLU R 2 31.00 -12.34 -38.75
C GLU R 2 29.93 -13.34 -39.15
N ILE R 3 30.01 -13.86 -40.37
CA ILE R 3 29.09 -14.85 -40.90
C ILE R 3 29.78 -16.19 -41.17
N LYS R 4 29.46 -17.23 -40.39
CA LYS R 4 29.91 -18.60 -40.70
C LYS R 4 28.87 -19.31 -41.55
N ARG R 5 29.21 -19.51 -42.82
CA ARG R 5 28.31 -20.03 -43.81
C ARG R 5 28.08 -21.52 -43.61
N VAL R 6 26.92 -21.97 -44.09
CA VAL R 6 26.55 -23.37 -44.06
C VAL R 6 27.61 -24.18 -44.79
N GLY R 7 28.01 -25.26 -44.15
CA GLY R 7 29.07 -26.09 -44.72
C GLY R 7 30.43 -25.79 -44.19
N SER R 8 30.59 -24.68 -43.49
CA SER R 8 31.96 -24.20 -43.17
C SER R 8 32.37 -24.72 -41.81
N GLN R 9 31.42 -25.26 -41.05
CA GLN R 9 31.74 -25.78 -39.72
C GLN R 9 31.67 -27.31 -39.79
N ALA R 10 32.81 -27.99 -39.78
CA ALA R 10 32.83 -29.44 -40.02
C ALA R 10 32.10 -30.19 -38.92
N SER R 11 31.40 -31.26 -39.28
CA SER R 11 30.80 -32.15 -38.29
C SER R 11 31.88 -32.92 -37.52
N GLY R 12 31.63 -33.19 -36.24
CA GLY R 12 32.52 -34.04 -35.42
C GLY R 12 31.80 -35.26 -34.84
N LYS R 13 32.46 -35.99 -33.94
CA LYS R 13 31.92 -37.19 -33.31
C LYS R 13 31.78 -37.06 -31.83
N GLY R 14 30.73 -37.62 -31.25
CA GLY R 14 30.59 -37.59 -29.80
C GLY R 14 31.62 -38.53 -29.19
N PRO R 15 32.43 -38.06 -28.25
CA PRO R 15 33.38 -39.01 -27.66
C PRO R 15 32.72 -40.07 -26.79
N ALA R 16 33.23 -41.29 -26.92
CA ALA R 16 32.75 -42.50 -26.21
C ALA R 16 32.58 -42.31 -24.72
N ASP R 17 33.43 -41.52 -24.10
CA ASP R 17 33.31 -41.30 -22.68
C ASP R 17 32.09 -40.51 -22.30
N TRP R 18 31.58 -39.69 -23.21
CA TRP R 18 30.51 -38.76 -22.91
C TRP R 18 29.15 -39.10 -23.54
N PHE R 19 29.13 -40.12 -24.40
CA PHE R 19 27.93 -40.57 -25.05
C PHE R 19 27.91 -42.08 -25.18
N THR R 20 26.70 -42.63 -25.16
CA THR R 20 26.46 -44.01 -25.54
C THR R 20 25.88 -44.01 -26.95
N GLY R 21 26.45 -44.84 -27.82
CA GLY R 21 26.04 -44.92 -29.21
C GLY R 21 26.63 -43.86 -30.12
N THR R 22 26.06 -43.76 -31.33
CA THR R 22 26.64 -42.97 -32.41
C THR R 22 25.98 -41.61 -32.43
N VAL R 23 26.82 -40.62 -32.15
CA VAL R 23 26.42 -39.24 -32.05
C VAL R 23 27.31 -38.34 -32.92
N ARG R 24 26.69 -37.41 -33.65
CA ARG R 24 27.41 -36.40 -34.40
C ARG R 24 27.17 -35.04 -33.79
N ILE R 25 28.24 -34.24 -33.69
CA ILE R 25 28.17 -32.86 -33.20
C ILE R 25 28.43 -31.93 -34.36
N ASP R 26 27.51 -30.99 -34.59
CA ASP R 26 27.74 -29.94 -35.53
C ASP R 26 27.97 -28.62 -34.76
N PRO R 27 29.20 -28.05 -34.84
CA PRO R 27 29.41 -26.78 -34.14
C PRO R 27 28.58 -25.65 -34.74
N LEU R 28 28.17 -24.71 -33.91
CA LEU R 28 27.42 -23.55 -34.38
C LEU R 28 28.04 -22.23 -33.95
N PHE R 29 28.26 -22.04 -32.64
CA PHE R 29 28.88 -20.84 -32.15
C PHE R 29 29.48 -20.96 -30.78
N GLN R 30 30.52 -20.17 -30.53
CA GLN R 30 31.00 -19.92 -29.17
C GLN R 30 31.35 -18.43 -29.07
N ALA R 31 30.58 -17.65 -28.30
CA ALA R 31 30.74 -16.20 -28.41
C ALA R 31 32.05 -15.75 -27.73
N PRO R 32 32.77 -14.78 -28.33
CA PRO R 32 33.98 -14.24 -27.69
C PRO R 32 33.69 -13.49 -26.40
N ASP R 33 34.55 -13.65 -25.40
CA ASP R 33 34.54 -12.81 -24.21
C ASP R 33 34.21 -11.36 -24.56
N PRO R 34 33.54 -10.62 -23.68
CA PRO R 34 33.02 -11.10 -22.40
C PRO R 34 31.68 -11.87 -22.46
N ALA R 35 31.16 -12.16 -23.67
CA ALA R 35 30.00 -13.09 -23.79
C ALA R 35 30.42 -14.50 -23.36
N LEU R 36 29.55 -15.18 -22.62
CA LEU R 36 29.81 -16.50 -22.04
C LEU R 36 29.01 -17.66 -22.71
N VAL R 37 28.23 -17.32 -23.71
CA VAL R 37 27.30 -18.26 -24.27
C VAL R 37 27.95 -19.06 -25.40
N ALA R 38 27.48 -20.30 -25.56
CA ALA R 38 27.92 -21.20 -26.63
C ALA R 38 26.79 -22.13 -27.03
N GLY R 39 26.85 -22.64 -28.26
CA GLY R 39 25.83 -23.56 -28.75
C GLY R 39 26.28 -24.43 -29.92
N HIS R 40 25.63 -25.60 -30.01
CA HIS R 40 25.84 -26.51 -31.11
C HIS R 40 24.69 -27.46 -31.31
N SER R 41 24.68 -28.11 -32.46
CA SER R 41 23.69 -29.07 -32.80
C SER R 41 24.24 -30.48 -32.62
N THR R 42 23.41 -31.39 -32.13
CA THR R 42 23.80 -32.77 -31.85
C THR R 42 22.78 -33.71 -32.44
N THR R 43 23.22 -34.65 -33.28
CA THR R 43 22.32 -35.64 -33.85
C THR R 43 22.66 -37.00 -33.26
N PHE R 44 21.65 -37.59 -32.60
CA PHE R 44 21.81 -38.90 -31.97
C PHE R 44 21.14 -39.91 -32.84
N GLU R 45 21.86 -40.98 -33.15
CA GLU R 45 21.27 -42.09 -33.87
C GLU R 45 20.34 -42.85 -32.90
N PRO R 46 19.48 -43.72 -33.44
CA PRO R 46 18.53 -44.43 -32.58
C PRO R 46 19.25 -45.07 -31.46
N GLY R 47 18.78 -44.90 -30.23
CA GLY R 47 19.37 -45.54 -29.05
C GLY R 47 20.57 -44.83 -28.45
N ALA R 48 21.03 -43.78 -29.10
CA ALA R 48 22.18 -43.03 -28.60
C ALA R 48 21.73 -41.95 -27.64
N ARG R 49 22.52 -41.76 -26.59
CA ARG R 49 22.29 -40.71 -25.61
C ARG R 49 23.59 -40.22 -24.91
N THR R 50 23.51 -39.02 -24.35
CA THR R 50 24.57 -38.47 -23.51
C THR R 50 24.76 -39.42 -22.34
N ALA R 51 25.91 -39.35 -21.70
CA ALA R 51 26.04 -39.81 -20.34
C ALA R 51 25.24 -38.87 -19.44
N TRP R 52 25.05 -39.29 -18.20
CA TRP R 52 24.63 -38.37 -17.18
C TRP R 52 25.63 -37.21 -17.06
N HIS R 53 25.12 -36.00 -16.86
CA HIS R 53 26.00 -34.85 -16.68
C HIS R 53 25.25 -33.66 -16.12
N THR R 54 26.01 -32.62 -15.78
CA THR R 54 25.44 -31.35 -15.28
C THR R 54 26.07 -30.22 -16.02
N HIS R 55 25.39 -29.09 -15.97
CA HIS R 55 25.93 -27.84 -16.46
C HIS R 55 25.96 -26.83 -15.36
N PRO R 56 27.04 -26.05 -15.30
CA PRO R 56 27.24 -25.08 -14.22
C PRO R 56 26.21 -23.94 -14.25
N LEU R 57 25.76 -23.53 -15.44
CA LEU R 57 24.77 -22.45 -15.55
C LEU R 57 23.52 -22.90 -16.30
N GLY R 58 23.28 -24.21 -16.30
CA GLY R 58 22.13 -24.77 -16.98
C GLY R 58 22.27 -24.86 -18.50
N GLN R 59 21.21 -25.36 -19.13
CA GLN R 59 21.22 -25.63 -20.57
C GLN R 59 19.82 -25.54 -21.14
N THR R 60 19.73 -25.02 -22.35
CA THR R 60 18.50 -24.94 -23.07
C THR R 60 18.66 -25.83 -24.29
N LEU R 61 17.65 -26.68 -24.57
CA LEU R 61 17.63 -27.43 -25.81
C LEU R 61 16.47 -26.96 -26.61
N ILE R 62 16.64 -27.01 -27.91
CA ILE R 62 15.56 -26.74 -28.81
C ILE R 62 15.55 -27.87 -29.82
N VAL R 63 14.55 -28.76 -29.75
CA VAL R 63 14.59 -29.94 -30.58
C VAL R 63 14.35 -29.45 -32.01
N THR R 64 15.08 -29.95 -33.00
CA THR R 64 14.89 -29.52 -34.38
C THR R 64 14.53 -30.62 -35.37
N ALA R 65 14.77 -31.88 -35.03
CA ALA R 65 14.28 -32.97 -35.91
C ALA R 65 14.21 -34.24 -35.15
N GLY R 66 13.34 -35.13 -35.64
CA GLY R 66 13.21 -36.47 -35.09
C GLY R 66 12.44 -36.54 -33.81
N CYS R 67 12.88 -37.40 -32.91
CA CYS R 67 12.12 -37.71 -31.69
C CYS R 67 13.05 -38.34 -30.69
N GLY R 68 13.20 -37.70 -29.54
CA GLY R 68 14.19 -38.16 -28.56
C GLY R 68 13.62 -38.23 -27.17
N TRP R 69 14.48 -38.64 -26.25
CA TRP R 69 14.14 -38.82 -24.87
C TRP R 69 15.10 -37.98 -24.03
N ALA R 70 14.64 -37.65 -22.82
CA ALA R 70 15.38 -36.87 -21.81
C ALA R 70 14.88 -37.19 -20.40
N GLN R 71 15.77 -37.09 -19.43
CA GLN R 71 15.42 -37.40 -18.06
C GLN R 71 16.30 -36.59 -17.13
N ARG R 72 15.74 -36.14 -16.01
CA ARG R 72 16.57 -35.63 -14.93
C ARG R 72 16.60 -36.63 -13.79
N GLU R 73 17.59 -36.56 -12.93
CA GLU R 73 17.78 -37.59 -11.90
C GLU R 73 16.56 -37.66 -11.01
N GLY R 74 16.01 -38.86 -10.87
CA GLY R 74 14.81 -39.10 -10.07
C GLY R 74 13.49 -38.76 -10.73
N GLY R 75 13.49 -38.17 -11.92
CA GLY R 75 12.24 -37.94 -12.68
C GLY R 75 11.97 -39.05 -13.69
N ALA R 76 10.95 -38.87 -14.53
CA ALA R 76 10.59 -39.86 -15.55
C ALA R 76 11.19 -39.49 -16.88
N VAL R 77 11.35 -40.48 -17.73
CA VAL R 77 11.79 -40.26 -19.09
C VAL R 77 10.66 -39.51 -19.81
N GLU R 78 11.01 -38.51 -20.61
CA GLU R 78 10.04 -37.76 -21.37
C GLU R 78 10.45 -37.64 -22.79
N GLU R 79 9.46 -37.54 -23.64
CA GLU R 79 9.62 -37.55 -25.08
C GLU R 79 9.76 -36.11 -25.45
N ILE R 80 10.67 -35.78 -26.36
CA ILE R 80 10.83 -34.40 -26.76
C ILE R 80 10.79 -34.34 -28.28
N HIS R 81 10.05 -33.41 -28.82
CA HIS R 81 9.73 -33.38 -30.22
C HIS R 81 10.18 -32.09 -30.81
N PRO R 82 10.26 -32.01 -32.15
CA PRO R 82 10.70 -30.79 -32.78
C PRO R 82 9.86 -29.60 -32.38
N GLY R 83 10.53 -28.53 -31.92
CA GLY R 83 9.86 -27.33 -31.50
C GLY R 83 9.77 -27.25 -30.00
N ASP R 84 10.00 -28.36 -29.33
CA ASP R 84 9.96 -28.33 -27.88
C ASP R 84 11.20 -27.61 -27.42
N VAL R 85 11.03 -26.79 -26.37
CA VAL R 85 12.15 -26.14 -25.70
C VAL R 85 12.32 -26.76 -24.32
N VAL R 86 13.54 -27.09 -23.95
CA VAL R 86 13.80 -27.81 -22.71
C VAL R 86 14.82 -27.04 -21.87
N TRP R 87 14.62 -27.00 -20.57
CA TRP R 87 15.51 -26.26 -19.73
C TRP R 87 15.99 -27.19 -18.63
N PHE R 88 17.30 -27.29 -18.50
CA PHE R 88 17.93 -27.92 -17.32
C PHE R 88 18.59 -26.88 -16.40
N SER R 89 18.27 -26.98 -15.12
CA SER R 89 18.76 -26.07 -14.12
C SER R 89 20.25 -26.28 -13.90
N PRO R 90 20.92 -25.22 -13.41
CA PRO R 90 22.28 -25.28 -12.93
C PRO R 90 22.48 -26.44 -11.99
N GLY R 91 23.49 -27.25 -12.25
CA GLY R 91 23.81 -28.39 -11.40
C GLY R 91 22.85 -29.58 -11.50
N GLU R 92 21.84 -29.50 -12.37
CA GLU R 92 20.84 -30.58 -12.45
C GLU R 92 21.39 -31.77 -13.22
N LYS R 93 21.53 -32.91 -12.57
CA LYS R 93 22.02 -34.14 -13.19
C LYS R 93 20.94 -34.74 -14.14
N HIS R 94 21.32 -35.00 -15.38
CA HIS R 94 20.38 -35.35 -16.46
C HIS R 94 21.06 -35.96 -17.67
N TRP R 95 20.25 -36.52 -18.57
CA TRP R 95 20.71 -37.06 -19.86
C TRP R 95 19.68 -36.75 -20.89
N HIS R 96 20.12 -36.78 -22.13
CA HIS R 96 19.20 -36.68 -23.25
C HIS R 96 19.77 -37.42 -24.46
N GLY R 97 18.91 -37.70 -25.43
CA GLY R 97 19.32 -38.48 -26.59
C GLY R 97 18.18 -38.87 -27.47
N ALA R 98 18.47 -39.74 -28.41
CA ALA R 98 17.44 -40.33 -29.27
C ALA R 98 16.56 -41.31 -28.50
N ALA R 99 15.38 -41.53 -29.06
CA ALA R 99 14.50 -42.66 -28.70
C ALA R 99 15.12 -43.93 -29.31
N PRO R 100 14.60 -45.12 -28.90
CA PRO R 100 15.29 -46.30 -29.31
C PRO R 100 15.26 -46.57 -30.78
N THR R 101 14.27 -46.10 -31.53
CA THR R 101 14.17 -46.49 -32.96
C THR R 101 14.11 -45.31 -33.94
N THR R 102 14.19 -44.11 -33.41
CA THR R 102 14.24 -42.91 -34.23
C THR R 102 15.40 -42.06 -33.78
N ALA R 103 16.04 -41.43 -34.75
CA ALA R 103 17.06 -40.40 -34.53
C ALA R 103 16.44 -39.10 -34.00
N MET R 104 17.24 -38.29 -33.33
CA MET R 104 16.82 -36.96 -32.87
C MET R 104 17.97 -35.97 -33.06
N THR R 105 17.65 -34.75 -33.45
CA THR R 105 18.60 -33.69 -33.52
C THR R 105 18.11 -32.51 -32.64
N HIS R 106 19.00 -31.92 -31.88
CA HIS R 106 18.66 -30.66 -31.21
C HIS R 106 19.79 -29.66 -31.21
N LEU R 107 19.38 -28.43 -30.95
CA LEU R 107 20.25 -27.32 -30.70
C LEU R 107 20.38 -27.21 -29.17
N ALA R 108 21.61 -27.13 -28.67
CA ALA R 108 21.85 -26.90 -27.26
C ALA R 108 22.57 -25.57 -27.03
N ILE R 109 22.12 -24.84 -26.02
CA ILE R 109 22.63 -23.50 -25.68
C ILE R 109 22.89 -23.44 -24.20
N HIS R 110 24.10 -23.03 -23.82
CA HIS R 110 24.58 -23.09 -22.43
C HIS R 110 25.62 -21.99 -22.24
N GLU R 111 25.70 -21.48 -21.02
CA GLU R 111 26.71 -20.48 -20.66
C GLU R 111 27.89 -21.13 -19.97
N ARG R 112 29.08 -20.60 -20.26
CA ARG R 112 30.31 -21.07 -19.62
C ARG R 112 30.50 -20.36 -18.27
N LEU R 113 30.96 -21.11 -17.27
CA LEU R 113 31.34 -20.56 -15.98
C LEU R 113 32.78 -20.97 -15.81
N ASP R 114 33.68 -19.98 -15.80
CA ASP R 114 35.13 -20.21 -15.80
C ASP R 114 35.52 -20.92 -17.08
N GLY R 115 34.90 -20.57 -18.18
CA GLY R 115 35.15 -21.25 -19.45
C GLY R 115 34.68 -22.71 -19.58
N LYS R 116 34.07 -23.26 -18.52
CA LYS R 116 33.59 -24.63 -18.51
C LYS R 116 32.05 -24.66 -18.64
N ALA R 117 31.54 -25.44 -19.58
CA ALA R 117 30.09 -25.55 -19.85
C ALA R 117 29.46 -26.90 -19.49
N VAL R 118 30.24 -27.86 -18.96
CA VAL R 118 29.71 -29.19 -18.66
C VAL R 118 30.58 -30.02 -17.75
N ASP R 119 29.93 -30.79 -16.88
CA ASP R 119 30.61 -31.74 -16.02
C ASP R 119 30.06 -33.14 -16.28
N TRP R 120 30.90 -33.96 -16.90
CA TRP R 120 30.50 -35.27 -17.36
C TRP R 120 30.49 -36.30 -16.24
N MET R 121 29.52 -37.22 -16.26
CA MET R 121 29.41 -38.22 -15.20
C MET R 121 29.25 -39.63 -15.82
N GLU R 122 28.69 -40.59 -15.09
CA GLU R 122 28.62 -41.96 -15.60
C GLU R 122 27.58 -42.15 -16.71
N HIS R 123 27.81 -43.13 -17.57
CA HIS R 123 26.91 -43.43 -18.67
C HIS R 123 25.49 -43.79 -18.21
N VAL R 124 24.52 -43.50 -19.06
CA VAL R 124 23.12 -43.98 -18.89
C VAL R 124 23.00 -45.44 -19.28
N THR R 125 22.80 -46.28 -18.27
CA THR R 125 22.62 -47.72 -18.46
C THR R 125 21.36 -48.03 -19.28
N ASP R 126 21.30 -49.24 -19.82
CA ASP R 126 20.18 -49.67 -20.66
C ASP R 126 18.92 -49.68 -19.78
N GLU R 127 19.08 -50.14 -18.56
CA GLU R 127 17.99 -50.17 -17.62
C GLU R 127 17.42 -48.77 -17.35
N GLN R 128 18.28 -47.75 -17.31
CA GLN R 128 17.82 -46.39 -17.06
C GLN R 128 17.25 -45.74 -18.30
N TYR R 129 17.78 -46.14 -19.44
CA TYR R 129 17.42 -45.55 -20.70
C TYR R 129 15.94 -45.81 -20.95
N ARG R 130 15.57 -47.06 -20.88
CA ARG R 130 14.19 -47.43 -21.09
C ARG R 130 13.27 -46.97 -20.00
N ARG R 131 13.55 -47.51 -18.84
CA ARG R 131 12.55 -47.59 -17.81
C ARG R 131 12.90 -46.72 -16.60
N MET S 1 19.94 -31.98 -64.35
CA MET S 1 20.01 -31.54 -62.94
C MET S 1 19.73 -30.04 -62.87
N GLU S 2 18.81 -29.65 -62.01
CA GLU S 2 18.49 -28.24 -61.89
C GLU S 2 18.39 -27.92 -60.44
N ILE S 3 19.02 -26.83 -60.04
CA ILE S 3 19.00 -26.43 -58.67
C ILE S 3 18.37 -25.05 -58.53
N LYS S 4 17.35 -24.96 -57.69
CA LYS S 4 16.70 -23.71 -57.41
C LYS S 4 17.19 -23.37 -56.03
N ARG S 5 18.01 -22.34 -55.95
CA ARG S 5 18.67 -22.00 -54.71
C ARG S 5 17.76 -21.29 -53.69
N VAL S 6 17.96 -21.59 -52.43
CA VAL S 6 17.16 -20.97 -51.40
C VAL S 6 17.16 -19.44 -51.58
N GLY S 7 15.97 -18.85 -51.60
CA GLY S 7 15.82 -17.42 -51.79
C GLY S 7 15.53 -17.00 -53.23
N SER S 8 15.59 -17.93 -54.19
CA SER S 8 15.49 -17.59 -55.59
C SER S 8 14.06 -17.59 -56.07
N GLN S 9 13.14 -18.11 -55.26
CA GLN S 9 11.72 -18.10 -55.62
C GLN S 9 11.00 -17.07 -54.76
N ALA S 10 10.26 -16.17 -55.38
CA ALA S 10 9.61 -15.14 -54.57
C ALA S 10 8.40 -15.71 -53.80
N SER S 11 8.28 -15.25 -52.55
CA SER S 11 7.11 -15.49 -51.73
C SER S 11 5.89 -14.78 -52.32
N GLY S 12 4.71 -15.41 -52.16
CA GLY S 12 3.42 -14.80 -52.50
C GLY S 12 2.46 -14.84 -51.32
N LYS S 13 1.26 -14.31 -51.56
CA LYS S 13 0.20 -14.30 -50.55
C LYS S 13 -0.95 -15.21 -50.95
N GLY S 14 -1.66 -15.72 -49.96
CA GLY S 14 -2.78 -16.61 -50.24
C GLY S 14 -3.98 -15.74 -50.61
N PRO S 15 -4.61 -15.98 -51.79
CA PRO S 15 -5.83 -15.24 -52.21
C PRO S 15 -6.94 -15.27 -51.13
N ALA S 16 -7.55 -14.11 -50.87
CA ALA S 16 -8.63 -14.02 -49.86
C ALA S 16 -9.84 -14.95 -50.15
N ASP S 17 -10.00 -15.43 -51.38
CA ASP S 17 -11.03 -16.41 -51.72
C ASP S 17 -10.82 -17.76 -51.02
N TRP S 18 -9.53 -18.15 -50.94
CA TRP S 18 -9.08 -19.49 -50.55
C TRP S 18 -8.48 -19.59 -49.15
N PHE S 19 -8.47 -18.50 -48.41
CA PHE S 19 -7.87 -18.50 -47.09
C PHE S 19 -8.52 -17.47 -46.22
N THR S 20 -8.67 -17.79 -44.95
CA THR S 20 -9.10 -16.82 -43.98
C THR S 20 -7.85 -16.39 -43.26
N GLY S 21 -7.64 -15.06 -43.20
CA GLY S 21 -6.46 -14.47 -42.58
C GLY S 21 -5.24 -14.40 -43.50
N THR S 22 -4.11 -14.10 -42.87
CA THR S 22 -2.87 -13.80 -43.55
C THR S 22 -2.01 -15.05 -43.65
N VAL S 23 -1.78 -15.41 -44.91
CA VAL S 23 -1.15 -16.65 -45.29
C VAL S 23 -0.10 -16.34 -46.36
N ARG S 24 1.09 -16.93 -46.23
CA ARG S 24 2.16 -16.74 -47.22
C ARG S 24 2.44 -18.04 -47.93
N ILE S 25 2.53 -18.00 -49.26
CA ILE S 25 2.88 -19.15 -50.05
C ILE S 25 4.27 -18.99 -50.58
N ASP S 26 5.14 -19.96 -50.31
CA ASP S 26 6.52 -20.01 -50.84
C ASP S 26 6.63 -21.17 -51.83
N PRO S 27 6.67 -20.90 -53.16
CA PRO S 27 6.73 -22.04 -54.11
C PRO S 27 8.01 -22.83 -53.98
N LEU S 28 7.94 -24.09 -54.38
CA LEU S 28 9.12 -24.96 -54.35
C LEU S 28 9.34 -25.65 -55.68
N PHE S 29 8.34 -26.38 -56.15
CA PHE S 29 8.50 -27.10 -57.42
C PHE S 29 7.19 -27.50 -58.02
N GLN S 30 7.29 -27.82 -59.29
CA GLN S 30 6.26 -28.50 -60.05
C GLN S 30 6.97 -29.31 -61.12
N ALA S 31 7.04 -30.62 -60.95
CA ALA S 31 7.72 -31.44 -61.91
C ALA S 31 7.07 -31.26 -63.27
N PRO S 32 7.88 -31.15 -64.35
CA PRO S 32 7.32 -31.13 -65.70
C PRO S 32 6.84 -32.52 -66.12
N ASP S 33 5.90 -32.57 -67.09
CA ASP S 33 5.46 -33.83 -67.75
C ASP S 33 6.61 -34.76 -68.11
N PRO S 34 6.44 -36.09 -68.03
CA PRO S 34 5.20 -36.79 -67.70
C PRO S 34 4.98 -37.05 -66.20
N ALA S 35 5.83 -36.50 -65.34
CA ALA S 35 5.56 -36.48 -63.91
C ALA S 35 4.49 -35.44 -63.60
N LEU S 36 3.76 -35.67 -62.51
CA LEU S 36 2.59 -34.87 -62.16
C LEU S 36 2.68 -34.18 -60.80
N VAL S 37 3.78 -34.35 -60.08
CA VAL S 37 3.80 -33.89 -58.71
C VAL S 37 4.17 -32.41 -58.59
N ALA S 38 3.67 -31.74 -57.55
CA ALA S 38 4.06 -30.37 -57.26
C ALA S 38 4.14 -30.24 -55.80
N GLY S 39 4.71 -29.14 -55.35
CA GLY S 39 4.78 -28.86 -53.93
C GLY S 39 5.12 -27.44 -53.61
N HIS S 40 4.79 -27.03 -52.40
CA HIS S 40 5.17 -25.71 -51.94
C HIS S 40 5.10 -25.63 -50.45
N SER S 41 5.62 -24.56 -49.91
CA SER S 41 5.53 -24.33 -48.50
C SER S 41 4.44 -23.27 -48.28
N THR S 42 3.80 -23.31 -47.11
CA THR S 42 2.73 -22.39 -46.77
C THR S 42 2.86 -22.04 -45.33
N THR S 43 2.97 -20.74 -45.05
CA THR S 43 3.00 -20.28 -43.67
C THR S 43 1.71 -19.52 -43.31
N PHE S 44 1.03 -19.98 -42.26
CA PHE S 44 -0.20 -19.38 -41.75
C PHE S 44 0.08 -18.55 -40.49
N GLU S 45 -0.38 -17.30 -40.48
CA GLU S 45 -0.30 -16.50 -39.25
C GLU S 45 -1.33 -17.06 -38.30
N PRO S 46 -1.17 -16.81 -36.99
CA PRO S 46 -2.06 -17.33 -35.94
C PRO S 46 -3.52 -17.08 -36.27
N GLY S 47 -4.37 -18.10 -36.19
CA GLY S 47 -5.77 -17.92 -36.61
C GLY S 47 -6.04 -18.08 -38.10
N ALA S 48 -5.02 -18.03 -38.95
CA ALA S 48 -5.28 -18.13 -40.39
C ALA S 48 -5.41 -19.58 -40.80
N ARG S 49 -6.16 -19.84 -41.86
CA ARG S 49 -6.42 -21.20 -42.33
C ARG S 49 -6.95 -21.20 -43.75
N THR S 50 -6.84 -22.34 -44.44
CA THR S 50 -7.39 -22.49 -45.79
C THR S 50 -8.90 -22.51 -45.61
N ALA S 51 -9.60 -22.48 -46.74
CA ALA S 51 -11.03 -22.76 -46.79
C ALA S 51 -11.13 -24.26 -46.92
N TRP S 52 -12.36 -24.78 -46.83
CA TRP S 52 -12.65 -26.15 -47.26
C TRP S 52 -12.27 -26.30 -48.72
N HIS S 53 -11.83 -27.51 -49.08
CA HIS S 53 -11.44 -27.88 -50.44
C HIS S 53 -11.07 -29.34 -50.46
N THR S 54 -10.92 -29.87 -51.67
CA THR S 54 -10.51 -31.25 -51.93
C THR S 54 -9.40 -31.27 -52.94
N HIS S 55 -8.67 -32.39 -53.00
CA HIS S 55 -7.61 -32.62 -54.00
C HIS S 55 -7.98 -33.88 -54.79
N PRO S 56 -7.79 -33.87 -56.10
CA PRO S 56 -8.15 -34.97 -57.00
C PRO S 56 -7.36 -36.26 -56.86
N LEU S 57 -6.11 -36.20 -56.41
CA LEU S 57 -5.33 -37.40 -56.12
C LEU S 57 -4.84 -37.37 -54.66
N GLY S 58 -5.46 -36.53 -53.85
CA GLY S 58 -5.07 -36.41 -52.45
C GLY S 58 -3.86 -35.51 -52.28
N GLN S 59 -3.46 -35.35 -51.04
CA GLN S 59 -2.39 -34.43 -50.73
C GLN S 59 -1.65 -34.89 -49.48
N THR S 60 -0.33 -34.75 -49.50
CA THR S 60 0.48 -35.02 -48.32
C THR S 60 0.98 -33.74 -47.72
N LEU S 61 0.92 -33.63 -46.39
CA LEU S 61 1.49 -32.47 -45.67
C LEU S 61 2.64 -32.90 -44.77
N ILE S 62 3.72 -32.13 -44.76
CA ILE S 62 4.81 -32.42 -43.87
C ILE S 62 4.97 -31.14 -43.11
N VAL S 63 4.62 -31.18 -41.82
CA VAL S 63 4.66 -29.99 -41.01
C VAL S 63 6.14 -29.66 -40.73
N THR S 64 6.52 -28.40 -40.92
CA THR S 64 7.92 -28.01 -40.79
C THR S 64 8.14 -26.99 -39.70
N ALA S 65 7.11 -26.30 -39.23
CA ALA S 65 7.31 -25.36 -38.12
C ALA S 65 6.02 -24.96 -37.48
N GLY S 66 6.12 -24.58 -36.22
CA GLY S 66 5.00 -24.06 -35.47
C GLY S 66 4.03 -25.16 -35.06
N CYS S 67 2.75 -24.83 -35.07
CA CYS S 67 1.67 -25.68 -34.53
C CYS S 67 0.35 -25.20 -35.16
N GLY S 68 -0.35 -26.14 -35.77
CA GLY S 68 -1.51 -25.84 -36.62
C GLY S 68 -2.68 -26.77 -36.30
N TRP S 69 -3.79 -26.55 -36.99
CA TRP S 69 -5.01 -27.35 -36.87
C TRP S 69 -5.41 -27.80 -38.24
N ALA S 70 -6.02 -28.98 -38.30
CA ALA S 70 -6.61 -29.51 -39.51
C ALA S 70 -7.80 -30.45 -39.24
N GLN S 71 -8.63 -30.60 -40.25
CA GLN S 71 -9.91 -31.28 -40.09
C GLN S 71 -10.44 -31.66 -41.46
N ARG S 72 -10.94 -32.88 -41.54
CA ARG S 72 -11.72 -33.33 -42.68
C ARG S 72 -13.22 -33.27 -42.27
N GLU S 73 -14.10 -33.23 -43.28
CA GLU S 73 -15.56 -33.16 -43.08
C GLU S 73 -16.05 -34.37 -42.26
N GLY S 74 -16.66 -34.10 -41.11
CA GLY S 74 -17.10 -35.18 -40.27
C GLY S 74 -16.09 -35.55 -39.20
N GLY S 75 -14.83 -35.15 -39.35
CA GLY S 75 -13.80 -35.48 -38.36
C GLY S 75 -13.67 -34.47 -37.23
N ALA S 76 -12.86 -34.79 -36.24
CA ALA S 76 -12.54 -33.81 -35.21
C ALA S 76 -11.41 -32.88 -35.72
N VAL S 77 -11.31 -31.70 -35.11
CA VAL S 77 -10.21 -30.77 -35.42
C VAL S 77 -8.97 -31.30 -34.72
N GLU S 78 -7.93 -31.64 -35.48
CA GLU S 78 -6.69 -32.19 -34.92
C GLU S 78 -5.56 -31.16 -34.90
N GLU S 79 -4.75 -31.20 -33.85
CA GLU S 79 -3.54 -30.37 -33.74
C GLU S 79 -2.40 -31.07 -34.47
N ILE S 80 -1.63 -30.34 -35.28
CA ILE S 80 -0.49 -30.95 -35.97
C ILE S 80 0.81 -30.19 -35.65
N HIS S 81 1.93 -30.93 -35.69
CA HIS S 81 3.18 -30.47 -35.18
C HIS S 81 4.29 -30.76 -36.21
N PRO S 82 5.46 -30.05 -36.09
CA PRO S 82 6.61 -30.34 -37.00
C PRO S 82 7.09 -31.79 -36.91
N GLY S 83 7.23 -32.43 -38.06
CA GLY S 83 7.51 -33.88 -38.15
C GLY S 83 6.29 -34.79 -38.44
N ASP S 84 5.09 -34.33 -38.10
CA ASP S 84 3.88 -35.10 -38.43
C ASP S 84 3.71 -35.05 -39.94
N VAL S 85 3.30 -36.17 -40.51
CA VAL S 85 2.96 -36.26 -41.93
C VAL S 85 1.46 -36.54 -41.99
N VAL S 86 0.74 -35.73 -42.76
CA VAL S 86 -0.72 -35.84 -42.86
C VAL S 86 -1.07 -36.21 -44.29
N TRP S 87 -1.97 -37.17 -44.43
CA TRP S 87 -2.47 -37.59 -45.74
C TRP S 87 -3.98 -37.34 -45.83
N PHE S 88 -4.40 -36.54 -46.83
CA PHE S 88 -5.82 -36.41 -47.21
C PHE S 88 -6.10 -37.15 -48.50
N SER S 89 -7.21 -37.89 -48.53
CA SER S 89 -7.51 -38.77 -49.65
C SER S 89 -8.04 -38.01 -50.84
N PRO S 90 -8.03 -38.63 -52.03
CA PRO S 90 -8.72 -38.03 -53.18
C PRO S 90 -10.15 -37.64 -52.84
N GLY S 91 -10.56 -36.46 -53.27
CA GLY S 91 -11.91 -35.98 -53.01
C GLY S 91 -12.22 -35.71 -51.56
N GLU S 92 -11.26 -35.88 -50.65
CA GLU S 92 -11.58 -35.70 -49.25
C GLU S 92 -11.66 -34.22 -48.89
N LYS S 93 -12.79 -33.81 -48.34
CA LYS S 93 -13.04 -32.42 -48.09
C LYS S 93 -12.44 -32.06 -46.73
N HIS S 94 -11.58 -31.04 -46.73
CA HIS S 94 -10.79 -30.71 -45.53
C HIS S 94 -10.29 -29.28 -45.53
N TRP S 95 -9.83 -28.85 -44.36
CA TRP S 95 -9.03 -27.64 -44.26
C TRP S 95 -7.82 -27.83 -43.36
N HIS S 96 -6.94 -26.83 -43.39
CA HIS S 96 -5.82 -26.80 -42.46
C HIS S 96 -5.25 -25.40 -42.32
N GLY S 97 -4.47 -25.18 -41.26
CA GLY S 97 -3.94 -23.85 -40.97
C GLY S 97 -3.32 -23.72 -39.61
N ALA S 98 -3.17 -22.50 -39.16
CA ALA S 98 -2.53 -22.26 -37.90
C ALA S 98 -3.46 -22.53 -36.76
N ALA S 99 -2.88 -22.65 -35.57
CA ALA S 99 -3.65 -22.64 -34.35
C ALA S 99 -3.99 -21.17 -33.96
N PRO S 100 -4.81 -21.00 -32.93
CA PRO S 100 -5.21 -19.61 -32.72
C PRO S 100 -4.09 -18.66 -32.24
N THR S 101 -3.05 -19.15 -31.55
CA THR S 101 -1.99 -18.28 -31.00
C THR S 101 -0.59 -18.50 -31.60
N THR S 102 -0.50 -19.42 -32.56
CA THR S 102 0.79 -19.81 -33.17
C THR S 102 0.60 -20.04 -34.64
N ALA S 103 1.58 -19.57 -35.41
CA ALA S 103 1.65 -19.79 -36.85
C ALA S 103 2.01 -21.23 -37.10
N MET S 104 1.89 -21.64 -38.34
CA MET S 104 2.33 -22.95 -38.69
C MET S 104 2.77 -22.95 -40.13
N THR S 105 3.77 -23.78 -40.43
CA THR S 105 4.27 -23.91 -41.77
C THR S 105 4.33 -25.38 -42.10
N HIS S 106 3.93 -25.70 -43.31
CA HIS S 106 4.10 -27.01 -43.82
C HIS S 106 4.38 -27.03 -45.30
N LEU S 107 5.02 -28.10 -45.71
CA LEU S 107 5.23 -28.48 -47.09
C LEU S 107 4.01 -29.28 -47.49
N ALA S 108 3.48 -29.01 -48.67
CA ALA S 108 2.31 -29.67 -49.22
C ALA S 108 2.70 -30.26 -50.54
N ILE S 109 2.27 -31.49 -50.80
CA ILE S 109 2.65 -32.24 -51.98
C ILE S 109 1.40 -32.96 -52.46
N HIS S 110 1.18 -32.89 -53.77
CA HIS S 110 -0.05 -33.37 -54.38
C HIS S 110 0.25 -33.59 -55.81
N GLU S 111 -0.38 -34.60 -56.39
CA GLU S 111 -0.29 -34.83 -57.84
C GLU S 111 -1.42 -34.12 -58.58
N ARG S 112 -1.09 -33.61 -59.76
CA ARG S 112 -2.08 -32.95 -60.62
C ARG S 112 -2.73 -33.98 -61.54
N LEU S 113 -4.03 -33.79 -61.73
CA LEU S 113 -4.85 -34.66 -62.56
C LEU S 113 -5.39 -33.83 -63.72
N ASP S 114 -4.87 -34.04 -64.93
CA ASP S 114 -5.20 -33.20 -66.08
C ASP S 114 -5.17 -31.73 -65.70
N GLY S 115 -4.01 -31.30 -65.19
CA GLY S 115 -3.79 -29.90 -64.84
C GLY S 115 -4.14 -29.47 -63.42
N LYS S 116 -5.09 -30.15 -62.80
CA LYS S 116 -5.73 -29.67 -61.57
C LYS S 116 -5.18 -30.37 -60.34
N ALA S 117 -4.95 -29.61 -59.27
CA ALA S 117 -4.56 -30.15 -57.96
C ALA S 117 -5.43 -29.67 -56.77
N VAL S 118 -6.49 -28.89 -57.03
CA VAL S 118 -7.36 -28.42 -55.95
C VAL S 118 -8.73 -27.98 -56.44
N ASP S 119 -9.74 -28.07 -55.57
CA ASP S 119 -11.07 -27.51 -55.82
C ASP S 119 -11.54 -26.76 -54.60
N TRP S 120 -11.67 -25.46 -54.74
CA TRP S 120 -11.93 -24.65 -53.56
C TRP S 120 -13.43 -24.58 -53.28
N MET S 121 -13.76 -24.41 -52.00
CA MET S 121 -15.14 -24.44 -51.51
C MET S 121 -15.23 -23.38 -50.41
N GLU S 122 -16.25 -23.43 -49.56
CA GLU S 122 -16.48 -22.34 -48.62
C GLU S 122 -15.42 -22.15 -47.51
N HIS S 123 -15.33 -20.95 -46.97
CA HIS S 123 -14.44 -20.66 -45.85
C HIS S 123 -14.82 -21.44 -44.59
N VAL S 124 -13.84 -21.64 -43.73
CA VAL S 124 -14.09 -22.29 -42.49
C VAL S 124 -14.51 -21.18 -41.52
N THR S 125 -15.71 -21.31 -40.98
CA THR S 125 -16.31 -20.26 -40.14
C THR S 125 -15.63 -20.21 -38.80
N ASP S 126 -15.80 -19.12 -38.07
CA ASP S 126 -15.23 -19.02 -36.73
C ASP S 126 -15.80 -20.07 -35.77
N GLU S 127 -17.00 -20.54 -36.06
CA GLU S 127 -17.63 -21.62 -35.32
C GLU S 127 -16.98 -22.96 -35.58
N GLN S 128 -16.60 -23.18 -36.84
CA GLN S 128 -15.76 -24.34 -37.19
C GLN S 128 -14.31 -24.24 -36.62
N TYR S 129 -13.72 -23.04 -36.69
CA TYR S 129 -12.37 -22.81 -36.16
C TYR S 129 -12.33 -22.83 -34.62
N ARG S 130 -12.43 -24.04 -34.07
CA ARG S 130 -12.32 -24.26 -32.65
C ARG S 130 -12.21 -25.76 -32.41
N ARG S 131 -11.80 -26.08 -31.19
CA ARG S 131 -11.40 -27.39 -30.83
C ARG S 131 -12.05 -27.82 -29.52
N MET T 1 -8.31 -39.00 -43.96
CA MET T 1 -7.32 -38.15 -43.26
C MET T 1 -6.57 -39.00 -42.26
N GLU T 2 -5.27 -39.09 -42.46
CA GLU T 2 -4.42 -39.92 -41.66
C GLU T 2 -3.18 -39.12 -41.25
N ILE T 3 -2.86 -39.18 -39.96
CA ILE T 3 -1.71 -38.48 -39.41
C ILE T 3 -0.71 -39.50 -38.90
N LYS T 4 0.51 -39.47 -39.44
CA LYS T 4 1.57 -40.25 -38.84
C LYS T 4 2.40 -39.33 -37.97
N ARG T 5 2.34 -39.54 -36.67
CA ARG T 5 2.97 -38.63 -35.75
C ARG T 5 4.50 -38.69 -35.82
N VAL T 6 5.14 -37.59 -35.47
CA VAL T 6 6.57 -37.57 -35.42
C VAL T 6 7.00 -38.65 -34.42
N GLY T 7 8.01 -39.45 -34.77
CA GLY T 7 8.41 -40.57 -33.90
C GLY T 7 7.75 -41.94 -34.17
N SER T 8 6.78 -42.00 -35.08
CA SER T 8 6.01 -43.21 -35.34
C SER T 8 6.58 -44.02 -36.48
N GLN T 9 7.39 -43.41 -37.32
CA GLN T 9 8.03 -44.11 -38.41
C GLN T 9 9.50 -44.33 -38.04
N ALA T 10 9.88 -45.58 -37.77
CA ALA T 10 11.24 -45.90 -37.34
C ALA T 10 12.29 -45.56 -38.39
N SER T 11 13.47 -45.19 -37.93
CA SER T 11 14.59 -44.93 -38.82
C SER T 11 15.09 -46.26 -39.29
N GLY T 12 15.66 -46.31 -40.48
CA GLY T 12 16.39 -47.50 -40.96
C GLY T 12 17.73 -47.07 -41.52
N LYS T 13 18.49 -48.03 -42.04
CA LYS T 13 19.86 -47.81 -42.50
C LYS T 13 19.93 -48.05 -43.99
N GLY T 14 20.72 -47.22 -44.69
CA GLY T 14 20.89 -47.35 -46.12
C GLY T 14 21.64 -48.65 -46.43
N PRO T 15 21.11 -49.47 -47.32
CA PRO T 15 21.84 -50.73 -47.65
C PRO T 15 23.18 -50.51 -48.37
N ALA T 16 24.18 -51.30 -48.03
CA ALA T 16 25.52 -51.20 -48.62
C ALA T 16 25.55 -51.24 -50.15
N ASP T 17 24.63 -51.96 -50.75
CA ASP T 17 24.59 -52.06 -52.19
C ASP T 17 24.10 -50.77 -52.82
N TRP T 18 23.43 -49.92 -52.06
CA TRP T 18 22.89 -48.69 -52.65
C TRP T 18 23.58 -47.42 -52.17
N PHE T 19 24.48 -47.55 -51.21
CA PHE T 19 25.11 -46.38 -50.64
C PHE T 19 26.55 -46.66 -50.30
N THR T 20 27.40 -45.66 -50.48
CA THR T 20 28.73 -45.68 -49.90
C THR T 20 28.69 -44.94 -48.56
N GLY T 21 29.19 -45.57 -47.50
CA GLY T 21 29.21 -44.95 -46.18
C GLY T 21 27.91 -45.12 -45.40
N THR T 22 27.77 -44.31 -44.36
CA THR T 22 26.72 -44.42 -43.40
C THR T 22 25.59 -43.47 -43.73
N VAL T 23 24.42 -44.04 -43.95
CA VAL T 23 23.26 -43.29 -44.35
C VAL T 23 22.09 -43.78 -43.49
N ARG T 24 21.26 -42.84 -43.05
CA ARG T 24 20.02 -43.16 -42.35
C ARG T 24 18.83 -42.74 -43.21
N ILE T 25 17.79 -43.58 -43.23
CA ILE T 25 16.58 -43.31 -43.98
C ILE T 25 15.40 -43.19 -42.99
N ASP T 26 14.71 -42.06 -43.03
CA ASP T 26 13.53 -41.84 -42.20
C ASP T 26 12.33 -41.77 -43.15
N PRO T 27 11.47 -42.81 -43.15
CA PRO T 27 10.32 -42.84 -44.07
C PRO T 27 9.38 -41.65 -43.81
N LEU T 28 8.74 -41.12 -44.84
CA LEU T 28 7.72 -40.09 -44.60
C LEU T 28 6.35 -40.49 -45.10
N PHE T 29 6.25 -40.92 -46.35
CA PHE T 29 4.95 -41.32 -46.90
C PHE T 29 5.08 -42.07 -48.20
N GLN T 30 4.10 -42.94 -48.43
CA GLN T 30 3.83 -43.49 -49.73
C GLN T 30 2.32 -43.47 -49.96
N ALA T 31 1.87 -42.71 -50.93
CA ALA T 31 0.45 -42.55 -51.14
C ALA T 31 -0.14 -43.83 -51.76
N PRO T 32 -1.30 -44.25 -51.27
CA PRO T 32 -1.98 -45.42 -51.85
C PRO T 32 -2.50 -45.17 -53.28
N ASP T 33 -2.52 -46.19 -54.14
CA ASP T 33 -3.16 -46.07 -55.47
C ASP T 33 -4.50 -45.35 -55.31
N PRO T 34 -4.95 -44.57 -56.30
CA PRO T 34 -4.30 -44.36 -57.58
C PRO T 34 -3.15 -43.32 -57.55
N ALA T 35 -2.94 -42.65 -56.40
CA ALA T 35 -1.79 -41.74 -56.24
C ALA T 35 -0.48 -42.54 -56.32
N LEU T 36 0.50 -41.98 -57.02
CA LEU T 36 1.80 -42.65 -57.25
C LEU T 36 2.98 -41.99 -56.51
N VAL T 37 2.74 -40.91 -55.79
CA VAL T 37 3.86 -40.18 -55.22
C VAL T 37 4.34 -40.83 -53.92
N ALA T 38 5.65 -40.81 -53.68
CA ALA T 38 6.25 -41.32 -52.44
C ALA T 38 7.39 -40.40 -52.00
N GLY T 39 7.69 -40.40 -50.70
CA GLY T 39 8.80 -39.59 -50.21
C GLY T 39 9.40 -40.04 -48.91
N HIS T 40 10.68 -39.71 -48.74
CA HIS T 40 11.40 -40.03 -47.50
C HIS T 40 12.58 -39.06 -47.24
N SER T 41 13.01 -39.01 -46.00
CA SER T 41 14.14 -38.18 -45.58
C SER T 41 15.37 -39.08 -45.51
N THR T 42 16.51 -38.57 -45.98
CA THR T 42 17.77 -39.30 -45.90
C THR T 42 18.89 -38.43 -45.31
N THR T 43 19.60 -38.99 -44.35
CA THR T 43 20.65 -38.26 -43.70
C THR T 43 21.97 -38.95 -43.98
N PHE T 44 22.87 -38.27 -44.71
CA PHE T 44 24.17 -38.83 -45.07
C PHE T 44 25.19 -38.29 -44.11
N GLU T 45 25.93 -39.17 -43.45
CA GLU T 45 27.06 -38.76 -42.65
C GLU T 45 28.18 -38.31 -43.62
N PRO T 46 29.15 -37.55 -43.12
CA PRO T 46 30.22 -36.96 -43.99
C PRO T 46 30.85 -38.01 -44.87
N GLY T 47 30.98 -37.74 -46.16
CA GLY T 47 31.55 -38.70 -47.07
C GLY T 47 30.60 -39.73 -47.67
N ALA T 48 29.38 -39.85 -47.14
CA ALA T 48 28.44 -40.87 -47.59
C ALA T 48 27.64 -40.33 -48.75
N ARG T 49 27.37 -41.20 -49.71
CA ARG T 49 26.55 -40.80 -50.84
C ARG T 49 25.84 -42.02 -51.45
N THR T 50 24.88 -41.74 -52.32
CA THR T 50 24.18 -42.80 -53.01
C THR T 50 25.17 -43.38 -54.03
N ALA T 51 24.96 -44.63 -54.39
CA ALA T 51 25.44 -45.15 -55.66
C ALA T 51 24.85 -44.33 -56.75
N TRP T 52 25.38 -44.45 -57.97
CA TRP T 52 24.76 -43.83 -59.11
C TRP T 52 23.39 -44.53 -59.32
N HIS T 53 22.42 -43.79 -59.85
CA HIS T 53 21.10 -44.34 -60.10
C HIS T 53 20.27 -43.42 -60.98
N THR T 54 19.06 -43.87 -61.31
CA THR T 54 18.11 -43.12 -62.15
C THR T 54 16.73 -43.25 -61.54
N HIS T 55 15.81 -42.36 -61.92
CA HIS T 55 14.42 -42.49 -61.48
C HIS T 55 13.52 -42.45 -62.69
N PRO T 56 12.55 -43.39 -62.75
CA PRO T 56 11.71 -43.43 -63.93
C PRO T 56 10.97 -42.12 -64.17
N LEU T 57 10.58 -41.43 -63.11
CA LEU T 57 9.74 -40.23 -63.28
C LEU T 57 10.40 -39.02 -62.66
N GLY T 58 11.72 -39.11 -62.53
CA GLY T 58 12.51 -38.04 -61.94
C GLY T 58 12.34 -37.96 -60.42
N GLN T 59 13.11 -37.07 -59.82
CA GLN T 59 13.12 -36.91 -58.38
C GLN T 59 13.39 -35.49 -58.05
N THR T 60 12.76 -35.04 -56.98
CA THR T 60 12.93 -33.73 -56.49
C THR T 60 13.50 -33.87 -55.10
N LEU T 61 14.51 -33.05 -54.79
CA LEU T 61 15.07 -32.99 -53.44
C LEU T 61 14.81 -31.63 -52.84
N ILE T 62 14.61 -31.61 -51.54
CA ILE T 62 14.57 -30.38 -50.80
C ILE T 62 15.48 -30.61 -49.66
N VAL T 63 16.57 -29.84 -49.60
CA VAL T 63 17.60 -30.11 -48.60
C VAL T 63 17.07 -29.49 -47.35
N THR T 64 17.23 -30.15 -46.22
CA THR T 64 16.74 -29.62 -44.98
C THR T 64 17.75 -29.43 -43.89
N ALA T 65 18.93 -30.03 -44.02
CA ALA T 65 19.98 -29.75 -43.07
C ALA T 65 21.35 -30.01 -43.70
N GLY T 66 22.33 -29.31 -43.14
CA GLY T 66 23.75 -29.56 -43.41
C GLY T 66 24.14 -29.07 -44.78
N CYS T 67 25.02 -29.80 -45.44
CA CYS T 67 25.56 -29.31 -46.72
C CYS T 67 26.08 -30.49 -47.49
N GLY T 68 25.54 -30.70 -48.67
CA GLY T 68 25.89 -31.89 -49.42
C GLY T 68 26.32 -31.56 -50.82
N TRP T 69 26.61 -32.62 -51.58
CA TRP T 69 26.98 -32.59 -52.97
C TRP T 69 26.05 -33.43 -53.81
N ALA T 70 25.93 -33.06 -55.09
CA ALA T 70 25.21 -33.86 -56.07
C ALA T 70 25.84 -33.72 -57.43
N GLN T 71 25.67 -34.75 -58.24
CA GLN T 71 26.20 -34.74 -59.61
C GLN T 71 25.33 -35.60 -60.54
N ARG T 72 25.11 -35.11 -61.76
CA ARG T 72 24.59 -35.97 -62.82
C ARG T 72 25.74 -36.34 -63.75
N GLU T 73 25.55 -37.41 -64.50
CA GLU T 73 26.58 -37.93 -65.35
C GLU T 73 27.00 -36.88 -66.36
N GLY T 74 28.32 -36.74 -66.49
CA GLY T 74 28.90 -35.81 -67.43
C GLY T 74 28.86 -34.40 -66.89
N GLY T 75 28.50 -34.26 -65.62
CA GLY T 75 28.26 -32.95 -65.03
C GLY T 75 29.24 -32.67 -63.94
N ALA T 76 29.26 -31.43 -63.47
CA ALA T 76 30.13 -31.07 -62.33
C ALA T 76 29.46 -31.43 -61.01
N VAL T 77 30.27 -31.59 -59.97
CA VAL T 77 29.76 -31.84 -58.65
C VAL T 77 29.29 -30.50 -58.11
N GLU T 78 28.06 -30.44 -57.61
CA GLU T 78 27.52 -29.22 -57.06
C GLU T 78 27.16 -29.37 -55.62
N GLU T 79 27.40 -28.30 -54.84
CA GLU T 79 26.98 -28.17 -53.47
C GLU T 79 25.50 -27.91 -53.46
N ILE T 80 24.82 -28.40 -52.43
CA ILE T 80 23.41 -28.13 -52.22
C ILE T 80 23.20 -27.86 -50.73
N HIS T 81 22.39 -26.87 -50.41
CA HIS T 81 22.31 -26.33 -49.05
C HIS T 81 20.85 -26.29 -48.64
N PRO T 82 20.60 -26.10 -47.34
CA PRO T 82 19.22 -26.14 -46.88
C PRO T 82 18.38 -25.08 -47.55
N GLY T 83 17.25 -25.51 -48.09
CA GLY T 83 16.30 -24.60 -48.74
C GLY T 83 16.41 -24.78 -50.24
N ASP T 84 17.48 -25.41 -50.71
CA ASP T 84 17.69 -25.62 -52.15
C ASP T 84 16.73 -26.72 -52.61
N VAL T 85 16.28 -26.62 -53.84
CA VAL T 85 15.42 -27.60 -54.41
C VAL T 85 16.07 -28.11 -55.65
N VAL T 86 16.18 -29.43 -55.75
CA VAL T 86 16.94 -30.09 -56.80
C VAL T 86 16.02 -31.00 -57.58
N TRP T 87 16.12 -30.93 -58.90
CA TRP T 87 15.28 -31.74 -59.75
C TRP T 87 16.14 -32.53 -60.71
N PHE T 88 16.07 -33.85 -60.64
CA PHE T 88 16.72 -34.73 -61.64
C PHE T 88 15.70 -35.27 -62.62
N SER T 89 15.97 -35.14 -63.92
CA SER T 89 15.09 -35.67 -64.98
C SER T 89 14.83 -37.18 -64.91
N PRO T 90 13.67 -37.63 -65.41
CA PRO T 90 13.39 -39.05 -65.60
C PRO T 90 14.55 -39.67 -66.31
N GLY T 91 15.03 -40.83 -65.87
CA GLY T 91 16.11 -41.51 -66.57
C GLY T 91 17.52 -40.97 -66.34
N GLU T 92 17.65 -39.77 -65.79
CA GLU T 92 18.93 -39.11 -65.60
C GLU T 92 19.74 -39.84 -64.55
N LYS T 93 20.94 -40.24 -64.93
CA LYS T 93 21.86 -40.92 -64.01
C LYS T 93 22.59 -39.92 -63.12
N HIS T 94 22.56 -40.15 -61.81
CA HIS T 94 23.00 -39.17 -60.86
C HIS T 94 23.34 -39.78 -59.51
N TRP T 95 23.87 -38.96 -58.63
CA TRP T 95 24.08 -39.35 -57.27
C TRP T 95 24.06 -38.12 -56.41
N HIS T 96 23.96 -38.33 -55.12
CA HIS T 96 23.93 -37.24 -54.21
C HIS T 96 24.26 -37.75 -52.84
N GLY T 97 24.72 -36.87 -51.98
CA GLY T 97 25.20 -37.27 -50.67
C GLY T 97 25.71 -36.09 -49.87
N ALA T 98 26.30 -36.40 -48.74
CA ALA T 98 27.02 -35.45 -47.92
C ALA T 98 28.29 -34.97 -48.64
N ALA T 99 28.77 -33.83 -48.15
CA ALA T 99 30.13 -33.30 -48.49
C ALA T 99 31.13 -34.09 -47.64
N PRO T 100 32.43 -33.95 -47.97
CA PRO T 100 33.36 -34.82 -47.24
C PRO T 100 33.43 -34.62 -45.75
N THR T 101 33.16 -33.42 -45.26
CA THR T 101 33.30 -33.14 -43.84
C THR T 101 32.04 -32.66 -43.14
N THR T 102 30.96 -32.48 -43.89
CA THR T 102 29.67 -32.21 -43.31
C THR T 102 28.58 -33.23 -43.68
N ALA T 103 27.74 -33.57 -42.71
CA ALA T 103 26.53 -34.34 -43.00
C ALA T 103 25.54 -33.51 -43.81
N MET T 104 24.56 -34.19 -44.41
CA MET T 104 23.46 -33.53 -45.08
C MET T 104 22.18 -34.36 -44.96
N THR T 105 21.04 -33.69 -44.81
CA THR T 105 19.75 -34.35 -44.78
C THR T 105 18.92 -33.68 -45.85
N HIS T 106 18.24 -34.50 -46.66
CA HIS T 106 17.20 -33.98 -47.53
C HIS T 106 15.91 -34.83 -47.56
N LEU T 107 14.90 -34.19 -48.12
CA LEU T 107 13.61 -34.75 -48.37
C LEU T 107 13.66 -35.11 -49.81
N ALA T 108 13.26 -36.33 -50.17
CA ALA T 108 13.29 -36.83 -51.55
C ALA T 108 11.86 -37.20 -51.94
N ILE T 109 11.40 -36.65 -53.06
CA ILE T 109 10.08 -36.89 -53.56
C ILE T 109 10.15 -37.40 -54.99
N HIS T 110 9.52 -38.56 -55.23
CA HIS T 110 9.58 -39.25 -56.51
C HIS T 110 8.26 -39.96 -56.76
N GLU T 111 7.82 -39.97 -58.02
CA GLU T 111 6.68 -40.80 -58.47
C GLU T 111 7.16 -42.21 -58.83
N ARG T 112 6.36 -43.21 -58.49
CA ARG T 112 6.64 -44.57 -58.91
C ARG T 112 5.95 -44.87 -60.27
N LEU T 113 6.53 -45.81 -61.01
CA LEU T 113 6.00 -46.24 -62.31
C LEU T 113 6.09 -47.77 -62.32
N ASP T 114 4.94 -48.43 -62.12
CA ASP T 114 4.85 -49.88 -61.86
C ASP T 114 5.53 -50.31 -60.55
N GLY T 115 5.21 -49.58 -59.48
CA GLY T 115 5.73 -49.89 -58.15
C GLY T 115 7.24 -49.86 -58.07
N LYS T 116 7.87 -48.99 -58.86
CA LYS T 116 9.32 -48.81 -58.84
C LYS T 116 9.66 -47.30 -58.95
N ALA T 117 10.44 -46.81 -57.99
CA ALA T 117 10.84 -45.40 -57.97
C ALA T 117 12.36 -45.18 -58.19
N VAL T 118 13.13 -46.24 -58.44
CA VAL T 118 14.56 -46.11 -58.68
C VAL T 118 15.20 -47.33 -59.36
N ASP T 119 16.18 -47.08 -60.25
CA ASP T 119 17.09 -48.12 -60.73
C ASP T 119 18.50 -47.91 -60.20
N TRP T 120 18.92 -48.80 -59.32
CA TRP T 120 20.25 -48.74 -58.71
C TRP T 120 21.33 -49.21 -59.65
N MET T 121 22.48 -48.55 -59.59
CA MET T 121 23.58 -48.82 -60.49
C MET T 121 24.85 -48.87 -59.64
N GLU T 122 26.00 -48.58 -60.23
CA GLU T 122 27.29 -48.80 -59.56
C GLU T 122 27.60 -47.71 -58.51
N HIS T 123 28.41 -48.07 -57.53
CA HIS T 123 28.80 -47.11 -56.53
C HIS T 123 29.54 -45.92 -57.15
N VAL T 124 29.56 -44.80 -56.45
CA VAL T 124 30.33 -43.62 -56.84
C VAL T 124 31.70 -43.79 -56.20
N THR T 125 32.74 -43.85 -57.03
CA THR T 125 34.10 -44.11 -56.51
C THR T 125 34.64 -42.88 -55.83
N ASP T 126 35.63 -43.05 -54.97
CA ASP T 126 36.31 -41.92 -54.33
C ASP T 126 36.79 -40.92 -55.39
N GLU T 127 37.23 -41.42 -56.55
CA GLU T 127 37.68 -40.55 -57.61
C GLU T 127 36.56 -39.71 -58.22
N GLN T 128 35.37 -40.27 -58.30
CA GLN T 128 34.22 -39.54 -58.84
C GLN T 128 33.69 -38.57 -57.81
N TYR T 129 33.86 -38.91 -56.55
CA TYR T 129 33.25 -38.16 -55.47
C TYR T 129 33.96 -36.82 -55.32
N ARG T 130 35.28 -36.83 -55.34
CA ARG T 130 36.03 -35.57 -55.27
C ARG T 130 36.14 -34.81 -56.58
N ARG T 131 36.90 -35.38 -57.50
CA ARG T 131 37.23 -34.73 -58.78
C ARG T 131 36.05 -34.72 -59.79
MN MN U . -30.21 24.00 22.29
MN MN V . -19.95 29.05 -1.79
MN MN W . 5.27 29.50 28.48
MN MN X . 4.36 7.08 14.18
MN MN Y . 14.48 -22.03 27.68
MN MN Z . 23.23 -19.55 52.63
MN MN AA . -9.76 0.01 43.99
MN MN BA . -12.89 -23.64 56.00
MN MN CA . -27.77 -34.67 0.19
MN MN DA . -25.39 -14.16 17.15
MN MN EA . -8.69 -9.59 -18.22
MN MN FA . -32.76 1.30 -15.01
MN MN GA . 22.50 52.92 -26.79
MN MN HA . 10.27 50.42 -3.28
MN MN IA . 6.59 20.04 -27.93
MN MN JA . 25.24 17.72 -9.40
MN MN KA . 20.04 -7.90 -33.44
MN MN LA . 22.82 -31.48 -21.26
MN MN MA . -5.14 -29.24 -48.61
MN MN NA . 18.12 -39.82 -56.53
#